data_3DLA
#
_entry.id   3DLA
#
_cell.length_a   178.130
_cell.length_b   178.130
_cell.length_c   215.177
_cell.angle_alpha   90.00
_cell.angle_beta   90.00
_cell.angle_gamma   90.00
#
_symmetry.space_group_name_H-M   'P 41 21 2'
#
loop_
_entity.id
_entity.type
_entity.pdbx_description
1 polymer 'Glutamine-dependent NAD(+) synthetase'
2 non-polymer 'NICOTINIC ACID ADENINE DINUCLEOTIDE'
3 non-polymer 5-OXO-L-NORLEUCINE
4 non-polymer GLYCEROL
5 water water
#
_entity_poly.entity_id   1
_entity_poly.type   'polypeptide(L)'
_entity_poly.pdbx_seq_one_letter_code
;SMNFYSAYQHGFVRVAACTHHTTIGDPAANAASVLDMARACHDDGAALAVFPELTLSGYSIEDVLLQDSLLDAVEDALLD
LVTESADLLPVLVVGAPLRHRHRIYNTAVVIHRGAVLGVVPKSYLPTYREFYERRQMAPGDGERGTIRIGGADVAFGTDL
LFAASDLPGFVLHVEICEDMFVPMPPSAEAALAGATVLANLSGSPITIGRAEDRRLLARSASARCLAAYVYAAAGEGEST
TDLAWDGQTMIWENGALLAESERFPKGVRRSVADVDTELLRSERLRMGTFDDNRRHHRELTESFRRIDFALDPPAGDIGL
LREVERFPFVPADPQRLQQDCYEAYNIQVSGLEQRLRALDYPKVVIGVSGGLDSTHALIVATHAMDREGRPRSDILAFAL
PGFATGEHTKNNAIKLARALGVTFSEIDIGDTARLMLHTIGHPYSVGEKVYDVTFENVQAGLRTDYLFRIANQRGGIVLG
TGDLSELALGWSTYGVGDQMSHYNVNAGVPKTLIQHLIRWVISAGEFGEKVGEVLQSVLDTEITPELIPTGEEELQSSEA
KVGPFALQDFSLFQVLRYGFRPSKIAFLAWHAWNDAERGNWPPGFPKSERPSYSLAEIRHWLQIFVQRFYSFSQFKRSAL
PNGPKVSHGGALSPRGDWRAPSDMSARIWLDQIDREVPKG
;
_entity_poly.pdbx_strand_id   A,B,C,D
#
# COMPACT_ATOMS: atom_id res chain seq x y z
N SER A 1 -17.94 -6.75 49.53
CA SER A 1 -18.52 -6.51 48.16
C SER A 1 -19.16 -7.79 47.57
N MET A 2 -18.40 -8.56 46.80
CA MET A 2 -18.90 -9.84 46.28
C MET A 2 -19.28 -10.76 47.45
N ASN A 3 -20.34 -11.56 47.29
CA ASN A 3 -20.53 -12.69 48.22
C ASN A 3 -19.46 -13.73 47.90
N PHE A 4 -18.43 -13.76 48.75
CA PHE A 4 -17.25 -14.59 48.56
C PHE A 4 -17.57 -16.09 48.41
N TYR A 5 -18.64 -16.53 49.05
CA TYR A 5 -18.98 -17.96 49.11
C TYR A 5 -19.89 -18.43 47.97
N SER A 6 -20.19 -17.53 47.04
CA SER A 6 -21.07 -17.85 45.94
C SER A 6 -20.30 -18.45 44.75
N ALA A 7 -20.57 -19.71 44.39
CA ALA A 7 -19.87 -20.31 43.25
C ALA A 7 -20.13 -19.54 41.97
N TYR A 8 -21.37 -19.06 41.80
CA TYR A 8 -21.73 -18.26 40.63
C TYR A 8 -20.93 -16.98 40.50
N GLN A 9 -20.78 -16.29 41.62
CA GLN A 9 -19.98 -15.08 41.64
C GLN A 9 -18.50 -15.33 41.40
N HIS A 10 -18.07 -16.59 41.42
CA HIS A 10 -16.69 -16.95 41.10
C HIS A 10 -16.58 -17.58 39.74
N GLY A 11 -17.62 -17.39 38.95
CA GLY A 11 -17.58 -17.81 37.55
C GLY A 11 -17.81 -19.27 37.33
N PHE A 12 -18.44 -19.94 38.31
CA PHE A 12 -18.93 -21.30 38.12
C PHE A 12 -20.34 -21.28 37.53
N VAL A 13 -20.71 -22.36 36.82
CA VAL A 13 -22.10 -22.56 36.39
C VAL A 13 -22.49 -24.00 36.75
N ARG A 14 -23.63 -24.17 37.43
CA ARG A 14 -24.02 -25.51 37.87
C ARG A 14 -24.77 -26.27 36.77
N VAL A 15 -24.36 -27.50 36.50
CA VAL A 15 -25.00 -28.27 35.43
C VAL A 15 -25.41 -29.69 35.88
N ALA A 16 -26.52 -30.17 35.32
CA ALA A 16 -27.06 -31.48 35.65
C ALA A 16 -27.28 -32.25 34.35
N ALA A 17 -26.79 -33.49 34.29
CA ALA A 17 -27.17 -34.45 33.28
C ALA A 17 -28.14 -35.41 33.98
N CYS A 18 -29.35 -35.56 33.45
CA CYS A 18 -30.36 -36.36 34.13
C CYS A 18 -30.78 -37.54 33.32
N THR A 19 -30.98 -38.67 34.00
CA THR A 19 -31.67 -39.82 33.42
C THR A 19 -32.98 -40.06 34.16
N HIS A 20 -34.09 -39.97 33.43
CA HIS A 20 -35.47 -40.02 33.96
C HIS A 20 -36.06 -41.43 33.81
N HIS A 21 -37.24 -41.65 34.37
CA HIS A 21 -37.93 -42.92 34.09
C HIS A 21 -38.75 -42.76 32.83
N THR A 22 -38.44 -43.58 31.83
CA THR A 22 -39.25 -43.67 30.60
C THR A 22 -40.56 -44.46 30.77
N THR A 23 -41.63 -43.92 30.22
CA THR A 23 -42.84 -44.69 29.97
C THR A 23 -43.06 -44.59 28.49
N ILE A 24 -42.63 -45.61 27.76
CA ILE A 24 -42.66 -45.58 26.30
C ILE A 24 -44.08 -45.35 25.80
N GLY A 25 -44.24 -44.43 24.84
CA GLY A 25 -45.54 -44.07 24.30
C GLY A 25 -46.44 -43.29 25.27
N ASP A 26 -45.86 -42.75 26.34
CA ASP A 26 -46.66 -41.96 27.31
C ASP A 26 -46.00 -40.63 27.70
N PRO A 27 -46.15 -39.58 26.86
CA PRO A 27 -45.43 -38.33 27.10
C PRO A 27 -45.86 -37.62 28.38
N ALA A 28 -47.11 -37.77 28.81
CA ALA A 28 -47.54 -37.12 30.07
C ALA A 28 -46.77 -37.73 31.24
N ALA A 29 -46.48 -39.03 31.15
CA ALA A 29 -45.73 -39.71 32.21
C ALA A 29 -44.27 -39.32 32.14
N ASN A 30 -43.71 -39.28 30.93
CA ASN A 30 -42.35 -38.79 30.80
C ASN A 30 -42.19 -37.33 31.32
N ALA A 31 -43.18 -36.50 31.04
CA ALA A 31 -43.13 -35.08 31.42
C ALA A 31 -43.18 -34.92 32.94
N ALA A 32 -43.97 -35.76 33.61
CA ALA A 32 -44.10 -35.67 35.05
C ALA A 32 -42.78 -36.05 35.74
N SER A 33 -42.03 -36.93 35.09
CA SER A 33 -40.74 -37.39 35.59
C SER A 33 -39.76 -36.24 35.39
N VAL A 34 -39.70 -35.75 34.16
CA VAL A 34 -38.89 -34.59 33.82
C VAL A 34 -39.15 -33.43 34.78
N LEU A 35 -40.41 -33.02 34.94
CA LEU A 35 -40.72 -31.89 35.81
C LEU A 35 -40.20 -32.10 37.22
N ASP A 36 -40.39 -33.30 37.73
CA ASP A 36 -39.91 -33.64 39.05
C ASP A 36 -38.36 -33.55 39.17
N MET A 37 -37.65 -34.09 38.19
CA MET A 37 -36.20 -33.98 38.16
C MET A 37 -35.73 -32.52 38.00
N ALA A 38 -36.40 -31.76 37.14
CA ALA A 38 -36.13 -30.34 36.96
C ALA A 38 -36.32 -29.53 38.25
N ARG A 39 -37.32 -29.92 39.06
CA ARG A 39 -37.59 -29.24 40.33
C ARG A 39 -36.43 -29.47 41.29
N ALA A 40 -35.78 -30.63 41.16
CA ALA A 40 -34.62 -30.94 42.00
C ALA A 40 -33.37 -30.20 41.53
N CYS A 41 -33.25 -30.00 40.22
CA CYS A 41 -32.19 -29.17 39.68
C CYS A 41 -32.37 -27.75 40.14
N HIS A 42 -33.59 -27.23 40.02
CA HIS A 42 -33.90 -25.90 40.54
C HIS A 42 -33.47 -25.78 42.00
N ASP A 43 -33.81 -26.78 42.81
CA ASP A 43 -33.49 -26.73 44.23
C ASP A 43 -31.98 -26.75 44.49
N ASP A 44 -31.26 -27.43 43.62
CA ASP A 44 -29.80 -27.45 43.63
C ASP A 44 -29.14 -26.19 43.09
N GLY A 45 -29.94 -25.23 42.61
CA GLY A 45 -29.43 -24.04 41.93
C GLY A 45 -28.63 -24.34 40.67
N ALA A 46 -29.11 -25.32 39.88
CA ALA A 46 -28.55 -25.67 38.57
C ALA A 46 -28.95 -24.67 37.49
N ALA A 47 -28.01 -24.28 36.65
CA ALA A 47 -28.30 -23.45 35.48
C ALA A 47 -28.87 -24.28 34.35
N LEU A 48 -28.57 -25.56 34.29
CA LEU A 48 -28.81 -26.37 33.11
C LEU A 48 -29.20 -27.81 33.48
N ALA A 49 -30.21 -28.38 32.81
CA ALA A 49 -30.56 -29.80 32.98
C ALA A 49 -30.78 -30.50 31.64
N VAL A 50 -29.96 -31.50 31.32
CA VAL A 50 -30.02 -32.23 30.06
C VAL A 50 -30.73 -33.58 30.29
N PHE A 51 -31.73 -33.90 29.46
CA PHE A 51 -32.40 -35.19 29.60
C PHE A 51 -32.02 -36.08 28.40
N PRO A 52 -32.36 -37.38 28.41
CA PRO A 52 -32.00 -38.31 27.31
C PRO A 52 -32.70 -38.09 25.97
N GLU A 53 -32.16 -38.70 24.92
CA GLU A 53 -32.73 -38.57 23.58
C GLU A 53 -34.25 -38.92 23.54
N LEU A 54 -35.04 -38.13 22.82
CA LEU A 54 -36.50 -38.36 22.73
C LEU A 54 -37.21 -38.53 24.09
N THR A 55 -36.65 -37.89 25.10
CA THR A 55 -37.23 -37.85 26.45
C THR A 55 -38.76 -38.00 26.49
N LEU A 56 -39.46 -37.19 25.70
CA LEU A 56 -40.91 -37.14 25.81
C LEU A 56 -41.66 -38.34 25.25
N SER A 57 -41.06 -39.05 24.28
CA SER A 57 -41.76 -40.15 23.67
C SER A 57 -41.22 -41.51 24.11
N GLY A 58 -39.94 -41.54 24.44
CA GLY A 58 -39.19 -42.77 24.60
C GLY A 58 -38.47 -42.97 23.28
N TYR A 59 -37.19 -43.30 23.32
CA TYR A 59 -36.41 -43.45 22.09
C TYR A 59 -36.76 -44.72 21.32
N SER A 60 -37.10 -45.77 22.05
CA SER A 60 -37.11 -47.14 21.55
C SER A 60 -38.40 -47.57 20.80
N ILE A 61 -39.32 -46.64 20.57
CA ILE A 61 -40.66 -46.98 20.10
C ILE A 61 -40.84 -47.17 18.58
N GLU A 62 -39.85 -46.82 17.77
CA GLU A 62 -39.91 -47.19 16.35
C GLU A 62 -41.17 -46.58 15.68
N ASP A 63 -41.98 -47.36 14.94
CA ASP A 63 -43.08 -46.79 14.18
C ASP A 63 -44.18 -46.12 15.01
N VAL A 64 -44.16 -46.34 16.31
CA VAL A 64 -45.11 -45.65 17.17
C VAL A 64 -44.88 -44.12 17.11
N LEU A 65 -43.64 -43.73 16.85
CA LEU A 65 -43.24 -42.33 16.55
C LEU A 65 -44.07 -41.71 15.41
N LEU A 66 -44.64 -42.54 14.54
CA LEU A 66 -45.38 -42.05 13.38
C LEU A 66 -46.87 -41.94 13.64
N GLN A 67 -47.29 -42.16 14.89
CA GLN A 67 -48.72 -42.14 15.21
C GLN A 67 -49.19 -40.76 15.58
N ASP A 68 -50.28 -40.32 14.98
CA ASP A 68 -50.84 -39.01 15.28
C ASP A 68 -51.10 -38.72 16.74
N SER A 69 -51.47 -39.75 17.49
CA SER A 69 -51.80 -39.58 18.90
C SER A 69 -50.52 -39.50 19.72
N LEU A 70 -49.50 -40.23 19.29
CA LEU A 70 -48.14 -40.12 19.87
C LEU A 70 -47.59 -38.69 19.71
N LEU A 71 -47.59 -38.19 18.47
CA LEU A 71 -47.11 -36.84 18.16
C LEU A 71 -47.94 -35.73 18.86
N ASP A 72 -49.25 -35.88 18.89
CA ASP A 72 -50.13 -34.89 19.53
C ASP A 72 -49.88 -34.83 21.02
N ALA A 73 -49.88 -36.02 21.66
CA ALA A 73 -49.55 -36.12 23.08
C ALA A 73 -48.16 -35.54 23.37
N VAL A 74 -47.17 -35.84 22.52
CA VAL A 74 -45.83 -35.24 22.66
C VAL A 74 -45.95 -33.73 22.72
N GLU A 75 -46.64 -33.14 21.75
CA GLU A 75 -46.87 -31.67 21.73
C GLU A 75 -47.51 -31.10 22.99
N ASP A 76 -48.49 -31.80 23.57
CA ASP A 76 -49.29 -31.26 24.69
C ASP A 76 -48.50 -31.23 25.98
N ALA A 77 -47.77 -32.34 26.19
CA ALA A 77 -46.81 -32.50 27.28
C ALA A 77 -45.71 -31.47 27.19
N LEU A 78 -45.27 -31.21 25.97
CA LEU A 78 -44.23 -30.24 25.78
C LEU A 78 -44.67 -28.85 26.22
N LEU A 79 -45.86 -28.43 25.79
CA LEU A 79 -46.42 -27.12 26.18
C LEU A 79 -46.57 -26.97 27.69
N ASP A 80 -46.94 -28.05 28.36
CA ASP A 80 -47.12 -27.97 29.81
C ASP A 80 -45.81 -27.83 30.56
N LEU A 81 -44.77 -28.52 30.08
CA LEU A 81 -43.42 -28.36 30.63
C LEU A 81 -42.87 -26.96 30.41
N VAL A 82 -43.21 -26.33 29.29
CA VAL A 82 -42.82 -24.94 29.02
C VAL A 82 -43.55 -24.01 29.99
N THR A 83 -44.84 -24.25 30.20
CA THR A 83 -45.60 -23.48 31.21
C THR A 83 -45.03 -23.68 32.60
N GLU A 84 -44.76 -24.93 32.96
CA GLU A 84 -44.09 -25.22 34.24
C GLU A 84 -42.67 -24.64 34.38
N SER A 85 -41.91 -24.47 33.28
CA SER A 85 -40.57 -23.85 33.40
C SER A 85 -40.57 -22.35 33.79
N ALA A 86 -41.74 -21.71 33.76
CA ALA A 86 -41.85 -20.30 34.22
C ALA A 86 -41.26 -20.11 35.61
N ASP A 87 -41.45 -21.08 36.49
CA ASP A 87 -40.92 -20.98 37.85
C ASP A 87 -39.64 -21.78 38.12
N LEU A 88 -38.99 -22.26 37.07
CA LEU A 88 -37.78 -23.01 37.29
C LEU A 88 -36.55 -22.21 36.88
N LEU A 89 -35.44 -22.43 37.61
CA LEU A 89 -34.19 -21.75 37.33
C LEU A 89 -33.49 -22.25 36.06
N PRO A 90 -33.37 -23.59 35.87
CA PRO A 90 -32.43 -24.00 34.84
C PRO A 90 -33.01 -23.93 33.47
N VAL A 91 -32.13 -23.76 32.49
CA VAL A 91 -32.45 -24.15 31.12
C VAL A 91 -32.67 -25.65 31.15
N LEU A 92 -33.83 -26.10 30.63
CA LEU A 92 -34.10 -27.55 30.41
C LEU A 92 -33.88 -27.88 28.95
N VAL A 93 -33.24 -29.01 28.70
CA VAL A 93 -33.06 -29.48 27.34
C VAL A 93 -33.72 -30.88 27.28
N VAL A 94 -34.92 -30.95 26.72
CA VAL A 94 -35.70 -32.20 26.68
C VAL A 94 -35.89 -32.69 25.24
N GLY A 95 -35.69 -33.98 25.00
CA GLY A 95 -35.84 -34.56 23.68
C GLY A 95 -37.29 -34.82 23.31
N ALA A 96 -37.63 -34.66 22.04
CA ALA A 96 -39.00 -34.81 21.55
C ALA A 96 -38.95 -35.03 20.04
N PRO A 97 -39.85 -35.89 19.51
CA PRO A 97 -40.06 -35.98 18.06
C PRO A 97 -41.11 -34.92 17.66
N LEU A 98 -40.70 -34.01 16.79
CA LEU A 98 -41.54 -32.88 16.40
C LEU A 98 -41.68 -32.81 14.90
N ARG A 99 -42.91 -32.50 14.47
CA ARG A 99 -43.24 -32.27 13.05
C ARG A 99 -42.69 -30.96 12.57
N HIS A 100 -42.03 -30.99 11.43
CA HIS A 100 -41.63 -29.77 10.79
C HIS A 100 -41.64 -30.01 9.34
N ARG A 101 -42.36 -29.16 8.63
CA ARG A 101 -42.52 -29.34 7.18
C ARG A 101 -43.00 -30.74 6.83
N HIS A 102 -42.17 -31.58 6.22
CA HIS A 102 -42.69 -32.88 5.77
C HIS A 102 -42.61 -34.00 6.81
N ARG A 103 -41.66 -33.91 7.73
CA ARG A 103 -41.40 -35.02 8.59
C ARG A 103 -41.41 -34.72 10.10
N ILE A 104 -41.04 -35.73 10.87
CA ILE A 104 -40.64 -35.53 12.25
C ILE A 104 -39.14 -35.58 12.32
N TYR A 105 -38.63 -34.73 13.19
CA TYR A 105 -37.22 -34.64 13.47
C TYR A 105 -37.00 -35.19 14.90
N ASN A 106 -35.79 -35.67 15.17
CA ASN A 106 -35.40 -36.06 16.51
C ASN A 106 -34.84 -34.81 17.16
N THR A 107 -35.61 -34.14 18.01
CA THR A 107 -35.18 -32.83 18.52
C THR A 107 -34.88 -32.72 20.03
N ALA A 108 -34.00 -31.78 20.37
CA ALA A 108 -33.89 -31.26 21.72
C ALA A 108 -34.58 -29.89 21.79
N VAL A 109 -35.43 -29.71 22.79
CA VAL A 109 -36.17 -28.47 22.99
C VAL A 109 -35.58 -27.75 24.20
N VAL A 110 -35.02 -26.58 23.94
CA VAL A 110 -34.28 -25.84 24.90
C VAL A 110 -35.28 -24.85 25.46
N ILE A 111 -35.49 -24.96 26.77
CA ILE A 111 -36.61 -24.36 27.44
C ILE A 111 -36.12 -23.56 28.63
N HIS A 112 -36.60 -22.34 28.74
CA HIS A 112 -36.20 -21.55 29.87
C HIS A 112 -37.32 -20.59 30.30
N ARG A 113 -37.67 -20.60 31.58
CA ARG A 113 -38.57 -19.58 32.15
C ARG A 113 -39.82 -19.21 31.32
N GLY A 114 -40.59 -20.23 30.92
CA GLY A 114 -41.88 -20.05 30.28
C GLY A 114 -41.84 -19.85 28.78
N ALA A 115 -40.67 -19.91 28.17
CA ALA A 115 -40.59 -19.90 26.70
C ALA A 115 -39.64 -20.94 26.23
N VAL A 116 -39.81 -21.37 24.98
CA VAL A 116 -38.87 -22.21 24.29
C VAL A 116 -37.87 -21.26 23.68
N LEU A 117 -36.58 -21.58 23.80
CA LEU A 117 -35.50 -20.77 23.24
C LEU A 117 -35.13 -21.22 21.83
N GLY A 118 -35.22 -22.52 21.56
CA GLY A 118 -34.85 -23.04 20.25
C GLY A 118 -35.11 -24.54 20.22
N VAL A 119 -35.01 -25.14 19.02
CA VAL A 119 -35.31 -26.54 18.85
C VAL A 119 -34.23 -27.11 17.93
N VAL A 120 -33.46 -28.08 18.42
CA VAL A 120 -32.28 -28.51 17.70
C VAL A 120 -32.48 -29.91 17.17
N PRO A 121 -32.51 -30.08 15.85
CA PRO A 121 -32.69 -31.45 15.29
C PRO A 121 -31.40 -32.23 15.38
N LYS A 122 -31.52 -33.54 15.65
CA LYS A 122 -30.38 -34.45 15.56
C LYS A 122 -29.85 -34.31 14.14
N SER A 123 -28.55 -34.28 13.99
CA SER A 123 -27.96 -34.11 12.65
C SER A 123 -27.78 -35.40 11.91
N TYR A 124 -27.36 -36.46 12.61
CA TYR A 124 -26.99 -37.73 11.91
C TYR A 124 -27.74 -38.90 12.46
N LEU A 125 -28.51 -39.56 11.60
CA LEU A 125 -29.45 -40.60 12.03
C LEU A 125 -28.96 -42.00 11.68
N PRO A 126 -28.41 -42.71 12.67
CA PRO A 126 -27.83 -44.05 12.38
C PRO A 126 -28.84 -45.04 11.75
N THR A 127 -28.52 -45.62 10.59
CA THR A 127 -29.38 -46.59 9.94
C THR A 127 -28.53 -47.77 9.60
N TYR A 128 -28.22 -48.48 10.68
CA TYR A 128 -27.28 -49.58 10.67
C TYR A 128 -27.40 -50.36 11.99
N ARG A 129 -26.95 -51.62 11.94
CA ARG A 129 -27.01 -52.53 13.11
C ARG A 129 -28.33 -52.37 13.82
N GLU A 130 -28.31 -52.00 15.08
CA GLU A 130 -29.55 -52.00 15.84
C GLU A 130 -30.37 -50.76 15.62
N PHE A 131 -29.89 -49.85 14.79
CA PHE A 131 -30.49 -48.52 14.67
C PHE A 131 -31.22 -48.38 13.38
N TYR A 132 -32.39 -47.73 13.44
CA TYR A 132 -33.31 -47.66 12.29
C TYR A 132 -33.85 -46.22 12.07
N GLU A 133 -33.08 -45.19 12.45
CA GLU A 133 -33.70 -43.82 12.65
C GLU A 133 -34.16 -43.12 11.39
N ARG A 134 -33.53 -43.39 10.22
CA ARG A 134 -34.00 -42.77 8.99
C ARG A 134 -35.37 -43.27 8.53
N ARG A 135 -35.85 -44.37 9.12
CA ARG A 135 -37.16 -44.89 8.75
C ARG A 135 -38.26 -43.92 9.26
N GLN A 136 -38.12 -43.44 10.49
CA GLN A 136 -39.15 -42.56 11.09
C GLN A 136 -38.83 -41.08 11.03
N MET A 137 -37.55 -40.75 10.93
CA MET A 137 -37.08 -39.40 11.21
C MET A 137 -36.16 -38.82 10.10
N ALA A 138 -36.29 -37.51 9.92
CA ALA A 138 -35.53 -36.76 8.92
C ALA A 138 -34.21 -36.26 9.53
N PRO A 139 -33.12 -36.22 8.74
CA PRO A 139 -31.88 -35.61 9.23
C PRO A 139 -32.00 -34.10 9.43
N GLY A 140 -31.24 -33.58 10.38
CA GLY A 140 -31.38 -32.18 10.82
C GLY A 140 -30.30 -31.26 10.26
N ASP A 141 -29.27 -31.84 9.62
CA ASP A 141 -28.13 -31.06 9.17
C ASP A 141 -28.54 -30.12 8.05
N GLY A 142 -28.06 -28.88 8.09
CA GLY A 142 -28.49 -27.90 7.07
C GLY A 142 -29.84 -27.21 7.27
N GLU A 143 -30.60 -27.61 8.29
CA GLU A 143 -31.93 -27.03 8.48
C GLU A 143 -31.86 -25.80 9.38
N ARG A 144 -32.54 -24.75 8.95
CA ARG A 144 -32.53 -23.46 9.62
C ARG A 144 -33.93 -22.91 9.77
N GLY A 145 -34.04 -21.59 9.84
CA GLY A 145 -35.33 -20.92 9.95
C GLY A 145 -35.96 -21.17 11.31
N THR A 146 -37.24 -21.48 11.33
CA THR A 146 -37.94 -21.51 12.60
C THR A 146 -39.01 -22.60 12.63
N ILE A 147 -39.53 -22.86 13.82
CA ILE A 147 -40.59 -23.86 13.99
C ILE A 147 -41.67 -23.27 14.91
N ARG A 148 -42.91 -23.66 14.64
CA ARG A 148 -43.99 -23.10 15.40
C ARG A 148 -44.29 -24.08 16.51
N ILE A 149 -44.04 -23.62 17.72
CA ILE A 149 -44.34 -24.37 18.92
C ILE A 149 -45.27 -23.47 19.72
N GLY A 150 -46.50 -23.93 19.87
CA GLY A 150 -47.53 -23.21 20.61
C GLY A 150 -47.60 -21.71 20.36
N GLY A 151 -47.97 -21.33 19.14
CA GLY A 151 -48.19 -19.91 18.81
C GLY A 151 -46.96 -19.02 18.89
N ALA A 152 -45.79 -19.61 18.61
CA ALA A 152 -44.52 -18.90 18.64
C ALA A 152 -43.53 -19.52 17.64
N ASP A 153 -42.90 -18.65 16.86
CA ASP A 153 -41.87 -19.10 15.96
C ASP A 153 -40.54 -19.00 16.70
N VAL A 154 -39.92 -20.14 16.89
CA VAL A 154 -38.66 -20.17 17.62
C VAL A 154 -37.60 -20.73 16.70
N ALA A 155 -36.36 -20.32 16.91
CA ALA A 155 -35.26 -20.81 16.11
C ALA A 155 -35.27 -22.32 16.02
N PHE A 156 -34.85 -22.82 14.87
CA PHE A 156 -34.86 -24.21 14.60
C PHE A 156 -33.60 -24.54 13.78
N GLY A 157 -32.73 -25.38 14.30
CA GLY A 157 -31.60 -25.82 13.48
C GLY A 157 -30.35 -26.19 14.26
N THR A 158 -29.34 -26.58 13.50
CA THR A 158 -28.11 -27.11 14.05
C THR A 158 -27.04 -26.01 14.23
N ASP A 159 -27.38 -24.79 13.82
CA ASP A 159 -26.56 -23.59 13.98
C ASP A 159 -26.95 -22.75 15.22
N LEU A 160 -27.31 -23.35 16.36
CA LEU A 160 -27.85 -22.51 17.45
C LEU A 160 -26.99 -22.42 18.68
N LEU A 161 -26.98 -21.24 19.30
CA LEU A 161 -26.20 -20.97 20.51
C LEU A 161 -27.05 -20.25 21.56
N PHE A 162 -26.93 -20.69 22.79
CA PHE A 162 -27.81 -20.16 23.83
C PHE A 162 -26.87 -19.53 24.83
N ALA A 163 -26.77 -18.21 24.74
CA ALA A 163 -25.81 -17.47 25.52
C ALA A 163 -26.49 -16.74 26.69
N ALA A 164 -25.98 -16.96 27.91
CA ALA A 164 -26.51 -16.21 29.09
C ALA A 164 -25.98 -14.78 29.08
N SER A 165 -26.88 -13.81 28.99
CA SER A 165 -26.46 -12.41 28.93
C SER A 165 -25.86 -11.97 30.25
N ASP A 166 -26.20 -12.64 31.34
CA ASP A 166 -25.68 -12.26 32.66
C ASP A 166 -24.61 -13.24 33.19
N LEU A 167 -24.12 -14.13 32.33
CA LEU A 167 -23.12 -15.09 32.74
C LEU A 167 -22.33 -15.45 31.47
N PRO A 168 -21.48 -14.53 31.01
CA PRO A 168 -21.03 -14.62 29.65
C PRO A 168 -20.09 -15.82 29.34
N GLY A 169 -19.65 -16.52 30.38
CA GLY A 169 -18.79 -17.70 30.22
C GLY A 169 -19.60 -18.96 29.94
N PHE A 170 -20.93 -18.82 30.10
CA PHE A 170 -21.87 -19.91 29.82
C PHE A 170 -22.55 -19.77 28.45
N VAL A 171 -21.98 -20.44 27.45
CA VAL A 171 -22.58 -20.45 26.14
C VAL A 171 -22.82 -21.88 25.74
N LEU A 172 -24.10 -22.22 25.56
CA LEU A 172 -24.61 -23.59 25.36
C LEU A 172 -24.85 -23.99 23.90
N HIS A 173 -24.27 -25.12 23.49
CA HIS A 173 -24.66 -25.79 22.26
C HIS A 173 -25.22 -27.17 22.64
N VAL A 174 -26.24 -27.61 21.89
CA VAL A 174 -26.90 -28.89 22.08
C VAL A 174 -26.70 -29.76 20.82
N GLU A 175 -26.27 -30.99 21.00
CA GLU A 175 -26.28 -31.95 19.89
C GLU A 175 -26.84 -33.28 20.44
N ILE A 176 -27.12 -34.26 19.59
CA ILE A 176 -27.87 -35.43 20.01
C ILE A 176 -27.10 -36.68 19.57
N CYS A 177 -26.84 -37.54 20.55
CA CYS A 177 -26.18 -38.84 20.41
C CYS A 177 -25.10 -38.95 19.35
N GLU A 178 -25.43 -39.64 18.26
CA GLU A 178 -24.61 -39.88 17.08
C GLU A 178 -23.89 -38.62 16.59
N ASP A 179 -24.40 -37.45 16.97
CA ASP A 179 -23.83 -36.20 16.48
C ASP A 179 -22.37 -36.04 16.94
N MET A 180 -22.00 -36.70 18.04
CA MET A 180 -20.63 -36.60 18.55
C MET A 180 -19.68 -37.71 18.07
N PHE A 181 -20.23 -38.66 17.32
CA PHE A 181 -19.48 -39.85 16.85
C PHE A 181 -18.87 -39.73 15.48
N VAL A 182 -19.20 -38.67 14.75
CA VAL A 182 -18.84 -38.51 13.34
C VAL A 182 -17.52 -37.77 13.16
N PRO A 183 -16.78 -38.04 12.08
CA PRO A 183 -15.54 -37.25 12.03
C PRO A 183 -15.65 -35.75 12.37
N MET A 184 -16.66 -35.05 11.85
CA MET A 184 -16.81 -33.62 12.11
C MET A 184 -18.10 -33.27 12.89
N PRO A 185 -18.03 -33.39 14.21
CA PRO A 185 -19.25 -33.15 14.99
C PRO A 185 -19.75 -31.71 14.96
N PRO A 186 -21.07 -31.51 14.97
CA PRO A 186 -21.63 -30.17 15.08
C PRO A 186 -21.13 -29.40 16.32
N SER A 187 -20.86 -30.08 17.42
CA SER A 187 -20.39 -29.41 18.61
C SER A 187 -18.98 -28.83 18.48
N ALA A 188 -18.14 -29.44 17.63
CA ALA A 188 -16.80 -28.96 17.36
C ALA A 188 -16.82 -27.55 16.79
N GLU A 189 -17.59 -27.36 15.72
CA GLU A 189 -17.85 -26.06 15.10
C GLU A 189 -18.52 -25.07 16.03
N ALA A 190 -19.46 -25.55 16.85
CA ALA A 190 -20.11 -24.69 17.82
C ALA A 190 -19.11 -24.26 18.90
N ALA A 191 -18.10 -25.07 19.19
CA ALA A 191 -17.11 -24.61 20.15
C ALA A 191 -16.29 -23.45 19.55
N LEU A 192 -15.81 -23.65 18.32
CA LEU A 192 -15.04 -22.62 17.60
C LEU A 192 -15.88 -21.35 17.50
N ALA A 193 -17.17 -21.46 17.33
CA ALA A 193 -18.04 -20.28 17.26
C ALA A 193 -18.35 -19.59 18.60
N GLY A 194 -17.94 -20.19 19.73
CA GLY A 194 -18.27 -19.60 21.03
C GLY A 194 -18.91 -20.46 22.12
N ALA A 195 -19.57 -21.56 21.78
CA ALA A 195 -20.10 -22.49 22.79
C ALA A 195 -19.04 -23.03 23.77
N THR A 196 -19.36 -22.98 25.07
CA THR A 196 -18.44 -23.38 26.16
C THR A 196 -18.94 -24.62 26.88
N VAL A 197 -20.24 -24.87 26.75
CA VAL A 197 -20.91 -25.99 27.38
C VAL A 197 -21.63 -26.76 26.31
N LEU A 198 -21.23 -28.00 26.09
CA LEU A 198 -21.84 -28.80 25.04
C LEU A 198 -22.70 -29.92 25.63
N ALA A 199 -23.97 -29.95 25.24
CA ALA A 199 -24.96 -30.92 25.74
C ALA A 199 -25.18 -32.00 24.72
N ASN A 200 -25.32 -33.24 25.20
CA ASN A 200 -25.62 -34.39 24.34
C ASN A 200 -26.77 -35.17 24.96
N LEU A 201 -27.90 -35.27 24.27
CA LEU A 201 -28.99 -36.14 24.69
C LEU A 201 -28.78 -37.44 23.92
N SER A 202 -28.76 -38.57 24.66
CA SER A 202 -28.62 -39.90 24.08
C SER A 202 -29.74 -40.86 24.42
N GLY A 203 -29.93 -41.81 23.53
CA GLY A 203 -30.76 -42.98 23.78
C GLY A 203 -29.72 -44.01 24.13
N SER A 204 -28.99 -44.43 23.09
CA SER A 204 -27.78 -45.24 23.23
C SER A 204 -28.04 -46.54 23.99
N PRO A 205 -28.69 -47.54 23.35
CA PRO A 205 -28.84 -48.84 24.04
C PRO A 205 -27.46 -49.37 24.44
N ILE A 206 -27.38 -50.11 25.54
CA ILE A 206 -26.07 -50.47 26.08
C ILE A 206 -25.60 -51.81 25.57
N THR A 207 -24.29 -51.89 25.34
CA THR A 207 -23.64 -53.05 24.75
C THR A 207 -22.28 -53.14 25.41
N ILE A 208 -21.74 -54.36 25.50
CA ILE A 208 -20.38 -54.58 25.98
C ILE A 208 -19.47 -53.56 25.28
N GLY A 209 -18.78 -52.76 26.11
CA GLY A 209 -17.82 -51.78 25.61
C GLY A 209 -18.34 -50.40 25.23
N ARG A 210 -19.66 -50.25 25.06
CA ARG A 210 -20.23 -49.00 24.61
C ARG A 210 -20.06 -47.84 25.59
N ALA A 211 -20.15 -48.11 26.90
CA ALA A 211 -19.89 -47.05 27.88
C ALA A 211 -18.46 -46.51 27.70
N GLU A 212 -17.53 -47.40 27.36
CA GLU A 212 -16.17 -47.02 27.01
C GLU A 212 -16.09 -46.16 25.74
N ASP A 213 -16.92 -46.42 24.74
CA ASP A 213 -17.00 -45.58 23.54
C ASP A 213 -17.58 -44.22 23.84
N ARG A 214 -18.63 -44.18 24.65
CA ARG A 214 -19.24 -42.91 25.05
C ARG A 214 -18.22 -42.05 25.75
N ARG A 215 -17.54 -42.63 26.73
CA ARG A 215 -16.50 -41.92 27.46
C ARG A 215 -15.41 -41.41 26.55
N LEU A 216 -14.85 -42.26 25.70
CA LEU A 216 -13.77 -41.87 24.82
C LEU A 216 -14.14 -40.59 24.10
N LEU A 217 -15.34 -40.59 23.50
CA LEU A 217 -15.78 -39.47 22.67
C LEU A 217 -16.33 -38.28 23.43
N ALA A 218 -16.87 -38.47 24.63
CA ALA A 218 -17.33 -37.30 25.39
C ALA A 218 -16.09 -36.60 25.96
N ARG A 219 -15.17 -37.39 26.47
CA ARG A 219 -13.93 -36.90 27.06
C ARG A 219 -13.05 -36.11 26.10
N SER A 220 -12.69 -36.75 24.98
CA SER A 220 -11.84 -36.13 23.98
C SER A 220 -12.52 -34.94 23.32
N ALA A 221 -13.83 -35.03 23.08
CA ALA A 221 -14.59 -33.84 22.69
C ALA A 221 -14.35 -32.67 23.64
N SER A 222 -14.34 -32.94 24.94
CA SER A 222 -14.30 -31.85 25.94
C SER A 222 -12.91 -31.21 26.00
N ALA A 223 -11.92 -32.05 25.73
CA ALA A 223 -10.52 -31.69 25.73
C ALA A 223 -10.19 -30.99 24.42
N ARG A 224 -10.43 -31.66 23.30
CA ARG A 224 -10.16 -31.03 22.00
C ARG A 224 -10.89 -29.72 21.81
N CYS A 225 -12.06 -29.58 22.43
CA CYS A 225 -12.87 -28.34 22.29
C CYS A 225 -12.83 -27.40 23.45
N LEU A 226 -11.99 -27.70 24.44
CA LEU A 226 -11.76 -26.78 25.54
C LEU A 226 -13.10 -26.40 26.17
N ALA A 227 -13.88 -27.42 26.51
CA ALA A 227 -15.27 -27.24 26.87
C ALA A 227 -15.71 -28.27 27.91
N ALA A 228 -16.77 -27.92 28.65
CA ALA A 228 -17.62 -28.89 29.34
C ALA A 228 -18.50 -29.69 28.34
N TYR A 229 -18.61 -30.99 28.59
CA TYR A 229 -19.48 -31.89 27.81
C TYR A 229 -20.45 -32.58 28.75
N VAL A 230 -21.74 -32.35 28.57
CA VAL A 230 -22.78 -32.81 29.51
C VAL A 230 -23.60 -33.91 28.79
N TYR A 231 -23.61 -35.12 29.34
CA TYR A 231 -24.13 -36.26 28.61
C TYR A 231 -25.17 -37.08 29.42
N ALA A 232 -26.33 -37.34 28.83
CA ALA A 232 -27.39 -38.15 29.44
C ALA A 232 -27.82 -39.29 28.49
N ALA A 233 -27.73 -40.55 28.93
CA ALA A 233 -28.34 -41.69 28.19
C ALA A 233 -29.67 -42.15 28.81
N ALA A 234 -30.48 -42.86 28.02
CA ALA A 234 -31.79 -43.31 28.42
C ALA A 234 -31.67 -44.47 29.38
N GLY A 235 -32.72 -44.77 30.15
CA GLY A 235 -32.61 -45.81 31.18
C GLY A 235 -33.79 -46.76 31.25
N GLU A 236 -34.19 -47.08 32.47
CA GLU A 236 -35.35 -47.91 32.73
C GLU A 236 -36.64 -47.31 32.20
N GLY A 237 -37.46 -48.17 31.61
CA GLY A 237 -38.70 -47.74 30.98
C GLY A 237 -38.66 -47.99 29.49
N GLU A 238 -37.47 -47.89 28.90
CA GLU A 238 -37.30 -48.10 27.47
C GLU A 238 -37.56 -49.55 27.14
N SER A 239 -37.96 -49.77 25.90
CA SER A 239 -38.31 -51.08 25.43
C SER A 239 -37.11 -52.04 25.40
N THR A 240 -37.36 -53.26 25.89
CA THR A 240 -36.35 -54.30 25.85
C THR A 240 -36.70 -55.41 24.84
N THR A 241 -37.41 -55.02 23.79
CA THR A 241 -37.73 -55.88 22.67
C THR A 241 -36.46 -56.45 22.03
N ASP A 242 -35.45 -55.60 21.88
CA ASP A 242 -34.20 -56.04 21.31
C ASP A 242 -32.97 -55.50 22.02
N LEU A 243 -33.18 -54.60 22.99
CA LEU A 243 -32.08 -53.83 23.55
C LEU A 243 -32.21 -53.69 25.05
N ALA A 244 -31.09 -53.30 25.69
CA ALA A 244 -31.10 -52.91 27.11
C ALA A 244 -30.44 -51.56 27.25
N TRP A 245 -30.71 -50.90 28.38
CA TRP A 245 -30.42 -49.49 28.55
C TRP A 245 -29.77 -49.32 29.90
N ASP A 246 -28.69 -48.54 29.98
CA ASP A 246 -27.97 -48.43 31.27
C ASP A 246 -28.11 -47.11 32.07
N GLY A 247 -28.79 -46.10 31.51
CA GLY A 247 -29.04 -44.84 32.20
C GLY A 247 -27.82 -43.99 32.54
N GLN A 248 -26.68 -44.26 31.90
CA GLN A 248 -25.43 -43.54 32.22
C GLN A 248 -25.52 -42.03 32.02
N THR A 249 -25.09 -41.28 33.03
CA THR A 249 -24.93 -39.82 32.88
C THR A 249 -23.52 -39.40 33.31
N MET A 250 -23.00 -38.37 32.67
CA MET A 250 -21.66 -37.87 32.93
C MET A 250 -21.48 -36.43 32.47
N ILE A 251 -20.55 -35.75 33.14
CA ILE A 251 -20.19 -34.36 32.92
C ILE A 251 -18.66 -34.30 32.80
N TRP A 252 -18.18 -33.83 31.66
CA TRP A 252 -16.75 -33.69 31.44
C TRP A 252 -16.35 -32.22 31.33
N GLU A 253 -15.06 -31.93 31.55
CA GLU A 253 -14.56 -30.56 31.46
C GLU A 253 -13.12 -30.60 31.09
N ASN A 254 -12.84 -30.18 29.88
CA ASN A 254 -11.47 -30.16 29.37
C ASN A 254 -10.75 -31.49 29.64
N GLY A 255 -11.42 -32.62 29.39
CA GLY A 255 -10.78 -33.94 29.47
C GLY A 255 -10.88 -34.60 30.83
N ALA A 256 -11.36 -33.84 31.82
CA ALA A 256 -11.48 -34.31 33.20
C ALA A 256 -12.94 -34.60 33.58
N LEU A 257 -13.17 -35.76 34.16
CA LEU A 257 -14.49 -36.17 34.60
C LEU A 257 -14.94 -35.34 35.85
N LEU A 258 -16.01 -34.57 35.76
CA LEU A 258 -16.52 -33.83 36.92
C LEU A 258 -17.47 -34.67 37.77
N ALA A 259 -18.42 -35.33 37.12
CA ALA A 259 -19.41 -36.15 37.80
C ALA A 259 -19.84 -37.28 36.87
N GLU A 260 -20.29 -38.40 37.44
CA GLU A 260 -20.98 -39.45 36.66
C GLU A 260 -21.83 -40.27 37.58
N SER A 261 -22.90 -40.86 37.05
CA SER A 261 -23.88 -41.58 37.85
C SER A 261 -23.78 -43.09 37.68
N GLU A 262 -24.43 -43.79 38.60
CA GLU A 262 -24.58 -45.25 38.59
C GLU A 262 -25.16 -45.85 37.29
N ARG A 263 -24.49 -46.88 36.77
CA ARG A 263 -25.01 -47.58 35.61
C ARG A 263 -26.04 -48.62 36.02
N PHE A 264 -27.11 -48.74 35.22
CA PHE A 264 -28.18 -49.64 35.51
C PHE A 264 -28.81 -49.27 36.85
N PRO A 265 -29.15 -47.99 37.05
CA PRO A 265 -29.74 -47.68 38.35
C PRO A 265 -31.18 -48.20 38.47
N LYS A 266 -31.58 -48.47 39.71
CA LYS A 266 -32.97 -48.65 40.04
C LYS A 266 -33.46 -47.26 40.47
N GLY A 267 -34.14 -46.57 39.56
CA GLY A 267 -34.64 -45.22 39.85
C GLY A 267 -33.87 -44.17 39.08
N VAL A 268 -34.31 -42.93 39.20
CA VAL A 268 -33.71 -41.85 38.42
C VAL A 268 -32.38 -41.41 39.02
N ARG A 269 -31.44 -41.03 38.15
CA ARG A 269 -30.16 -40.51 38.58
C ARG A 269 -29.80 -39.19 37.91
N ARG A 270 -28.93 -38.42 38.58
CA ARG A 270 -28.32 -37.20 38.02
C ARG A 270 -26.82 -37.15 38.30
N SER A 271 -26.09 -36.55 37.38
CA SER A 271 -24.80 -35.97 37.66
C SER A 271 -25.10 -34.49 37.78
N VAL A 272 -24.61 -33.88 38.86
CA VAL A 272 -24.64 -32.43 39.03
C VAL A 272 -23.18 -32.05 39.34
N ALA A 273 -22.71 -30.95 38.74
CA ALA A 273 -21.33 -30.53 38.89
C ALA A 273 -21.26 -29.03 38.68
N ASP A 274 -20.33 -28.36 39.36
CA ASP A 274 -20.00 -27.00 38.99
C ASP A 274 -18.87 -27.00 37.97
N VAL A 275 -19.20 -26.46 36.79
CA VAL A 275 -18.28 -26.19 35.71
C VAL A 275 -17.64 -24.83 35.94
N ASP A 276 -16.32 -24.81 35.84
CA ASP A 276 -15.55 -23.63 36.02
C ASP A 276 -15.42 -22.92 34.66
N THR A 277 -16.23 -21.86 34.46
CA THR A 277 -16.24 -21.16 33.17
C THR A 277 -14.93 -20.40 32.93
N GLU A 278 -14.26 -19.98 34.00
CA GLU A 278 -12.99 -19.25 33.90
C GLU A 278 -11.89 -20.21 33.53
N LEU A 279 -11.94 -21.43 34.03
CA LEU A 279 -10.95 -22.39 33.60
C LEU A 279 -10.99 -22.51 32.07
N LEU A 280 -12.19 -22.57 31.48
CA LEU A 280 -12.34 -22.71 30.02
C LEU A 280 -11.90 -21.45 29.30
N ARG A 281 -12.33 -20.30 29.86
CA ARG A 281 -11.96 -19.01 29.36
C ARG A 281 -10.43 -18.95 29.27
N SER A 282 -9.77 -19.45 30.32
CA SER A 282 -8.31 -19.40 30.47
C SER A 282 -7.54 -20.28 29.50
N GLU A 283 -8.09 -21.44 29.18
CA GLU A 283 -7.40 -22.34 28.30
C GLU A 283 -7.52 -21.79 26.91
N ARG A 284 -8.67 -21.17 26.60
CA ARG A 284 -8.94 -20.67 25.25
C ARG A 284 -8.15 -19.40 24.97
N LEU A 285 -8.00 -18.58 26.01
CA LEU A 285 -7.20 -17.35 25.96
C LEU A 285 -5.74 -17.61 25.55
N ARG A 286 -5.25 -18.81 25.91
CA ARG A 286 -3.83 -19.14 25.85
C ARG A 286 -3.47 -20.03 24.66
N MET A 287 -4.38 -20.93 24.27
CA MET A 287 -4.16 -21.78 23.11
C MET A 287 -4.62 -21.07 21.81
N GLY A 288 -3.78 -20.21 21.24
CA GLY A 288 -4.16 -19.39 20.10
C GLY A 288 -4.59 -20.20 18.89
N THR A 289 -4.02 -21.40 18.75
CA THR A 289 -4.28 -22.28 17.63
C THR A 289 -5.76 -22.71 17.58
N PHE A 290 -6.41 -22.65 18.74
CA PHE A 290 -7.86 -22.87 18.85
C PHE A 290 -8.54 -21.80 18.01
N ASP A 291 -8.12 -20.55 18.17
CA ASP A 291 -8.74 -19.44 17.46
C ASP A 291 -8.31 -19.42 15.98
N ASP A 292 -7.08 -19.83 15.73
CA ASP A 292 -6.58 -20.05 14.38
C ASP A 292 -7.48 -21.02 13.62
N ASN A 293 -7.91 -22.08 14.29
CA ASN A 293 -8.81 -23.09 13.70
C ASN A 293 -10.19 -22.44 13.41
N ARG A 294 -10.66 -21.57 14.29
CA ARG A 294 -11.90 -20.80 14.05
C ARG A 294 -11.80 -19.93 12.80
N ARG A 295 -10.71 -19.20 12.63
CA ARG A 295 -10.57 -18.32 11.48
C ARG A 295 -10.39 -19.11 10.20
N HIS A 296 -9.78 -20.28 10.28
CA HIS A 296 -9.76 -21.16 9.14
C HIS A 296 -11.18 -21.54 8.70
N HIS A 297 -12.09 -21.71 9.65
CA HIS A 297 -13.46 -22.14 9.32
C HIS A 297 -14.41 -21.01 9.60
N ARG A 298 -14.04 -19.85 9.06
CA ARG A 298 -14.67 -18.61 9.46
C ARG A 298 -16.12 -18.52 9.04
N GLU A 299 -16.42 -18.86 7.78
CA GLU A 299 -17.79 -18.81 7.26
C GLU A 299 -18.69 -19.76 8.04
N LEU A 300 -18.13 -20.91 8.34
CA LEU A 300 -18.79 -21.94 9.09
C LEU A 300 -19.06 -21.62 10.56
N THR A 301 -18.28 -20.72 11.15
CA THR A 301 -18.32 -20.52 12.59
C THR A 301 -19.01 -19.19 12.91
N GLU A 302 -19.18 -18.40 11.86
CA GLU A 302 -19.67 -17.05 11.97
C GLU A 302 -21.15 -16.93 11.69
N SER A 303 -21.73 -17.99 11.15
CA SER A 303 -23.15 -17.99 10.84
C SER A 303 -24.07 -18.57 11.95
N PHE A 304 -23.54 -18.92 13.12
CA PHE A 304 -24.36 -19.41 14.23
C PHE A 304 -25.31 -18.30 14.72
N ARG A 305 -26.56 -18.66 14.98
CA ARG A 305 -27.49 -17.69 15.57
C ARG A 305 -27.29 -17.72 17.06
N ARG A 306 -26.92 -16.60 17.62
CA ARG A 306 -26.77 -16.50 19.08
C ARG A 306 -28.16 -16.17 19.64
N ILE A 307 -28.66 -16.97 20.60
CA ILE A 307 -29.94 -16.72 21.30
C ILE A 307 -29.67 -16.35 22.76
N ASP A 308 -29.99 -15.12 23.14
CA ASP A 308 -29.78 -14.67 24.53
C ASP A 308 -30.93 -15.00 25.47
N PHE A 309 -30.57 -15.20 26.74
CA PHE A 309 -31.51 -15.36 27.85
C PHE A 309 -30.76 -14.93 29.09
N ALA A 310 -31.50 -14.40 30.08
CA ALA A 310 -30.96 -14.09 31.40
C ALA A 310 -31.23 -15.20 32.42
N LEU A 311 -30.16 -15.65 33.07
CA LEU A 311 -30.21 -16.76 34.00
C LEU A 311 -30.77 -16.38 35.36
N ASP A 312 -30.43 -15.17 35.79
CA ASP A 312 -30.53 -14.72 37.18
C ASP A 312 -30.21 -15.88 38.12
N PRO A 313 -28.93 -16.33 38.17
CA PRO A 313 -28.65 -17.46 39.07
C PRO A 313 -28.65 -16.99 40.51
N PRO A 314 -28.72 -17.94 41.48
CA PRO A 314 -28.68 -17.57 42.89
C PRO A 314 -27.35 -16.90 43.25
N ALA A 315 -27.43 -15.93 44.14
CA ALA A 315 -26.28 -15.13 44.57
C ALA A 315 -25.63 -15.62 45.87
N GLY A 316 -26.34 -16.46 46.63
CA GLY A 316 -25.88 -16.86 47.97
C GLY A 316 -24.96 -18.07 47.99
N ASP A 317 -24.75 -18.59 49.19
CA ASP A 317 -23.95 -19.79 49.42
C ASP A 317 -24.79 -21.03 49.05
N ILE A 318 -24.30 -21.74 48.02
CA ILE A 318 -24.87 -23.02 47.60
C ILE A 318 -23.74 -24.05 47.53
N GLY A 319 -22.69 -23.85 48.33
CA GLY A 319 -21.56 -24.78 48.33
C GLY A 319 -20.84 -24.82 46.99
N LEU A 320 -19.96 -25.80 46.83
CA LEU A 320 -19.26 -25.99 45.56
C LEU A 320 -19.34 -27.46 45.21
N LEU A 321 -19.99 -27.77 44.11
CA LEU A 321 -20.18 -29.15 43.68
C LEU A 321 -19.04 -29.60 42.79
N ARG A 322 -17.84 -29.65 43.38
CA ARG A 322 -16.61 -29.86 42.62
C ARG A 322 -15.50 -30.39 43.52
N GLU A 323 -14.72 -31.32 42.99
N GLU A 323 -14.67 -31.29 42.99
CA GLU A 323 -13.50 -31.78 43.64
CA GLU A 323 -13.52 -31.86 43.73
C GLU A 323 -12.48 -30.69 43.43
C GLU A 323 -12.24 -31.02 43.53
N VAL A 324 -11.91 -30.20 44.53
CA VAL A 324 -10.77 -29.29 44.44
C VAL A 324 -9.57 -29.90 45.17
N GLU A 325 -8.62 -30.44 44.40
CA GLU A 325 -7.42 -31.10 44.92
C GLU A 325 -6.55 -30.16 45.77
N ARG A 326 -6.11 -30.65 46.93
CA ARG A 326 -5.27 -29.88 47.85
C ARG A 326 -3.92 -29.58 47.24
N PHE A 327 -3.45 -30.51 46.41
CA PHE A 327 -2.14 -30.43 45.77
C PHE A 327 -2.30 -30.57 44.27
N PRO A 328 -2.39 -29.43 43.54
CA PRO A 328 -2.57 -29.51 42.09
C PRO A 328 -1.39 -30.18 41.41
N PHE A 329 -0.26 -30.16 42.09
CA PHE A 329 0.95 -30.77 41.57
C PHE A 329 1.12 -32.18 42.13
N VAL A 330 0.23 -32.57 43.05
CA VAL A 330 0.31 -33.91 43.66
C VAL A 330 -1.08 -34.59 43.70
N PRO A 331 -1.42 -35.39 42.65
CA PRO A 331 -2.72 -36.08 42.56
C PRO A 331 -2.92 -37.03 43.73
N ALA A 332 -4.10 -36.98 44.35
CA ALA A 332 -4.39 -37.83 45.51
C ALA A 332 -4.59 -39.29 45.12
N ASP A 333 -4.92 -39.55 43.86
CA ASP A 333 -5.03 -40.92 43.36
C ASP A 333 -3.64 -41.56 43.27
N PRO A 334 -3.42 -42.67 44.01
CA PRO A 334 -2.16 -43.40 44.03
C PRO A 334 -1.63 -43.84 42.67
N GLN A 335 -2.49 -44.41 41.80
CA GLN A 335 -2.01 -44.87 40.49
C GLN A 335 -1.62 -43.67 39.65
N ARG A 336 -2.40 -42.60 39.77
CA ARG A 336 -2.11 -41.38 39.03
C ARG A 336 -0.80 -40.75 39.53
N LEU A 337 -0.62 -40.69 40.84
CA LEU A 337 0.59 -40.12 41.41
C LEU A 337 1.84 -40.92 41.04
N GLN A 338 1.72 -42.24 41.04
CA GLN A 338 2.82 -43.15 40.67
C GLN A 338 3.31 -42.85 39.24
N GLN A 339 2.37 -42.61 38.33
CA GLN A 339 2.62 -42.22 36.94
C GLN A 339 3.27 -40.84 36.83
N ASP A 340 2.75 -39.88 37.60
CA ASP A 340 3.30 -38.53 37.66
C ASP A 340 4.77 -38.53 38.08
N CYS A 341 5.07 -39.35 39.07
CA CYS A 341 6.41 -39.49 39.59
C CYS A 341 7.33 -40.17 38.60
N TYR A 342 6.87 -41.21 37.95
CA TYR A 342 7.67 -41.91 36.96
C TYR A 342 8.11 -40.93 35.86
N GLU A 343 7.19 -40.06 35.46
CA GLU A 343 7.44 -39.14 34.36
C GLU A 343 8.33 -37.99 34.80
N ALA A 344 8.08 -37.41 35.98
CA ALA A 344 8.91 -36.31 36.51
C ALA A 344 10.37 -36.73 36.55
N TYR A 345 10.61 -37.89 37.11
CA TYR A 345 11.95 -38.42 37.33
C TYR A 345 12.69 -38.64 36.00
N ASN A 346 11.99 -39.21 35.04
CA ASN A 346 12.56 -39.57 33.77
C ASN A 346 12.80 -38.34 32.94
N ILE A 347 11.97 -37.33 33.15
CA ILE A 347 12.15 -36.02 32.52
C ILE A 347 13.47 -35.36 32.98
N GLN A 348 13.64 -35.18 34.29
CA GLN A 348 14.85 -34.61 34.86
C GLN A 348 16.09 -35.35 34.40
N VAL A 349 16.06 -36.68 34.53
CA VAL A 349 17.17 -37.53 34.15
C VAL A 349 17.58 -37.43 32.66
N SER A 350 16.60 -37.48 31.75
CA SER A 350 16.85 -37.35 30.33
C SER A 350 17.25 -35.92 29.94
N GLY A 351 16.74 -34.95 30.70
CA GLY A 351 17.17 -33.56 30.55
C GLY A 351 18.67 -33.39 30.83
N LEU A 352 19.14 -34.09 31.86
CA LEU A 352 20.54 -34.03 32.26
C LEU A 352 21.39 -34.83 31.31
N GLU A 353 20.93 -36.04 30.94
CA GLU A 353 21.68 -36.92 30.05
C GLU A 353 22.08 -36.19 28.77
N GLN A 354 21.13 -35.51 28.13
CA GLN A 354 21.39 -34.76 26.91
C GLN A 354 22.46 -33.72 27.16
N ARG A 355 22.28 -32.91 28.20
CA ARG A 355 23.28 -31.92 28.54
C ARG A 355 24.67 -32.52 28.63
N LEU A 356 24.76 -33.64 29.37
CA LEU A 356 25.99 -34.33 29.61
C LEU A 356 26.59 -34.90 28.34
N ARG A 357 25.76 -35.50 27.48
CA ARG A 357 26.28 -35.98 26.19
C ARG A 357 26.86 -34.79 25.45
N ALA A 358 26.07 -33.72 25.33
CA ALA A 358 26.48 -32.53 24.59
C ALA A 358 27.81 -31.95 25.05
N LEU A 359 28.13 -32.10 26.33
CA LEU A 359 29.38 -31.56 26.87
C LEU A 359 30.47 -32.61 26.93
N ASP A 360 30.24 -33.73 26.23
CA ASP A 360 31.17 -34.86 26.21
C ASP A 360 31.49 -35.39 27.62
N TYR A 361 30.45 -35.49 28.44
CA TYR A 361 30.54 -36.13 29.75
C TYR A 361 31.44 -35.44 30.78
N PRO A 362 31.04 -34.23 31.24
CA PRO A 362 31.81 -33.56 32.30
C PRO A 362 31.65 -34.27 33.66
N LYS A 363 32.49 -33.91 34.64
CA LYS A 363 32.19 -34.28 36.02
C LYS A 363 30.92 -33.53 36.42
N VAL A 364 30.16 -34.09 37.35
CA VAL A 364 29.01 -33.40 37.86
C VAL A 364 29.38 -32.90 39.25
N VAL A 365 29.34 -31.60 39.46
CA VAL A 365 29.70 -30.99 40.76
C VAL A 365 28.42 -30.56 41.50
N ILE A 366 28.25 -31.00 42.74
CA ILE A 366 26.98 -30.74 43.41
C ILE A 366 27.15 -30.49 44.93
N GLY A 367 26.62 -29.37 45.40
CA GLY A 367 26.55 -29.10 46.85
C GLY A 367 25.43 -29.89 47.48
N VAL A 368 25.73 -30.68 48.51
CA VAL A 368 24.75 -31.55 49.19
C VAL A 368 24.63 -31.18 50.67
N SER A 369 23.42 -30.82 51.09
CA SER A 369 23.20 -30.33 52.45
C SER A 369 22.53 -31.34 53.37
N GLY A 370 22.08 -32.45 52.82
CA GLY A 370 21.22 -33.39 53.54
C GLY A 370 19.74 -33.04 53.42
N GLY A 371 19.45 -32.03 52.58
CA GLY A 371 18.09 -31.54 52.33
C GLY A 371 17.35 -32.32 51.27
N LEU A 372 16.04 -32.13 51.17
CA LEU A 372 15.26 -32.92 50.22
C LEU A 372 15.73 -32.67 48.79
N ASP A 373 15.95 -31.40 48.50
CA ASP A 373 16.25 -30.95 47.14
C ASP A 373 17.55 -31.53 46.58
N SER A 374 18.64 -31.32 47.33
CA SER A 374 19.98 -31.75 46.93
C SER A 374 20.14 -33.27 46.96
N THR A 375 19.44 -33.92 47.88
CA THR A 375 19.33 -35.38 47.95
C THR A 375 18.77 -35.95 46.64
N HIS A 376 17.60 -35.46 46.28
CA HIS A 376 16.91 -35.96 45.13
C HIS A 376 17.70 -35.61 43.87
N ALA A 377 18.22 -34.40 43.82
CA ALA A 377 19.13 -34.03 42.75
C ALA A 377 20.29 -35.05 42.60
N LEU A 378 20.78 -35.62 43.70
CA LEU A 378 21.93 -36.52 43.66
C LEU A 378 21.55 -37.85 43.02
N ILE A 379 20.41 -38.37 43.44
CA ILE A 379 19.80 -39.51 42.80
C ILE A 379 19.66 -39.33 41.28
N VAL A 380 19.13 -38.18 40.86
CA VAL A 380 18.92 -37.91 39.44
C VAL A 380 20.25 -37.94 38.69
N ALA A 381 21.23 -37.25 39.25
CA ALA A 381 22.58 -37.22 38.73
C ALA A 381 23.14 -38.64 38.59
N THR A 382 22.89 -39.45 39.62
CA THR A 382 23.38 -40.81 39.66
C THR A 382 22.74 -41.65 38.55
N HIS A 383 21.42 -41.63 38.48
CA HIS A 383 20.74 -42.43 37.47
C HIS A 383 21.15 -41.98 36.07
N ALA A 384 21.30 -40.68 35.87
CA ALA A 384 21.75 -40.16 34.59
C ALA A 384 23.10 -40.77 34.18
N MET A 385 24.03 -40.86 35.13
CA MET A 385 25.38 -41.32 34.83
C MET A 385 25.36 -42.79 34.56
N ASP A 386 24.54 -43.50 35.33
CA ASP A 386 24.39 -44.93 35.16
C ASP A 386 23.94 -45.18 33.73
N ARG A 387 22.83 -44.55 33.36
CA ARG A 387 22.22 -44.72 32.05
C ARG A 387 23.17 -44.39 30.91
N GLU A 388 24.12 -43.48 31.15
CA GLU A 388 25.06 -43.06 30.10
C GLU A 388 26.35 -43.88 30.10
N GLY A 389 26.44 -44.86 31.00
CA GLY A 389 27.62 -45.71 31.11
C GLY A 389 28.79 -44.97 31.72
N ARG A 390 28.50 -44.08 32.67
CA ARG A 390 29.49 -43.19 33.27
C ARG A 390 29.79 -43.48 34.75
N PRO A 391 31.09 -43.46 35.15
CA PRO A 391 31.45 -43.80 36.54
C PRO A 391 30.87 -42.85 37.56
N ARG A 392 30.12 -43.39 38.51
CA ARG A 392 29.50 -42.61 39.58
C ARG A 392 30.49 -41.76 40.36
N SER A 393 31.76 -42.16 40.31
CA SER A 393 32.83 -41.38 40.93
C SER A 393 33.12 -40.07 40.17
N ASP A 394 32.51 -39.90 38.99
CA ASP A 394 32.58 -38.62 38.26
C ASP A 394 31.53 -37.62 38.77
N ILE A 395 30.66 -38.07 39.66
CA ILE A 395 29.82 -37.16 40.45
C ILE A 395 30.66 -36.70 41.65
N LEU A 396 30.90 -35.40 41.71
CA LEU A 396 31.67 -34.82 42.80
C LEU A 396 30.76 -34.09 43.77
N ALA A 397 30.42 -34.75 44.86
CA ALA A 397 29.51 -34.19 45.84
C ALA A 397 30.31 -33.49 46.94
N PHE A 398 29.90 -32.26 47.27
CA PHE A 398 30.59 -31.48 48.30
C PHE A 398 29.67 -31.05 49.42
N ALA A 399 30.10 -31.30 50.65
CA ALA A 399 29.53 -30.66 51.82
C ALA A 399 30.32 -29.38 52.08
N LEU A 400 29.60 -28.28 52.27
CA LEU A 400 30.23 -26.97 52.37
C LEU A 400 29.80 -26.23 53.65
N PRO A 401 30.39 -26.62 54.80
CA PRO A 401 30.01 -26.05 56.11
C PRO A 401 30.57 -24.64 56.34
N GLY A 402 29.85 -23.85 57.14
CA GLY A 402 30.29 -22.52 57.57
C GLY A 402 30.27 -22.40 59.09
N HIS A 408 23.14 -33.50 62.86
CA HIS A 408 21.89 -33.08 62.22
C HIS A 408 21.79 -33.57 60.76
N THR A 409 21.17 -32.76 59.91
CA THR A 409 20.93 -33.08 58.49
C THR A 409 22.19 -33.47 57.69
N LYS A 410 23.31 -32.83 58.03
CA LYS A 410 24.63 -33.05 57.39
C LYS A 410 24.99 -34.54 57.23
N ASN A 411 24.77 -35.30 58.31
CA ASN A 411 25.09 -36.73 58.35
C ASN A 411 24.46 -37.50 57.20
N ASN A 412 23.23 -37.16 56.87
CA ASN A 412 22.55 -37.80 55.74
C ASN A 412 23.33 -37.66 54.43
N ALA A 413 23.81 -36.45 54.16
CA ALA A 413 24.58 -36.17 52.94
C ALA A 413 25.75 -37.14 52.72
N ILE A 414 26.61 -37.27 53.73
CA ILE A 414 27.80 -38.12 53.65
C ILE A 414 27.43 -39.61 53.57
N LYS A 415 26.38 -40.01 54.26
CA LYS A 415 25.86 -41.38 54.16
C LYS A 415 25.39 -41.70 52.74
N LEU A 416 24.56 -40.84 52.18
CA LEU A 416 24.00 -41.07 50.86
C LEU A 416 25.08 -41.14 49.79
N ALA A 417 26.02 -40.21 49.87
CA ALA A 417 27.13 -40.13 48.94
C ALA A 417 27.93 -41.45 48.93
N ARG A 418 28.23 -41.93 50.14
CA ARG A 418 28.96 -43.16 50.36
C ARG A 418 28.15 -44.37 49.94
N ALA A 419 26.86 -44.36 50.27
CA ALA A 419 25.95 -45.46 49.92
C ALA A 419 25.83 -45.63 48.41
N LEU A 420 25.73 -44.51 47.69
CA LEU A 420 25.72 -44.45 46.23
C LEU A 420 27.07 -44.76 45.59
N GLY A 421 28.14 -44.38 46.30
CA GLY A 421 29.48 -44.51 45.78
C GLY A 421 29.89 -43.39 44.85
N VAL A 422 29.53 -42.16 45.17
CA VAL A 422 30.06 -41.01 44.39
C VAL A 422 31.38 -40.56 45.01
N THR A 423 31.92 -39.42 44.57
CA THR A 423 33.13 -38.87 45.18
C THR A 423 32.72 -37.79 46.18
N PHE A 424 32.93 -38.04 47.47
CA PHE A 424 32.51 -37.09 48.48
C PHE A 424 33.69 -36.29 49.00
N SER A 425 33.43 -35.02 49.29
CA SER A 425 34.46 -34.13 49.77
C SER A 425 33.84 -33.03 50.60
N GLU A 426 34.66 -32.46 51.47
CA GLU A 426 34.22 -31.39 52.33
C GLU A 426 35.15 -30.19 52.18
N ILE A 427 34.57 -29.05 51.86
CA ILE A 427 35.29 -27.79 51.84
C ILE A 427 34.64 -26.90 52.90
N ASP A 428 35.45 -26.44 53.84
CA ASP A 428 34.98 -25.51 54.86
C ASP A 428 35.09 -24.10 54.30
N ILE A 429 33.97 -23.41 54.16
CA ILE A 429 33.98 -22.06 53.59
C ILE A 429 34.09 -20.97 54.67
N GLY A 430 34.10 -21.38 55.94
CA GLY A 430 34.07 -20.45 57.08
C GLY A 430 35.14 -19.37 57.05
N ASP A 431 36.37 -19.76 56.73
CA ASP A 431 37.49 -18.82 56.76
C ASP A 431 37.46 -17.82 55.58
N THR A 432 37.05 -18.29 54.41
CA THR A 432 36.87 -17.42 53.25
C THR A 432 35.74 -16.44 53.54
N ALA A 433 34.67 -16.97 54.12
CA ALA A 433 33.53 -16.17 54.59
C ALA A 433 33.96 -15.06 55.51
N ARG A 434 34.79 -15.40 56.50
CA ARG A 434 35.25 -14.42 57.47
C ARG A 434 36.13 -13.35 56.88
N LEU A 435 37.07 -13.77 56.01
CA LEU A 435 37.96 -12.87 55.28
C LEU A 435 37.13 -11.89 54.46
N MET A 436 36.15 -12.44 53.71
CA MET A 436 35.21 -11.62 52.95
C MET A 436 34.44 -10.65 53.85
N LEU A 437 33.93 -11.12 54.98
CA LEU A 437 33.12 -10.27 55.86
C LEU A 437 33.88 -9.11 56.45
N HIS A 438 35.13 -9.37 56.85
CA HIS A 438 35.99 -8.31 57.36
C HIS A 438 36.43 -7.34 56.28
N THR A 439 36.65 -7.83 55.07
CA THR A 439 37.05 -6.96 53.97
C THR A 439 35.91 -6.00 53.61
N ILE A 440 34.68 -6.49 53.72
CA ILE A 440 33.47 -5.74 53.38
C ILE A 440 33.06 -4.71 54.44
N GLY A 441 33.67 -4.81 55.62
CA GLY A 441 33.31 -3.92 56.70
C GLY A 441 32.14 -4.44 57.52
N HIS A 442 31.99 -5.75 57.59
CA HIS A 442 31.06 -6.37 58.53
C HIS A 442 31.74 -7.33 59.50
N ASP A 452 24.22 -11.62 60.60
CA ASP A 452 22.81 -11.96 60.43
C ASP A 452 22.27 -11.35 59.13
N VAL A 453 21.55 -12.16 58.35
CA VAL A 453 21.20 -11.84 56.95
C VAL A 453 22.50 -11.78 56.13
N THR A 454 23.35 -10.82 56.50
CA THR A 454 24.63 -10.53 55.88
C THR A 454 25.59 -11.73 55.85
N PHE A 455 25.84 -12.30 57.03
CA PHE A 455 26.67 -13.49 57.18
C PHE A 455 26.13 -14.63 56.30
N GLU A 456 24.80 -14.75 56.23
CA GLU A 456 24.17 -15.84 55.48
C GLU A 456 24.29 -15.68 53.96
N ASN A 457 24.19 -14.44 53.49
CA ASN A 457 24.42 -14.14 52.08
C ASN A 457 25.84 -14.49 51.62
N VAL A 458 26.83 -14.02 52.39
CA VAL A 458 28.25 -14.25 52.09
C VAL A 458 28.54 -15.75 51.95
N GLN A 459 28.00 -16.54 52.86
CA GLN A 459 28.18 -17.98 52.84
C GLN A 459 27.53 -18.67 51.64
N ALA A 460 26.25 -18.38 51.43
CA ALA A 460 25.49 -18.94 50.32
C ALA A 460 26.15 -18.61 48.99
N GLY A 461 26.62 -17.37 48.88
CA GLY A 461 27.37 -16.90 47.72
C GLY A 461 28.65 -17.70 47.52
N LEU A 462 29.39 -17.89 48.63
CA LEU A 462 30.71 -18.55 48.57
C LEU A 462 30.62 -20.03 48.24
N ARG A 463 29.54 -20.65 48.71
CA ARG A 463 29.22 -22.03 48.30
C ARG A 463 29.20 -22.14 46.79
N THR A 464 28.41 -21.28 46.15
CA THR A 464 28.30 -21.24 44.71
C THR A 464 29.64 -20.94 44.04
N ASP A 465 30.32 -19.92 44.57
CA ASP A 465 31.63 -19.54 44.07
C ASP A 465 32.61 -20.72 44.04
N TYR A 466 32.77 -21.41 45.18
CA TYR A 466 33.65 -22.58 45.24
C TYR A 466 33.28 -23.69 44.25
N LEU A 467 32.00 -24.09 44.28
CA LEU A 467 31.47 -25.07 43.32
C LEU A 467 31.82 -24.70 41.88
N PHE A 468 31.54 -23.46 41.50
CA PHE A 468 31.82 -23.02 40.14
C PHE A 468 33.31 -23.14 39.87
N ARG A 469 34.15 -22.79 40.84
CA ARG A 469 35.59 -22.83 40.63
C ARG A 469 36.12 -24.27 40.57
N ILE A 470 35.55 -25.12 41.42
CA ILE A 470 35.86 -26.54 41.41
C ILE A 470 35.41 -27.13 40.09
N ALA A 471 34.29 -26.63 39.58
CA ALA A 471 33.80 -27.08 38.29
C ALA A 471 34.83 -26.69 37.23
N ASN A 472 35.34 -25.45 37.27
CA ASN A 472 36.38 -25.00 36.33
C ASN A 472 37.58 -25.91 36.43
N GLN A 473 37.94 -26.24 37.67
CA GLN A 473 39.19 -26.93 37.96
C GLN A 473 39.18 -28.39 37.50
N ARG A 474 38.07 -29.07 37.76
CA ARG A 474 37.99 -30.51 37.62
C ARG A 474 37.30 -31.01 36.36
N GLY A 475 37.08 -30.13 35.36
CA GLY A 475 36.33 -30.49 34.14
C GLY A 475 34.84 -30.81 34.39
N GLY A 476 34.23 -30.10 35.35
CA GLY A 476 32.85 -30.38 35.78
C GLY A 476 31.81 -29.33 35.41
N ILE A 477 30.54 -29.59 35.73
CA ILE A 477 29.46 -28.61 35.68
C ILE A 477 28.72 -28.59 37.02
N VAL A 478 28.34 -27.41 37.49
CA VAL A 478 27.62 -27.29 38.75
C VAL A 478 26.16 -27.60 38.51
N LEU A 479 25.65 -28.59 39.22
CA LEU A 479 24.23 -28.89 39.20
C LEU A 479 23.46 -27.99 40.11
N GLY A 480 22.37 -27.43 39.61
CA GLY A 480 21.49 -26.61 40.44
C GLY A 480 20.50 -27.53 41.10
N THR A 481 19.86 -27.02 42.15
CA THR A 481 19.14 -27.86 43.09
C THR A 481 17.86 -27.18 43.58
N GLY A 482 17.75 -25.88 43.33
CA GLY A 482 16.55 -25.14 43.68
C GLY A 482 15.37 -25.60 42.86
N ASP A 483 14.21 -25.61 43.51
CA ASP A 483 13.00 -26.18 42.94
C ASP A 483 12.03 -25.09 42.52
N LEU A 484 10.98 -25.50 41.81
CA LEU A 484 10.01 -24.57 41.20
C LEU A 484 9.38 -23.57 42.17
N SER A 485 9.04 -24.04 43.37
CA SER A 485 8.38 -23.22 44.39
C SER A 485 9.28 -22.08 44.85
N GLU A 486 10.59 -22.34 44.89
CA GLU A 486 11.57 -21.35 45.31
C GLU A 486 11.78 -20.27 44.26
N LEU A 487 11.80 -20.69 42.99
CA LEU A 487 11.78 -19.81 41.81
C LEU A 487 10.56 -18.95 41.82
N ALA A 488 9.43 -19.55 42.18
CA ALA A 488 8.19 -18.82 42.20
C ALA A 488 8.22 -17.68 43.24
N LEU A 489 8.80 -17.93 44.40
CA LEU A 489 8.74 -17.01 45.52
C LEU A 489 9.97 -16.09 45.63
N GLY A 490 11.03 -16.41 44.91
CA GLY A 490 12.25 -15.61 44.99
C GLY A 490 13.02 -15.95 46.25
N TRP A 491 12.98 -17.24 46.61
CA TRP A 491 13.63 -17.73 47.83
C TRP A 491 14.93 -18.38 47.37
N SER A 492 15.93 -17.53 47.17
CA SER A 492 17.22 -17.90 46.61
C SER A 492 18.12 -16.69 46.75
N THR A 493 19.43 -16.92 46.72
CA THR A 493 20.36 -15.81 46.57
C THR A 493 20.67 -15.69 45.10
N TYR A 494 20.36 -14.50 44.57
CA TYR A 494 20.50 -14.23 43.16
C TYR A 494 21.95 -13.98 42.75
N GLY A 495 22.34 -14.63 41.65
CA GLY A 495 23.56 -14.36 40.92
C GLY A 495 24.74 -15.17 41.42
N VAL A 496 25.35 -14.70 42.49
CA VAL A 496 26.36 -15.47 43.20
C VAL A 496 25.62 -16.04 44.41
N GLY A 497 25.15 -17.27 44.25
CA GLY A 497 24.17 -17.82 45.17
C GLY A 497 23.51 -18.99 44.50
N ASP A 498 22.63 -19.66 45.24
CA ASP A 498 22.11 -20.97 44.87
C ASP A 498 21.14 -20.90 43.68
N GLN A 499 20.81 -19.69 43.28
CA GLN A 499 20.03 -19.43 42.07
C GLN A 499 20.84 -19.83 40.81
N MET A 500 22.16 -19.75 40.92
CA MET A 500 23.05 -19.96 39.79
C MET A 500 23.51 -21.39 39.71
N SER A 501 23.55 -21.94 38.50
CA SER A 501 24.22 -23.22 38.25
C SER A 501 24.47 -23.35 36.76
N HIS A 502 24.99 -24.50 36.35
CA HIS A 502 25.17 -24.78 34.93
C HIS A 502 23.94 -25.48 34.33
N TYR A 503 23.25 -26.29 35.13
CA TYR A 503 22.05 -27.02 34.69
C TYR A 503 21.26 -27.35 35.93
N ASN A 504 19.99 -26.96 35.96
CA ASN A 504 19.14 -27.18 37.15
C ASN A 504 18.08 -28.27 36.93
N VAL A 505 18.25 -29.41 37.61
CA VAL A 505 17.32 -30.52 37.42
C VAL A 505 16.00 -30.35 38.18
N ASN A 506 16.02 -29.56 39.25
CA ASN A 506 14.86 -29.38 40.14
C ASN A 506 14.01 -28.16 39.82
N ALA A 507 14.41 -27.41 38.79
CA ALA A 507 13.80 -26.11 38.44
C ALA A 507 12.28 -26.16 38.15
N GLY A 508 11.82 -27.20 37.46
CA GLY A 508 10.41 -27.37 37.14
C GLY A 508 9.61 -28.27 38.08
N VAL A 509 10.22 -28.71 39.17
CA VAL A 509 9.54 -29.59 40.14
C VAL A 509 9.18 -28.76 41.35
N PRO A 510 7.89 -28.67 41.68
CA PRO A 510 7.50 -27.94 42.90
C PRO A 510 7.88 -28.71 44.15
N LYS A 511 8.00 -28.00 45.27
CA LYS A 511 8.45 -28.58 46.52
C LYS A 511 7.48 -29.68 46.99
N THR A 512 6.19 -29.45 46.80
CA THR A 512 5.18 -30.40 47.28
C THR A 512 5.33 -31.76 46.63
N LEU A 513 5.98 -31.78 45.47
CA LEU A 513 6.19 -33.02 44.71
C LEU A 513 7.54 -33.67 44.97
N ILE A 514 8.54 -32.90 45.41
CA ILE A 514 9.86 -33.49 45.68
C ILE A 514 9.81 -34.69 46.62
N GLN A 515 9.13 -34.54 47.76
CA GLN A 515 9.10 -35.63 48.74
C GLN A 515 8.53 -36.89 48.12
N HIS A 516 7.51 -36.73 47.28
CA HIS A 516 6.82 -37.84 46.67
C HIS A 516 7.70 -38.55 45.65
N LEU A 517 8.60 -37.79 45.07
CA LEU A 517 9.53 -38.27 44.08
C LEU A 517 10.59 -39.15 44.73
N ILE A 518 11.11 -38.70 45.86
CA ILE A 518 12.12 -39.46 46.60
C ILE A 518 11.49 -40.78 47.06
N ARG A 519 10.25 -40.72 47.57
CA ARG A 519 9.64 -41.94 48.07
C ARG A 519 9.18 -42.85 46.94
N TRP A 520 9.03 -42.28 45.74
CA TRP A 520 8.90 -43.08 44.54
C TRP A 520 10.18 -43.88 44.23
N VAL A 521 11.33 -43.24 44.41
CA VAL A 521 12.63 -43.83 44.10
C VAL A 521 12.95 -44.97 45.07
N ILE A 522 12.62 -44.73 46.34
CA ILE A 522 12.69 -45.72 47.42
C ILE A 522 11.84 -46.93 47.09
N SER A 523 10.58 -46.67 46.73
CA SER A 523 9.62 -47.73 46.42
C SER A 523 9.98 -48.48 45.15
N ALA A 524 10.52 -47.78 44.16
CA ALA A 524 11.09 -48.46 43.00
C ALA A 524 12.22 -49.37 43.50
N GLY A 525 13.07 -48.82 44.38
CA GLY A 525 14.11 -49.59 45.07
C GLY A 525 15.23 -50.11 44.18
N GLU A 526 15.36 -49.51 42.98
CA GLU A 526 16.35 -49.93 41.99
C GLU A 526 17.78 -49.49 42.36
N PHE A 527 17.90 -48.55 43.29
CA PHE A 527 19.19 -48.30 43.96
C PHE A 527 19.35 -49.38 45.05
N GLY A 528 20.26 -49.24 45.98
CA GLY A 528 20.36 -50.32 46.99
C GLY A 528 19.25 -50.32 48.03
N GLU A 529 19.21 -51.38 48.84
CA GLU A 529 18.45 -51.36 50.09
C GLU A 529 19.10 -50.38 51.09
N LYS A 530 20.43 -50.25 51.01
CA LYS A 530 21.20 -49.29 51.79
C LYS A 530 20.78 -47.88 51.42
N VAL A 531 20.72 -47.61 50.11
CA VAL A 531 20.36 -46.29 49.60
C VAL A 531 18.94 -45.91 50.01
N GLY A 532 18.02 -46.87 49.92
CA GLY A 532 16.65 -46.66 50.39
C GLY A 532 16.58 -46.21 51.85
N GLU A 533 17.45 -46.78 52.68
CA GLU A 533 17.45 -46.47 54.10
C GLU A 533 17.87 -45.03 54.34
N VAL A 534 18.88 -44.57 53.63
CA VAL A 534 19.37 -43.20 53.83
C VAL A 534 18.39 -42.18 53.25
N LEU A 535 17.70 -42.54 52.18
CA LEU A 535 16.72 -41.64 51.60
C LEU A 535 15.48 -41.52 52.48
N GLN A 536 15.08 -42.65 53.07
CA GLN A 536 13.94 -42.67 54.00
C GLN A 536 14.27 -41.82 55.22
N SER A 537 15.52 -41.93 55.65
CA SER A 537 16.06 -41.10 56.73
C SER A 537 15.95 -39.61 56.42
N VAL A 538 16.33 -39.25 55.18
CA VAL A 538 16.17 -37.89 54.70
C VAL A 538 14.73 -37.43 54.87
N LEU A 539 13.79 -38.24 54.38
CA LEU A 539 12.36 -37.95 54.49
C LEU A 539 11.96 -37.68 55.94
N ASP A 540 12.35 -38.61 56.82
CA ASP A 540 11.98 -38.54 58.23
C ASP A 540 12.61 -37.36 58.97
N THR A 541 13.87 -37.07 58.63
CA THR A 541 14.57 -35.95 59.22
C THR A 541 14.03 -34.63 58.71
N GLU A 542 13.79 -34.56 57.40
CA GLU A 542 13.47 -33.29 56.77
C GLU A 542 12.00 -32.90 56.91
N ILE A 543 11.09 -33.82 56.58
CA ILE A 543 9.67 -33.49 56.70
C ILE A 543 9.31 -33.51 58.15
N THR A 544 9.00 -32.31 58.66
CA THR A 544 8.64 -32.13 60.06
C THR A 544 7.36 -31.31 60.20
N ALA A 560 12.70 -21.71 55.44
CA ALA A 560 11.92 -21.09 54.37
C ALA A 560 10.57 -20.57 54.90
N LYS A 561 10.61 -19.45 55.62
CA LYS A 561 9.43 -19.01 56.39
C LYS A 561 8.69 -17.73 55.95
N VAL A 562 8.12 -17.78 54.74
CA VAL A 562 6.91 -17.01 54.37
C VAL A 562 5.92 -17.88 53.55
N GLY A 563 5.25 -18.78 54.29
CA GLY A 563 4.18 -19.57 53.76
C GLY A 563 4.43 -21.05 53.77
N PRO A 564 3.41 -21.83 54.15
CA PRO A 564 3.40 -23.24 53.78
C PRO A 564 3.42 -23.38 52.28
N PHE A 565 4.35 -24.20 51.77
CA PHE A 565 4.42 -24.47 50.33
C PHE A 565 3.20 -25.22 49.79
N ALA A 566 2.46 -25.93 50.65
CA ALA A 566 1.17 -26.52 50.27
C ALA A 566 0.25 -25.45 49.70
N LEU A 567 0.24 -24.29 50.36
CA LEU A 567 -0.53 -23.14 49.96
C LEU A 567 0.04 -22.36 48.77
N GLN A 568 1.36 -22.12 48.80
CA GLN A 568 2.03 -21.35 47.74
C GLN A 568 2.18 -22.12 46.44
N ASP A 569 2.34 -23.44 46.52
CA ASP A 569 2.21 -24.29 45.33
C ASP A 569 0.80 -24.35 44.77
N PHE A 570 -0.20 -24.18 45.64
CA PHE A 570 -1.59 -24.16 45.19
C PHE A 570 -1.86 -22.91 44.35
N SER A 571 -1.45 -21.77 44.89
CA SER A 571 -1.59 -20.50 44.23
C SER A 571 -0.75 -20.44 42.98
N LEU A 572 0.45 -20.99 43.04
CA LEU A 572 1.32 -21.04 41.87
C LEU A 572 0.58 -21.66 40.71
N PHE A 573 -0.06 -22.79 40.96
CA PHE A 573 -0.77 -23.51 39.89
C PHE A 573 -1.88 -22.66 39.25
N GLN A 574 -2.68 -22.04 40.11
CA GLN A 574 -3.82 -21.25 39.69
C GLN A 574 -3.38 -20.11 38.78
N VAL A 575 -2.29 -19.45 39.18
CA VAL A 575 -1.67 -18.36 38.42
C VAL A 575 -0.95 -18.86 37.16
N LEU A 576 0.00 -19.79 37.29
CA LEU A 576 0.79 -20.21 36.16
C LEU A 576 -0.06 -20.82 35.06
N ARG A 577 -1.07 -21.60 35.44
CA ARG A 577 -1.87 -22.31 34.46
C ARG A 577 -2.98 -21.45 33.88
N TYR A 578 -3.72 -20.78 34.76
CA TYR A 578 -4.95 -20.11 34.34
C TYR A 578 -4.92 -18.61 34.51
N GLY A 579 -3.92 -18.08 35.19
CA GLY A 579 -3.92 -16.65 35.44
C GLY A 579 -5.14 -16.18 36.25
N PHE A 580 -5.72 -17.07 37.06
CA PHE A 580 -6.92 -16.78 37.87
C PHE A 580 -6.72 -15.61 38.79
N ARG A 581 -7.78 -14.87 39.07
CA ARG A 581 -7.66 -13.74 40.01
C ARG A 581 -7.49 -14.15 41.47
N PRO A 582 -6.90 -13.26 42.30
CA PRO A 582 -6.72 -13.67 43.68
C PRO A 582 -7.95 -14.21 44.42
N SER A 583 -9.10 -13.53 44.37
CA SER A 583 -10.28 -14.03 45.10
C SER A 583 -10.71 -15.42 44.62
N LYS A 584 -10.63 -15.63 43.31
CA LYS A 584 -10.82 -16.96 42.74
C LYS A 584 -9.84 -17.97 43.35
N ILE A 585 -8.58 -17.59 43.50
CA ILE A 585 -7.62 -18.50 44.18
C ILE A 585 -7.95 -18.78 45.66
N ALA A 586 -8.21 -17.74 46.44
CA ALA A 586 -8.65 -17.89 47.82
C ALA A 586 -9.84 -18.87 47.99
N PHE A 587 -10.90 -18.68 47.21
CA PHE A 587 -12.08 -19.56 47.16
C PHE A 587 -11.75 -21.07 46.96
N LEU A 588 -10.98 -21.37 45.91
CA LEU A 588 -10.58 -22.74 45.59
C LEU A 588 -9.73 -23.37 46.68
N ALA A 589 -8.71 -22.64 47.13
CA ALA A 589 -7.87 -23.09 48.23
C ALA A 589 -8.71 -23.28 49.49
N TRP A 590 -9.57 -22.32 49.80
CA TRP A 590 -10.42 -22.46 51.01
C TRP A 590 -11.33 -23.65 50.91
N HIS A 591 -11.89 -23.90 49.73
CA HIS A 591 -12.62 -25.15 49.52
C HIS A 591 -11.75 -26.42 49.63
N ALA A 592 -10.54 -26.41 49.05
CA ALA A 592 -9.64 -27.56 49.19
C ALA A 592 -9.12 -27.81 50.64
N TRP A 593 -8.93 -26.74 51.39
CA TRP A 593 -8.12 -26.80 52.61
C TRP A 593 -8.81 -26.54 53.93
N ASN A 594 -10.00 -25.94 53.94
CA ASN A 594 -10.56 -25.47 55.24
C ASN A 594 -10.91 -26.56 56.24
N ASP A 595 -11.34 -27.71 55.74
CA ASP A 595 -11.68 -28.87 56.57
C ASP A 595 -10.69 -30.00 56.27
N ALA A 596 -9.99 -30.45 57.30
CA ALA A 596 -9.00 -31.53 57.21
C ALA A 596 -9.58 -32.88 56.78
N GLU A 597 -10.85 -33.10 57.12
CA GLU A 597 -11.47 -34.40 56.89
C GLU A 597 -12.42 -34.42 55.69
N ARG A 598 -12.38 -33.36 54.88
CA ARG A 598 -13.11 -33.32 53.61
C ARG A 598 -12.11 -33.53 52.48
N GLY A 599 -12.56 -34.14 51.39
CA GLY A 599 -11.73 -34.41 50.24
C GLY A 599 -10.61 -35.39 50.55
N ASN A 600 -9.82 -35.72 49.54
CA ASN A 600 -8.80 -36.75 49.66
C ASN A 600 -7.41 -36.18 49.93
N TRP A 601 -6.55 -37.01 50.53
CA TRP A 601 -5.14 -36.68 50.66
C TRP A 601 -4.33 -37.69 49.87
N PRO A 602 -3.16 -37.27 49.37
CA PRO A 602 -2.26 -38.21 48.71
C PRO A 602 -1.59 -39.14 49.73
N PRO A 603 -1.01 -40.27 49.25
CA PRO A 603 -0.28 -41.20 50.13
C PRO A 603 0.96 -40.57 50.79
N GLY A 604 1.45 -41.18 51.87
CA GLY A 604 2.57 -40.64 52.62
C GLY A 604 2.18 -39.42 53.46
N PHE A 605 0.94 -39.41 53.92
CA PHE A 605 0.44 -38.40 54.87
C PHE A 605 -0.14 -39.08 56.11
N PRO A 606 0.64 -39.16 57.20
CA PRO A 606 0.09 -39.64 58.48
C PRO A 606 -0.96 -38.67 59.01
N LYS A 607 -2.03 -39.21 59.61
CA LYS A 607 -3.19 -38.44 60.07
C LYS A 607 -2.91 -37.25 61.04
N SER A 608 -1.65 -37.09 61.47
CA SER A 608 -1.26 -35.97 62.33
C SER A 608 -0.42 -34.93 61.58
N GLU A 609 -0.25 -35.15 60.29
CA GLU A 609 0.45 -34.22 59.42
C GLU A 609 -0.52 -33.69 58.37
N ARG A 610 -1.79 -33.65 58.75
CA ARG A 610 -2.86 -33.25 57.86
C ARG A 610 -3.63 -32.01 58.34
N PRO A 611 -3.06 -30.80 58.11
CA PRO A 611 -3.55 -29.49 58.61
C PRO A 611 -4.75 -28.83 57.90
N SER A 612 -5.45 -27.97 58.63
CA SER A 612 -6.47 -27.07 58.10
C SER A 612 -5.88 -25.69 57.94
N TYR A 613 -6.48 -24.88 57.06
CA TYR A 613 -6.16 -23.46 56.94
C TYR A 613 -7.45 -22.67 56.89
N SER A 614 -7.55 -21.62 57.70
CA SER A 614 -8.74 -20.77 57.68
C SER A 614 -8.63 -19.83 56.49
N LEU A 615 -9.73 -19.19 56.10
CA LEU A 615 -9.67 -18.14 55.10
C LEU A 615 -8.60 -17.06 55.42
N ALA A 616 -8.58 -16.59 56.67
CA ALA A 616 -7.59 -15.61 57.11
C ALA A 616 -6.17 -16.06 56.78
N GLU A 617 -5.91 -17.35 56.98
CA GLU A 617 -4.60 -17.92 56.68
C GLU A 617 -4.31 -17.88 55.18
N ILE A 618 -5.23 -18.47 54.39
CA ILE A 618 -5.23 -18.42 52.92
C ILE A 618 -5.02 -17.00 52.39
N ARG A 619 -5.77 -16.03 52.94
CA ARG A 619 -5.70 -14.62 52.52
C ARG A 619 -4.32 -13.98 52.76
N HIS A 620 -3.77 -14.27 53.93
CA HIS A 620 -2.48 -13.79 54.36
C HIS A 620 -1.39 -14.31 53.45
N TRP A 621 -1.35 -15.63 53.27
CA TRP A 621 -0.30 -16.23 52.49
C TRP A 621 -0.42 -15.87 51.04
N LEU A 622 -1.65 -15.57 50.60
CA LEU A 622 -1.90 -15.16 49.22
C LEU A 622 -1.40 -13.74 48.95
N GLN A 623 -1.60 -12.81 49.89
CA GLN A 623 -1.02 -11.48 49.78
C GLN A 623 0.50 -11.54 49.59
N ILE A 624 1.16 -12.33 50.43
CA ILE A 624 2.61 -12.54 50.28
C ILE A 624 2.85 -13.12 48.88
N PHE A 625 2.04 -14.10 48.48
CA PHE A 625 2.25 -14.74 47.16
C PHE A 625 2.23 -13.78 45.96
N VAL A 626 1.19 -12.96 45.84
CA VAL A 626 1.07 -12.10 44.67
C VAL A 626 2.19 -11.05 44.65
N GLN A 627 2.53 -10.55 45.83
CA GLN A 627 3.58 -9.56 46.02
C GLN A 627 4.94 -10.13 45.62
N ARG A 628 5.24 -11.33 46.08
CA ARG A 628 6.52 -11.94 45.79
C ARG A 628 6.60 -12.50 44.37
N PHE A 629 5.49 -13.01 43.86
CA PHE A 629 5.49 -13.66 42.53
C PHE A 629 5.45 -12.71 41.35
N TYR A 630 4.58 -11.70 41.43
CA TYR A 630 4.37 -10.76 40.31
C TYR A 630 5.33 -9.57 40.30
N SER A 631 5.87 -9.23 41.48
CA SER A 631 6.61 -8.00 41.68
C SER A 631 8.06 -8.27 42.06
N PHE A 632 8.27 -8.97 43.17
CA PHE A 632 9.62 -9.14 43.71
C PHE A 632 10.58 -10.05 42.91
N SER A 633 10.10 -11.23 42.51
CA SER A 633 10.96 -12.36 42.16
C SER A 633 11.42 -12.53 40.71
N GLN A 634 10.72 -11.88 39.78
CA GLN A 634 10.98 -12.09 38.36
C GLN A 634 12.43 -11.89 37.95
N PHE A 635 13.09 -10.86 38.48
CA PHE A 635 14.48 -10.66 38.09
C PHE A 635 15.34 -11.93 38.30
N LYS A 636 15.02 -12.72 39.32
CA LYS A 636 15.78 -13.94 39.64
C LYS A 636 15.52 -15.07 38.65
N ARG A 637 14.27 -15.18 38.23
CA ARG A 637 13.82 -16.07 37.16
C ARG A 637 14.32 -15.61 35.79
N SER A 638 14.59 -14.32 35.66
CA SER A 638 14.91 -13.73 34.36
C SER A 638 16.26 -14.21 33.80
N ALA A 639 17.25 -14.34 34.70
CA ALA A 639 18.56 -14.90 34.37
C ALA A 639 18.68 -16.35 34.89
N LEU A 640 17.87 -17.25 34.37
CA LEU A 640 17.77 -18.58 34.92
C LEU A 640 18.59 -19.61 34.10
N PRO A 641 19.36 -20.48 34.79
CA PRO A 641 20.04 -21.59 34.09
C PRO A 641 19.08 -22.52 33.35
N ASN A 642 19.65 -23.42 32.53
CA ASN A 642 18.87 -24.44 31.81
C ASN A 642 18.39 -25.57 32.72
N GLY A 643 17.35 -26.27 32.27
CA GLY A 643 16.70 -27.35 33.02
C GLY A 643 15.38 -27.70 32.36
N PRO A 644 14.89 -28.95 32.54
CA PRO A 644 13.67 -29.30 31.81
C PRO A 644 12.36 -28.87 32.50
N LYS A 645 11.36 -28.50 31.70
CA LYS A 645 9.99 -28.33 32.19
C LYS A 645 9.45 -29.68 32.64
N VAL A 646 8.67 -29.70 33.72
CA VAL A 646 8.22 -30.99 34.26
C VAL A 646 6.69 -31.18 34.32
N SER A 647 5.97 -30.18 34.81
CA SER A 647 4.56 -30.30 35.14
C SER A 647 3.65 -29.70 34.07
N HIS A 648 2.55 -30.38 33.74
CA HIS A 648 1.55 -29.79 32.84
C HIS A 648 1.11 -28.42 33.34
N GLY A 649 1.18 -28.21 34.66
CA GLY A 649 0.88 -26.92 35.25
C GLY A 649 1.81 -25.79 34.85
N GLY A 650 3.04 -26.12 34.44
CA GLY A 650 4.01 -25.10 34.01
C GLY A 650 5.40 -25.23 34.59
N ALA A 651 6.30 -24.38 34.09
CA ALA A 651 7.63 -24.20 34.65
C ALA A 651 7.76 -22.69 34.70
N LEU A 652 8.94 -22.18 35.03
CA LEU A 652 9.05 -20.73 35.22
C LEU A 652 10.18 -20.05 34.44
N SER A 653 10.61 -20.74 33.39
CA SER A 653 11.66 -20.31 32.49
C SER A 653 11.26 -19.09 31.68
N PRO A 654 12.12 -18.07 31.63
CA PRO A 654 11.75 -16.90 30.83
C PRO A 654 11.93 -17.15 29.32
N ARG A 655 12.48 -18.32 28.97
CA ARG A 655 12.56 -18.83 27.59
C ARG A 655 11.35 -19.72 27.22
N GLY A 656 10.50 -19.98 28.21
CA GLY A 656 9.38 -20.89 28.04
C GLY A 656 8.10 -20.29 28.59
N ASP A 657 7.62 -20.84 29.70
CA ASP A 657 6.23 -20.66 30.15
C ASP A 657 5.94 -19.33 30.76
N TRP A 658 6.95 -18.59 31.18
CA TRP A 658 6.64 -17.38 31.90
C TRP A 658 7.51 -16.21 31.48
N ARG A 659 6.91 -15.34 30.65
CA ARG A 659 7.51 -14.07 30.28
C ARG A 659 6.83 -12.98 31.08
N ALA A 660 7.60 -12.26 31.88
CA ALA A 660 7.03 -11.18 32.66
C ALA A 660 8.10 -10.10 32.83
N PRO A 661 7.68 -8.86 33.16
CA PRO A 661 8.67 -7.85 33.49
C PRO A 661 9.40 -8.10 34.82
N SER A 662 10.67 -7.73 34.87
CA SER A 662 11.39 -7.75 36.12
C SER A 662 11.15 -6.48 36.92
N ASP A 663 10.32 -5.56 36.42
CA ASP A 663 10.24 -4.23 37.05
C ASP A 663 8.83 -3.69 37.37
N MET A 664 7.96 -4.61 37.79
CA MET A 664 6.54 -4.36 37.89
C MET A 664 6.06 -4.46 39.32
N SER A 665 5.12 -3.61 39.66
CA SER A 665 4.45 -3.62 40.93
C SER A 665 3.32 -4.66 40.93
N ALA A 666 2.90 -5.11 42.11
CA ALA A 666 1.75 -6.01 42.25
C ALA A 666 0.53 -5.33 42.88
N ARG A 667 0.45 -3.99 42.80
CA ARG A 667 -0.62 -3.22 43.42
C ARG A 667 -2.00 -3.75 43.10
N ILE A 668 -2.19 -4.02 41.82
CA ILE A 668 -3.45 -4.54 41.24
C ILE A 668 -3.98 -5.79 41.97
N TRP A 669 -3.10 -6.75 42.22
CA TRP A 669 -3.46 -8.00 42.86
C TRP A 669 -3.68 -7.87 44.35
N LEU A 670 -2.81 -7.12 45.03
CA LEU A 670 -3.08 -6.76 46.44
C LEU A 670 -4.39 -5.99 46.63
N ASP A 671 -4.72 -5.08 45.71
CA ASP A 671 -5.97 -4.32 45.76
C ASP A 671 -7.16 -5.24 45.58
N GLN A 672 -7.02 -6.22 44.69
CA GLN A 672 -8.09 -7.18 44.44
C GLN A 672 -8.39 -7.97 45.73
N ILE A 673 -7.33 -8.38 46.44
CA ILE A 673 -7.50 -9.05 47.73
C ILE A 673 -8.25 -8.17 48.74
N ASP A 674 -7.84 -6.91 48.91
CA ASP A 674 -8.48 -6.02 49.88
C ASP A 674 -9.99 -5.91 49.66
N ARG A 675 -10.39 -5.70 48.40
CA ARG A 675 -11.77 -5.49 48.02
C ARG A 675 -12.63 -6.77 47.98
N GLU A 676 -12.03 -7.89 47.60
CA GLU A 676 -12.84 -9.07 47.32
C GLU A 676 -12.84 -10.18 48.38
N VAL A 677 -11.79 -10.21 49.20
CA VAL A 677 -11.60 -11.32 50.13
C VAL A 677 -11.86 -10.87 51.56
N PRO A 678 -12.82 -11.51 52.23
CA PRO A 678 -13.12 -11.20 53.62
C PRO A 678 -11.89 -11.42 54.49
N LYS A 679 -11.77 -10.64 55.57
CA LYS A 679 -10.63 -10.75 56.50
C LYS A 679 -10.62 -12.04 57.34
N GLY A 680 -11.78 -12.70 57.44
CA GLY A 680 -11.90 -13.95 58.16
C GLY A 680 -12.98 -14.85 57.57
N MET B 2 -19.66 34.82 10.15
CA MET B 2 -18.40 33.99 10.24
C MET B 2 -17.48 34.59 11.25
N ASN B 3 -16.89 33.76 12.11
CA ASN B 3 -15.77 34.19 12.93
C ASN B 3 -14.46 33.97 12.18
N PHE B 4 -13.90 35.10 11.76
CA PHE B 4 -12.78 35.10 10.84
C PHE B 4 -11.53 34.44 11.47
N TYR B 5 -11.37 34.65 12.77
CA TYR B 5 -10.21 34.18 13.54
C TYR B 5 -10.34 32.75 14.10
N SER B 6 -11.40 32.04 13.74
CA SER B 6 -11.63 30.64 14.10
C SER B 6 -10.92 29.70 13.13
N ALA B 7 -9.97 28.94 13.65
CA ALA B 7 -9.30 27.92 12.85
C ALA B 7 -10.28 26.87 12.34
N TYR B 8 -11.22 26.46 13.20
CA TYR B 8 -12.25 25.46 12.88
C TYR B 8 -13.14 25.93 11.74
N GLN B 9 -13.63 27.16 11.83
CA GLN B 9 -14.42 27.71 10.75
C GLN B 9 -13.65 27.86 9.39
N HIS B 10 -12.33 27.79 9.43
CA HIS B 10 -11.56 27.85 8.23
C HIS B 10 -11.14 26.49 7.74
N GLY B 11 -11.71 25.42 8.33
CA GLY B 11 -11.53 24.05 7.82
C GLY B 11 -10.38 23.30 8.42
N PHE B 12 -9.89 23.83 9.53
CA PHE B 12 -8.84 23.19 10.35
C PHE B 12 -9.40 22.21 11.39
N VAL B 13 -8.62 21.18 11.69
CA VAL B 13 -8.95 20.26 12.77
C VAL B 13 -7.75 20.13 13.72
N ARG B 14 -7.97 20.49 15.00
CA ARG B 14 -6.88 20.44 15.97
C ARG B 14 -6.67 19.03 16.52
N VAL B 15 -5.52 18.48 16.20
CA VAL B 15 -5.20 17.08 16.41
C VAL B 15 -4.02 16.95 17.41
N ALA B 16 -4.04 15.95 18.28
CA ALA B 16 -2.97 15.76 19.31
C ALA B 16 -2.48 14.30 19.39
N ALA B 17 -1.16 14.11 19.35
CA ALA B 17 -0.55 12.80 19.63
C ALA B 17 0.15 12.88 21.02
N CYS B 18 -0.26 12.03 21.96
CA CYS B 18 0.20 12.10 23.34
C CYS B 18 1.03 10.88 23.77
N THR B 19 2.11 11.12 24.49
CA THR B 19 2.79 10.04 25.19
C THR B 19 2.65 10.26 26.69
N HIS B 20 1.93 9.33 27.33
CA HIS B 20 1.60 9.41 28.78
C HIS B 20 2.68 8.73 29.57
N HIS B 21 2.52 8.74 30.88
CA HIS B 21 3.44 7.99 31.72
C HIS B 21 2.85 6.62 31.95
N THR B 22 3.54 5.60 31.46
CA THR B 22 3.04 4.24 31.66
C THR B 22 3.43 3.71 33.04
N THR B 23 2.44 3.16 33.75
CA THR B 23 2.68 2.38 34.97
C THR B 23 2.27 0.95 34.63
N ILE B 24 3.24 0.11 34.29
CA ILE B 24 2.97 -1.23 33.79
C ILE B 24 2.16 -2.05 34.78
N GLY B 25 1.15 -2.77 34.26
CA GLY B 25 0.32 -3.63 35.08
C GLY B 25 -0.60 -2.85 36.02
N ASP B 26 -0.70 -1.54 35.85
CA ASP B 26 -1.57 -0.72 36.70
C ASP B 26 -2.50 0.18 35.89
N PRO B 27 -3.59 -0.39 35.37
CA PRO B 27 -4.48 0.39 34.52
C PRO B 27 -5.00 1.67 35.16
N ALA B 28 -5.37 1.66 36.43
CA ALA B 28 -5.99 2.87 37.01
C ALA B 28 -5.06 4.05 36.94
N ALA B 29 -3.76 3.79 37.06
CA ALA B 29 -2.76 4.84 37.02
C ALA B 29 -2.50 5.29 35.58
N ASN B 30 -2.56 4.37 34.63
CA ASN B 30 -2.49 4.79 33.23
C ASN B 30 -3.69 5.67 32.81
N ALA B 31 -4.88 5.30 33.27
CA ALA B 31 -6.10 6.07 33.04
C ALA B 31 -6.00 7.47 33.68
N ALA B 32 -5.32 7.55 34.81
CA ALA B 32 -5.10 8.82 35.46
C ALA B 32 -4.19 9.72 34.60
N SER B 33 -3.14 9.15 34.03
CA SER B 33 -2.22 9.92 33.18
C SER B 33 -2.91 10.31 31.85
N VAL B 34 -3.55 9.35 31.18
CA VAL B 34 -4.46 9.63 30.07
C VAL B 34 -5.51 10.75 30.35
N LEU B 35 -6.27 10.67 31.45
CA LEU B 35 -7.29 11.70 31.77
C LEU B 35 -6.68 13.07 31.95
N ASP B 36 -5.56 13.14 32.64
CA ASP B 36 -4.87 14.42 32.80
C ASP B 36 -4.52 15.05 31.44
N MET B 37 -4.02 14.25 30.51
CA MET B 37 -3.55 14.75 29.25
C MET B 37 -4.70 15.09 28.32
N ALA B 38 -5.78 14.34 28.39
CA ALA B 38 -7.00 14.66 27.65
C ALA B 38 -7.66 15.98 28.12
N ARG B 39 -7.59 16.32 29.40
CA ARG B 39 -8.09 17.62 29.85
C ARG B 39 -7.23 18.78 29.30
N ALA B 40 -5.92 18.55 29.20
CA ALA B 40 -4.99 19.50 28.59
C ALA B 40 -5.35 19.72 27.12
N CYS B 41 -5.76 18.65 26.45
CA CYS B 41 -6.14 18.70 25.04
C CYS B 41 -7.43 19.40 24.83
N HIS B 42 -8.38 19.05 25.67
CA HIS B 42 -9.64 19.75 25.73
C HIS B 42 -9.39 21.28 25.89
N ASP B 43 -8.54 21.70 26.83
CA ASP B 43 -8.28 23.14 27.05
C ASP B 43 -7.74 23.85 25.81
N ASP B 44 -6.99 23.08 25.02
CA ASP B 44 -6.36 23.51 23.78
C ASP B 44 -7.33 23.55 22.61
N GLY B 45 -8.59 23.16 22.87
CA GLY B 45 -9.61 23.04 21.84
C GLY B 45 -9.35 21.92 20.83
N ALA B 46 -8.60 20.87 21.20
CA ALA B 46 -8.26 19.74 20.24
C ALA B 46 -9.42 18.77 20.05
N ALA B 47 -9.45 18.11 18.88
CA ALA B 47 -10.58 17.27 18.47
C ALA B 47 -10.24 15.78 18.49
N LEU B 48 -8.96 15.50 18.70
CA LEU B 48 -8.48 14.15 18.66
C LEU B 48 -7.26 14.07 19.60
N ALA B 49 -7.19 13.01 20.41
CA ALA B 49 -6.02 12.67 21.20
C ALA B 49 -5.63 11.17 21.04
N VAL B 50 -4.53 10.91 20.35
CA VAL B 50 -4.03 9.55 20.16
C VAL B 50 -2.97 9.21 21.22
N PHE B 51 -3.19 8.13 21.98
CA PHE B 51 -2.22 7.65 22.95
C PHE B 51 -1.43 6.43 22.43
N PRO B 52 -0.41 5.98 23.17
CA PRO B 52 0.41 4.81 22.74
C PRO B 52 -0.29 3.43 22.71
N GLU B 53 0.35 2.45 22.07
CA GLU B 53 -0.18 1.11 22.03
C GLU B 53 -0.38 0.52 23.45
N LEU B 54 -1.55 -0.08 23.68
CA LEU B 54 -1.89 -0.74 24.95
C LEU B 54 -1.78 0.21 26.13
N THR B 55 -2.13 1.47 25.87
CA THR B 55 -2.11 2.53 26.85
C THR B 55 -2.44 2.05 28.27
N LEU B 56 -3.58 1.41 28.42
CA LEU B 56 -4.15 1.10 29.71
C LEU B 56 -3.44 -0.01 30.49
N SER B 57 -2.70 -0.86 29.78
CA SER B 57 -1.99 -1.96 30.46
C SER B 57 -0.50 -1.71 30.56
N GLY B 58 0.05 -0.94 29.65
CA GLY B 58 1.47 -1.02 29.33
C GLY B 58 1.65 -2.05 28.21
N TYR B 59 2.44 -1.68 27.20
CA TYR B 59 2.64 -2.56 26.04
C TYR B 59 3.51 -3.73 26.46
N SER B 60 4.50 -3.47 27.32
CA SER B 60 5.64 -4.37 27.52
C SER B 60 5.48 -5.49 28.58
N ILE B 61 4.24 -5.76 29.03
CA ILE B 61 4.04 -6.64 30.18
C ILE B 61 3.96 -8.13 29.84
N GLU B 62 4.11 -8.49 28.58
CA GLU B 62 4.18 -9.90 28.17
C GLU B 62 3.03 -10.79 28.73
N ASP B 63 3.33 -11.86 29.46
CA ASP B 63 2.20 -12.68 29.90
C ASP B 63 1.36 -12.09 30.99
N VAL B 64 1.73 -10.95 31.54
CA VAL B 64 0.87 -10.35 32.53
C VAL B 64 -0.45 -9.94 31.83
N LEU B 65 -0.40 -9.83 30.49
CA LEU B 65 -1.58 -9.57 29.66
C LEU B 65 -2.67 -10.61 29.82
N LEU B 66 -2.25 -11.85 30.09
CA LEU B 66 -3.15 -13.00 30.20
C LEU B 66 -3.69 -13.20 31.63
N GLN B 67 -3.35 -12.30 32.54
CA GLN B 67 -3.81 -12.44 33.92
C GLN B 67 -5.15 -11.78 34.08
N ASP B 68 -6.11 -12.55 34.58
CA ASP B 68 -7.44 -12.04 34.87
C ASP B 68 -7.59 -10.74 35.58
N SER B 69 -6.76 -10.46 36.59
CA SER B 69 -6.94 -9.23 37.37
C SER B 69 -6.49 -8.02 36.55
N LEU B 70 -5.55 -8.28 35.65
CA LEU B 70 -5.06 -7.27 34.73
C LEU B 70 -6.18 -6.82 33.79
N LEU B 71 -6.91 -7.77 33.24
CA LEU B 71 -7.99 -7.50 32.30
C LEU B 71 -9.22 -6.88 32.96
N ASP B 72 -9.62 -7.41 34.11
CA ASP B 72 -10.67 -6.77 34.88
C ASP B 72 -10.34 -5.31 35.15
N ALA B 73 -9.10 -5.03 35.59
CA ALA B 73 -8.71 -3.65 35.90
C ALA B 73 -8.65 -2.78 34.66
N VAL B 74 -8.19 -3.34 33.52
CA VAL B 74 -8.23 -2.63 32.25
C VAL B 74 -9.66 -2.18 31.96
N GLU B 75 -10.62 -3.11 32.05
CA GLU B 75 -12.01 -2.82 31.71
C GLU B 75 -12.65 -1.78 32.66
N ASP B 76 -12.35 -1.88 33.94
CA ASP B 76 -12.84 -0.91 34.93
C ASP B 76 -12.25 0.49 34.72
N ALA B 77 -11.04 0.52 34.12
CA ALA B 77 -10.37 1.78 33.94
C ALA B 77 -10.94 2.41 32.70
N LEU B 78 -11.12 1.59 31.68
CA LEU B 78 -11.76 1.99 30.45
C LEU B 78 -13.11 2.59 30.74
N LEU B 79 -14.00 1.84 31.37
CA LEU B 79 -15.32 2.35 31.74
C LEU B 79 -15.24 3.68 32.48
N ASP B 80 -14.29 3.83 33.37
CA ASP B 80 -14.14 5.14 34.03
C ASP B 80 -13.66 6.26 33.09
N LEU B 81 -12.75 5.94 32.18
CA LEU B 81 -12.31 6.89 31.16
C LEU B 81 -13.46 7.35 30.30
N VAL B 82 -14.20 6.36 29.79
CA VAL B 82 -15.39 6.60 29.01
C VAL B 82 -16.28 7.55 29.80
N THR B 83 -16.54 7.29 31.08
CA THR B 83 -17.43 8.15 31.90
C THR B 83 -16.97 9.61 31.94
N GLU B 84 -15.66 9.81 31.93
CA GLU B 84 -15.05 11.12 32.16
C GLU B 84 -15.02 12.00 30.91
N SER B 85 -15.14 11.36 29.77
CA SER B 85 -15.06 12.04 28.48
C SER B 85 -16.38 12.73 28.21
N ALA B 86 -17.42 12.38 28.98
CA ALA B 86 -18.72 13.03 28.81
C ALA B 86 -18.55 14.53 28.70
N ASP B 87 -17.54 15.02 29.41
CA ASP B 87 -17.27 16.43 29.46
C ASP B 87 -16.08 16.91 28.64
N LEU B 88 -15.50 16.01 27.86
CA LEU B 88 -14.28 16.30 27.15
C LEU B 88 -14.47 16.47 25.64
N LEU B 89 -14.09 17.63 25.13
CA LEU B 89 -14.19 17.92 23.70
C LEU B 89 -13.58 16.85 22.74
N PRO B 90 -12.30 16.43 22.96
CA PRO B 90 -11.68 15.57 21.92
C PRO B 90 -12.19 14.15 21.94
N VAL B 91 -12.07 13.53 20.77
CA VAL B 91 -12.21 12.11 20.63
C VAL B 91 -10.90 11.52 21.16
N LEU B 92 -10.99 10.62 22.14
CA LEU B 92 -9.81 9.89 22.68
C LEU B 92 -9.59 8.58 21.96
N VAL B 93 -8.35 8.27 21.64
CA VAL B 93 -8.02 6.98 21.05
C VAL B 93 -6.99 6.29 21.95
N VAL B 94 -7.44 5.26 22.67
CA VAL B 94 -6.75 4.73 23.83
C VAL B 94 -6.57 3.23 23.67
N GLY B 95 -5.33 2.76 23.84
CA GLY B 95 -5.01 1.34 23.65
C GLY B 95 -5.46 0.54 24.87
N ALA B 96 -5.86 -0.70 24.63
CA ALA B 96 -6.30 -1.62 25.69
C ALA B 96 -6.25 -3.03 25.15
N PRO B 97 -5.81 -3.99 25.99
CA PRO B 97 -5.98 -5.44 25.73
C PRO B 97 -7.39 -5.85 26.17
N LEU B 98 -8.18 -6.32 25.22
CA LEU B 98 -9.59 -6.59 25.47
C LEU B 98 -9.96 -8.00 25.03
N ARG B 99 -10.84 -8.60 25.84
CA ARG B 99 -11.43 -9.90 25.53
C ARG B 99 -12.56 -9.72 24.54
N HIS B 100 -12.49 -10.57 23.54
CA HIS B 100 -13.58 -10.76 22.63
C HIS B 100 -13.50 -12.21 22.11
N ARG B 101 -14.64 -12.91 22.18
CA ARG B 101 -14.70 -14.34 21.81
C ARG B 101 -13.69 -15.21 22.59
N HIS B 102 -12.68 -15.75 21.91
CA HIS B 102 -11.75 -16.71 22.53
C HIS B 102 -10.49 -16.08 23.12
N ARG B 103 -10.10 -14.94 22.58
CA ARG B 103 -8.83 -14.38 22.95
C ARG B 103 -8.90 -12.94 23.39
N ILE B 104 -7.72 -12.38 23.70
CA ILE B 104 -7.59 -10.93 23.85
C ILE B 104 -7.00 -10.34 22.58
N TYR B 105 -7.48 -9.14 22.31
CA TYR B 105 -7.02 -8.37 21.18
C TYR B 105 -6.21 -7.16 21.61
N ASN B 106 -5.25 -6.79 20.77
CA ASN B 106 -4.51 -5.56 20.91
C ASN B 106 -5.38 -4.45 20.30
N THR B 107 -6.15 -3.73 21.14
CA THR B 107 -7.12 -2.80 20.60
C THR B 107 -6.84 -1.34 20.80
N ALA B 108 -7.47 -0.51 19.97
CA ALA B 108 -7.65 0.92 20.22
C ALA B 108 -9.12 1.19 20.43
N VAL B 109 -9.46 1.86 21.51
CA VAL B 109 -10.85 2.15 21.81
C VAL B 109 -11.07 3.63 21.45
N VAL B 110 -12.05 3.92 20.59
CA VAL B 110 -12.36 5.31 20.23
C VAL B 110 -13.48 5.90 21.13
N ILE B 111 -13.18 6.95 21.88
CA ILE B 111 -14.09 7.40 22.95
C ILE B 111 -14.49 8.83 22.68
N HIS B 112 -15.78 9.10 22.71
CA HIS B 112 -16.19 10.46 22.53
C HIS B 112 -17.42 10.79 23.39
N ARG B 113 -17.33 11.90 24.12
CA ARG B 113 -18.48 12.46 24.89
C ARG B 113 -19.34 11.40 25.58
N GLY B 114 -18.74 10.55 26.41
CA GLY B 114 -19.52 9.61 27.22
C GLY B 114 -19.73 8.24 26.59
N ALA B 115 -19.45 8.11 25.31
CA ALA B 115 -19.69 6.83 24.62
C ALA B 115 -18.44 6.32 23.96
N VAL B 116 -18.37 5.01 23.76
CA VAL B 116 -17.39 4.39 22.89
C VAL B 116 -17.99 4.32 21.50
N LEU B 117 -17.20 4.74 20.51
CA LEU B 117 -17.61 4.79 19.12
C LEU B 117 -17.26 3.48 18.38
N GLY B 118 -16.17 2.84 18.78
CA GLY B 118 -15.76 1.62 18.14
C GLY B 118 -14.53 1.07 18.81
N VAL B 119 -14.15 -0.15 18.40
CA VAL B 119 -13.00 -0.80 18.96
C VAL B 119 -12.18 -1.45 17.82
N VAL B 120 -10.91 -1.06 17.70
CA VAL B 120 -10.13 -1.43 16.53
C VAL B 120 -8.97 -2.37 16.90
N PRO B 121 -9.08 -3.63 16.47
CA PRO B 121 -7.97 -4.52 16.75
C PRO B 121 -6.74 -4.28 15.86
N LYS B 122 -5.56 -4.45 16.43
CA LYS B 122 -4.33 -4.46 15.64
C LYS B 122 -4.43 -5.57 14.60
N SER B 123 -3.99 -5.30 13.39
CA SER B 123 -4.17 -6.26 12.31
C SER B 123 -3.04 -7.26 12.26
N TYR B 124 -1.82 -6.74 12.32
CA TYR B 124 -0.61 -7.54 12.20
C TYR B 124 0.21 -7.50 13.47
N LEU B 125 0.42 -8.70 14.02
CA LEU B 125 1.10 -8.89 15.30
C LEU B 125 2.54 -9.43 15.17
N PRO B 126 3.55 -8.54 15.26
CA PRO B 126 4.90 -9.00 15.09
C PRO B 126 5.29 -10.04 16.13
N THR B 127 5.88 -11.11 15.63
CA THR B 127 6.28 -12.25 16.39
C THR B 127 7.61 -12.62 15.77
N TYR B 128 8.59 -11.80 16.09
CA TYR B 128 9.94 -11.94 15.57
C TYR B 128 10.84 -11.01 16.33
N ARG B 129 12.12 -11.34 16.34
CA ARG B 129 13.15 -10.57 17.04
C ARG B 129 12.73 -10.30 18.47
N GLU B 130 12.44 -9.05 18.79
CA GLU B 130 12.12 -8.69 20.17
C GLU B 130 10.63 -8.69 20.43
N PHE B 131 9.83 -8.99 19.40
CA PHE B 131 8.35 -8.96 19.49
C PHE B 131 7.79 -10.36 19.59
N TYR B 132 6.82 -10.52 20.49
CA TYR B 132 6.27 -11.83 20.86
C TYR B 132 4.74 -11.82 20.90
N GLU B 133 4.15 -10.87 20.14
CA GLU B 133 2.72 -10.48 20.29
C GLU B 133 1.70 -11.56 20.02
N ARG B 134 2.02 -12.48 19.12
CA ARG B 134 1.10 -13.56 18.84
C ARG B 134 0.99 -14.59 19.98
N ARG B 135 2.00 -14.68 20.84
CA ARG B 135 1.90 -15.50 22.03
C ARG B 135 0.68 -15.11 22.91
N GLN B 136 0.47 -13.82 23.15
CA GLN B 136 -0.61 -13.39 24.07
C GLN B 136 -1.89 -12.88 23.39
N MET B 137 -1.77 -12.56 22.10
CA MET B 137 -2.80 -11.78 21.43
C MET B 137 -3.18 -12.29 20.05
N ALA B 138 -4.47 -12.14 19.75
CA ALA B 138 -5.03 -12.52 18.47
C ALA B 138 -4.97 -11.46 17.40
N PRO B 139 -4.66 -11.85 16.14
CA PRO B 139 -4.72 -10.92 14.99
C PRO B 139 -6.13 -10.35 14.82
N GLY B 140 -6.24 -9.08 14.43
CA GLY B 140 -7.54 -8.44 14.26
C GLY B 140 -7.98 -8.40 12.81
N ASP B 141 -7.13 -8.89 11.89
CA ASP B 141 -7.41 -8.75 10.48
C ASP B 141 -8.60 -9.63 10.10
N GLY B 142 -9.47 -9.15 9.21
CA GLY B 142 -10.72 -9.89 8.94
C GLY B 142 -11.79 -9.90 10.04
N GLU B 143 -11.59 -9.24 11.18
CA GLU B 143 -12.63 -9.28 12.24
C GLU B 143 -13.64 -8.19 12.06
N ARG B 144 -14.92 -8.55 12.22
CA ARG B 144 -16.02 -7.57 12.12
C ARG B 144 -17.01 -7.71 13.26
N GLY B 145 -18.25 -7.30 13.04
CA GLY B 145 -19.26 -7.50 14.05
C GLY B 145 -19.09 -6.47 15.13
N THR B 146 -19.49 -6.80 16.36
CA THR B 146 -19.54 -5.82 17.49
C THR B 146 -18.87 -6.42 18.73
N ILE B 147 -18.81 -5.66 19.82
CA ILE B 147 -18.09 -6.06 21.03
C ILE B 147 -18.77 -5.42 22.22
N ARG B 148 -18.87 -6.15 23.33
CA ARG B 148 -19.69 -5.69 24.45
C ARG B 148 -18.77 -4.93 25.36
N ILE B 149 -18.97 -3.63 25.45
CA ILE B 149 -18.19 -2.81 26.35
C ILE B 149 -19.16 -2.15 27.30
N GLY B 150 -19.14 -2.63 28.54
CA GLY B 150 -19.99 -2.10 29.62
C GLY B 150 -21.41 -1.80 29.18
N GLY B 151 -22.18 -2.82 28.82
CA GLY B 151 -23.60 -2.64 28.48
C GLY B 151 -23.98 -2.10 27.11
N ALA B 152 -22.99 -1.76 26.29
CA ALA B 152 -23.27 -1.34 24.94
C ALA B 152 -22.59 -2.31 23.97
N ASP B 153 -23.22 -2.55 22.82
CA ASP B 153 -22.55 -3.30 21.74
C ASP B 153 -22.04 -2.26 20.78
N VAL B 154 -20.73 -2.06 20.75
CA VAL B 154 -20.14 -1.02 19.92
C VAL B 154 -19.45 -1.75 18.75
N ALA B 155 -19.19 -1.07 17.63
CA ALA B 155 -18.57 -1.73 16.45
C ALA B 155 -17.18 -2.22 16.77
N PHE B 156 -16.83 -3.36 16.27
CA PHE B 156 -15.53 -3.88 16.52
C PHE B 156 -14.99 -4.23 15.15
N GLY B 157 -13.79 -3.79 14.82
CA GLY B 157 -13.07 -4.37 13.65
C GLY B 157 -12.19 -3.38 12.93
N THR B 158 -11.56 -3.86 11.84
CA THR B 158 -10.54 -3.12 11.13
C THR B 158 -11.07 -2.22 10.01
N ASP B 159 -12.36 -2.40 9.68
CA ASP B 159 -13.05 -1.60 8.66
C ASP B 159 -13.88 -0.40 9.25
N LEU B 160 -13.37 0.33 10.24
CA LEU B 160 -14.20 1.45 10.82
C LEU B 160 -13.74 2.85 10.41
N LEU B 161 -14.66 3.72 10.03
CA LEU B 161 -14.37 5.12 9.81
C LEU B 161 -15.17 5.96 10.85
N PHE B 162 -14.59 7.00 11.41
CA PHE B 162 -15.33 7.88 12.36
C PHE B 162 -15.48 9.28 11.79
N ALA B 163 -16.68 9.62 11.34
CA ALA B 163 -16.87 10.87 10.62
C ALA B 163 -17.57 11.93 11.48
N ALA B 164 -17.00 13.13 11.56
CA ALA B 164 -17.68 14.26 12.28
C ALA B 164 -18.83 14.81 11.44
N SER B 165 -20.06 14.41 11.75
CA SER B 165 -21.25 14.92 11.06
C SER B 165 -21.26 16.48 10.92
N ASP B 166 -20.64 17.20 11.85
CA ASP B 166 -20.53 18.63 11.72
C ASP B 166 -19.18 19.11 11.24
N LEU B 167 -18.40 18.24 10.60
CA LEU B 167 -17.09 18.64 10.12
C LEU B 167 -16.56 17.59 9.18
N PRO B 168 -17.12 17.54 7.96
CA PRO B 168 -16.96 16.46 6.97
C PRO B 168 -15.56 16.16 6.51
N GLY B 169 -14.66 17.13 6.65
CA GLY B 169 -13.23 16.95 6.27
C GLY B 169 -12.50 16.11 7.30
N PHE B 170 -13.09 16.03 8.50
CA PHE B 170 -12.58 15.11 9.54
C PHE B 170 -13.16 13.67 9.46
N VAL B 171 -12.42 12.77 8.85
CA VAL B 171 -12.85 11.38 8.79
C VAL B 171 -11.70 10.57 9.32
N LEU B 172 -11.93 9.92 10.47
CA LEU B 172 -10.91 9.22 11.27
C LEU B 172 -10.81 7.69 11.05
N HIS B 173 -9.59 7.22 10.79
CA HIS B 173 -9.25 5.79 10.79
C HIS B 173 -8.11 5.49 11.75
N VAL B 174 -8.16 4.34 12.41
CA VAL B 174 -7.16 3.99 13.41
C VAL B 174 -6.42 2.69 13.01
N GLU B 175 -5.11 2.69 13.12
CA GLU B 175 -4.38 1.42 12.94
C GLU B 175 -3.31 1.33 14.06
N ILE B 176 -2.67 0.19 14.23
CA ILE B 176 -1.80 0.07 15.39
C ILE B 176 -0.42 -0.41 15.02
N CYS B 177 0.56 0.40 15.40
CA CYS B 177 1.96 0.19 15.18
C CYS B 177 2.31 -0.53 13.86
N GLU B 178 2.47 -1.84 13.91
CA GLU B 178 3.02 -2.67 12.81
C GLU B 178 2.05 -2.68 11.62
N ASP B 179 0.84 -2.20 11.88
CA ASP B 179 -0.16 -2.09 10.85
C ASP B 179 0.29 -1.15 9.76
N MET B 180 1.17 -0.20 10.07
CA MET B 180 1.63 0.69 9.02
C MET B 180 2.90 0.24 8.26
N PHE B 181 3.46 -0.93 8.58
CA PHE B 181 4.78 -1.37 8.07
C PHE B 181 4.71 -2.46 7.02
N VAL B 182 3.49 -2.92 6.76
CA VAL B 182 3.26 -4.06 5.85
C VAL B 182 2.94 -3.49 4.49
N PRO B 183 3.33 -4.22 3.41
CA PRO B 183 3.06 -3.74 2.07
C PRO B 183 1.69 -3.09 1.83
N MET B 184 0.63 -3.63 2.41
CA MET B 184 -0.69 -3.15 2.14
C MET B 184 -1.35 -2.76 3.49
N PRO B 185 -0.98 -1.60 4.04
CA PRO B 185 -1.52 -1.16 5.35
C PRO B 185 -3.03 -1.13 5.39
N PRO B 186 -3.64 -1.50 6.53
CA PRO B 186 -5.07 -1.14 6.71
C PRO B 186 -5.38 0.30 6.33
N SER B 187 -4.46 1.22 6.62
CA SER B 187 -4.79 2.63 6.48
C SER B 187 -4.81 3.09 5.00
N ALA B 188 -4.10 2.38 4.09
CA ALA B 188 -4.13 2.77 2.69
C ALA B 188 -5.56 2.58 2.09
N GLU B 189 -6.14 1.42 2.35
CA GLU B 189 -7.53 1.14 2.02
C GLU B 189 -8.49 2.10 2.73
N ALA B 190 -8.28 2.38 4.00
CA ALA B 190 -9.15 3.35 4.71
C ALA B 190 -9.18 4.74 4.05
N ALA B 191 -8.01 5.26 3.66
CA ALA B 191 -7.93 6.53 2.94
C ALA B 191 -8.79 6.51 1.66
N LEU B 192 -8.64 5.46 0.82
CA LEU B 192 -9.48 5.31 -0.37
C LEU B 192 -10.97 5.29 0.00
N ALA B 193 -11.29 4.65 1.10
CA ALA B 193 -12.67 4.63 1.55
C ALA B 193 -13.12 5.99 2.05
N GLY B 194 -12.19 6.91 2.31
CA GLY B 194 -12.58 8.26 2.72
C GLY B 194 -12.03 8.77 4.04
N ALA B 195 -11.16 7.98 4.66
CA ALA B 195 -10.44 8.47 5.85
C ALA B 195 -9.40 9.54 5.41
N THR B 196 -9.40 10.68 6.13
CA THR B 196 -8.56 11.85 5.88
C THR B 196 -7.51 12.02 7.02
N VAL B 197 -7.81 11.41 8.16
CA VAL B 197 -6.92 11.46 9.33
C VAL B 197 -6.63 10.05 9.82
N LEU B 198 -5.38 9.63 9.69
CA LEU B 198 -4.99 8.28 10.08
C LEU B 198 -4.28 8.28 11.45
N ALA B 199 -4.86 7.60 12.45
CA ALA B 199 -4.14 7.44 13.73
C ALA B 199 -3.36 6.14 13.83
N ASN B 200 -2.22 6.22 14.49
CA ASN B 200 -1.40 5.07 14.77
C ASN B 200 -0.99 5.08 16.24
N LEU B 201 -1.42 4.11 17.01
CA LEU B 201 -0.89 3.97 18.36
C LEU B 201 0.24 2.95 18.29
N SER B 202 1.38 3.33 18.83
CA SER B 202 2.58 2.55 18.79
C SER B 202 3.12 2.21 20.18
N GLY B 203 3.79 1.06 20.24
CA GLY B 203 4.54 0.66 21.43
C GLY B 203 5.95 1.02 21.06
N SER B 204 6.51 0.21 20.13
CA SER B 204 7.71 0.56 19.38
C SER B 204 8.98 0.80 20.22
N PRO B 205 9.51 -0.28 20.82
CA PRO B 205 10.74 -0.14 21.60
C PRO B 205 11.77 0.56 20.76
N ILE B 206 12.55 1.44 21.37
CA ILE B 206 13.49 2.22 20.60
C ILE B 206 14.79 1.49 20.36
N THR B 207 15.22 1.54 19.13
CA THR B 207 16.45 0.93 18.70
C THR B 207 17.19 1.97 17.88
N ILE B 208 18.49 1.84 17.77
CA ILE B 208 19.24 2.66 16.81
C ILE B 208 18.53 2.55 15.46
N GLY B 209 18.10 3.70 14.95
CA GLY B 209 17.59 3.80 13.59
C GLY B 209 16.07 3.75 13.51
N ARG B 210 15.43 3.18 14.51
CA ARG B 210 14.00 2.99 14.45
C ARG B 210 13.19 4.29 14.25
N ALA B 211 13.68 5.45 14.71
CA ALA B 211 12.92 6.69 14.50
C ALA B 211 12.88 7.13 13.03
N GLU B 212 14.01 6.97 12.35
CA GLU B 212 14.11 7.07 10.91
C GLU B 212 13.10 6.15 10.20
N ASP B 213 12.97 4.90 10.64
CA ASP B 213 11.98 4.02 10.09
C ASP B 213 10.54 4.49 10.32
N ARG B 214 10.18 4.81 11.57
CA ARG B 214 8.87 5.39 11.86
C ARG B 214 8.57 6.57 10.98
N ARG B 215 9.53 7.49 10.91
CA ARG B 215 9.48 8.69 10.05
C ARG B 215 9.13 8.43 8.59
N LEU B 216 9.92 7.57 7.96
CA LEU B 216 9.77 7.21 6.56
C LEU B 216 8.38 6.68 6.30
N LEU B 217 7.94 5.68 7.06
CA LEU B 217 6.60 5.12 6.84
C LEU B 217 5.48 6.06 7.24
N ALA B 218 5.59 6.81 8.32
CA ALA B 218 4.49 7.73 8.65
C ALA B 218 4.40 8.88 7.64
N ARG B 219 5.56 9.43 7.23
CA ARG B 219 5.57 10.49 6.23
C ARG B 219 5.07 9.99 4.87
N SER B 220 5.61 8.85 4.42
CA SER B 220 5.21 8.32 3.11
C SER B 220 3.76 7.83 3.10
N ALA B 221 3.27 7.32 4.23
CA ALA B 221 1.83 7.02 4.35
C ALA B 221 1.04 8.26 4.05
N SER B 222 1.35 9.36 4.76
CA SER B 222 0.57 10.61 4.68
C SER B 222 0.60 11.21 3.28
N ALA B 223 1.75 11.09 2.61
CA ALA B 223 1.92 11.64 1.27
C ALA B 223 1.17 10.74 0.29
N ARG B 224 1.32 9.43 0.47
CA ARG B 224 0.69 8.54 -0.49
C ARG B 224 -0.80 8.57 -0.35
N CYS B 225 -1.29 8.88 0.85
CA CYS B 225 -2.72 8.82 1.10
C CYS B 225 -3.37 10.15 1.26
N LEU B 226 -2.63 11.23 1.00
CA LEU B 226 -3.23 12.56 1.01
C LEU B 226 -3.99 12.80 2.33
N ALA B 227 -3.32 12.44 3.42
CA ALA B 227 -3.93 12.42 4.73
C ALA B 227 -3.01 13.07 5.76
N ALA B 228 -3.60 13.46 6.87
CA ALA B 228 -2.86 13.65 8.12
C ALA B 228 -2.60 12.28 8.77
N TYR B 229 -1.41 12.13 9.33
CA TYR B 229 -1.02 10.90 9.98
C TYR B 229 -0.58 11.21 11.40
N VAL B 230 -1.15 10.53 12.39
CA VAL B 230 -0.94 10.93 13.78
C VAL B 230 -0.38 9.77 14.57
N TYR B 231 0.88 9.92 15.00
CA TYR B 231 1.66 8.85 15.58
C TYR B 231 2.05 9.15 17.04
N ALA B 232 1.87 8.14 17.90
CA ALA B 232 2.19 8.27 19.32
C ALA B 232 2.83 6.95 19.79
N ALA B 233 4.08 7.04 20.29
CA ALA B 233 4.81 5.90 20.84
C ALA B 233 4.91 5.93 22.38
N ALA B 234 5.10 4.73 22.93
CA ALA B 234 5.27 4.51 24.35
C ALA B 234 6.64 5.03 24.80
N GLY B 235 6.67 5.57 26.02
CA GLY B 235 7.91 6.04 26.62
C GLY B 235 8.17 5.57 28.05
N GLU B 236 8.37 6.54 28.93
CA GLU B 236 8.82 6.29 30.29
C GLU B 236 7.77 5.51 31.10
N GLY B 237 8.24 4.51 31.84
CA GLY B 237 7.39 3.55 32.54
C GLY B 237 7.34 2.16 31.92
N GLU B 238 7.47 2.05 30.61
CA GLU B 238 7.53 0.72 29.99
C GLU B 238 8.74 -0.07 30.49
N SER B 239 8.53 -1.36 30.74
CA SER B 239 9.56 -2.24 31.26
C SER B 239 10.86 -2.20 30.43
N THR B 240 11.98 -2.12 31.17
CA THR B 240 13.31 -2.12 30.54
C THR B 240 14.10 -3.41 30.83
N THR B 241 13.32 -4.48 31.06
CA THR B 241 13.82 -5.85 31.14
C THR B 241 14.68 -6.20 29.91
N ASP B 242 14.22 -5.82 28.72
CA ASP B 242 14.97 -6.07 27.49
C ASP B 242 14.97 -4.92 26.49
N LEU B 243 14.29 -3.83 26.82
CA LEU B 243 14.02 -2.79 25.84
C LEU B 243 14.00 -1.40 26.41
N ALA B 244 14.18 -0.43 25.52
CA ALA B 244 14.14 1.00 25.81
C ALA B 244 13.08 1.69 24.95
N TRP B 245 12.57 2.84 25.44
CA TRP B 245 11.37 3.52 24.91
C TRP B 245 11.66 5.03 24.79
N ASP B 246 11.27 5.66 23.68
CA ASP B 246 11.63 7.06 23.50
C ASP B 246 10.45 8.06 23.46
N GLY B 247 9.24 7.53 23.54
CA GLY B 247 8.04 8.34 23.63
C GLY B 247 7.86 9.35 22.52
N GLN B 248 8.38 9.04 21.33
CA GLN B 248 8.22 9.92 20.20
C GLN B 248 6.75 10.07 19.78
N THR B 249 6.35 11.30 19.48
CA THR B 249 5.05 11.53 18.92
C THR B 249 5.25 12.45 17.75
N MET B 250 4.42 12.31 16.71
CA MET B 250 4.58 13.16 15.54
C MET B 250 3.28 13.30 14.75
N ILE B 251 3.18 14.34 13.95
CA ILE B 251 1.97 14.64 13.19
C ILE B 251 2.47 15.02 11.80
N TRP B 252 2.07 14.22 10.81
CA TRP B 252 2.34 14.50 9.40
C TRP B 252 1.07 14.94 8.68
N GLU B 253 1.24 15.59 7.53
CA GLU B 253 0.13 15.98 6.67
C GLU B 253 0.68 15.99 5.28
N ASN B 254 0.21 15.05 4.47
CA ASN B 254 0.57 15.05 3.08
C ASN B 254 2.10 15.16 2.84
N GLY B 255 2.89 14.47 3.65
CA GLY B 255 4.34 14.58 3.55
C GLY B 255 5.07 15.60 4.39
N ALA B 256 4.36 16.64 4.84
CA ALA B 256 4.95 17.70 5.63
C ALA B 256 4.93 17.22 7.06
N LEU B 257 5.92 17.56 7.89
CA LEU B 257 5.84 17.38 9.32
C LEU B 257 5.18 18.61 9.94
N LEU B 258 4.13 18.44 10.73
CA LEU B 258 3.43 19.56 11.36
C LEU B 258 3.96 19.87 12.76
N ALA B 259 4.20 18.83 13.56
CA ALA B 259 4.65 18.95 14.94
C ALA B 259 5.28 17.62 15.30
N GLU B 260 6.23 17.63 16.22
CA GLU B 260 6.78 16.41 16.83
C GLU B 260 7.33 16.80 18.19
N SER B 261 7.51 15.81 19.06
CA SER B 261 7.88 16.08 20.46
C SER B 261 9.27 15.54 20.76
N GLU B 262 9.77 15.93 21.92
CA GLU B 262 11.07 15.51 22.39
C GLU B 262 11.22 13.98 22.54
N ARG B 263 12.31 13.43 22.05
CA ARG B 263 12.60 12.03 22.30
C ARG B 263 13.20 11.79 23.69
N PHE B 264 12.87 10.67 24.29
CA PHE B 264 13.34 10.36 25.62
C PHE B 264 13.02 11.51 26.56
N PRO B 265 11.77 12.00 26.60
CA PRO B 265 11.51 13.10 27.53
C PRO B 265 11.51 12.66 28.98
N LYS B 266 11.76 13.60 29.87
CA LYS B 266 11.38 13.42 31.25
C LYS B 266 9.97 13.98 31.40
N GLY B 267 9.02 13.10 31.65
CA GLY B 267 7.63 13.48 31.76
C GLY B 267 6.86 13.33 30.44
N VAL B 268 5.56 13.64 30.52
CA VAL B 268 4.64 13.45 29.40
C VAL B 268 4.81 14.51 28.32
N ARG B 269 4.55 14.14 27.08
CA ARG B 269 4.70 15.07 25.95
C ARG B 269 3.54 14.93 24.98
N ARG B 270 3.19 16.03 24.32
CA ARG B 270 2.10 16.09 23.31
C ARG B 270 2.60 16.84 22.10
N SER B 271 2.33 16.28 20.93
CA SER B 271 2.38 17.02 19.69
C SER B 271 0.97 17.52 19.43
N VAL B 272 0.84 18.79 19.06
CA VAL B 272 -0.46 19.36 18.82
C VAL B 272 -0.28 20.25 17.60
N ALA B 273 -1.23 20.15 16.67
CA ALA B 273 -1.11 20.78 15.36
C ALA B 273 -2.49 20.92 14.75
N ASP B 274 -2.66 21.98 13.97
CA ASP B 274 -3.87 22.21 13.21
C ASP B 274 -3.68 21.70 11.80
N VAL B 275 -4.49 20.69 11.46
CA VAL B 275 -4.48 20.04 10.16
C VAL B 275 -5.42 20.77 9.22
N ASP B 276 -4.93 21.05 8.01
CA ASP B 276 -5.78 21.70 7.01
C ASP B 276 -6.55 20.60 6.28
N THR B 277 -7.82 20.44 6.63
CA THR B 277 -8.66 19.43 6.00
C THR B 277 -8.98 19.86 4.58
N GLU B 278 -9.01 21.18 4.38
CA GLU B 278 -9.19 21.73 3.04
C GLU B 278 -7.98 21.47 2.15
N LEU B 279 -6.77 21.48 2.71
CA LEU B 279 -5.59 21.07 1.91
C LEU B 279 -5.81 19.68 1.35
N LEU B 280 -6.07 18.73 2.25
CA LEU B 280 -6.34 17.34 1.93
C LEU B 280 -7.48 17.19 0.94
N ARG B 281 -8.60 17.80 1.25
CA ARG B 281 -9.72 17.87 0.33
C ARG B 281 -9.30 18.24 -1.10
N SER B 282 -8.38 19.22 -1.24
CA SER B 282 -8.04 19.88 -2.50
C SER B 282 -7.09 19.06 -3.31
N GLU B 283 -6.23 18.33 -2.63
CA GLU B 283 -5.32 17.46 -3.30
C GLU B 283 -6.09 16.24 -3.80
N ARG B 284 -7.09 15.83 -3.00
CA ARG B 284 -7.89 14.67 -3.36
C ARG B 284 -8.73 14.95 -4.62
N LEU B 285 -9.27 16.17 -4.64
CA LEU B 285 -10.08 16.68 -5.73
C LEU B 285 -9.34 16.70 -7.07
N ARG B 286 -8.02 16.94 -7.01
CA ARG B 286 -7.25 17.20 -8.20
C ARG B 286 -6.57 15.91 -8.72
N MET B 287 -6.18 15.05 -7.79
CA MET B 287 -5.53 13.79 -8.14
C MET B 287 -6.60 12.70 -8.43
N GLY B 288 -6.98 12.58 -9.70
CA GLY B 288 -8.04 11.66 -10.10
C GLY B 288 -7.61 10.23 -9.91
N THR B 289 -6.30 9.97 -10.11
CA THR B 289 -5.76 8.60 -10.02
C THR B 289 -5.93 8.02 -8.56
N PHE B 290 -6.09 8.92 -7.57
CA PHE B 290 -6.45 8.51 -6.22
C PHE B 290 -7.78 7.74 -6.26
N ASP B 291 -8.76 8.35 -6.88
CA ASP B 291 -10.11 7.81 -6.93
C ASP B 291 -10.15 6.65 -7.88
N ASP B 292 -9.41 6.70 -8.98
CA ASP B 292 -9.21 5.51 -9.83
C ASP B 292 -8.75 4.27 -9.08
N ASN B 293 -7.90 4.49 -8.08
CA ASN B 293 -7.34 3.44 -7.25
C ASN B 293 -8.46 2.87 -6.34
N ARG B 294 -9.22 3.74 -5.68
CA ARG B 294 -10.44 3.34 -4.99
C ARG B 294 -11.34 2.43 -5.85
N ARG B 295 -11.61 2.84 -7.09
CA ARG B 295 -12.55 2.13 -7.94
C ARG B 295 -12.02 0.80 -8.32
N HIS B 296 -10.69 0.68 -8.45
CA HIS B 296 -10.07 -0.59 -8.68
C HIS B 296 -10.26 -1.54 -7.49
N HIS B 297 -10.32 -0.99 -6.28
CA HIS B 297 -10.53 -1.78 -5.06
C HIS B 297 -11.88 -1.41 -4.49
N ARG B 298 -12.91 -1.43 -5.35
CA ARG B 298 -14.22 -0.96 -4.92
C ARG B 298 -14.76 -1.81 -3.77
N GLU B 299 -14.64 -3.13 -3.87
CA GLU B 299 -15.31 -3.98 -2.88
C GLU B 299 -14.59 -3.81 -1.55
N LEU B 300 -13.26 -3.91 -1.57
CA LEU B 300 -12.42 -3.55 -0.43
C LEU B 300 -12.84 -2.18 0.18
N THR B 301 -12.94 -1.13 -0.61
CA THR B 301 -13.15 0.20 -0.05
C THR B 301 -14.61 0.57 0.25
N GLU B 302 -15.57 -0.17 -0.28
CA GLU B 302 -16.98 0.16 -0.08
C GLU B 302 -17.59 -0.54 1.14
N SER B 303 -16.91 -1.58 1.57
CA SER B 303 -17.30 -2.31 2.76
C SER B 303 -17.03 -1.57 4.12
N PHE B 304 -16.35 -0.44 4.15
CA PHE B 304 -16.01 0.19 5.45
C PHE B 304 -17.28 0.68 6.13
N ARG B 305 -17.32 0.57 7.45
CA ARG B 305 -18.48 1.04 8.22
C ARG B 305 -18.16 2.41 8.78
N ARG B 306 -19.19 3.25 8.82
CA ARG B 306 -19.04 4.65 9.05
C ARG B 306 -19.79 5.02 10.31
N ILE B 307 -19.06 5.41 11.34
CA ILE B 307 -19.68 5.76 12.60
C ILE B 307 -19.69 7.29 12.71
N ASP B 308 -20.86 7.85 12.97
CA ASP B 308 -21.02 9.29 13.04
C ASP B 308 -20.98 9.79 14.45
N PHE B 309 -20.30 10.91 14.60
CA PHE B 309 -20.31 11.60 15.86
C PHE B 309 -20.36 13.09 15.55
N ALA B 310 -20.77 13.89 16.53
CA ALA B 310 -20.76 15.33 16.41
C ALA B 310 -19.71 15.92 17.37
N LEU B 311 -18.77 16.69 16.83
CA LEU B 311 -17.67 17.31 17.59
C LEU B 311 -18.07 18.49 18.40
N ASP B 312 -18.92 19.33 17.82
CA ASP B 312 -19.29 20.62 18.39
C ASP B 312 -18.02 21.37 18.86
N PRO B 313 -17.07 21.64 17.91
CA PRO B 313 -15.80 22.27 18.29
C PRO B 313 -15.97 23.72 18.72
N PRO B 314 -14.89 24.35 19.22
CA PRO B 314 -15.04 25.72 19.66
C PRO B 314 -15.21 26.65 18.45
N ALA B 315 -16.06 27.67 18.67
CA ALA B 315 -16.45 28.65 17.66
C ALA B 315 -15.40 29.75 17.54
N GLY B 316 -14.71 30.02 18.65
CA GLY B 316 -13.85 31.18 18.77
C GLY B 316 -12.43 31.14 18.26
N ASP B 317 -11.72 32.19 18.62
CA ASP B 317 -10.35 32.40 18.26
C ASP B 317 -9.51 31.60 19.24
N ILE B 318 -8.83 30.58 18.73
CA ILE B 318 -7.99 29.73 19.54
C ILE B 318 -6.63 29.66 18.88
N GLY B 319 -6.22 30.76 18.26
CA GLY B 319 -4.97 30.81 17.51
C GLY B 319 -4.93 29.82 16.37
N LEU B 320 -3.73 29.54 15.90
CA LEU B 320 -3.52 28.60 14.81
C LEU B 320 -2.20 27.87 15.06
N LEU B 321 -2.30 26.57 15.33
CA LEU B 321 -1.16 25.78 15.68
C LEU B 321 -0.54 25.23 14.41
N ARG B 322 0.00 26.15 13.61
CA ARG B 322 0.50 25.82 12.29
C ARG B 322 1.51 26.86 11.86
N GLU B 323 2.59 26.39 11.23
CA GLU B 323 3.59 27.26 10.60
C GLU B 323 3.17 27.59 9.18
N VAL B 324 2.65 28.79 8.99
CA VAL B 324 2.35 29.32 7.66
C VAL B 324 3.53 30.20 7.17
N GLU B 325 4.30 29.70 6.19
CA GLU B 325 5.42 30.45 5.59
C GLU B 325 4.93 31.73 4.88
N ARG B 326 5.73 32.80 4.95
CA ARG B 326 5.41 34.05 4.25
C ARG B 326 5.49 33.92 2.73
N PHE B 327 6.40 33.04 2.28
CA PHE B 327 6.73 32.89 0.87
C PHE B 327 6.61 31.43 0.50
N PRO B 328 5.41 31.02 0.04
CA PRO B 328 5.11 29.63 -0.36
C PRO B 328 6.06 29.20 -1.50
N PHE B 329 6.58 30.20 -2.20
CA PHE B 329 7.44 29.95 -3.32
C PHE B 329 8.91 30.01 -2.90
N VAL B 330 9.18 30.52 -1.70
CA VAL B 330 10.54 30.74 -1.21
C VAL B 330 10.74 30.18 0.22
N PRO B 331 11.31 28.96 0.29
CA PRO B 331 11.53 28.34 1.61
C PRO B 331 12.47 29.21 2.48
N ALA B 332 12.04 29.48 3.73
CA ALA B 332 12.91 30.19 4.70
C ALA B 332 14.10 29.33 5.12
N ASP B 333 13.94 28.01 5.11
CA ASP B 333 15.06 27.18 5.44
C ASP B 333 16.09 27.32 4.33
N PRO B 334 17.32 27.72 4.72
CA PRO B 334 18.45 27.89 3.81
C PRO B 334 18.85 26.66 3.00
N GLN B 335 18.89 25.47 3.60
CA GLN B 335 19.32 24.29 2.82
C GLN B 335 18.30 24.01 1.73
N ARG B 336 17.03 24.09 2.11
CA ARG B 336 15.91 23.82 1.21
C ARG B 336 15.81 24.89 0.12
N LEU B 337 15.94 26.15 0.52
CA LEU B 337 15.92 27.25 -0.42
C LEU B 337 17.00 27.09 -1.50
N GLN B 338 18.20 26.72 -1.08
CA GLN B 338 19.30 26.48 -1.99
C GLN B 338 19.01 25.31 -2.96
N GLN B 339 18.35 24.26 -2.44
CA GLN B 339 17.97 23.10 -3.25
C GLN B 339 16.97 23.51 -4.33
N ASP B 340 15.99 24.32 -3.90
CA ASP B 340 14.94 24.91 -4.76
C ASP B 340 15.54 25.75 -5.89
N CYS B 341 16.48 26.64 -5.54
CA CYS B 341 17.18 27.47 -6.51
C CYS B 341 18.03 26.64 -7.48
N TYR B 342 18.75 25.64 -6.99
CA TYR B 342 19.50 24.77 -7.88
C TYR B 342 18.59 24.17 -8.95
N GLU B 343 17.37 23.78 -8.54
CA GLU B 343 16.43 23.09 -9.43
C GLU B 343 15.76 24.05 -10.41
N ALA B 344 15.20 25.16 -9.89
CA ALA B 344 14.63 26.22 -10.75
C ALA B 344 15.58 26.56 -11.91
N TYR B 345 16.83 26.82 -11.58
CA TYR B 345 17.80 27.26 -12.53
C TYR B 345 18.08 26.19 -13.59
N ASN B 346 18.16 24.94 -13.15
CA ASN B 346 18.47 23.87 -14.07
C ASN B 346 17.27 23.53 -14.96
N ILE B 347 16.08 23.77 -14.43
CA ILE B 347 14.84 23.63 -15.19
C ILE B 347 14.85 24.62 -16.36
N GLN B 348 15.04 25.91 -16.05
CA GLN B 348 15.04 26.97 -17.07
C GLN B 348 16.14 26.74 -18.12
N VAL B 349 17.34 26.45 -17.66
CA VAL B 349 18.46 26.21 -18.57
C VAL B 349 18.16 25.06 -19.53
N SER B 350 17.68 23.95 -18.97
CA SER B 350 17.49 22.73 -19.76
C SER B 350 16.24 22.83 -20.65
N GLY B 351 15.24 23.60 -20.22
CA GLY B 351 14.16 24.01 -21.13
C GLY B 351 14.72 24.64 -22.42
N LEU B 352 15.51 25.69 -22.23
CA LEU B 352 16.09 26.43 -23.33
C LEU B 352 17.00 25.55 -24.17
N GLU B 353 17.88 24.79 -23.56
CA GLU B 353 18.77 23.97 -24.34
C GLU B 353 18.04 23.08 -25.35
N GLN B 354 16.89 22.53 -24.93
CA GLN B 354 16.03 21.72 -25.80
C GLN B 354 15.53 22.53 -27.00
N ARG B 355 14.94 23.69 -26.72
CA ARG B 355 14.55 24.62 -27.77
C ARG B 355 15.69 24.92 -28.77
N LEU B 356 16.90 25.19 -28.27
CA LEU B 356 18.04 25.50 -29.12
C LEU B 356 18.53 24.33 -29.99
N ARG B 357 18.59 23.13 -29.41
CA ARG B 357 19.05 21.95 -30.14
C ARG B 357 18.07 21.65 -31.25
N ALA B 358 16.78 21.78 -30.91
CA ALA B 358 15.67 21.53 -31.84
C ALA B 358 15.73 22.47 -33.05
N LEU B 359 16.13 23.73 -32.81
CA LEU B 359 16.21 24.73 -33.89
C LEU B 359 17.57 24.83 -34.58
N ASP B 360 18.45 23.84 -34.31
CA ASP B 360 19.78 23.80 -34.90
C ASP B 360 20.55 25.08 -34.54
N TYR B 361 20.39 25.48 -33.28
CA TYR B 361 21.24 26.49 -32.62
C TYR B 361 21.16 27.89 -33.23
N PRO B 362 19.97 28.52 -33.10
CA PRO B 362 19.76 29.88 -33.59
C PRO B 362 20.48 30.85 -32.68
N LYS B 363 20.68 32.07 -33.13
CA LYS B 363 21.07 33.15 -32.24
C LYS B 363 19.94 33.36 -31.22
N VAL B 364 20.26 33.96 -30.09
CA VAL B 364 19.28 34.20 -29.04
C VAL B 364 19.13 35.72 -28.81
N VAL B 365 17.94 36.23 -29.06
CA VAL B 365 17.73 37.67 -29.08
C VAL B 365 17.02 38.02 -27.77
N ILE B 366 17.52 39.00 -27.05
CA ILE B 366 16.98 39.30 -25.71
C ILE B 366 17.04 40.79 -25.34
N GLY B 367 15.91 41.37 -24.97
CA GLY B 367 15.89 42.77 -24.57
C GLY B 367 16.30 42.87 -23.11
N VAL B 368 17.38 43.59 -22.84
CA VAL B 368 17.92 43.75 -21.46
C VAL B 368 17.66 45.16 -20.89
N SER B 369 16.96 45.24 -19.76
CA SER B 369 16.56 46.55 -19.21
C SER B 369 17.40 46.92 -18.03
N GLY B 370 18.07 45.92 -17.46
CA GLY B 370 18.82 46.09 -16.22
C GLY B 370 17.94 45.63 -15.06
N GLY B 371 16.74 45.17 -15.40
CA GLY B 371 15.78 44.73 -14.42
C GLY B 371 16.07 43.31 -13.99
N LEU B 372 15.50 42.91 -12.87
CA LEU B 372 15.73 41.59 -12.29
C LEU B 372 15.46 40.49 -13.29
N ASP B 373 14.37 40.64 -14.04
CA ASP B 373 13.86 39.59 -14.93
C ASP B 373 14.77 39.28 -16.13
N SER B 374 15.12 40.34 -16.87
CA SER B 374 15.95 40.24 -18.08
C SER B 374 17.39 39.92 -17.72
N THR B 375 17.79 40.37 -16.53
CA THR B 375 19.09 40.04 -15.99
C THR B 375 19.18 38.53 -15.81
N HIS B 376 18.24 37.97 -15.08
CA HIS B 376 18.25 36.56 -14.82
C HIS B 376 18.18 35.73 -16.11
N ALA B 377 17.34 36.18 -17.05
CA ALA B 377 17.13 35.47 -18.27
C ALA B 377 18.43 35.41 -19.10
N LEU B 378 19.21 36.49 -19.08
CA LEU B 378 20.49 36.55 -19.77
C LEU B 378 21.46 35.50 -19.22
N ILE B 379 21.54 35.43 -17.88
CA ILE B 379 22.32 34.40 -17.19
C ILE B 379 21.94 32.98 -17.63
N VAL B 380 20.63 32.71 -17.65
CA VAL B 380 20.10 31.41 -18.09
C VAL B 380 20.55 31.12 -19.54
N ALA B 381 20.41 32.11 -20.41
CA ALA B 381 20.72 31.93 -21.81
C ALA B 381 22.22 31.65 -22.01
N THR B 382 23.05 32.32 -21.22
CA THR B 382 24.48 32.17 -21.27
C THR B 382 24.89 30.75 -20.86
N HIS B 383 24.40 30.32 -19.71
CA HIS B 383 24.68 29.00 -19.21
C HIS B 383 24.22 27.94 -20.17
N ALA B 384 23.09 28.19 -20.84
CA ALA B 384 22.55 27.25 -21.80
C ALA B 384 23.44 27.11 -23.03
N MET B 385 23.93 28.23 -23.55
CA MET B 385 24.85 28.24 -24.67
C MET B 385 26.16 27.56 -24.31
N ASP B 386 26.68 27.86 -23.12
CA ASP B 386 27.91 27.22 -22.67
C ASP B 386 27.74 25.69 -22.67
N ARG B 387 26.72 25.22 -21.95
CA ARG B 387 26.42 23.79 -21.88
C ARG B 387 26.26 23.12 -23.27
N GLU B 388 25.79 23.86 -24.27
CA GLU B 388 25.63 23.34 -25.62
C GLU B 388 26.83 23.58 -26.51
N GLY B 389 27.91 24.09 -25.90
CA GLY B 389 29.16 24.39 -26.58
C GLY B 389 29.02 25.47 -27.66
N ARG B 390 28.18 26.47 -27.37
CA ARG B 390 27.81 27.54 -28.30
C ARG B 390 28.50 28.87 -27.98
N PRO B 391 29.02 29.61 -29.00
CA PRO B 391 29.67 30.92 -28.74
C PRO B 391 28.70 31.92 -28.09
N ARG B 392 29.18 32.62 -27.05
CA ARG B 392 28.35 33.59 -26.34
C ARG B 392 28.02 34.82 -27.20
N SER B 393 28.80 35.03 -28.26
CA SER B 393 28.52 36.07 -29.25
C SER B 393 27.20 35.80 -30.03
N ASP B 394 26.64 34.61 -29.91
CA ASP B 394 25.38 34.27 -30.56
C ASP B 394 24.20 34.74 -29.70
N ILE B 395 24.49 35.18 -28.48
CA ILE B 395 23.48 35.89 -27.71
C ILE B 395 23.52 37.33 -28.19
N LEU B 396 22.34 37.87 -28.51
CA LEU B 396 22.28 39.25 -28.98
C LEU B 396 21.40 40.03 -28.04
N ALA B 397 22.02 40.68 -27.07
CA ALA B 397 21.32 41.45 -26.06
C ALA B 397 21.09 42.89 -26.55
N PHE B 398 19.93 43.46 -26.25
CA PHE B 398 19.59 44.81 -26.74
C PHE B 398 19.07 45.77 -25.68
N ALA B 399 19.66 46.96 -25.61
CA ALA B 399 19.06 48.04 -24.85
C ALA B 399 18.19 48.81 -25.82
N LEU B 400 16.94 49.04 -25.42
CA LEU B 400 15.95 49.65 -26.30
C LEU B 400 15.34 50.87 -25.63
N PRO B 401 16.12 51.99 -25.55
CA PRO B 401 15.61 53.20 -24.89
C PRO B 401 14.55 53.90 -25.75
N GLY B 402 13.69 54.68 -25.08
CA GLY B 402 12.52 55.27 -25.69
C GLY B 402 12.70 56.74 -26.00
N LYS B 410 20.19 49.70 -16.48
CA LYS B 410 20.51 50.28 -17.79
C LYS B 410 22.01 50.33 -17.95
N ASN B 411 22.65 50.98 -16.98
CA ASN B 411 24.10 50.96 -16.83
C ASN B 411 24.56 49.51 -16.58
N ASN B 412 23.98 48.83 -15.59
CA ASN B 412 24.39 47.44 -15.34
C ASN B 412 23.90 46.45 -16.38
N ALA B 413 22.96 46.87 -17.21
CA ALA B 413 22.56 46.09 -18.38
C ALA B 413 23.73 45.91 -19.36
N ILE B 414 24.32 47.03 -19.80
CA ILE B 414 25.51 47.00 -20.68
C ILE B 414 26.70 46.36 -19.96
N LYS B 415 26.84 46.65 -18.67
CA LYS B 415 27.91 46.11 -17.84
C LYS B 415 27.87 44.59 -17.74
N LEU B 416 26.66 44.04 -17.65
CA LEU B 416 26.49 42.60 -17.56
C LEU B 416 26.83 41.93 -18.88
N ALA B 417 26.35 42.52 -19.98
CA ALA B 417 26.60 41.98 -21.31
C ALA B 417 28.09 41.93 -21.61
N ARG B 418 28.78 43.00 -21.22
CA ARG B 418 30.21 43.07 -21.46
C ARG B 418 30.93 42.09 -20.54
N ALA B 419 30.48 42.02 -19.30
CA ALA B 419 31.08 41.10 -18.32
C ALA B 419 30.93 39.63 -18.76
N LEU B 420 29.76 39.30 -19.31
CA LEU B 420 29.49 37.96 -19.83
C LEU B 420 30.19 37.70 -21.17
N GLY B 421 30.31 38.74 -22.00
CA GLY B 421 30.95 38.60 -23.30
C GLY B 421 30.00 38.23 -24.42
N VAL B 422 28.73 38.64 -24.31
CA VAL B 422 27.71 38.48 -25.36
C VAL B 422 27.75 39.64 -26.40
N THR B 423 26.87 39.65 -27.40
CA THR B 423 26.85 40.76 -28.36
C THR B 423 25.84 41.81 -27.88
N PHE B 424 26.31 43.02 -27.63
CA PHE B 424 25.42 44.07 -27.15
C PHE B 424 25.27 45.21 -28.16
N SER B 425 24.01 45.60 -28.42
CA SER B 425 23.73 46.77 -29.23
C SER B 425 22.62 47.61 -28.61
N GLU B 426 22.61 48.89 -28.93
CA GLU B 426 21.47 49.71 -28.58
C GLU B 426 20.71 50.17 -29.82
N ILE B 427 19.40 50.03 -29.76
CA ILE B 427 18.49 50.54 -30.77
C ILE B 427 17.57 51.56 -30.09
N ASP B 428 17.62 52.80 -30.54
CA ASP B 428 16.68 53.80 -30.06
C ASP B 428 15.34 53.68 -30.82
N ILE B 429 14.30 53.18 -30.12
CA ILE B 429 12.95 53.09 -30.67
C ILE B 429 12.17 54.42 -30.67
N GLY B 430 12.73 55.45 -30.03
CA GLY B 430 12.07 56.76 -29.89
C GLY B 430 11.42 57.33 -31.15
N ASP B 431 12.16 57.37 -32.24
CA ASP B 431 11.66 57.99 -33.47
C ASP B 431 10.50 57.20 -34.05
N THR B 432 10.63 55.87 -34.04
CA THR B 432 9.56 55.01 -34.53
C THR B 432 8.31 55.18 -33.68
N ALA B 433 8.50 55.29 -32.37
CA ALA B 433 7.39 55.56 -31.46
C ALA B 433 6.69 56.86 -31.82
N ARG B 434 7.48 57.91 -32.01
CA ARG B 434 6.97 59.25 -32.31
C ARG B 434 6.17 59.21 -33.59
N LEU B 435 6.73 58.51 -34.58
CA LEU B 435 6.08 58.37 -35.89
C LEU B 435 4.76 57.63 -35.75
N MET B 436 4.78 56.53 -35.00
CA MET B 436 3.58 55.72 -34.84
C MET B 436 2.45 56.48 -34.13
N LEU B 437 2.80 57.19 -33.06
CA LEU B 437 1.86 58.00 -32.28
C LEU B 437 1.21 59.14 -33.07
N HIS B 438 1.96 59.72 -34.01
CA HIS B 438 1.39 60.73 -34.87
C HIS B 438 0.51 60.13 -35.97
N THR B 439 0.94 59.00 -36.54
CA THR B 439 0.18 58.30 -37.57
C THR B 439 -1.13 57.83 -36.95
N ILE B 440 -1.09 57.57 -35.64
CA ILE B 440 -2.25 57.11 -34.89
C ILE B 440 -3.11 58.23 -34.28
N GLY B 441 -2.64 59.47 -34.34
CA GLY B 441 -3.41 60.61 -33.87
C GLY B 441 -3.37 60.95 -32.39
N HIS B 442 -2.34 60.50 -31.68
CA HIS B 442 -2.08 60.94 -30.30
C HIS B 442 -0.64 61.44 -30.13
N VAL B 453 -2.64 54.78 -20.83
CA VAL B 453 -1.86 55.99 -21.05
C VAL B 453 -0.39 55.60 -21.35
N THR B 454 -0.02 55.14 -22.56
CA THR B 454 -0.66 55.25 -23.90
C THR B 454 0.47 55.41 -24.93
N PHE B 455 1.26 56.47 -24.73
CA PHE B 455 2.67 56.53 -25.10
C PHE B 455 3.39 55.27 -24.59
N GLU B 456 3.01 54.82 -23.40
CA GLU B 456 3.59 53.65 -22.75
C GLU B 456 3.48 52.41 -23.62
N ASN B 457 2.28 52.14 -24.11
CA ASN B 457 2.01 50.93 -24.90
C ASN B 457 2.75 50.88 -26.24
N VAL B 458 2.91 52.05 -26.84
CA VAL B 458 3.53 52.15 -28.16
C VAL B 458 5.01 51.77 -28.13
N GLN B 459 5.69 52.26 -27.10
CA GLN B 459 7.08 51.92 -26.86
C GLN B 459 7.22 50.45 -26.53
N ALA B 460 6.30 49.97 -25.70
CA ALA B 460 6.27 48.58 -25.27
C ALA B 460 6.14 47.66 -26.46
N GLY B 461 5.14 47.93 -27.30
CA GLY B 461 4.95 47.15 -28.51
C GLY B 461 6.14 47.18 -29.43
N LEU B 462 6.72 48.37 -29.59
CA LEU B 462 7.84 48.56 -30.53
C LEU B 462 9.12 47.80 -30.18
N ARG B 463 9.42 47.71 -28.88
CA ARG B 463 10.53 46.88 -28.42
C ARG B 463 10.38 45.43 -28.89
N THR B 464 9.20 44.85 -28.66
CA THR B 464 8.90 43.50 -29.09
C THR B 464 8.96 43.38 -30.62
N ASP B 465 8.30 44.31 -31.30
CA ASP B 465 8.32 44.38 -32.75
C ASP B 465 9.75 44.36 -33.27
N TYR B 466 10.57 45.30 -32.79
CA TYR B 466 11.97 45.35 -33.18
C TYR B 466 12.67 44.03 -32.92
N LEU B 467 12.49 43.46 -31.72
CA LEU B 467 13.16 42.21 -31.38
C LEU B 467 12.83 41.03 -32.31
N PHE B 468 11.54 40.88 -32.63
CA PHE B 468 11.04 39.87 -33.55
C PHE B 468 11.66 39.98 -34.94
N ARG B 469 11.80 41.23 -35.41
CA ARG B 469 12.34 41.53 -36.74
C ARG B 469 13.82 41.31 -36.84
N ILE B 470 14.50 41.62 -35.75
CA ILE B 470 15.91 41.29 -35.60
C ILE B 470 16.09 39.78 -35.60
N ALA B 471 15.20 39.06 -34.89
CA ALA B 471 15.25 37.60 -34.85
C ALA B 471 15.04 37.00 -36.24
N ASN B 472 14.06 37.51 -36.98
CA ASN B 472 13.89 37.17 -38.38
C ASN B 472 15.17 37.44 -39.16
N GLN B 473 15.71 38.63 -38.96
CA GLN B 473 16.82 39.12 -39.76
C GLN B 473 18.11 38.33 -39.55
N ARG B 474 18.37 38.01 -38.30
CA ARG B 474 19.66 37.50 -37.87
C ARG B 474 19.70 35.98 -37.61
N GLY B 475 18.57 35.28 -37.78
CA GLY B 475 18.49 33.85 -37.52
C GLY B 475 18.45 33.50 -36.03
N GLY B 476 17.57 34.20 -35.29
CA GLY B 476 17.49 34.11 -33.83
C GLY B 476 16.09 33.82 -33.33
N ILE B 477 15.96 33.60 -32.02
CA ILE B 477 14.62 33.55 -31.38
C ILE B 477 14.58 34.60 -30.30
N VAL B 478 13.41 35.17 -30.05
CA VAL B 478 13.25 36.15 -28.99
C VAL B 478 12.96 35.45 -27.68
N LEU B 479 13.83 35.67 -26.70
CA LEU B 479 13.66 35.12 -25.37
C LEU B 479 12.75 35.98 -24.53
N GLY B 480 11.65 35.41 -24.05
CA GLY B 480 10.75 36.16 -23.18
C GLY B 480 11.37 36.20 -21.81
N THR B 481 11.01 37.21 -21.03
CA THR B 481 11.59 37.39 -19.71
C THR B 481 10.48 37.67 -18.65
N GLY B 482 9.22 37.77 -19.09
CA GLY B 482 8.10 37.88 -18.15
C GLY B 482 8.02 36.72 -17.16
N ASP B 483 7.73 37.05 -15.90
CA ASP B 483 7.68 36.05 -14.85
C ASP B 483 6.25 35.57 -14.51
N LEU B 484 6.17 34.51 -13.71
CA LEU B 484 4.90 33.90 -13.32
C LEU B 484 3.93 34.90 -12.65
N SER B 485 4.42 35.75 -11.75
CA SER B 485 3.60 36.72 -11.03
C SER B 485 2.98 37.75 -11.98
N GLU B 486 3.74 38.14 -12.99
CA GLU B 486 3.20 39.04 -14.02
C GLU B 486 2.14 38.36 -14.89
N LEU B 487 2.35 37.08 -15.22
CA LEU B 487 1.30 36.25 -15.85
C LEU B 487 0.05 36.16 -15.02
N ALA B 488 0.19 36.01 -13.70
CA ALA B 488 -0.97 35.84 -12.82
C ALA B 488 -1.81 37.09 -12.78
N LEU B 489 -1.16 38.24 -12.86
CA LEU B 489 -1.84 39.49 -12.64
C LEU B 489 -2.19 40.20 -13.95
N GLY B 490 -1.70 39.64 -15.07
CA GLY B 490 -1.81 40.28 -16.37
C GLY B 490 -1.04 41.59 -16.41
N TRP B 491 0.12 41.61 -15.78
CA TRP B 491 0.99 42.78 -15.84
C TRP B 491 1.96 42.57 -17.02
N SER B 492 1.59 43.10 -18.18
CA SER B 492 2.30 42.86 -19.44
C SER B 492 1.54 43.52 -20.57
N THR B 493 2.18 43.74 -21.71
CA THR B 493 1.45 44.18 -22.89
C THR B 493 1.14 42.95 -23.70
N TYR B 494 -0.15 42.72 -23.94
CA TYR B 494 -0.57 41.54 -24.69
C TYR B 494 -0.28 41.62 -26.18
N GLY B 495 0.22 40.50 -26.72
CA GLY B 495 0.33 40.29 -28.17
C GLY B 495 1.46 41.01 -28.85
N VAL B 496 1.26 42.29 -29.17
CA VAL B 496 2.44 43.08 -29.53
C VAL B 496 2.92 43.81 -28.27
N GLY B 497 3.94 43.22 -27.67
CA GLY B 497 4.45 43.67 -26.41
C GLY B 497 5.05 42.49 -25.70
N ASP B 498 5.97 42.81 -24.81
CA ASP B 498 6.12 42.22 -23.49
C ASP B 498 5.62 40.76 -23.25
N GLN B 499 4.32 40.53 -23.31
CA GLN B 499 3.74 39.18 -23.22
C GLN B 499 4.25 38.16 -24.26
N MET B 500 4.84 38.60 -25.38
CA MET B 500 5.07 37.72 -26.52
C MET B 500 6.53 37.34 -26.66
N SER B 501 6.83 36.13 -27.11
CA SER B 501 8.23 35.76 -27.40
C SER B 501 8.28 34.45 -28.19
N HIS B 502 9.48 33.93 -28.43
CA HIS B 502 9.59 32.59 -29.05
C HIS B 502 9.75 31.46 -28.02
N TYR B 503 10.45 31.75 -26.92
CA TYR B 503 10.60 30.85 -25.78
C TYR B 503 10.72 31.70 -24.51
N ASN B 504 9.93 31.44 -23.47
CA ASN B 504 10.05 32.24 -22.24
C ASN B 504 10.66 31.43 -21.10
N VAL B 505 11.87 31.78 -20.65
CA VAL B 505 12.50 31.03 -19.57
C VAL B 505 12.03 31.40 -18.16
N ASN B 506 11.37 32.54 -18.02
CA ASN B 506 10.93 33.05 -16.71
C ASN B 506 9.46 32.82 -16.37
N ALA B 507 8.67 32.37 -17.34
CA ALA B 507 7.21 32.25 -17.16
C ALA B 507 6.73 31.38 -15.99
N GLY B 508 7.55 30.42 -15.57
CA GLY B 508 7.21 29.48 -14.51
C GLY B 508 7.73 29.92 -13.16
N VAL B 509 8.55 30.98 -13.15
CA VAL B 509 9.22 31.48 -11.92
C VAL B 509 8.50 32.69 -11.32
N PRO B 510 8.05 32.60 -10.06
CA PRO B 510 7.43 33.83 -9.53
C PRO B 510 8.45 34.91 -9.20
N LYS B 511 7.96 36.14 -9.10
CA LYS B 511 8.79 37.29 -8.80
C LYS B 511 9.52 37.17 -7.46
N THR B 512 8.88 36.52 -6.47
CA THR B 512 9.50 36.41 -5.15
C THR B 512 10.71 35.52 -5.23
N LEU B 513 10.69 34.53 -6.13
CA LEU B 513 11.85 33.65 -6.33
C LEU B 513 13.02 34.23 -7.15
N ILE B 514 12.73 35.13 -8.08
CA ILE B 514 13.75 35.66 -8.99
C ILE B 514 15.01 36.18 -8.29
N GLN B 515 14.85 37.02 -7.28
CA GLN B 515 15.99 37.56 -6.58
C GLN B 515 16.84 36.49 -5.91
N HIS B 516 16.20 35.44 -5.40
CA HIS B 516 16.91 34.35 -4.76
C HIS B 516 17.68 33.51 -5.78
N LEU B 517 17.16 33.40 -6.98
CA LEU B 517 17.88 32.70 -8.04
C LEU B 517 19.15 33.45 -8.45
N ILE B 518 19.06 34.79 -8.47
CA ILE B 518 20.18 35.62 -8.86
C ILE B 518 21.23 35.52 -7.76
N ARG B 519 20.77 35.62 -6.52
CA ARG B 519 21.63 35.37 -5.36
C ARG B 519 22.34 34.04 -5.53
N TRP B 520 21.57 32.97 -5.78
CA TRP B 520 22.12 31.63 -5.94
C TRP B 520 23.24 31.61 -6.99
N VAL B 521 23.04 32.32 -8.10
CA VAL B 521 24.01 32.36 -9.21
C VAL B 521 25.29 33.04 -8.79
N ILE B 522 25.16 34.05 -7.92
CA ILE B 522 26.29 34.78 -7.38
C ILE B 522 27.13 33.84 -6.51
N SER B 523 26.46 33.05 -5.70
CA SER B 523 27.13 32.22 -4.72
C SER B 523 27.65 30.93 -5.31
N ALA B 524 27.00 30.38 -6.34
CA ALA B 524 27.67 29.33 -7.09
C ALA B 524 29.00 29.94 -7.52
N GLY B 525 28.97 31.22 -7.97
CA GLY B 525 30.17 31.98 -8.35
C GLY B 525 30.69 31.64 -9.74
N GLU B 526 29.96 30.75 -10.45
CA GLU B 526 30.42 30.10 -11.69
C GLU B 526 30.76 31.04 -12.84
N PHE B 527 30.17 32.24 -12.85
CA PHE B 527 30.42 33.19 -13.93
C PHE B 527 31.58 34.18 -13.68
N GLY B 528 32.39 33.94 -12.64
CA GLY B 528 33.49 34.84 -12.33
C GLY B 528 33.10 36.01 -11.43
N GLU B 529 34.12 36.69 -10.89
CA GLU B 529 33.91 37.75 -9.90
C GLU B 529 33.31 39.01 -10.51
N LYS B 530 33.76 39.34 -11.72
CA LYS B 530 33.27 40.49 -12.50
C LYS B 530 31.76 40.43 -12.66
N VAL B 531 31.28 39.31 -13.21
CA VAL B 531 29.84 39.09 -13.43
C VAL B 531 29.10 39.12 -12.11
N GLY B 532 29.62 38.39 -11.12
CA GLY B 532 29.09 38.43 -9.77
C GLY B 532 28.84 39.82 -9.22
N GLU B 533 29.81 40.72 -9.40
CA GLU B 533 29.72 42.09 -8.92
C GLU B 533 28.57 42.91 -9.54
N VAL B 534 28.35 42.76 -10.84
CA VAL B 534 27.26 43.51 -11.47
C VAL B 534 25.86 42.91 -11.19
N LEU B 535 25.81 41.61 -10.96
CA LEU B 535 24.55 40.98 -10.55
C LEU B 535 24.16 41.49 -9.17
N GLN B 536 25.14 41.61 -8.28
CA GLN B 536 24.94 42.20 -6.97
C GLN B 536 24.39 43.61 -7.13
N SER B 537 24.94 44.33 -8.10
CA SER B 537 24.52 45.68 -8.41
C SER B 537 23.09 45.73 -8.91
N VAL B 538 22.71 44.80 -9.80
CA VAL B 538 21.32 44.68 -10.23
C VAL B 538 20.38 44.48 -9.02
N LEU B 539 20.81 43.65 -8.07
CA LEU B 539 20.06 43.39 -6.84
C LEU B 539 19.89 44.63 -5.98
N ASP B 540 20.99 45.33 -5.69
CA ASP B 540 20.96 46.52 -4.84
C ASP B 540 20.16 47.66 -5.50
N THR B 541 20.38 47.83 -6.80
CA THR B 541 19.68 48.84 -7.60
C THR B 541 18.17 48.57 -7.69
N GLU B 542 17.85 47.38 -8.16
CA GLU B 542 16.50 47.04 -8.53
C GLU B 542 15.56 46.66 -7.37
N ILE B 543 16.11 46.29 -6.21
CA ILE B 543 15.27 46.09 -5.02
C ILE B 543 15.07 47.46 -4.34
N THR B 544 16.18 48.16 -4.12
CA THR B 544 16.14 49.53 -3.61
C THR B 544 15.41 50.44 -4.60
N SER B 558 6.24 51.79 -10.26
CA SER B 558 6.86 50.50 -10.53
C SER B 558 5.80 49.50 -11.02
N GLU B 559 5.62 48.41 -10.29
CA GLU B 559 4.70 47.32 -10.66
C GLU B 559 3.69 47.12 -9.53
N ALA B 560 4.09 47.46 -8.32
CA ALA B 560 3.28 47.27 -7.12
C ALA B 560 2.20 48.38 -6.85
N LYS B 561 1.42 48.66 -7.91
CA LYS B 561 0.01 49.05 -7.76
C LYS B 561 -0.99 47.99 -8.34
N VAL B 562 -0.41 46.86 -8.77
CA VAL B 562 -1.10 45.59 -8.69
C VAL B 562 -0.90 45.03 -7.27
N GLY B 563 -0.12 45.73 -6.44
CA GLY B 563 0.16 45.32 -5.06
C GLY B 563 1.53 44.70 -4.83
N PRO B 564 1.94 44.61 -3.56
CA PRO B 564 3.17 43.95 -3.16
C PRO B 564 3.21 42.49 -3.62
N PHE B 565 4.19 42.13 -4.44
CA PHE B 565 4.34 40.76 -4.93
C PHE B 565 4.44 39.64 -3.87
N ALA B 566 5.00 39.96 -2.71
CA ALA B 566 4.97 39.09 -1.55
C ALA B 566 3.55 38.63 -1.16
N LEU B 567 2.62 39.55 -1.18
CA LEU B 567 1.27 39.23 -0.77
C LEU B 567 0.59 38.52 -1.91
N GLN B 568 0.98 38.86 -3.11
CA GLN B 568 0.28 38.24 -4.20
C GLN B 568 0.83 36.98 -4.80
N ASP B 569 2.09 36.65 -4.54
CA ASP B 569 2.54 35.28 -4.82
C ASP B 569 1.97 34.31 -3.78
N PHE B 570 1.59 34.86 -2.61
CA PHE B 570 0.99 34.12 -1.54
C PHE B 570 -0.39 33.66 -2.00
N SER B 571 -1.18 34.60 -2.46
CA SER B 571 -2.50 34.31 -2.98
C SER B 571 -2.43 33.37 -4.19
N LEU B 572 -1.47 33.61 -5.08
CA LEU B 572 -1.35 32.80 -6.28
C LEU B 572 -1.12 31.33 -5.94
N PHE B 573 -0.22 31.06 -4.99
CA PHE B 573 0.09 29.68 -4.57
C PHE B 573 -1.15 28.91 -4.15
N GLN B 574 -1.94 29.55 -3.28
CA GLN B 574 -3.16 29.02 -2.73
C GLN B 574 -4.18 28.71 -3.77
N VAL B 575 -4.35 29.65 -4.69
CA VAL B 575 -5.37 29.54 -5.70
C VAL B 575 -4.96 28.45 -6.64
N LEU B 576 -3.75 28.52 -7.16
CA LEU B 576 -3.29 27.62 -8.20
C LEU B 576 -3.15 26.19 -7.68
N ARG B 577 -2.70 26.05 -6.43
CA ARG B 577 -2.40 24.72 -5.90
C ARG B 577 -3.65 24.07 -5.26
N TYR B 578 -4.49 24.87 -4.57
CA TYR B 578 -5.56 24.33 -3.73
C TYR B 578 -6.96 24.87 -4.07
N GLY B 579 -7.02 26.03 -4.72
CA GLY B 579 -8.27 26.63 -5.13
C GLY B 579 -9.02 27.20 -3.93
N PHE B 580 -8.29 27.67 -2.92
CA PHE B 580 -8.89 28.05 -1.64
C PHE B 580 -9.75 29.27 -1.82
N ARG B 581 -10.87 29.31 -1.13
CA ARG B 581 -11.69 30.52 -1.11
C ARG B 581 -10.96 31.73 -0.51
N PRO B 582 -11.31 32.96 -0.97
CA PRO B 582 -10.59 34.19 -0.56
C PRO B 582 -10.48 34.35 0.97
N SER B 583 -11.57 34.00 1.64
CA SER B 583 -11.69 33.91 3.08
C SER B 583 -10.50 33.21 3.69
N LYS B 584 -10.27 31.99 3.22
CA LYS B 584 -9.22 31.12 3.66
C LYS B 584 -7.85 31.64 3.20
N ILE B 585 -7.77 32.25 2.03
CA ILE B 585 -6.47 32.84 1.66
C ILE B 585 -6.09 33.96 2.61
N ALA B 586 -7.07 34.77 3.01
CA ALA B 586 -6.86 35.91 3.86
C ALA B 586 -6.47 35.54 5.30
N PHE B 587 -7.11 34.52 5.84
CA PHE B 587 -6.71 33.97 7.15
C PHE B 587 -5.24 33.50 7.09
N LEU B 588 -4.88 32.73 6.07
CA LEU B 588 -3.51 32.20 5.95
C LEU B 588 -2.45 33.30 5.79
N ALA B 589 -2.66 34.25 4.87
CA ALA B 589 -1.79 35.42 4.78
C ALA B 589 -1.71 36.21 6.09
N TRP B 590 -2.83 36.44 6.77
CA TRP B 590 -2.79 37.21 8.00
C TRP B 590 -1.96 36.52 9.06
N HIS B 591 -2.14 35.21 9.21
CA HIS B 591 -1.24 34.43 10.08
C HIS B 591 0.23 34.45 9.66
N ALA B 592 0.53 34.41 8.37
CA ALA B 592 1.95 34.46 7.97
C ALA B 592 2.58 35.88 8.11
N TRP B 593 1.78 36.92 7.88
CA TRP B 593 2.30 38.27 7.64
C TRP B 593 1.94 39.34 8.69
N ASN B 594 1.07 39.00 9.64
CA ASN B 594 0.60 40.04 10.60
C ASN B 594 1.68 40.64 11.51
N ASP B 595 2.77 39.91 11.70
CA ASP B 595 3.82 40.29 12.64
C ASP B 595 5.22 39.84 12.18
N ALA B 596 6.06 40.81 11.80
CA ALA B 596 7.40 40.54 11.27
C ALA B 596 8.36 39.92 12.28
N GLU B 597 8.04 40.11 13.57
CA GLU B 597 8.78 39.50 14.68
C GLU B 597 8.56 37.99 14.75
N ARG B 598 7.33 37.55 14.49
CA ARG B 598 6.97 36.13 14.53
C ARG B 598 7.27 35.48 13.19
N GLY B 599 7.59 34.19 13.21
CA GLY B 599 7.88 33.45 11.98
C GLY B 599 9.29 33.66 11.51
N ASN B 600 9.65 33.00 10.41
CA ASN B 600 10.99 33.10 9.84
C ASN B 600 11.00 33.78 8.50
N TRP B 601 12.13 34.38 8.18
CA TRP B 601 12.33 35.08 6.93
C TRP B 601 13.43 34.38 6.14
N PRO B 602 13.30 34.28 4.81
CA PRO B 602 14.38 33.64 4.06
C PRO B 602 15.67 34.46 4.12
N PRO B 603 16.83 33.82 3.85
CA PRO B 603 18.12 34.52 3.65
C PRO B 603 18.08 35.71 2.68
N GLY B 604 18.88 36.75 2.94
CA GLY B 604 18.95 37.92 2.06
C GLY B 604 17.78 38.90 2.11
N PHE B 605 17.26 39.15 3.31
CA PHE B 605 16.24 40.19 3.57
C PHE B 605 16.74 41.14 4.65
N PRO B 606 17.45 42.24 4.28
CA PRO B 606 17.88 43.15 5.37
C PRO B 606 16.71 43.57 6.30
N LYS B 607 17.04 43.80 7.57
CA LYS B 607 16.04 44.09 8.61
C LYS B 607 15.06 45.21 8.22
N SER B 608 15.46 46.00 7.22
CA SER B 608 14.71 47.16 6.74
C SER B 608 13.62 46.85 5.67
N GLU B 609 13.63 45.64 5.11
CA GLU B 609 12.63 45.24 4.13
C GLU B 609 11.86 44.00 4.61
N ARG B 610 11.46 44.07 5.87
CA ARG B 610 10.72 43.02 6.52
C ARG B 610 9.38 43.61 7.02
N PRO B 611 8.41 43.84 6.10
CA PRO B 611 7.10 44.42 6.43
C PRO B 611 6.14 43.49 7.20
N SER B 612 5.37 44.09 8.09
CA SER B 612 4.16 43.49 8.62
C SER B 612 3.08 43.95 7.66
N TYR B 613 2.01 43.15 7.50
CA TYR B 613 0.78 43.60 6.81
C TYR B 613 -0.47 43.51 7.70
N SER B 614 -1.33 44.53 7.63
CA SER B 614 -2.61 44.47 8.36
C SER B 614 -3.66 43.66 7.58
N LEU B 615 -4.75 43.28 8.23
CA LEU B 615 -5.85 42.61 7.53
C LEU B 615 -6.42 43.49 6.43
N ALA B 616 -6.60 44.78 6.71
CA ALA B 616 -7.02 45.76 5.71
C ALA B 616 -6.21 45.66 4.40
N GLU B 617 -4.88 45.58 4.51
CA GLU B 617 -4.03 45.56 3.34
C GLU B 617 -4.12 44.23 2.64
N ILE B 618 -4.13 43.16 3.43
CA ILE B 618 -4.27 41.80 2.93
C ILE B 618 -5.54 41.68 2.10
N ARG B 619 -6.62 42.18 2.70
CA ARG B 619 -7.95 42.20 2.11
C ARG B 619 -7.98 43.01 0.82
N HIS B 620 -7.45 44.23 0.89
CA HIS B 620 -7.35 45.13 -0.27
C HIS B 620 -6.62 44.46 -1.45
N TRP B 621 -5.41 43.99 -1.22
CA TRP B 621 -4.68 43.29 -2.29
C TRP B 621 -5.35 42.01 -2.78
N LEU B 622 -6.13 41.33 -1.91
CA LEU B 622 -6.87 40.13 -2.33
C LEU B 622 -7.98 40.47 -3.33
N GLN B 623 -8.77 41.53 -3.07
CA GLN B 623 -9.78 41.99 -4.03
C GLN B 623 -9.21 42.21 -5.45
N ILE B 624 -8.07 42.88 -5.53
CA ILE B 624 -7.36 43.09 -6.77
C ILE B 624 -6.87 41.76 -7.36
N PHE B 625 -6.35 40.88 -6.49
CA PHE B 625 -5.90 39.56 -6.98
C PHE B 625 -7.03 38.80 -7.66
N VAL B 626 -8.17 38.71 -6.99
CA VAL B 626 -9.20 37.79 -7.46
C VAL B 626 -9.82 38.33 -8.75
N GLN B 627 -9.94 39.65 -8.82
CA GLN B 627 -10.37 40.32 -10.04
C GLN B 627 -9.44 40.13 -11.24
N ARG B 628 -8.13 40.28 -11.02
CA ARG B 628 -7.18 40.26 -12.11
C ARG B 628 -6.89 38.87 -12.54
N PHE B 629 -6.78 37.96 -11.57
CA PHE B 629 -6.45 36.60 -11.87
C PHE B 629 -7.60 35.82 -12.53
N TYR B 630 -8.79 35.92 -11.93
CA TYR B 630 -9.96 35.16 -12.38
C TYR B 630 -10.73 35.78 -13.54
N SER B 631 -10.69 37.11 -13.65
CA SER B 631 -11.40 37.81 -14.71
C SER B 631 -10.48 38.45 -15.75
N PHE B 632 -9.68 39.44 -15.33
CA PHE B 632 -8.97 40.26 -16.31
C PHE B 632 -7.88 39.53 -17.10
N SER B 633 -7.06 38.74 -16.44
CA SER B 633 -5.77 38.39 -16.99
C SER B 633 -5.71 37.20 -17.93
N GLN B 634 -6.74 36.36 -17.94
CA GLN B 634 -6.65 35.05 -18.57
C GLN B 634 -6.40 35.07 -20.08
N PHE B 635 -7.01 36.01 -20.78
CA PHE B 635 -6.80 36.11 -22.22
C PHE B 635 -5.33 36.19 -22.60
N LYS B 636 -4.51 36.81 -21.74
CA LYS B 636 -3.05 36.94 -21.97
C LYS B 636 -2.30 35.60 -21.88
N ARG B 637 -2.65 34.79 -20.87
CA ARG B 637 -2.10 33.42 -20.71
C ARG B 637 -2.65 32.49 -21.75
N SER B 638 -3.87 32.79 -22.24
CA SER B 638 -4.52 31.91 -23.22
C SER B 638 -3.60 31.68 -24.44
N ALA B 639 -2.99 32.77 -24.89
CA ALA B 639 -2.09 32.74 -26.02
C ALA B 639 -0.64 32.87 -25.54
N LEU B 640 -0.21 31.93 -24.70
CA LEU B 640 1.08 32.02 -24.04
C LEU B 640 2.18 31.26 -24.79
N PRO B 641 3.35 31.89 -24.98
CA PRO B 641 4.46 31.15 -25.61
C PRO B 641 4.97 29.99 -24.72
N ASN B 642 5.89 29.20 -25.27
CA ASN B 642 6.45 28.04 -24.61
C ASN B 642 7.48 28.36 -23.50
N GLY B 643 7.63 27.46 -22.55
CA GLY B 643 8.59 27.62 -21.47
C GLY B 643 8.29 26.61 -20.39
N PRO B 644 9.31 26.20 -19.61
CA PRO B 644 9.11 25.11 -18.65
C PRO B 644 8.37 25.49 -17.34
N LYS B 645 7.48 24.59 -16.88
CA LYS B 645 6.89 24.68 -15.52
C LYS B 645 8.03 24.53 -14.52
N VAL B 646 8.03 25.34 -13.46
CA VAL B 646 9.17 25.32 -12.53
C VAL B 646 8.81 24.87 -11.11
N SER B 647 7.77 25.50 -10.55
CA SER B 647 7.42 25.39 -9.15
C SER B 647 6.50 24.22 -8.87
N HIS B 648 6.52 23.64 -7.67
CA HIS B 648 5.52 22.59 -7.41
C HIS B 648 4.13 23.21 -7.21
N GLY B 649 4.09 24.49 -6.83
CA GLY B 649 2.85 25.25 -6.74
C GLY B 649 2.08 25.29 -8.06
N GLY B 650 2.79 25.07 -9.17
CA GLY B 650 2.21 25.10 -10.52
C GLY B 650 2.79 26.17 -11.44
N ALA B 651 2.39 26.11 -12.71
CA ALA B 651 2.66 27.21 -13.66
C ALA B 651 1.31 27.69 -14.19
N LEU B 652 1.31 28.62 -15.14
CA LEU B 652 0.05 29.21 -15.59
C LEU B 652 -0.22 29.01 -17.07
N SER B 653 0.39 27.96 -17.60
CA SER B 653 0.24 27.62 -19.00
C SER B 653 -1.17 27.10 -19.31
N PRO B 654 -1.77 27.57 -20.41
CA PRO B 654 -3.08 27.03 -20.83
C PRO B 654 -2.96 25.61 -21.40
N ARG B 655 -1.74 25.15 -21.67
CA ARG B 655 -1.49 23.79 -22.20
C ARG B 655 -1.16 22.80 -21.07
N GLY B 656 -0.99 23.32 -19.86
CA GLY B 656 -0.74 22.44 -18.72
C GLY B 656 -1.61 22.80 -17.52
N ASP B 657 -1.04 23.59 -16.61
CA ASP B 657 -1.61 23.67 -15.26
C ASP B 657 -2.88 24.46 -15.11
N TRP B 658 -3.24 25.29 -16.09
CA TRP B 658 -4.38 26.21 -15.82
C TRP B 658 -5.21 26.49 -17.05
N ARG B 659 -6.35 25.80 -17.09
CA ARG B 659 -7.36 25.89 -18.12
C ARG B 659 -8.51 26.64 -17.49
N ALA B 660 -8.88 27.77 -18.08
CA ALA B 660 -9.84 28.70 -17.51
C ALA B 660 -10.39 29.55 -18.65
N PRO B 661 -11.65 30.00 -18.55
CA PRO B 661 -12.26 30.87 -19.57
C PRO B 661 -11.60 32.25 -19.63
N SER B 662 -11.50 32.84 -20.84
CA SER B 662 -10.95 34.18 -21.02
C SER B 662 -12.00 35.26 -20.80
N ASP B 663 -13.24 34.85 -20.54
CA ASP B 663 -14.36 35.79 -20.59
C ASP B 663 -15.30 35.68 -19.40
N MET B 664 -14.72 35.46 -18.21
CA MET B 664 -15.51 35.19 -17.01
C MET B 664 -15.46 36.33 -16.00
N SER B 665 -16.54 36.57 -15.28
CA SER B 665 -16.54 37.59 -14.22
C SER B 665 -16.06 37.02 -12.88
N ALA B 666 -15.48 37.90 -12.06
CA ALA B 666 -14.98 37.49 -10.74
C ALA B 666 -16.02 37.74 -9.62
N ARG B 667 -17.27 38.05 -9.99
CA ARG B 667 -18.27 38.43 -8.98
C ARG B 667 -18.22 37.60 -7.67
N ILE B 668 -18.29 36.28 -7.77
CA ILE B 668 -18.44 35.42 -6.58
C ILE B 668 -17.24 35.46 -5.61
N TRP B 669 -16.02 35.57 -6.14
CA TRP B 669 -14.87 35.73 -5.28
C TRP B 669 -14.92 37.03 -4.50
N LEU B 670 -15.26 38.10 -5.20
CA LEU B 670 -15.40 39.44 -4.59
C LEU B 670 -16.56 39.50 -3.61
N ASP B 671 -17.64 38.79 -3.93
CA ASP B 671 -18.75 38.75 -3.02
C ASP B 671 -18.36 38.04 -1.74
N GLN B 672 -17.54 36.99 -1.84
CA GLN B 672 -17.19 36.31 -0.60
C GLN B 672 -16.15 37.03 0.30
N ILE B 673 -15.30 37.87 -0.29
CA ILE B 673 -14.46 38.77 0.49
C ILE B 673 -15.42 39.74 1.23
N ASP B 674 -16.39 40.30 0.53
CA ASP B 674 -17.38 41.17 1.19
C ASP B 674 -18.01 40.58 2.42
N ARG B 675 -18.55 39.37 2.27
CA ARG B 675 -19.31 38.72 3.33
C ARG B 675 -18.44 38.15 4.44
N GLU B 676 -17.26 37.66 4.09
CA GLU B 676 -16.50 36.80 5.00
C GLU B 676 -15.19 37.37 5.59
N VAL B 677 -14.71 38.49 5.06
CA VAL B 677 -13.44 39.04 5.54
C VAL B 677 -13.73 40.39 6.12
N PRO B 678 -13.42 40.57 7.42
CA PRO B 678 -13.69 41.82 8.14
C PRO B 678 -12.94 42.94 7.51
N LYS B 679 -13.50 44.15 7.59
CA LYS B 679 -12.93 45.37 6.96
C LYS B 679 -11.51 45.70 7.45
N GLY B 680 -11.43 46.31 8.64
CA GLY B 680 -10.14 46.63 9.26
C GLY B 680 -9.41 45.37 9.69
N SER C 1 7.32 -0.47 -52.35
CA SER C 1 7.31 -1.97 -52.11
C SER C 1 5.89 -2.53 -51.81
N MET C 2 5.14 -1.87 -50.92
CA MET C 2 3.70 -2.12 -50.84
C MET C 2 3.15 -1.91 -52.24
N ASN C 3 2.16 -2.71 -52.66
CA ASN C 3 1.38 -2.32 -53.84
C ASN C 3 0.44 -1.15 -53.44
N PHE C 4 0.86 0.06 -53.84
CA PHE C 4 0.17 1.30 -53.50
C PHE C 4 -1.31 1.30 -53.92
N TYR C 5 -1.64 0.55 -54.97
CA TYR C 5 -3.01 0.59 -55.52
C TYR C 5 -4.00 -0.43 -54.96
N SER C 6 -3.57 -1.26 -54.01
CA SER C 6 -4.43 -2.25 -53.37
C SER C 6 -5.21 -1.59 -52.21
N ALA C 7 -6.54 -1.61 -52.28
CA ALA C 7 -7.32 -1.14 -51.16
C ALA C 7 -7.08 -2.03 -49.93
N TYR C 8 -6.65 -3.28 -50.18
CA TYR C 8 -6.38 -4.21 -49.07
C TYR C 8 -5.12 -3.82 -48.33
N GLN C 9 -4.09 -3.40 -49.05
CA GLN C 9 -2.87 -2.89 -48.41
C GLN C 9 -3.07 -1.55 -47.71
N HIS C 10 -4.16 -0.86 -48.00
CA HIS C 10 -4.36 0.37 -47.32
C HIS C 10 -5.39 0.29 -46.23
N GLY C 11 -5.76 -0.90 -45.75
CA GLY C 11 -6.62 -1.00 -44.55
C GLY C 11 -8.11 -1.16 -44.84
N PHE C 12 -8.44 -1.44 -46.11
CA PHE C 12 -9.84 -1.60 -46.53
C PHE C 12 -10.23 -3.06 -46.51
N VAL C 13 -11.48 -3.31 -46.19
CA VAL C 13 -12.10 -4.62 -46.33
C VAL C 13 -13.32 -4.48 -47.29
N ARG C 14 -13.32 -5.26 -48.37
CA ARG C 14 -14.48 -5.32 -49.26
C ARG C 14 -15.58 -6.26 -48.75
N VAL C 15 -16.76 -5.67 -48.63
CA VAL C 15 -17.88 -6.19 -47.93
C VAL C 15 -19.09 -6.12 -48.90
N ALA C 16 -19.90 -7.19 -48.99
CA ALA C 16 -21.15 -7.27 -49.82
C ALA C 16 -22.41 -7.59 -49.00
N ALA C 17 -23.50 -6.88 -49.24
CA ALA C 17 -24.82 -7.27 -48.74
C ALA C 17 -25.66 -7.76 -49.93
N CYS C 18 -26.13 -9.00 -49.87
CA CYS C 18 -26.80 -9.59 -51.00
C CYS C 18 -28.26 -9.90 -50.77
N THR C 19 -29.05 -9.59 -51.79
CA THR C 19 -30.42 -10.09 -51.81
C THR C 19 -30.59 -11.04 -52.97
N HIS C 20 -30.91 -12.29 -52.63
CA HIS C 20 -30.92 -13.40 -53.61
C HIS C 20 -32.35 -13.68 -54.08
N HIS C 21 -32.50 -14.61 -55.01
CA HIS C 21 -33.87 -14.99 -55.39
C HIS C 21 -34.44 -16.08 -54.47
N THR C 22 -35.45 -15.74 -53.66
CA THR C 22 -36.11 -16.74 -52.82
C THR C 22 -37.01 -17.69 -53.63
N THR C 23 -36.66 -18.98 -53.72
CA THR C 23 -37.66 -20.02 -53.97
C THR C 23 -38.11 -20.62 -52.63
N ILE C 24 -39.26 -20.20 -52.10
CA ILE C 24 -39.66 -20.70 -50.77
C ILE C 24 -39.91 -22.20 -50.75
N GLY C 25 -39.52 -22.83 -49.64
CA GLY C 25 -39.60 -24.29 -49.51
C GLY C 25 -38.66 -25.07 -50.44
N ASP C 26 -37.62 -24.45 -50.98
CA ASP C 26 -36.74 -25.14 -51.96
C ASP C 26 -35.25 -24.73 -51.80
N PRO C 27 -34.57 -25.39 -50.83
CA PRO C 27 -33.23 -25.02 -50.40
C PRO C 27 -32.21 -25.18 -51.47
N ALA C 28 -32.29 -26.22 -52.30
CA ALA C 28 -31.35 -26.36 -53.40
C ALA C 28 -31.48 -25.14 -54.31
N ALA C 29 -32.69 -24.60 -54.44
CA ALA C 29 -32.83 -23.48 -55.36
C ALA C 29 -32.35 -22.20 -54.67
N ASN C 30 -32.60 -22.07 -53.36
CA ASN C 30 -32.05 -20.95 -52.59
C ASN C 30 -30.50 -20.95 -52.55
N ALA C 31 -29.93 -22.15 -52.38
CA ALA C 31 -28.49 -22.38 -52.41
C ALA C 31 -27.84 -22.01 -53.73
N ALA C 32 -28.53 -22.26 -54.83
CA ALA C 32 -27.92 -21.99 -56.14
C ALA C 32 -27.96 -20.49 -56.44
N SER C 33 -28.97 -19.78 -55.91
CA SER C 33 -28.98 -18.33 -56.08
C SER C 33 -27.79 -17.80 -55.25
N VAL C 34 -27.60 -18.31 -54.04
CA VAL C 34 -26.46 -17.94 -53.18
C VAL C 34 -25.10 -18.24 -53.81
N LEU C 35 -24.89 -19.45 -54.29
CA LEU C 35 -23.61 -19.79 -54.87
C LEU C 35 -23.28 -18.85 -56.02
N ASP C 36 -24.30 -18.45 -56.76
CA ASP C 36 -24.08 -17.56 -57.88
C ASP C 36 -23.64 -16.16 -57.41
N MET C 37 -24.36 -15.60 -56.46
CA MET C 37 -24.04 -14.30 -55.91
C MET C 37 -22.66 -14.23 -55.18
N ALA C 38 -22.39 -15.21 -54.31
CA ALA C 38 -21.03 -15.45 -53.76
C ALA C 38 -19.94 -15.51 -54.83
N ARG C 39 -20.25 -16.06 -55.98
CA ARG C 39 -19.16 -16.19 -56.98
C ARG C 39 -18.84 -14.82 -57.61
N ALA C 40 -19.89 -14.04 -57.84
CA ALA C 40 -19.80 -12.62 -58.18
C ALA C 40 -18.98 -11.87 -57.16
N CYS C 41 -19.14 -12.22 -55.88
CA CYS C 41 -18.43 -11.52 -54.79
C CYS C 41 -16.99 -11.97 -54.71
N HIS C 42 -16.76 -13.27 -54.85
CA HIS C 42 -15.42 -13.74 -55.06
C HIS C 42 -14.80 -12.88 -56.14
N ASP C 43 -15.49 -12.75 -57.27
CA ASP C 43 -14.99 -12.02 -58.42
C ASP C 43 -14.65 -10.54 -58.16
N ASP C 44 -15.42 -9.90 -57.29
CA ASP C 44 -15.20 -8.50 -56.96
C ASP C 44 -14.17 -8.33 -55.86
N GLY C 45 -13.56 -9.42 -55.41
CA GLY C 45 -12.57 -9.40 -54.34
C GLY C 45 -13.15 -9.08 -52.97
N ALA C 46 -14.41 -9.47 -52.75
CA ALA C 46 -15.05 -9.25 -51.45
C ALA C 46 -14.59 -10.25 -50.34
N ALA C 47 -14.72 -9.81 -49.09
CA ALA C 47 -14.28 -10.59 -47.92
C ALA C 47 -15.49 -11.14 -47.15
N LEU C 48 -16.65 -10.62 -47.50
CA LEU C 48 -17.83 -10.82 -46.72
C LEU C 48 -19.03 -10.72 -47.67
N ALA C 49 -19.99 -11.64 -47.50
CA ALA C 49 -21.24 -11.61 -48.25
C ALA C 49 -22.38 -11.96 -47.30
N VAL C 50 -23.17 -10.98 -46.88
CA VAL C 50 -24.35 -11.20 -46.02
C VAL C 50 -25.60 -11.44 -46.90
N PHE C 51 -26.29 -12.56 -46.68
CA PHE C 51 -27.56 -12.87 -47.38
C PHE C 51 -28.72 -12.61 -46.40
N PRO C 52 -30.01 -12.67 -46.86
CA PRO C 52 -31.17 -12.37 -45.95
C PRO C 52 -31.57 -13.45 -44.92
N GLU C 53 -32.26 -13.07 -43.86
CA GLU C 53 -32.79 -14.05 -42.90
C GLU C 53 -33.38 -15.34 -43.56
N LEU C 54 -33.00 -16.52 -43.06
CA LEU C 54 -33.52 -17.82 -43.56
C LEU C 54 -33.35 -18.02 -45.08
N THR C 55 -32.27 -17.43 -45.57
CA THR C 55 -31.83 -17.62 -46.95
C THR C 55 -32.16 -18.99 -47.55
N LEU C 56 -31.94 -20.03 -46.77
CA LEU C 56 -31.82 -21.37 -47.34
C LEU C 56 -33.18 -22.12 -47.42
N SER C 57 -34.13 -21.63 -46.62
CA SER C 57 -35.49 -22.11 -46.68
C SER C 57 -36.48 -21.07 -47.27
N GLY C 58 -36.41 -19.82 -46.79
CA GLY C 58 -37.41 -18.80 -47.04
C GLY C 58 -37.85 -18.28 -45.69
N TYR C 59 -37.91 -16.98 -45.52
CA TYR C 59 -38.31 -16.47 -44.19
C TYR C 59 -39.75 -16.85 -43.88
N SER C 60 -40.60 -16.74 -44.90
CA SER C 60 -42.05 -16.66 -44.76
C SER C 60 -42.81 -18.02 -44.78
N ILE C 61 -42.12 -19.15 -44.80
CA ILE C 61 -42.82 -20.42 -44.90
C ILE C 61 -43.58 -20.94 -43.63
N GLU C 62 -43.64 -20.14 -42.57
CA GLU C 62 -44.40 -20.46 -41.36
C GLU C 62 -44.26 -21.96 -40.90
N ASP C 63 -45.38 -22.61 -40.58
CA ASP C 63 -45.31 -24.00 -40.12
C ASP C 63 -44.64 -24.93 -41.13
N VAL C 64 -44.25 -24.46 -42.32
CA VAL C 64 -43.51 -25.37 -43.22
C VAL C 64 -42.06 -25.57 -42.79
N LEU C 65 -41.61 -24.65 -41.94
CA LEU C 65 -40.31 -24.73 -41.24
C LEU C 65 -40.17 -25.99 -40.39
N LEU C 66 -41.30 -26.53 -39.96
CA LEU C 66 -41.35 -27.60 -39.01
C LEU C 66 -41.42 -28.92 -39.75
N GLN C 67 -41.10 -28.99 -41.05
CA GLN C 67 -41.28 -30.25 -41.79
C GLN C 67 -40.00 -30.96 -42.01
N ASP C 68 -39.98 -32.23 -41.66
CA ASP C 68 -38.79 -33.03 -41.79
C ASP C 68 -38.09 -32.94 -43.15
N SER C 69 -38.85 -32.80 -44.23
CA SER C 69 -38.20 -32.77 -45.56
C SER C 69 -37.58 -31.43 -45.86
N LEU C 70 -38.18 -30.40 -45.30
CA LEU C 70 -37.69 -29.04 -45.40
C LEU C 70 -36.39 -28.90 -44.62
N LEU C 71 -36.44 -29.17 -43.31
CA LEU C 71 -35.23 -29.19 -42.49
C LEU C 71 -34.14 -30.09 -43.12
N ASP C 72 -34.55 -31.25 -43.65
CA ASP C 72 -33.59 -32.20 -44.23
C ASP C 72 -32.86 -31.57 -45.38
N ALA C 73 -33.63 -30.88 -46.25
CA ALA C 73 -33.12 -30.46 -47.58
C ALA C 73 -32.14 -29.26 -47.41
N VAL C 74 -32.50 -28.40 -46.46
CA VAL C 74 -31.66 -27.35 -45.97
C VAL C 74 -30.28 -27.77 -45.53
N GLU C 75 -30.23 -28.80 -44.68
CA GLU C 75 -28.96 -29.42 -44.29
C GLU C 75 -28.17 -29.78 -45.53
N ASP C 76 -28.78 -30.49 -46.47
CA ASP C 76 -28.02 -31.03 -47.60
C ASP C 76 -27.52 -29.87 -48.42
N ALA C 77 -28.24 -28.73 -48.29
CA ALA C 77 -27.98 -27.59 -49.17
C ALA C 77 -26.83 -26.82 -48.54
N LEU C 78 -27.00 -26.47 -47.27
CA LEU C 78 -25.90 -25.98 -46.46
C LEU C 78 -24.61 -26.78 -46.66
N LEU C 79 -24.65 -28.11 -46.60
CA LEU C 79 -23.40 -28.90 -46.80
C LEU C 79 -22.79 -28.72 -48.16
N ASP C 80 -23.63 -28.58 -49.17
CA ASP C 80 -23.15 -28.27 -50.53
C ASP C 80 -22.46 -26.90 -50.70
N LEU C 81 -23.12 -25.85 -50.18
CA LEU C 81 -22.58 -24.51 -50.18
C LEU C 81 -21.24 -24.57 -49.51
N VAL C 82 -21.15 -25.42 -48.49
CA VAL C 82 -19.93 -25.48 -47.70
C VAL C 82 -18.83 -26.00 -48.50
N THR C 83 -19.03 -27.12 -49.23
CA THR C 83 -18.03 -27.65 -50.16
C THR C 83 -17.76 -26.61 -51.24
N GLU C 84 -18.78 -25.79 -51.51
CA GLU C 84 -18.64 -24.83 -52.62
C GLU C 84 -17.67 -23.67 -52.26
N SER C 85 -17.32 -23.52 -50.99
CA SER C 85 -16.49 -22.39 -50.59
C SER C 85 -15.02 -22.77 -50.51
N ALA C 86 -14.72 -24.06 -50.41
CA ALA C 86 -13.34 -24.48 -50.69
C ALA C 86 -12.69 -23.50 -51.69
N ASP C 87 -13.39 -23.09 -52.73
CA ASP C 87 -12.82 -22.16 -53.68
C ASP C 87 -13.36 -20.70 -53.73
N LEU C 88 -13.67 -20.11 -52.59
CA LEU C 88 -14.26 -18.80 -52.63
C LEU C 88 -13.65 -17.94 -51.53
N LEU C 89 -13.31 -16.71 -51.88
CA LEU C 89 -12.63 -15.79 -50.99
C LEU C 89 -13.49 -15.30 -49.84
N PRO C 90 -14.75 -14.91 -50.12
CA PRO C 90 -15.45 -14.25 -49.01
C PRO C 90 -16.04 -15.17 -47.97
N VAL C 91 -16.02 -14.71 -46.73
CA VAL C 91 -16.82 -15.31 -45.70
C VAL C 91 -18.27 -15.17 -46.15
N LEU C 92 -19.02 -16.26 -46.12
CA LEU C 92 -20.41 -16.28 -46.59
C LEU C 92 -21.25 -16.30 -45.32
N VAL C 93 -22.11 -15.32 -45.10
CA VAL C 93 -23.02 -15.42 -43.96
C VAL C 93 -24.42 -15.71 -44.48
N VAL C 94 -24.97 -16.85 -44.06
CA VAL C 94 -26.11 -17.44 -44.72
C VAL C 94 -27.12 -18.01 -43.80
N GLY C 95 -28.39 -17.86 -44.17
CA GLY C 95 -29.49 -18.17 -43.26
C GLY C 95 -30.03 -19.57 -43.41
N ALA C 96 -30.54 -20.12 -42.30
CA ALA C 96 -31.07 -21.48 -42.22
C ALA C 96 -31.74 -21.74 -40.87
N PRO C 97 -32.96 -22.37 -40.86
CA PRO C 97 -33.54 -23.22 -39.83
C PRO C 97 -32.65 -24.41 -39.53
N LEU C 98 -32.09 -24.45 -38.33
CA LEU C 98 -31.26 -25.64 -38.03
C LEU C 98 -31.74 -26.22 -36.72
N ARG C 99 -31.70 -27.55 -36.65
CA ARG C 99 -32.12 -28.25 -35.42
C ARG C 99 -30.98 -28.18 -34.40
N HIS C 100 -31.34 -27.86 -33.18
CA HIS C 100 -30.38 -28.00 -32.13
C HIS C 100 -31.08 -28.32 -30.84
N ARG C 101 -30.62 -29.41 -30.24
CA ARG C 101 -31.26 -29.97 -29.06
C ARG C 101 -32.73 -30.33 -29.36
N HIS C 102 -33.63 -29.57 -28.74
CA HIS C 102 -35.08 -29.73 -28.84
C HIS C 102 -35.79 -28.97 -29.96
N ARG C 103 -35.18 -27.90 -30.50
CA ARG C 103 -35.93 -27.01 -31.37
C ARG C 103 -35.25 -26.68 -32.65
N ILE C 104 -35.95 -25.92 -33.49
CA ILE C 104 -35.23 -25.33 -34.63
C ILE C 104 -34.86 -23.94 -34.21
N TYR C 105 -33.66 -23.56 -34.65
CA TYR C 105 -33.23 -22.18 -34.41
C TYR C 105 -33.18 -21.35 -35.69
N ASN C 106 -33.52 -20.06 -35.50
CA ASN C 106 -33.34 -19.05 -36.55
C ASN C 106 -31.85 -18.63 -36.60
N THR C 107 -31.09 -19.29 -37.50
CA THR C 107 -29.66 -19.06 -37.44
C THR C 107 -29.04 -18.42 -38.69
N ALA C 108 -27.93 -17.72 -38.46
CA ALA C 108 -26.97 -17.36 -39.52
C ALA C 108 -25.81 -18.34 -39.50
N VAL C 109 -25.30 -18.75 -40.66
CA VAL C 109 -24.21 -19.73 -40.70
C VAL C 109 -23.00 -19.09 -41.45
N VAL C 110 -21.81 -19.14 -40.86
CA VAL C 110 -20.65 -18.42 -41.35
C VAL C 110 -19.68 -19.42 -42.03
N ILE C 111 -19.58 -19.35 -43.36
CA ILE C 111 -18.86 -20.38 -44.11
C ILE C 111 -17.61 -19.71 -44.55
N HIS C 112 -16.47 -20.32 -44.30
CA HIS C 112 -15.30 -19.80 -44.95
C HIS C 112 -14.45 -20.93 -45.48
N ARG C 113 -14.09 -20.82 -46.75
CA ARG C 113 -13.05 -21.66 -47.35
C ARG C 113 -13.20 -23.13 -46.98
N GLY C 114 -14.44 -23.63 -46.98
CA GLY C 114 -14.70 -25.07 -46.85
C GLY C 114 -15.12 -25.59 -45.48
N ALA C 115 -15.35 -24.68 -44.53
CA ALA C 115 -15.63 -25.04 -43.17
C ALA C 115 -16.70 -24.11 -42.67
N VAL C 116 -17.52 -24.55 -41.73
CA VAL C 116 -18.37 -23.61 -40.98
C VAL C 116 -17.53 -23.15 -39.82
N LEU C 117 -17.41 -21.83 -39.67
CA LEU C 117 -16.71 -21.19 -38.57
C LEU C 117 -17.64 -21.01 -37.35
N GLY C 118 -18.94 -21.09 -37.56
CA GLY C 118 -19.82 -20.69 -36.42
C GLY C 118 -21.28 -20.61 -36.81
N VAL C 119 -22.15 -20.94 -35.88
CA VAL C 119 -23.55 -20.90 -36.21
C VAL C 119 -24.10 -19.93 -35.22
N VAL C 120 -24.64 -18.82 -35.73
CA VAL C 120 -25.25 -17.81 -34.88
C VAL C 120 -26.75 -17.79 -35.10
N PRO C 121 -27.50 -17.86 -34.00
CA PRO C 121 -28.92 -17.83 -33.98
C PRO C 121 -29.67 -16.62 -33.33
N LYS C 122 -30.84 -16.34 -33.85
CA LYS C 122 -31.45 -15.11 -33.62
C LYS C 122 -31.70 -14.91 -32.09
N SER C 123 -31.29 -13.80 -31.60
CA SER C 123 -31.52 -13.59 -30.19
C SER C 123 -32.97 -13.49 -29.90
N TYR C 124 -33.64 -12.60 -30.63
CA TYR C 124 -35.05 -12.17 -30.29
C TYR C 124 -36.04 -12.38 -31.45
N LEU C 125 -37.02 -13.26 -31.17
CA LEU C 125 -37.96 -13.77 -32.17
C LEU C 125 -39.30 -13.06 -31.97
N PRO C 126 -39.61 -12.06 -32.87
CA PRO C 126 -40.83 -11.22 -32.68
C PRO C 126 -42.04 -12.13 -32.96
N THR C 127 -43.04 -11.95 -32.13
CA THR C 127 -44.24 -12.75 -32.09
C THR C 127 -45.33 -11.73 -31.75
N TYR C 128 -45.61 -10.86 -32.73
CA TYR C 128 -46.54 -9.74 -32.55
C TYR C 128 -46.90 -9.28 -33.95
N ARG C 129 -48.05 -8.58 -34.02
CA ARG C 129 -48.70 -8.19 -35.29
C ARG C 129 -48.29 -9.15 -36.45
N GLU C 130 -47.53 -8.75 -37.46
CA GLU C 130 -47.37 -9.75 -38.54
C GLU C 130 -46.41 -10.90 -38.26
N PHE C 131 -45.76 -10.90 -37.10
CA PHE C 131 -44.72 -11.87 -36.81
C PHE C 131 -45.13 -13.00 -35.88
N TYR C 132 -44.73 -14.23 -36.23
CA TYR C 132 -45.15 -15.41 -35.48
C TYR C 132 -43.96 -16.35 -35.16
N GLU C 133 -42.77 -15.77 -34.88
CA GLU C 133 -41.50 -16.62 -34.97
C GLU C 133 -41.31 -17.58 -33.76
N ARG C 134 -41.87 -17.16 -32.60
CA ARG C 134 -41.81 -18.00 -31.42
C ARG C 134 -42.50 -19.37 -31.60
N ARG C 135 -43.43 -19.48 -32.56
CA ARG C 135 -44.15 -20.71 -32.84
C ARG C 135 -43.28 -21.78 -33.51
N GLN C 136 -42.42 -21.40 -34.44
CA GLN C 136 -41.63 -22.44 -35.14
C GLN C 136 -40.23 -22.53 -34.53
N MET C 137 -39.72 -21.37 -34.08
CA MET C 137 -38.30 -21.30 -33.77
C MET C 137 -38.04 -20.91 -32.30
N ALA C 138 -36.95 -21.46 -31.75
CA ALA C 138 -36.53 -21.08 -30.37
C ALA C 138 -35.58 -19.87 -30.26
N PRO C 139 -35.71 -19.07 -29.18
CA PRO C 139 -34.77 -17.94 -28.98
C PRO C 139 -33.30 -18.41 -28.79
N GLY C 140 -32.36 -17.63 -29.36
CA GLY C 140 -30.94 -17.79 -29.12
C GLY C 140 -30.34 -17.10 -27.93
N ASP C 141 -31.07 -16.21 -27.22
CA ASP C 141 -30.33 -15.42 -26.24
C ASP C 141 -29.76 -16.36 -25.16
N GLY C 142 -28.51 -16.16 -24.74
CA GLY C 142 -27.88 -17.09 -23.77
C GLY C 142 -27.52 -18.51 -24.26
N GLU C 143 -27.69 -18.84 -25.53
CA GLU C 143 -27.28 -20.20 -25.95
C GLU C 143 -25.81 -20.23 -26.23
N ARG C 144 -25.11 -21.24 -25.74
CA ARG C 144 -23.66 -21.29 -25.98
C ARG C 144 -23.26 -22.63 -26.54
N GLY C 145 -22.00 -23.03 -26.44
CA GLY C 145 -21.65 -24.42 -26.77
C GLY C 145 -21.43 -24.66 -28.25
N THR C 146 -21.55 -25.90 -28.71
CA THR C 146 -21.36 -26.22 -30.15
C THR C 146 -22.57 -26.86 -30.89
N ILE C 147 -22.39 -27.16 -32.18
CA ILE C 147 -23.44 -27.77 -33.02
C ILE C 147 -22.81 -28.68 -34.04
N ARG C 148 -23.41 -29.83 -34.26
CA ARG C 148 -22.75 -30.79 -35.17
C ARG C 148 -23.29 -30.49 -36.53
N ILE C 149 -22.48 -29.90 -37.40
CA ILE C 149 -22.88 -29.68 -38.78
C ILE C 149 -22.04 -30.62 -39.65
N GLY C 150 -22.71 -31.50 -40.42
CA GLY C 150 -22.05 -32.46 -41.31
C GLY C 150 -20.65 -32.84 -40.83
N GLY C 151 -20.58 -33.62 -39.75
CA GLY C 151 -19.30 -34.15 -39.26
C GLY C 151 -18.46 -33.36 -38.25
N ALA C 152 -18.73 -32.07 -38.07
CA ALA C 152 -17.92 -31.25 -37.16
C ALA C 152 -18.76 -30.64 -36.05
N ASP C 153 -18.14 -30.37 -34.92
CA ASP C 153 -18.77 -29.59 -33.86
C ASP C 153 -18.23 -28.16 -33.99
N VAL C 154 -19.10 -27.14 -34.07
CA VAL C 154 -18.68 -25.80 -34.39
C VAL C 154 -19.36 -24.79 -33.44
N ALA C 155 -18.71 -23.64 -33.19
CA ALA C 155 -19.22 -22.74 -32.20
C ALA C 155 -20.70 -22.40 -32.48
N PHE C 156 -21.52 -22.49 -31.46
CA PHE C 156 -22.94 -22.14 -31.59
C PHE C 156 -23.14 -21.06 -30.61
N GLY C 157 -23.79 -19.96 -30.95
CA GLY C 157 -24.24 -19.03 -29.90
C GLY C 157 -24.20 -17.58 -30.32
N THR C 158 -24.73 -16.71 -29.46
CA THR C 158 -24.80 -15.30 -29.73
C THR C 158 -23.48 -14.53 -29.40
N ASP C 159 -22.60 -15.14 -28.61
CA ASP C 159 -21.25 -14.60 -28.28
C ASP C 159 -20.10 -14.86 -29.24
N LEU C 160 -20.32 -15.00 -30.55
CA LEU C 160 -19.14 -15.27 -31.41
C LEU C 160 -18.49 -14.05 -32.13
N LEU C 161 -17.18 -14.13 -32.32
CA LEU C 161 -16.41 -13.13 -33.04
C LEU C 161 -15.55 -13.80 -34.09
N PHE C 162 -15.73 -13.39 -35.32
CA PHE C 162 -14.96 -13.99 -36.38
C PHE C 162 -13.90 -13.01 -36.81
N ALA C 163 -12.67 -13.28 -36.35
CA ALA C 163 -11.58 -12.35 -36.51
C ALA C 163 -10.58 -12.82 -37.54
N ALA C 164 -10.23 -11.91 -38.45
CA ALA C 164 -9.33 -12.31 -39.54
C ALA C 164 -7.91 -12.26 -39.05
N SER C 165 -7.27 -13.42 -39.02
CA SER C 165 -5.90 -13.52 -38.53
C SER C 165 -4.94 -12.64 -39.33
N ASP C 166 -5.27 -12.33 -40.58
CA ASP C 166 -4.32 -11.59 -41.43
C ASP C 166 -4.83 -10.19 -41.78
N LEU C 167 -6.00 -9.85 -41.26
CA LEU C 167 -6.54 -8.53 -41.47
C LEU C 167 -7.16 -8.08 -40.15
N PRO C 168 -6.30 -7.69 -39.20
CA PRO C 168 -6.63 -7.40 -37.80
C PRO C 168 -7.80 -6.44 -37.60
N GLY C 169 -8.02 -5.52 -38.54
CA GLY C 169 -9.12 -4.52 -38.42
C GLY C 169 -10.51 -5.07 -38.75
N PHE C 170 -10.51 -6.25 -39.38
CA PHE C 170 -11.73 -7.02 -39.68
C PHE C 170 -12.07 -8.12 -38.64
N VAL C 171 -12.92 -7.76 -37.67
CA VAL C 171 -13.53 -8.69 -36.71
C VAL C 171 -15.02 -8.66 -36.95
N LEU C 172 -15.57 -9.78 -37.45
CA LEU C 172 -17.02 -9.95 -37.73
C LEU C 172 -17.88 -10.40 -36.54
N HIS C 173 -18.95 -9.65 -36.23
CA HIS C 173 -20.09 -10.12 -35.44
C HIS C 173 -21.36 -10.20 -36.30
N VAL C 174 -22.20 -11.19 -36.02
CA VAL C 174 -23.44 -11.39 -36.76
C VAL C 174 -24.69 -11.32 -35.86
N GLU C 175 -25.71 -10.63 -36.35
CA GLU C 175 -26.99 -10.71 -35.72
C GLU C 175 -28.07 -10.78 -36.79
N ILE C 176 -29.32 -10.86 -36.35
CA ILE C 176 -30.43 -11.24 -37.22
C ILE C 176 -31.61 -10.36 -36.94
N CYS C 177 -32.01 -9.68 -38.00
CA CYS C 177 -33.15 -8.80 -38.01
C CYS C 177 -33.49 -8.07 -36.70
N GLU C 178 -34.40 -8.64 -35.93
CA GLU C 178 -34.99 -8.02 -34.73
C GLU C 178 -33.93 -7.77 -33.64
N ASP C 179 -32.85 -8.55 -33.69
CA ASP C 179 -31.73 -8.40 -32.74
C ASP C 179 -31.29 -6.97 -32.69
N MET C 180 -31.31 -6.37 -33.88
CA MET C 180 -30.88 -5.02 -34.10
C MET C 180 -31.86 -3.95 -33.56
N PHE C 181 -32.98 -4.31 -32.93
CA PHE C 181 -34.15 -3.37 -32.65
C PHE C 181 -34.51 -3.19 -31.16
N VAL C 182 -33.81 -3.93 -30.33
CA VAL C 182 -34.12 -4.00 -28.90
C VAL C 182 -33.23 -3.01 -28.25
N PRO C 183 -33.65 -2.43 -27.11
CA PRO C 183 -32.81 -1.46 -26.47
C PRO C 183 -31.33 -1.84 -26.32
N MET C 184 -31.08 -3.07 -25.91
N MET C 184 -31.10 -3.01 -25.80
CA MET C 184 -29.73 -3.46 -25.52
CA MET C 184 -29.79 -3.40 -25.46
C MET C 184 -29.08 -4.42 -26.52
C MET C 184 -29.39 -4.48 -26.57
N PRO C 185 -29.06 -4.04 -27.78
CA PRO C 185 -28.79 -5.08 -28.84
C PRO C 185 -27.57 -5.95 -28.64
N PRO C 186 -27.68 -7.20 -29.09
CA PRO C 186 -26.49 -8.06 -29.17
C PRO C 186 -25.25 -7.35 -29.75
N SER C 187 -25.44 -6.47 -30.72
CA SER C 187 -24.30 -6.03 -31.60
C SER C 187 -23.44 -4.97 -30.86
N ALA C 188 -24.12 -4.27 -29.93
CA ALA C 188 -23.53 -3.26 -29.09
C ALA C 188 -22.44 -3.80 -28.14
N GLU C 189 -22.72 -4.89 -27.45
CA GLU C 189 -21.77 -5.59 -26.62
C GLU C 189 -20.64 -6.20 -27.52
N ALA C 190 -21.02 -6.67 -28.70
CA ALA C 190 -20.05 -7.35 -29.56
C ALA C 190 -19.10 -6.27 -30.02
N ALA C 191 -19.55 -4.99 -30.10
CA ALA C 191 -18.61 -3.99 -30.65
C ALA C 191 -17.60 -3.61 -29.56
N LEU C 192 -18.11 -3.37 -28.34
CA LEU C 192 -17.24 -3.31 -27.15
C LEU C 192 -16.23 -4.49 -27.04
N ALA C 193 -16.55 -5.64 -27.61
CA ALA C 193 -15.74 -6.82 -27.39
C ALA C 193 -14.69 -6.85 -28.50
N GLY C 194 -15.00 -6.21 -29.62
CA GLY C 194 -14.03 -5.79 -30.58
C GLY C 194 -14.46 -6.10 -32.00
N ALA C 195 -15.74 -6.42 -32.22
CA ALA C 195 -16.32 -6.47 -33.57
C ALA C 195 -16.30 -5.07 -34.18
N THR C 196 -15.83 -5.02 -35.42
CA THR C 196 -15.69 -3.78 -36.22
C THR C 196 -16.73 -3.71 -37.38
N VAL C 197 -17.02 -4.90 -37.92
CA VAL C 197 -17.97 -5.16 -39.01
C VAL C 197 -19.12 -6.00 -38.45
N LEU C 198 -20.31 -5.44 -38.57
CA LEU C 198 -21.50 -5.96 -37.92
C LEU C 198 -22.44 -6.34 -39.06
N ALA C 199 -22.88 -7.60 -39.05
CA ALA C 199 -23.72 -8.16 -40.11
C ALA C 199 -25.13 -8.33 -39.59
N ASN C 200 -26.10 -8.18 -40.48
CA ASN C 200 -27.47 -8.41 -40.09
C ASN C 200 -28.20 -9.06 -41.25
N LEU C 201 -28.75 -10.24 -41.00
CA LEU C 201 -29.60 -10.89 -42.01
C LEU C 201 -31.01 -10.51 -41.53
N SER C 202 -31.78 -9.81 -42.38
CA SER C 202 -33.19 -9.56 -42.17
C SER C 202 -34.14 -10.28 -43.13
N GLY C 203 -35.38 -10.47 -42.67
CA GLY C 203 -36.51 -10.84 -43.51
C GLY C 203 -37.27 -9.55 -43.75
N SER C 204 -37.91 -9.05 -42.67
CA SER C 204 -38.37 -7.67 -42.66
C SER C 204 -39.32 -7.39 -43.84
N PRO C 205 -40.51 -8.05 -43.84
CA PRO C 205 -41.42 -7.70 -44.93
C PRO C 205 -41.72 -6.21 -44.86
N ILE C 206 -42.07 -5.67 -46.03
CA ILE C 206 -42.00 -4.26 -46.22
C ILE C 206 -43.33 -3.61 -46.04
N THR C 207 -43.28 -2.51 -45.31
CA THR C 207 -44.44 -1.75 -44.90
C THR C 207 -44.09 -0.28 -45.12
N ILE C 208 -45.10 0.56 -45.29
CA ILE C 208 -44.86 1.99 -45.30
C ILE C 208 -43.99 2.35 -44.08
N GLY C 209 -42.96 3.16 -44.29
CA GLY C 209 -42.11 3.62 -43.19
C GLY C 209 -41.11 2.60 -42.66
N ARG C 210 -41.26 1.34 -43.00
CA ARG C 210 -40.28 0.34 -42.55
C ARG C 210 -38.83 0.58 -43.00
N ALA C 211 -38.61 1.03 -44.22
CA ALA C 211 -37.25 1.44 -44.60
C ALA C 211 -36.71 2.68 -43.79
N GLU C 212 -37.57 3.66 -43.46
CA GLU C 212 -37.16 4.74 -42.55
C GLU C 212 -36.65 4.11 -41.23
N ASP C 213 -37.39 3.14 -40.66
CA ASP C 213 -36.96 2.43 -39.42
C ASP C 213 -35.70 1.62 -39.61
N ARG C 214 -35.67 0.78 -40.63
CA ARG C 214 -34.47 0.00 -40.91
C ARG C 214 -33.22 0.85 -40.91
N ARG C 215 -33.25 1.96 -41.65
CA ARG C 215 -32.08 2.86 -41.75
C ARG C 215 -31.77 3.61 -40.44
N LEU C 216 -32.78 4.11 -39.74
CA LEU C 216 -32.56 4.77 -38.45
C LEU C 216 -31.82 3.90 -37.43
N LEU C 217 -32.26 2.66 -37.27
CA LEU C 217 -31.55 1.64 -36.48
C LEU C 217 -30.18 1.19 -37.00
N ALA C 218 -30.02 1.00 -38.29
CA ALA C 218 -28.75 0.45 -38.80
C ALA C 218 -27.68 1.55 -38.77
N ARG C 219 -28.10 2.78 -39.12
CA ARG C 219 -27.22 3.95 -39.16
C ARG C 219 -26.68 4.25 -37.79
N SER C 220 -27.60 4.36 -36.83
CA SER C 220 -27.26 4.71 -35.45
C SER C 220 -26.46 3.58 -34.79
N ALA C 221 -26.78 2.33 -35.12
CA ALA C 221 -25.89 1.22 -34.75
C ALA C 221 -24.47 1.60 -35.13
N SER C 222 -24.22 1.77 -36.43
CA SER C 222 -22.86 1.97 -36.99
C SER C 222 -22.15 3.19 -36.39
N ALA C 223 -22.93 4.18 -35.97
CA ALA C 223 -22.43 5.43 -35.41
C ALA C 223 -22.14 5.33 -33.92
N ARG C 224 -23.10 4.78 -33.19
CA ARG C 224 -22.85 4.52 -31.79
C ARG C 224 -21.80 3.51 -31.47
N CYS C 225 -21.64 2.52 -32.35
CA CYS C 225 -20.74 1.45 -32.09
C CYS C 225 -19.49 1.62 -32.87
N LEU C 226 -19.29 2.83 -33.39
CA LEU C 226 -18.11 3.15 -34.19
C LEU C 226 -17.74 1.96 -35.11
N ALA C 227 -18.71 1.48 -35.88
CA ALA C 227 -18.51 0.22 -36.71
C ALA C 227 -19.11 0.35 -38.10
N ALA C 228 -18.71 -0.57 -39.00
CA ALA C 228 -19.51 -0.88 -40.20
C ALA C 228 -20.76 -1.70 -39.85
N TYR C 229 -21.86 -1.44 -40.54
CA TYR C 229 -23.10 -2.19 -40.35
C TYR C 229 -23.59 -2.69 -41.70
N VAL C 230 -23.41 -3.98 -41.98
CA VAL C 230 -23.84 -4.61 -43.23
C VAL C 230 -25.23 -5.27 -43.14
N TYR C 231 -26.14 -4.88 -44.02
CA TYR C 231 -27.55 -5.32 -43.95
C TYR C 231 -28.09 -5.91 -45.29
N ALA C 232 -28.80 -7.03 -45.20
CA ALA C 232 -29.42 -7.63 -46.36
C ALA C 232 -30.81 -8.15 -45.99
N ALA C 233 -31.85 -7.60 -46.64
CA ALA C 233 -33.27 -8.00 -46.47
C ALA C 233 -33.81 -8.87 -47.62
N ALA C 234 -34.93 -9.54 -47.35
CA ALA C 234 -35.45 -10.51 -48.30
C ALA C 234 -36.32 -9.78 -49.34
N GLY C 235 -36.38 -10.34 -50.55
CA GLY C 235 -37.20 -9.77 -51.64
C GLY C 235 -38.01 -10.75 -52.49
N GLU C 236 -37.77 -10.75 -53.80
CA GLU C 236 -38.58 -11.55 -54.73
C GLU C 236 -38.48 -13.04 -54.48
N GLY C 237 -39.64 -13.69 -54.41
CA GLY C 237 -39.73 -15.13 -54.08
C GLY C 237 -40.40 -15.43 -52.76
N GLU C 238 -40.21 -14.56 -51.76
CA GLU C 238 -40.92 -14.73 -50.49
C GLU C 238 -42.44 -14.75 -50.71
N SER C 239 -43.15 -15.48 -49.86
CA SER C 239 -44.60 -15.65 -49.99
C SER C 239 -45.28 -14.32 -49.86
N THR C 240 -46.26 -14.07 -50.74
CA THR C 240 -47.10 -12.91 -50.56
C THR C 240 -48.56 -13.22 -50.13
N THR C 241 -48.70 -14.34 -49.43
CA THR C 241 -49.89 -14.70 -48.69
C THR C 241 -50.40 -13.56 -47.76
N ASP C 242 -49.53 -12.86 -47.04
CA ASP C 242 -50.05 -11.67 -46.26
C ASP C 242 -49.19 -10.45 -46.26
N LEU C 243 -48.12 -10.49 -47.03
CA LEU C 243 -47.03 -9.55 -46.93
C LEU C 243 -46.27 -9.42 -48.26
N ALA C 244 -45.61 -8.27 -48.35
CA ALA C 244 -44.78 -7.83 -49.46
C ALA C 244 -43.31 -7.69 -49.00
N TRP C 245 -42.38 -7.84 -49.96
CA TRP C 245 -40.95 -7.79 -49.70
C TRP C 245 -40.32 -6.78 -50.63
N ASP C 246 -39.24 -6.13 -50.18
CA ASP C 246 -38.53 -5.11 -51.00
C ASP C 246 -37.06 -5.37 -51.33
N GLY C 247 -36.46 -6.38 -50.73
CA GLY C 247 -35.13 -6.81 -51.14
C GLY C 247 -34.01 -5.81 -50.89
N GLN C 248 -34.25 -4.87 -49.98
CA GLN C 248 -33.28 -3.82 -49.67
C GLN C 248 -31.96 -4.37 -49.10
N THR C 249 -30.84 -3.82 -49.56
CA THR C 249 -29.56 -4.01 -48.88
C THR C 249 -28.82 -2.66 -48.66
N MET C 250 -28.01 -2.58 -47.61
CA MET C 250 -27.31 -1.33 -47.22
C MET C 250 -25.99 -1.64 -46.55
N ILE C 251 -24.99 -0.79 -46.75
CA ILE C 251 -23.76 -0.81 -45.94
C ILE C 251 -23.54 0.58 -45.27
N TRP C 252 -23.45 0.60 -43.97
CA TRP C 252 -23.20 1.82 -43.19
C TRP C 252 -21.87 1.75 -42.43
N GLU C 253 -21.05 2.79 -42.54
CA GLU C 253 -19.80 2.89 -41.79
C GLU C 253 -19.85 4.12 -40.86
N ASN C 254 -19.83 3.91 -39.56
CA ASN C 254 -19.78 5.04 -38.57
C ASN C 254 -20.77 6.18 -38.88
N GLY C 255 -22.00 5.81 -39.21
CA GLY C 255 -23.04 6.76 -39.53
C GLY C 255 -23.19 7.18 -40.98
N ALA C 256 -22.21 6.84 -41.81
CA ALA C 256 -22.25 7.20 -43.22
C ALA C 256 -22.81 6.05 -43.98
N LEU C 257 -23.59 6.33 -45.02
CA LEU C 257 -24.00 5.31 -45.98
C LEU C 257 -22.90 5.08 -47.01
N LEU C 258 -22.36 3.87 -47.09
CA LEU C 258 -21.38 3.56 -48.13
C LEU C 258 -22.00 3.03 -49.42
N ALA C 259 -23.11 2.29 -49.30
CA ALA C 259 -23.73 1.69 -50.49
C ALA C 259 -25.15 1.30 -50.14
N GLU C 260 -25.99 1.15 -51.17
CA GLU C 260 -27.35 0.63 -50.97
C GLU C 260 -27.88 0.26 -52.31
N SER C 261 -28.83 -0.65 -52.31
CA SER C 261 -29.36 -1.15 -53.55
C SER C 261 -30.81 -0.72 -53.78
N GLU C 262 -31.23 -0.91 -55.03
CA GLU C 262 -32.58 -0.65 -55.49
C GLU C 262 -33.67 -1.39 -54.70
N ARG C 263 -34.60 -0.65 -54.10
CA ARG C 263 -35.77 -1.31 -53.51
C ARG C 263 -36.67 -1.95 -54.60
N PHE C 264 -37.33 -3.06 -54.26
CA PHE C 264 -38.26 -3.77 -55.15
C PHE C 264 -37.60 -4.13 -56.48
N PRO C 265 -36.41 -4.75 -56.43
CA PRO C 265 -35.74 -4.87 -57.71
C PRO C 265 -36.40 -5.97 -58.52
N LYS C 266 -36.27 -5.91 -59.82
CA LYS C 266 -36.56 -7.13 -60.53
C LYS C 266 -35.22 -7.83 -60.63
N GLY C 267 -35.02 -8.83 -59.80
CA GLY C 267 -33.78 -9.61 -59.86
C GLY C 267 -32.92 -9.38 -58.64
N VAL C 268 -31.79 -10.09 -58.60
CA VAL C 268 -30.91 -10.07 -57.41
C VAL C 268 -30.04 -8.81 -57.42
N ARG C 269 -29.82 -8.24 -56.23
CA ARG C 269 -29.00 -7.03 -56.06
C ARG C 269 -27.96 -7.21 -54.95
N ARG C 270 -26.82 -6.51 -55.06
CA ARG C 270 -25.83 -6.44 -53.99
C ARG C 270 -25.41 -5.01 -53.74
N SER C 271 -25.32 -4.60 -52.47
CA SER C 271 -24.57 -3.41 -52.12
C SER C 271 -23.15 -3.86 -51.81
N VAL C 272 -22.16 -3.49 -52.64
CA VAL C 272 -20.73 -3.77 -52.39
C VAL C 272 -19.95 -2.50 -52.10
N ALA C 273 -19.12 -2.51 -51.05
CA ALA C 273 -18.34 -1.32 -50.67
C ALA C 273 -17.04 -1.72 -49.99
N ASP C 274 -16.07 -0.80 -50.02
CA ASP C 274 -14.80 -0.93 -49.30
C ASP C 274 -14.92 -0.18 -47.99
N VAL C 275 -14.97 -0.94 -46.89
CA VAL C 275 -15.00 -0.38 -45.53
C VAL C 275 -13.58 0.02 -45.08
N ASP C 276 -13.47 1.22 -44.52
CA ASP C 276 -12.17 1.67 -44.05
C ASP C 276 -11.96 1.21 -42.62
N THR C 277 -11.20 0.13 -42.45
CA THR C 277 -11.04 -0.43 -41.08
C THR C 277 -10.16 0.51 -40.25
N GLU C 278 -9.41 1.38 -40.92
CA GLU C 278 -8.52 2.31 -40.22
C GLU C 278 -9.27 3.51 -39.68
N LEU C 279 -10.28 3.96 -40.42
CA LEU C 279 -11.23 4.98 -39.96
C LEU C 279 -11.78 4.50 -38.67
N LEU C 280 -12.29 3.25 -38.68
CA LEU C 280 -12.95 2.67 -37.50
C LEU C 280 -11.90 2.57 -36.38
N ARG C 281 -10.71 2.03 -36.74
CA ARG C 281 -9.60 1.97 -35.77
C ARG C 281 -9.32 3.33 -35.07
N SER C 282 -9.35 4.43 -35.87
CA SER C 282 -8.87 5.73 -35.44
C SER C 282 -9.92 6.37 -34.59
N GLU C 283 -11.16 6.10 -34.94
CA GLU C 283 -12.28 6.57 -34.22
C GLU C 283 -12.29 5.93 -32.83
N ARG C 284 -12.00 4.62 -32.80
CA ARG C 284 -11.92 3.86 -31.52
C ARG C 284 -10.73 4.27 -30.63
N LEU C 285 -9.55 4.40 -31.25
CA LEU C 285 -8.36 4.99 -30.59
C LEU C 285 -8.61 6.28 -29.81
N ARG C 286 -9.47 7.16 -30.33
CA ARG C 286 -9.61 8.51 -29.81
C ARG C 286 -10.78 8.66 -28.86
N MET C 287 -11.85 7.96 -29.14
CA MET C 287 -13.01 8.03 -28.31
C MET C 287 -12.83 7.08 -27.12
N GLY C 288 -12.32 7.61 -26.00
CA GLY C 288 -11.94 6.76 -24.88
C GLY C 288 -13.12 6.26 -24.08
N THR C 289 -14.23 7.01 -24.12
CA THR C 289 -15.48 6.62 -23.48
C THR C 289 -16.08 5.32 -24.07
N PHE C 290 -15.71 5.00 -25.32
CA PHE C 290 -16.07 3.75 -25.92
C PHE C 290 -15.50 2.69 -25.01
N ASP C 291 -14.18 2.70 -24.85
CA ASP C 291 -13.48 1.75 -24.01
C ASP C 291 -13.91 1.80 -22.54
N ASP C 292 -14.27 2.97 -22.02
CA ASP C 292 -14.86 3.03 -20.67
C ASP C 292 -16.19 2.30 -20.54
N ASN C 293 -17.06 2.42 -21.52
CA ASN C 293 -18.32 1.67 -21.53
C ASN C 293 -18.05 0.12 -21.56
N ARG C 294 -17.05 -0.31 -22.31
CA ARG C 294 -16.64 -1.69 -22.28
C ARG C 294 -16.21 -2.14 -20.87
N ARG C 295 -15.41 -1.32 -20.22
CA ARG C 295 -14.86 -1.65 -18.90
C ARG C 295 -16.00 -1.73 -17.94
N HIS C 296 -17.02 -0.90 -18.14
CA HIS C 296 -18.20 -1.02 -17.34
C HIS C 296 -18.88 -2.39 -17.56
N HIS C 297 -19.02 -2.84 -18.79
CA HIS C 297 -19.60 -4.18 -19.04
C HIS C 297 -18.55 -5.23 -19.28
N ARG C 298 -17.64 -5.33 -18.32
CA ARG C 298 -16.47 -6.16 -18.48
C ARG C 298 -16.75 -7.68 -18.58
N GLU C 299 -17.53 -8.20 -17.62
N GLU C 299 -17.58 -8.22 -17.66
CA GLU C 299 -17.99 -9.58 -17.62
CA GLU C 299 -18.00 -9.64 -17.65
C GLU C 299 -18.54 -9.88 -19.02
C GLU C 299 -18.73 -10.02 -18.93
N LEU C 300 -19.50 -9.07 -19.45
CA LEU C 300 -20.21 -9.23 -20.70
C LEU C 300 -19.33 -9.24 -21.95
N THR C 301 -18.22 -8.51 -21.94
CA THR C 301 -17.45 -8.28 -23.15
C THR C 301 -16.27 -9.23 -23.18
N GLU C 302 -15.81 -9.60 -21.99
CA GLU C 302 -14.63 -10.46 -21.93
C GLU C 302 -14.86 -11.91 -22.33
N SER C 303 -16.12 -12.30 -22.27
CA SER C 303 -16.56 -13.67 -22.48
C SER C 303 -16.91 -14.03 -23.93
N PHE C 304 -16.67 -13.18 -24.91
CA PHE C 304 -17.00 -13.53 -26.30
C PHE C 304 -16.01 -14.55 -26.79
N ARG C 305 -16.42 -15.48 -27.62
CA ARG C 305 -15.44 -16.45 -28.16
C ARG C 305 -14.98 -15.88 -29.46
N ARG C 306 -13.77 -16.22 -29.87
CA ARG C 306 -13.16 -15.51 -30.97
C ARG C 306 -12.59 -16.59 -31.87
N ILE C 307 -13.18 -16.66 -33.06
CA ILE C 307 -12.86 -17.66 -34.01
C ILE C 307 -11.99 -17.03 -35.08
N ASP C 308 -10.86 -17.64 -35.38
CA ASP C 308 -9.94 -17.06 -36.33
C ASP C 308 -9.98 -17.74 -37.68
N PHE C 309 -9.75 -16.91 -38.71
CA PHE C 309 -9.67 -17.39 -40.10
C PHE C 309 -8.62 -16.56 -40.87
N ALA C 310 -7.90 -17.19 -41.79
CA ALA C 310 -7.06 -16.41 -42.65
C ALA C 310 -7.91 -16.05 -43.87
N LEU C 311 -8.02 -14.76 -44.17
CA LEU C 311 -8.85 -14.27 -45.25
C LEU C 311 -8.10 -14.31 -46.55
N ASP C 312 -6.77 -14.19 -46.45
CA ASP C 312 -5.83 -14.09 -47.58
C ASP C 312 -6.34 -13.28 -48.81
N PRO C 313 -6.60 -11.97 -48.64
CA PRO C 313 -7.30 -11.26 -49.71
C PRO C 313 -6.37 -11.01 -50.87
N PRO C 314 -6.91 -10.52 -52.01
CA PRO C 314 -6.10 -10.20 -53.18
C PRO C 314 -5.17 -9.02 -52.87
N ALA C 315 -3.94 -9.15 -53.38
CA ALA C 315 -2.89 -8.16 -53.17
C ALA C 315 -2.83 -7.07 -54.25
N GLY C 316 -3.21 -7.41 -55.47
CA GLY C 316 -3.20 -6.47 -56.60
C GLY C 316 -4.23 -5.35 -56.59
N ASP C 317 -4.34 -4.67 -57.75
CA ASP C 317 -5.23 -3.52 -57.93
C ASP C 317 -6.65 -3.97 -58.22
N ILE C 318 -7.55 -3.60 -57.32
CA ILE C 318 -8.95 -3.93 -57.48
C ILE C 318 -9.81 -2.66 -57.37
N GLY C 319 -9.21 -1.52 -57.67
CA GLY C 319 -9.88 -0.23 -57.58
C GLY C 319 -10.27 0.01 -56.15
N LEU C 320 -11.24 0.90 -55.94
CA LEU C 320 -11.68 1.24 -54.60
C LEU C 320 -13.16 1.54 -54.70
N LEU C 321 -13.98 0.66 -54.16
CA LEU C 321 -15.41 0.85 -54.19
C LEU C 321 -15.86 1.79 -53.06
N ARG C 322 -15.44 3.05 -53.17
CA ARG C 322 -15.72 4.04 -52.14
C ARG C 322 -15.79 5.42 -52.75
N GLU C 323 -16.70 6.23 -52.29
CA GLU C 323 -16.78 7.62 -52.72
C GLU C 323 -15.87 8.41 -51.82
N VAL C 324 -14.78 8.96 -52.39
CA VAL C 324 -13.91 9.84 -51.58
C VAL C 324 -14.06 11.30 -52.04
N GLU C 325 -14.70 12.14 -51.20
CA GLU C 325 -14.84 13.58 -51.49
C GLU C 325 -13.48 14.25 -51.75
N ARG C 326 -13.47 15.20 -52.69
CA ARG C 326 -12.30 16.03 -52.93
C ARG C 326 -12.08 17.05 -51.81
N PHE C 327 -13.17 17.49 -51.18
CA PHE C 327 -13.10 18.54 -50.16
C PHE C 327 -13.81 18.06 -48.92
N PRO C 328 -13.07 17.52 -47.94
CA PRO C 328 -13.71 16.95 -46.77
C PRO C 328 -14.33 18.03 -45.85
N PHE C 329 -13.94 19.27 -46.01
CA PHE C 329 -14.64 20.31 -45.30
C PHE C 329 -15.71 20.95 -46.18
N VAL C 330 -15.84 20.44 -47.42
CA VAL C 330 -16.76 21.03 -48.39
C VAL C 330 -17.63 19.95 -49.07
N PRO C 331 -18.80 19.67 -48.47
CA PRO C 331 -19.73 18.65 -49.00
C PRO C 331 -20.09 19.01 -50.43
N ALA C 332 -19.98 18.02 -51.35
CA ALA C 332 -20.37 18.21 -52.75
C ALA C 332 -21.89 18.33 -52.88
N ASP C 333 -22.62 17.56 -52.06
CA ASP C 333 -24.06 17.74 -51.98
C ASP C 333 -24.48 19.17 -51.61
N PRO C 334 -25.22 19.84 -52.50
CA PRO C 334 -25.68 21.21 -52.32
C PRO C 334 -26.47 21.46 -51.03
N GLN C 335 -27.38 20.56 -50.70
CA GLN C 335 -28.15 20.73 -49.46
C GLN C 335 -27.30 20.61 -48.22
N ARG C 336 -26.40 19.64 -48.19
CA ARG C 336 -25.47 19.51 -47.06
C ARG C 336 -24.51 20.71 -46.93
N LEU C 337 -24.03 21.25 -48.06
CA LEU C 337 -23.12 22.39 -48.05
C LEU C 337 -23.82 23.62 -47.43
N GLN C 338 -25.06 23.86 -47.87
CA GLN C 338 -25.92 24.91 -47.32
C GLN C 338 -26.02 24.74 -45.79
N GLN C 339 -26.23 23.50 -45.32
CA GLN C 339 -26.36 23.22 -43.90
C GLN C 339 -25.08 23.60 -43.13
N ASP C 340 -23.94 23.13 -43.65
CA ASP C 340 -22.61 23.38 -43.09
C ASP C 340 -22.32 24.87 -42.96
N CYS C 341 -22.61 25.62 -44.04
CA CYS C 341 -22.34 27.04 -44.12
C CYS C 341 -23.24 27.83 -43.16
N TYR C 342 -24.49 27.43 -43.07
CA TYR C 342 -25.38 27.96 -42.04
C TYR C 342 -24.70 27.88 -40.64
N GLU C 343 -24.18 26.69 -40.34
CA GLU C 343 -23.64 26.40 -39.02
C GLU C 343 -22.30 27.11 -38.78
N ALA C 344 -21.37 26.97 -39.72
CA ALA C 344 -20.09 27.68 -39.67
C ALA C 344 -20.32 29.15 -39.39
N TYR C 345 -21.13 29.79 -40.21
CA TYR C 345 -21.40 31.21 -40.01
C TYR C 345 -21.88 31.53 -38.61
N ASN C 346 -22.80 30.73 -38.11
CA ASN C 346 -23.45 31.06 -36.84
C ASN C 346 -22.54 30.80 -35.66
N ILE C 347 -21.67 29.81 -35.82
CA ILE C 347 -20.60 29.50 -34.86
C ILE C 347 -19.65 30.70 -34.66
N GLN C 348 -19.15 31.24 -35.76
CA GLN C 348 -18.23 32.37 -35.77
C GLN C 348 -18.86 33.55 -35.14
N VAL C 349 -20.10 33.82 -35.53
CA VAL C 349 -20.80 34.97 -35.05
C VAL C 349 -21.09 34.86 -33.55
N SER C 350 -21.66 33.73 -33.12
CA SER C 350 -22.04 33.57 -31.72
C SER C 350 -20.79 33.51 -30.82
N GLY C 351 -19.74 32.88 -31.31
CA GLY C 351 -18.42 32.95 -30.67
C GLY C 351 -18.00 34.39 -30.30
N LEU C 352 -18.14 35.29 -31.29
CA LEU C 352 -17.73 36.67 -31.17
C LEU C 352 -18.69 37.47 -30.26
N GLU C 353 -19.98 37.26 -30.41
CA GLU C 353 -20.95 37.94 -29.57
C GLU C 353 -20.65 37.76 -28.09
N GLN C 354 -20.28 36.52 -27.71
CA GLN C 354 -19.92 36.22 -26.34
C GLN C 354 -18.67 37.01 -25.92
N ARG C 355 -17.61 36.94 -26.73
CA ARG C 355 -16.43 37.77 -26.44
C ARG C 355 -16.78 39.27 -26.27
N LEU C 356 -17.65 39.77 -27.15
CA LEU C 356 -18.05 41.19 -27.11
C LEU C 356 -18.89 41.55 -25.89
N ARG C 357 -19.78 40.63 -25.48
CA ARG C 357 -20.67 40.80 -24.34
C ARG C 357 -19.83 40.85 -23.07
N ALA C 358 -18.83 39.97 -23.03
CA ALA C 358 -17.93 39.85 -21.89
C ALA C 358 -17.02 41.06 -21.68
N LEU C 359 -16.73 41.81 -22.75
CA LEU C 359 -15.80 42.93 -22.68
C LEU C 359 -16.54 44.23 -22.60
N ASP C 360 -17.83 44.17 -22.25
CA ASP C 360 -18.66 45.39 -22.17
C ASP C 360 -18.79 46.10 -23.53
N TYR C 361 -18.79 45.32 -24.60
CA TYR C 361 -19.03 45.86 -25.94
C TYR C 361 -17.94 46.82 -26.41
N PRO C 362 -16.71 46.30 -26.61
CA PRO C 362 -15.67 47.21 -27.08
C PRO C 362 -15.88 47.48 -28.56
N LYS C 363 -15.11 48.40 -29.12
CA LYS C 363 -15.05 48.60 -30.58
C LYS C 363 -14.35 47.39 -31.19
N VAL C 364 -14.45 47.22 -32.50
CA VAL C 364 -13.87 46.04 -33.17
C VAL C 364 -12.89 46.54 -34.21
N VAL C 365 -11.62 46.13 -34.12
CA VAL C 365 -10.63 46.69 -35.01
C VAL C 365 -10.21 45.62 -35.99
N ILE C 366 -10.29 45.92 -37.28
CA ILE C 366 -9.96 44.87 -38.23
C ILE C 366 -9.28 45.42 -39.47
N GLY C 367 -8.18 44.77 -39.84
CA GLY C 367 -7.45 45.05 -41.06
C GLY C 367 -8.16 44.35 -42.21
N VAL C 368 -8.54 45.15 -43.21
CA VAL C 368 -9.26 44.68 -44.37
C VAL C 368 -8.41 44.92 -45.62
N SER C 369 -8.17 43.86 -46.37
CA SER C 369 -7.22 43.91 -47.49
C SER C 369 -7.88 43.79 -48.88
N GLY C 370 -9.11 43.27 -48.91
CA GLY C 370 -9.74 42.83 -50.16
C GLY C 370 -9.73 41.31 -50.34
N GLY C 371 -9.02 40.60 -49.46
CA GLY C 371 -8.90 39.15 -49.57
C GLY C 371 -10.18 38.48 -49.10
N LEU C 372 -10.33 37.20 -49.42
CA LEU C 372 -11.48 36.40 -48.95
C LEU C 372 -11.61 36.39 -47.42
N ASP C 373 -10.50 36.16 -46.73
CA ASP C 373 -10.46 35.97 -45.28
C ASP C 373 -10.99 37.16 -44.46
N SER C 374 -10.47 38.35 -44.75
CA SER C 374 -10.78 39.53 -43.96
C SER C 374 -12.13 40.07 -44.38
N THR C 375 -12.49 39.77 -45.63
CA THR C 375 -13.79 40.09 -46.18
C THR C 375 -14.83 39.34 -45.34
N HIS C 376 -14.70 38.03 -45.35
CA HIS C 376 -15.60 37.20 -44.57
C HIS C 376 -15.65 37.61 -43.10
N ALA C 377 -14.50 37.92 -42.51
CA ALA C 377 -14.45 38.30 -41.09
C ALA C 377 -15.19 39.61 -40.73
N LEU C 378 -15.15 40.59 -41.64
CA LEU C 378 -15.86 41.86 -41.50
C LEU C 378 -17.36 41.62 -41.53
N ILE C 379 -17.79 40.75 -42.43
CA ILE C 379 -19.18 40.27 -42.47
C ILE C 379 -19.61 39.67 -41.12
N VAL C 380 -18.85 38.67 -40.66
CA VAL C 380 -19.09 38.06 -39.33
C VAL C 380 -19.22 39.14 -38.22
N ALA C 381 -18.28 40.08 -38.21
CA ALA C 381 -18.21 41.08 -37.16
C ALA C 381 -19.44 41.97 -37.17
N THR C 382 -19.91 42.25 -38.37
CA THR C 382 -21.05 43.11 -38.59
C THR C 382 -22.31 42.44 -38.09
N HIS C 383 -22.48 41.16 -38.44
CA HIS C 383 -23.63 40.38 -37.97
C HIS C 383 -23.70 40.31 -36.44
N ALA C 384 -22.56 40.04 -35.80
CA ALA C 384 -22.45 40.06 -34.34
C ALA C 384 -22.93 41.38 -33.69
N MET C 385 -22.48 42.50 -34.26
CA MET C 385 -22.82 43.83 -33.76
C MET C 385 -24.28 44.09 -33.99
N ASP C 386 -24.77 43.73 -35.17
CA ASP C 386 -26.20 43.81 -35.44
C ASP C 386 -27.00 42.99 -34.45
N ARG C 387 -26.64 41.72 -34.27
CA ARG C 387 -27.37 40.85 -33.34
C ARG C 387 -27.35 41.33 -31.88
N GLU C 388 -26.34 42.12 -31.51
CA GLU C 388 -26.23 42.65 -30.15
C GLU C 388 -26.80 44.07 -29.97
N GLY C 389 -27.39 44.61 -31.03
CA GLY C 389 -27.92 45.97 -30.98
C GLY C 389 -26.79 46.99 -30.88
N ARG C 390 -25.66 46.64 -31.49
CA ARG C 390 -24.50 47.53 -31.50
C ARG C 390 -24.34 48.30 -32.82
N PRO C 391 -23.99 49.61 -32.76
CA PRO C 391 -23.85 50.37 -34.01
C PRO C 391 -22.66 49.89 -34.83
N ARG C 392 -22.88 49.80 -36.15
CA ARG C 392 -21.87 49.39 -37.13
C ARG C 392 -20.63 50.28 -37.19
N SER C 393 -20.80 51.57 -36.91
CA SER C 393 -19.68 52.51 -36.86
C SER C 393 -18.68 52.18 -35.74
N ASP C 394 -19.05 51.26 -34.86
CA ASP C 394 -18.18 50.72 -33.81
C ASP C 394 -17.21 49.64 -34.34
N ILE C 395 -17.44 49.15 -35.55
CA ILE C 395 -16.43 48.38 -36.28
C ILE C 395 -15.50 49.42 -36.91
N LEU C 396 -14.21 49.26 -36.67
CA LEU C 396 -13.21 50.20 -37.14
C LEU C 396 -12.34 49.46 -38.13
N ALA C 397 -12.72 49.49 -39.41
CA ALA C 397 -11.99 48.77 -40.45
C ALA C 397 -10.86 49.61 -41.01
N PHE C 398 -9.69 48.97 -41.20
CA PHE C 398 -8.49 49.67 -41.66
C PHE C 398 -7.88 49.07 -42.91
N ALA C 399 -7.62 49.92 -43.91
CA ALA C 399 -6.74 49.52 -45.00
C ALA C 399 -5.33 49.88 -44.54
N LEU C 400 -4.39 48.97 -44.79
CA LEU C 400 -3.01 49.16 -44.30
C LEU C 400 -2.00 48.92 -45.41
N PRO C 401 -2.00 49.80 -46.43
CA PRO C 401 -1.13 49.52 -47.56
C PRO C 401 0.34 49.73 -47.23
N GLY C 402 1.19 48.83 -47.71
CA GLY C 402 2.64 49.06 -47.76
C GLY C 402 3.21 48.88 -49.17
N PHE C 403 4.44 49.29 -49.39
CA PHE C 403 5.18 49.04 -50.63
C PHE C 403 4.40 48.41 -51.79
N LYS C 410 -9.16 45.42 -52.72
CA LYS C 410 -8.37 46.61 -52.36
C LYS C 410 -9.27 47.87 -52.43
N ASN C 411 -9.73 48.21 -53.64
CA ASN C 411 -10.92 49.06 -53.79
C ASN C 411 -12.14 48.28 -53.27
N ASN C 412 -12.03 46.94 -53.25
CA ASN C 412 -13.08 46.06 -52.74
C ASN C 412 -13.28 46.27 -51.25
N ALA C 413 -12.16 46.50 -50.56
CA ALA C 413 -12.15 46.77 -49.13
C ALA C 413 -12.92 48.03 -48.75
N ILE C 414 -12.61 49.16 -49.42
CA ILE C 414 -13.29 50.42 -49.13
C ILE C 414 -14.77 50.34 -49.54
N LYS C 415 -15.02 49.73 -50.70
CA LYS C 415 -16.38 49.51 -51.17
C LYS C 415 -17.23 48.71 -50.19
N LEU C 416 -16.69 47.61 -49.68
CA LEU C 416 -17.39 46.78 -48.72
C LEU C 416 -17.67 47.52 -47.39
N ALA C 417 -16.64 48.16 -46.86
CA ALA C 417 -16.75 48.95 -45.63
C ALA C 417 -17.79 50.05 -45.74
N ARG C 418 -17.74 50.80 -46.85
CA ARG C 418 -18.72 51.84 -47.19
C ARG C 418 -20.12 51.27 -47.37
N ALA C 419 -20.24 50.23 -48.21
CA ALA C 419 -21.50 49.49 -48.41
C ALA C 419 -22.15 49.03 -47.11
N LEU C 420 -21.35 48.60 -46.14
CA LEU C 420 -21.81 48.12 -44.84
C LEU C 420 -22.12 49.22 -43.84
N GLY C 421 -21.42 50.35 -43.93
CA GLY C 421 -21.64 51.49 -43.04
C GLY C 421 -20.86 51.40 -41.74
N VAL C 422 -19.67 50.79 -41.81
CA VAL C 422 -18.74 50.74 -40.68
C VAL C 422 -17.84 51.99 -40.62
N THR C 423 -16.86 52.03 -39.71
CA THR C 423 -15.94 53.17 -39.73
C THR C 423 -14.69 52.77 -40.52
N PHE C 424 -14.52 53.35 -41.70
CA PHE C 424 -13.37 53.00 -42.51
C PHE C 424 -12.25 54.05 -42.43
N SER C 425 -11.02 53.58 -42.27
CA SER C 425 -9.82 54.41 -42.32
C SER C 425 -8.68 53.69 -43.03
N GLU C 426 -7.77 54.48 -43.56
CA GLU C 426 -6.60 53.93 -44.19
C GLU C 426 -5.37 54.42 -43.46
N ILE C 427 -4.48 53.49 -43.14
CA ILE C 427 -3.16 53.88 -42.69
C ILE C 427 -2.11 53.26 -43.60
N ASP C 428 -1.30 54.13 -44.19
CA ASP C 428 -0.17 53.74 -45.00
C ASP C 428 0.97 53.47 -44.04
N ILE C 429 1.41 52.21 -43.98
CA ILE C 429 2.47 51.79 -43.08
C ILE C 429 3.88 51.96 -43.67
N GLY C 430 3.96 52.42 -44.92
CA GLY C 430 5.22 52.54 -45.66
C GLY C 430 6.33 53.32 -44.99
N ASP C 431 6.04 54.52 -44.48
CA ASP C 431 7.04 55.35 -43.79
C ASP C 431 7.52 54.74 -42.49
N THR C 432 6.62 54.10 -41.78
CA THR C 432 6.98 53.39 -40.55
C THR C 432 7.83 52.17 -40.90
N ALA C 433 7.47 51.48 -41.97
CA ALA C 433 8.23 50.32 -42.41
C ALA C 433 9.64 50.70 -42.88
N ARG C 434 9.74 51.77 -43.66
CA ARG C 434 11.03 52.33 -44.06
C ARG C 434 11.94 52.69 -42.87
N LEU C 435 11.36 53.36 -41.86
CA LEU C 435 12.10 53.72 -40.65
C LEU C 435 12.61 52.47 -39.93
N MET C 436 11.75 51.49 -39.78
CA MET C 436 12.11 50.24 -39.13
C MET C 436 13.20 49.48 -39.88
N LEU C 437 13.08 49.42 -41.21
CA LEU C 437 14.08 48.74 -42.02
C LEU C 437 15.42 49.45 -41.96
N HIS C 438 15.37 50.78 -41.87
CA HIS C 438 16.59 51.56 -41.70
C HIS C 438 17.29 51.32 -40.36
N THR C 439 16.50 51.46 -39.29
CA THR C 439 16.93 51.28 -37.91
C THR C 439 17.51 49.88 -37.71
N ILE C 440 17.00 48.92 -38.48
CA ILE C 440 17.46 47.53 -38.45
C ILE C 440 18.73 47.32 -39.31
N GLY C 441 18.99 48.24 -40.23
CA GLY C 441 20.09 48.07 -41.17
C GLY C 441 19.79 47.03 -42.25
N HIS C 442 18.52 46.93 -42.65
CA HIS C 442 18.13 46.08 -43.76
C HIS C 442 18.56 46.73 -45.07
N PRO C 443 19.19 45.96 -46.00
CA PRO C 443 19.70 46.48 -47.28
C PRO C 443 18.69 47.22 -48.17
N TYR C 444 17.39 47.04 -47.92
CA TYR C 444 16.34 47.84 -48.57
C TYR C 444 16.48 49.31 -48.24
N SER C 445 16.91 49.59 -46.99
CA SER C 445 17.34 50.93 -46.54
C SER C 445 18.16 51.72 -47.55
N VAL C 446 19.15 51.04 -48.13
CA VAL C 446 20.11 51.64 -49.02
C VAL C 446 19.79 51.26 -50.46
N GLY C 447 18.49 51.07 -50.70
CA GLY C 447 17.95 51.05 -52.06
C GLY C 447 17.92 49.74 -52.80
N GLU C 448 18.54 48.69 -52.25
CA GLU C 448 18.53 47.41 -52.98
C GLU C 448 17.37 46.53 -52.64
N LYS C 449 16.88 45.90 -53.70
CA LYS C 449 15.61 45.22 -53.70
C LYS C 449 15.77 43.82 -53.07
N VAL C 450 15.88 43.78 -51.74
CA VAL C 450 15.97 42.52 -51.01
C VAL C 450 14.61 42.28 -50.35
N TYR C 451 13.78 41.49 -51.03
CA TYR C 451 12.44 41.19 -50.57
C TYR C 451 12.42 39.82 -49.91
N ASP C 452 13.21 39.70 -48.85
CA ASP C 452 13.29 38.49 -48.04
C ASP C 452 12.17 38.46 -46.98
N VAL C 453 12.22 37.48 -46.08
CA VAL C 453 11.16 37.33 -45.07
C VAL C 453 11.10 38.48 -44.07
N THR C 454 12.26 39.06 -43.76
CA THR C 454 12.38 40.21 -42.86
C THR C 454 11.61 41.40 -43.42
N PHE C 455 11.85 41.68 -44.69
CA PHE C 455 11.14 42.69 -45.47
C PHE C 455 9.62 42.51 -45.37
N GLU C 456 9.15 41.28 -45.58
CA GLU C 456 7.71 41.01 -45.58
C GLU C 456 7.16 41.14 -44.16
N ASN C 457 7.85 40.50 -43.23
CA ASN C 457 7.48 40.50 -41.82
C ASN C 457 7.47 41.87 -41.19
N VAL C 458 8.45 42.71 -41.52
CA VAL C 458 8.42 44.09 -41.05
C VAL C 458 7.04 44.73 -41.35
N GLN C 459 6.58 44.56 -42.59
CA GLN C 459 5.28 45.07 -42.99
C GLN C 459 4.11 44.37 -42.32
N ALA C 460 4.08 43.04 -42.38
CA ALA C 460 3.04 42.25 -41.70
C ALA C 460 3.00 42.58 -40.20
N GLY C 461 4.18 42.64 -39.58
CA GLY C 461 4.36 43.02 -38.18
C GLY C 461 3.85 44.39 -37.82
N LEU C 462 4.14 45.37 -38.66
CA LEU C 462 3.73 46.74 -38.35
C LEU C 462 2.22 46.94 -38.47
N ARG C 463 1.60 46.19 -39.39
CA ARG C 463 0.15 46.10 -39.49
C ARG C 463 -0.49 45.73 -38.16
N THR C 464 -0.07 44.59 -37.62
CA THR C 464 -0.60 44.09 -36.38
C THR C 464 -0.32 45.06 -35.24
N ASP C 465 0.90 45.62 -35.23
CA ASP C 465 1.36 46.57 -34.25
C ASP C 465 0.43 47.79 -34.19
N TYR C 466 0.14 48.36 -35.36
CA TYR C 466 -0.75 49.49 -35.47
C TYR C 466 -2.16 49.17 -34.95
N LEU C 467 -2.65 48.01 -35.35
CA LEU C 467 -3.99 47.57 -34.99
C LEU C 467 -4.14 47.41 -33.47
N PHE C 468 -3.16 46.75 -32.85
CA PHE C 468 -3.14 46.62 -31.40
C PHE C 468 -3.11 47.96 -30.70
N ARG C 469 -2.33 48.89 -31.25
CA ARG C 469 -2.16 50.21 -30.65
C ARG C 469 -3.42 51.05 -30.76
N ILE C 470 -4.01 51.03 -31.96
CA ILE C 470 -5.33 51.63 -32.16
C ILE C 470 -6.33 51.03 -31.19
N ALA C 471 -6.27 49.72 -30.99
CA ALA C 471 -7.18 49.01 -30.09
C ALA C 471 -7.07 49.52 -28.64
N ASN C 472 -5.83 49.69 -28.18
CA ASN C 472 -5.60 50.23 -26.84
C ASN C 472 -6.15 51.65 -26.76
N GLN C 473 -5.86 52.45 -27.79
CA GLN C 473 -6.21 53.85 -27.83
C GLN C 473 -7.71 54.07 -27.87
N ARG C 474 -8.40 53.24 -28.62
CA ARG C 474 -9.81 53.46 -28.91
C ARG C 474 -10.82 52.64 -28.10
N GLY C 475 -10.34 51.69 -27.27
CA GLY C 475 -11.25 50.78 -26.55
C GLY C 475 -11.84 49.69 -27.44
N GLY C 476 -10.98 49.05 -28.23
CA GLY C 476 -11.39 47.96 -29.13
C GLY C 476 -10.63 46.65 -28.94
N ILE C 477 -10.99 45.64 -29.71
CA ILE C 477 -10.19 44.42 -29.77
C ILE C 477 -9.78 44.18 -31.21
N VAL C 478 -8.57 43.69 -31.44
CA VAL C 478 -8.15 43.34 -32.79
C VAL C 478 -8.76 42.01 -33.15
N LEU C 479 -9.50 41.97 -34.25
CA LEU C 479 -10.03 40.70 -34.78
C LEU C 479 -9.04 40.03 -35.71
N GLY C 480 -8.74 38.76 -35.44
CA GLY C 480 -7.87 38.01 -36.30
C GLY C 480 -8.68 37.51 -37.46
N THR C 481 -8.00 37.27 -38.58
CA THR C 481 -8.68 36.82 -39.79
C THR C 481 -8.00 35.61 -40.42
N GLY C 482 -6.93 35.10 -39.83
CA GLY C 482 -6.25 33.93 -40.41
C GLY C 482 -7.15 32.70 -40.30
N ASP C 483 -7.02 31.80 -41.27
CA ASP C 483 -7.89 30.63 -41.33
C ASP C 483 -7.17 29.34 -40.93
N LEU C 484 -7.94 28.27 -40.72
CA LEU C 484 -7.41 27.00 -40.24
C LEU C 484 -6.31 26.45 -41.14
N SER C 485 -6.41 26.65 -42.45
CA SER C 485 -5.42 26.13 -43.37
C SER C 485 -4.07 26.81 -43.15
N GLU C 486 -4.10 28.11 -42.88
CA GLU C 486 -2.88 28.83 -42.60
C GLU C 486 -2.26 28.40 -41.26
N LEU C 487 -3.09 28.18 -40.26
CA LEU C 487 -2.63 27.54 -39.03
C LEU C 487 -1.86 26.25 -39.24
N ALA C 488 -2.36 25.40 -40.14
CA ALA C 488 -1.78 24.09 -40.33
C ALA C 488 -0.39 24.15 -40.95
N LEU C 489 -0.20 25.09 -41.86
CA LEU C 489 1.07 25.15 -42.55
C LEU C 489 2.04 26.14 -41.92
N GLY C 490 1.57 26.94 -40.96
CA GLY C 490 2.34 28.05 -40.43
C GLY C 490 2.60 29.08 -41.51
N TRP C 491 1.56 29.38 -42.28
CA TRP C 491 1.58 30.40 -43.32
C TRP C 491 1.01 31.66 -42.67
N SER C 492 1.91 32.39 -42.03
CA SER C 492 1.54 33.33 -40.98
C SER C 492 2.78 34.06 -40.49
N THR C 493 2.60 35.25 -39.91
CA THR C 493 3.70 35.93 -39.27
C THR C 493 3.49 35.80 -37.78
N TYR C 494 4.41 35.07 -37.13
CA TYR C 494 4.23 34.74 -35.75
C TYR C 494 4.51 35.92 -34.82
N GLY C 495 3.60 36.14 -33.88
CA GLY C 495 3.89 36.96 -32.71
C GLY C 495 3.49 38.40 -32.91
N VAL C 496 4.42 39.20 -33.38
CA VAL C 496 4.06 40.49 -33.97
C VAL C 496 3.81 40.26 -35.47
N GLY C 497 2.54 40.13 -35.85
CA GLY C 497 2.18 39.67 -37.18
C GLY C 497 0.76 39.13 -37.18
N ASP C 498 0.28 38.76 -38.36
CA ASP C 498 -1.14 38.48 -38.60
C ASP C 498 -1.66 37.25 -37.83
N GLN C 499 -0.76 36.50 -37.20
CA GLN C 499 -1.06 35.37 -36.33
C GLN C 499 -1.64 35.86 -34.98
N MET C 500 -1.32 37.09 -34.63
CA MET C 500 -1.73 37.58 -33.32
C MET C 500 -3.00 38.44 -33.39
N SER C 501 -3.86 38.34 -32.38
CA SER C 501 -5.09 39.12 -32.33
C SER C 501 -5.78 38.91 -31.00
N HIS C 502 -6.84 39.66 -30.73
CA HIS C 502 -7.58 39.51 -29.46
C HIS C 502 -8.67 38.42 -29.51
N TYR C 503 -9.15 38.13 -30.71
CA TYR C 503 -10.13 37.08 -30.94
C TYR C 503 -10.14 36.76 -32.41
N ASN C 504 -9.93 35.49 -32.77
CA ASN C 504 -9.88 35.12 -34.16
C ASN C 504 -11.11 34.34 -34.61
N VAL C 505 -11.98 34.99 -35.39
CA VAL C 505 -13.18 34.31 -35.87
C VAL C 505 -12.91 33.28 -36.97
N ASN C 506 -11.81 33.40 -37.72
CA ASN C 506 -11.54 32.48 -38.84
C ASN C 506 -10.65 31.30 -38.47
N ALA C 507 -10.20 31.28 -37.23
CA ALA C 507 -9.32 30.25 -36.70
C ALA C 507 -9.73 28.82 -37.08
N GLY C 508 -11.02 28.51 -37.00
CA GLY C 508 -11.50 27.14 -37.26
C GLY C 508 -12.03 26.85 -38.66
N VAL C 509 -11.78 27.75 -39.63
CA VAL C 509 -12.34 27.63 -40.98
C VAL C 509 -11.23 27.34 -42.03
N PRO C 510 -11.28 26.17 -42.66
CA PRO C 510 -10.26 25.91 -43.68
C PRO C 510 -10.41 26.88 -44.83
N LYS C 511 -9.29 27.23 -45.46
CA LYS C 511 -9.29 28.16 -46.59
C LYS C 511 -10.33 27.70 -47.63
N THR C 512 -10.45 26.40 -47.75
CA THR C 512 -11.27 25.77 -48.73
C THR C 512 -12.78 25.97 -48.46
N LEU C 513 -13.18 26.23 -47.22
CA LEU C 513 -14.59 26.53 -46.94
C LEU C 513 -14.94 28.00 -47.10
N ILE C 514 -13.96 28.89 -46.95
CA ILE C 514 -14.22 30.36 -46.96
C ILE C 514 -15.09 30.88 -48.13
N GLN C 515 -14.72 30.48 -49.35
CA GLN C 515 -15.41 31.00 -50.53
C GLN C 515 -16.86 30.63 -50.48
N HIS C 516 -17.15 29.45 -49.97
CA HIS C 516 -18.50 28.97 -49.86
C HIS C 516 -19.28 29.69 -48.78
N LEU C 517 -18.60 30.10 -47.72
CA LEU C 517 -19.24 30.90 -46.68
C LEU C 517 -19.66 32.26 -47.19
N ILE C 518 -18.83 32.87 -48.03
CA ILE C 518 -19.15 34.19 -48.57
C ILE C 518 -20.26 34.09 -49.60
N ARG C 519 -20.09 33.15 -50.50
CA ARG C 519 -21.11 32.75 -51.44
C ARG C 519 -22.42 32.46 -50.71
N TRP C 520 -22.36 31.84 -49.53
CA TRP C 520 -23.54 31.60 -48.71
C TRP C 520 -24.17 32.90 -48.23
N VAL C 521 -23.33 33.88 -47.89
CA VAL C 521 -23.84 35.20 -47.49
C VAL C 521 -24.44 35.97 -48.67
N ILE C 522 -23.90 35.80 -49.88
CA ILE C 522 -24.49 36.48 -51.04
C ILE C 522 -25.89 35.96 -51.21
N SER C 523 -25.98 34.64 -51.42
CA SER C 523 -27.23 33.99 -51.80
C SER C 523 -28.26 34.02 -50.69
N ALA C 524 -27.84 34.30 -49.45
CA ALA C 524 -28.79 34.51 -48.37
C ALA C 524 -29.40 35.92 -48.46
N GLY C 525 -28.57 36.89 -48.84
CA GLY C 525 -29.03 38.25 -49.16
C GLY C 525 -29.54 39.10 -48.00
N GLU C 526 -29.18 38.71 -46.77
CA GLU C 526 -29.58 39.42 -45.55
C GLU C 526 -29.05 40.86 -45.47
N PHE C 527 -27.82 41.08 -45.97
CA PHE C 527 -27.29 42.42 -46.21
C PHE C 527 -27.80 42.77 -47.59
N GLY C 528 -28.02 44.04 -47.90
CA GLY C 528 -28.72 44.37 -49.16
C GLY C 528 -28.09 43.89 -50.47
N GLU C 529 -28.51 44.49 -51.58
CA GLU C 529 -28.00 44.14 -52.90
C GLU C 529 -26.57 44.61 -53.15
N LYS C 530 -26.29 45.83 -52.71
CA LYS C 530 -24.99 46.46 -52.90
C LYS C 530 -23.89 45.71 -52.13
N VAL C 531 -24.17 45.35 -50.88
CA VAL C 531 -23.24 44.53 -50.11
C VAL C 531 -22.92 43.24 -50.85
N GLY C 532 -23.96 42.58 -51.37
CA GLY C 532 -23.81 41.35 -52.16
C GLY C 532 -22.97 41.51 -53.42
N GLU C 533 -23.16 42.63 -54.13
CA GLU C 533 -22.39 42.93 -55.34
C GLU C 533 -20.88 43.01 -55.08
N VAL C 534 -20.46 43.83 -54.13
CA VAL C 534 -19.02 43.94 -53.85
C VAL C 534 -18.43 42.60 -53.43
N LEU C 535 -19.15 41.93 -52.52
CA LEU C 535 -18.84 40.59 -52.11
C LEU C 535 -18.62 39.67 -53.31
N GLN C 536 -19.52 39.74 -54.28
CA GLN C 536 -19.38 38.93 -55.49
C GLN C 536 -18.10 39.28 -56.26
N SER C 537 -17.73 40.56 -56.28
CA SER C 537 -16.50 40.91 -56.97
C SER C 537 -15.25 40.52 -56.19
N VAL C 538 -15.37 40.40 -54.86
CA VAL C 538 -14.28 39.83 -54.05
C VAL C 538 -14.02 38.39 -54.49
N LEU C 539 -15.10 37.63 -54.66
CA LEU C 539 -15.01 36.26 -55.14
C LEU C 539 -14.36 36.23 -56.52
N ASP C 540 -14.88 37.08 -57.40
CA ASP C 540 -14.43 37.11 -58.78
C ASP C 540 -12.96 37.52 -58.94
N THR C 541 -12.52 38.41 -58.05
CA THR C 541 -11.13 38.86 -58.00
C THR C 541 -10.16 37.77 -57.52
N GLU C 542 -10.62 36.87 -56.65
CA GLU C 542 -9.75 35.84 -56.08
C GLU C 542 -10.28 34.41 -56.17
N ALA C 560 0.87 30.65 -51.73
CA ALA C 560 0.60 29.28 -52.21
C ALA C 560 1.61 28.66 -53.23
N LYS C 561 2.89 28.69 -52.84
CA LYS C 561 3.85 27.62 -53.19
C LYS C 561 4.26 26.84 -51.86
N VAL C 562 3.28 26.82 -50.95
CA VAL C 562 3.03 25.74 -50.01
C VAL C 562 2.02 24.74 -50.62
N GLY C 563 1.82 24.82 -51.94
CA GLY C 563 0.90 23.96 -52.67
C GLY C 563 -0.57 24.35 -52.64
N PRO C 564 -1.39 23.70 -53.48
CA PRO C 564 -2.82 23.94 -53.59
C PRO C 564 -3.52 23.67 -52.26
N PHE C 565 -4.19 24.67 -51.69
CA PHE C 565 -4.96 24.43 -50.46
C PHE C 565 -5.94 23.27 -50.52
N ALA C 566 -6.61 23.08 -51.65
CA ALA C 566 -7.41 21.89 -51.90
C ALA C 566 -6.70 20.63 -51.38
N LEU C 567 -5.52 20.35 -51.94
CA LEU C 567 -4.73 19.20 -51.55
C LEU C 567 -4.31 19.22 -50.06
N GLN C 568 -4.05 20.41 -49.56
CA GLN C 568 -3.46 20.60 -48.26
C GLN C 568 -4.55 20.50 -47.19
N ASP C 569 -5.75 20.99 -47.52
CA ASP C 569 -6.93 20.80 -46.67
C ASP C 569 -7.35 19.32 -46.59
N PHE C 570 -7.11 18.61 -47.69
CA PHE C 570 -7.43 17.20 -47.77
C PHE C 570 -6.55 16.42 -46.78
N SER C 571 -5.26 16.73 -46.75
CA SER C 571 -4.33 16.09 -45.86
C SER C 571 -4.61 16.53 -44.43
N LEU C 572 -4.94 17.81 -44.22
CA LEU C 572 -5.22 18.27 -42.87
C LEU C 572 -6.34 17.45 -42.24
N PHE C 573 -7.42 17.22 -42.99
CA PHE C 573 -8.58 16.49 -42.48
C PHE C 573 -8.20 15.08 -42.04
N GLN C 574 -7.50 14.36 -42.93
CA GLN C 574 -7.09 13.01 -42.63
C GLN C 574 -6.29 12.99 -41.33
N VAL C 575 -5.29 13.86 -41.24
CA VAL C 575 -4.36 13.88 -40.13
C VAL C 575 -5.08 14.34 -38.89
N LEU C 576 -5.80 15.45 -38.99
CA LEU C 576 -6.38 15.99 -37.80
C LEU C 576 -7.49 15.05 -37.30
N ARG C 577 -8.07 14.25 -38.22
CA ARG C 577 -9.25 13.49 -37.79
C ARG C 577 -8.93 12.07 -37.34
N TYR C 578 -8.05 11.42 -38.10
CA TYR C 578 -7.80 10.01 -38.02
C TYR C 578 -6.31 9.74 -37.81
N GLY C 579 -5.47 10.74 -37.97
CA GLY C 579 -4.05 10.51 -37.88
C GLY C 579 -3.60 9.46 -38.88
N PHE C 580 -4.14 9.43 -40.09
CA PHE C 580 -3.71 8.41 -41.07
C PHE C 580 -2.27 8.59 -41.49
N ARG C 581 -1.60 7.48 -41.67
CA ARG C 581 -0.26 7.49 -42.26
C ARG C 581 -0.20 8.12 -43.66
N PRO C 582 0.94 8.73 -44.00
CA PRO C 582 1.01 9.44 -45.27
C PRO C 582 0.64 8.61 -46.51
N SER C 583 1.01 7.33 -46.57
CA SER C 583 0.64 6.53 -47.77
C SER C 583 -0.88 6.32 -47.86
N LYS C 584 -1.54 6.34 -46.70
CA LYS C 584 -3.02 6.28 -46.64
C LYS C 584 -3.62 7.54 -47.27
N ILE C 585 -3.13 8.70 -46.81
CA ILE C 585 -3.55 10.00 -47.35
C ILE C 585 -3.32 10.11 -48.87
N ALA C 586 -2.10 9.76 -49.33
CA ALA C 586 -1.77 9.78 -50.74
C ALA C 586 -2.73 8.94 -51.53
N PHE C 587 -3.05 7.74 -51.03
CA PHE C 587 -3.99 6.82 -51.71
C PHE C 587 -5.36 7.44 -51.83
N LEU C 588 -5.88 7.91 -50.70
CA LEU C 588 -7.16 8.56 -50.66
C LEU C 588 -7.23 9.81 -51.58
N ALA C 589 -6.25 10.69 -51.46
CA ALA C 589 -6.22 11.90 -52.29
C ALA C 589 -6.13 11.60 -53.77
N TRP C 590 -5.39 10.55 -54.16
CA TRP C 590 -5.28 10.18 -55.57
C TRP C 590 -6.61 9.70 -56.05
N HIS C 591 -7.19 8.75 -55.34
CA HIS C 591 -8.57 8.36 -55.66
C HIS C 591 -9.55 9.53 -55.77
N ALA C 592 -9.54 10.49 -54.84
CA ALA C 592 -10.44 11.66 -54.96
C ALA C 592 -10.09 12.62 -56.11
N TRP C 593 -8.81 12.88 -56.33
CA TRP C 593 -8.42 14.05 -57.10
C TRP C 593 -7.93 13.79 -58.52
N ASN C 594 -7.45 12.59 -58.81
CA ASN C 594 -6.74 12.35 -60.08
C ASN C 594 -7.52 12.56 -61.39
N ASP C 595 -8.84 12.42 -61.34
CA ASP C 595 -9.69 12.51 -62.54
C ASP C 595 -10.80 13.49 -62.23
N ALA C 596 -10.87 14.59 -62.99
CA ALA C 596 -11.79 15.69 -62.66
C ALA C 596 -13.25 15.41 -63.07
N GLU C 597 -13.38 14.40 -63.94
CA GLU C 597 -14.65 13.96 -64.49
C GLU C 597 -15.33 12.94 -63.59
N ARG C 598 -14.58 12.36 -62.66
CA ARG C 598 -15.09 11.34 -61.73
C ARG C 598 -15.35 11.92 -60.37
N GLY C 599 -16.45 11.52 -59.73
CA GLY C 599 -16.81 12.07 -58.42
C GLY C 599 -17.42 13.46 -58.52
N ASN C 600 -18.19 13.84 -57.51
CA ASN C 600 -18.95 15.08 -57.56
C ASN C 600 -18.19 16.29 -57.08
N TRP C 601 -18.39 17.40 -57.76
CA TRP C 601 -17.81 18.67 -57.36
C TRP C 601 -18.85 19.47 -56.59
N PRO C 602 -18.41 20.25 -55.59
CA PRO C 602 -19.37 21.14 -54.91
C PRO C 602 -19.91 22.18 -55.89
N PRO C 603 -20.94 22.96 -55.48
CA PRO C 603 -21.32 24.12 -56.29
C PRO C 603 -20.17 25.12 -56.38
N GLY C 604 -20.07 25.81 -57.52
CA GLY C 604 -19.13 26.93 -57.64
C GLY C 604 -17.79 26.64 -58.28
N PHE C 605 -17.73 25.60 -59.12
CA PHE C 605 -16.50 25.29 -59.86
C PHE C 605 -16.74 25.24 -61.38
N PRO C 606 -16.53 26.38 -62.07
CA PRO C 606 -16.62 26.36 -63.53
C PRO C 606 -15.67 25.30 -64.05
N LYS C 607 -16.05 24.59 -65.11
CA LYS C 607 -15.28 23.43 -65.58
C LYS C 607 -13.82 23.77 -65.88
N SER C 608 -13.59 25.07 -65.99
CA SER C 608 -12.28 25.70 -66.16
C SER C 608 -11.37 25.61 -64.91
N GLU C 609 -12.02 25.57 -63.74
CA GLU C 609 -11.37 25.61 -62.44
C GLU C 609 -11.56 24.27 -61.75
N ARG C 610 -11.42 23.21 -62.52
CA ARG C 610 -11.55 21.87 -61.99
C ARG C 610 -10.26 21.09 -62.25
N PRO C 611 -9.26 21.28 -61.37
CA PRO C 611 -7.96 20.66 -61.58
C PRO C 611 -8.00 19.20 -61.20
N SER C 612 -7.13 18.42 -61.82
CA SER C 612 -6.86 17.06 -61.42
C SER C 612 -5.40 16.99 -60.98
N TYR C 613 -5.07 16.11 -60.03
CA TYR C 613 -3.68 15.97 -59.64
C TYR C 613 -3.06 14.62 -59.95
N SER C 614 -1.80 14.62 -60.38
CA SER C 614 -1.08 13.37 -60.48
C SER C 614 -0.62 12.91 -59.09
N LEU C 615 -0.38 11.61 -58.95
CA LEU C 615 0.19 11.08 -57.71
C LEU C 615 1.51 11.78 -57.40
N ALA C 616 2.36 11.98 -58.42
CA ALA C 616 3.61 12.76 -58.30
C ALA C 616 3.42 14.11 -57.61
N GLU C 617 2.31 14.77 -57.90
CA GLU C 617 1.98 16.08 -57.35
C GLU C 617 1.48 15.92 -55.95
N ILE C 618 0.59 14.94 -55.79
CA ILE C 618 -0.02 14.63 -54.51
C ILE C 618 1.07 14.29 -53.50
N ARG C 619 2.06 13.51 -53.96
CA ARG C 619 3.23 13.11 -53.17
C ARG C 619 4.09 14.31 -52.75
N HIS C 620 4.57 15.07 -53.73
CA HIS C 620 5.29 16.32 -53.49
C HIS C 620 4.63 17.23 -52.41
N TRP C 621 3.33 17.50 -52.52
CA TRP C 621 2.66 18.42 -51.58
C TRP C 621 2.42 17.83 -50.22
N LEU C 622 2.44 16.50 -50.16
CA LEU C 622 2.29 15.75 -48.93
C LEU C 622 3.57 15.85 -48.11
N GLN C 623 4.71 15.73 -48.80
CA GLN C 623 6.01 16.00 -48.19
C GLN C 623 5.98 17.35 -47.54
N ILE C 624 5.54 18.36 -48.29
CA ILE C 624 5.50 19.72 -47.78
C ILE C 624 4.55 19.78 -46.59
N PHE C 625 3.42 19.08 -46.68
CA PHE C 625 2.49 19.07 -45.58
C PHE C 625 3.05 18.48 -44.29
N VAL C 626 3.61 17.26 -44.34
CA VAL C 626 4.04 16.62 -43.10
C VAL C 626 5.16 17.39 -42.37
N GLN C 627 6.08 17.94 -43.16
CA GLN C 627 7.14 18.79 -42.65
C GLN C 627 6.58 20.07 -41.99
N ARG C 628 5.74 20.81 -42.70
CA ARG C 628 5.22 22.03 -42.17
C ARG C 628 4.30 21.75 -41.01
N PHE C 629 3.40 20.78 -41.18
CA PHE C 629 2.45 20.43 -40.11
C PHE C 629 3.02 19.87 -38.77
N TYR C 630 3.76 18.77 -38.87
CA TYR C 630 4.28 18.06 -37.70
C TYR C 630 5.59 18.61 -37.14
N SER C 631 6.31 19.43 -37.89
CA SER C 631 7.60 19.92 -37.45
C SER C 631 7.65 21.43 -37.31
N PHE C 632 7.56 22.14 -38.44
CA PHE C 632 7.73 23.58 -38.44
C PHE C 632 6.71 24.44 -37.67
N SER C 633 5.44 24.12 -37.80
CA SER C 633 4.37 25.08 -37.57
C SER C 633 3.75 25.17 -36.18
N GLN C 634 4.02 24.16 -35.33
CA GLN C 634 3.30 24.01 -34.08
C GLN C 634 3.58 25.15 -33.13
N PHE C 635 4.80 25.66 -33.13
CA PHE C 635 5.09 26.74 -32.21
C PHE C 635 4.13 27.90 -32.43
N LYS C 636 3.74 28.10 -33.69
CA LYS C 636 2.84 29.17 -34.13
C LYS C 636 1.43 28.98 -33.58
N ARG C 637 0.91 27.77 -33.75
CA ARG C 637 -0.41 27.48 -33.16
C ARG C 637 -0.36 27.25 -31.65
N SER C 638 0.84 27.21 -31.07
CA SER C 638 1.00 26.97 -29.66
C SER C 638 0.60 28.15 -28.74
N ALA C 639 0.83 29.37 -29.21
CA ALA C 639 0.34 30.57 -28.53
C ALA C 639 -0.75 31.24 -29.38
N LEU C 640 -1.88 30.56 -29.50
CA LEU C 640 -3.00 31.00 -30.31
C LEU C 640 -3.97 31.91 -29.55
N PRO C 641 -4.46 32.99 -30.18
CA PRO C 641 -5.63 33.70 -29.64
C PRO C 641 -6.88 32.80 -29.59
N ASN C 642 -7.92 33.25 -28.90
CA ASN C 642 -9.16 32.50 -28.79
C ASN C 642 -9.97 32.64 -30.08
N GLY C 643 -10.90 31.71 -30.30
CA GLY C 643 -11.84 31.77 -31.41
C GLY C 643 -12.56 30.45 -31.35
N PRO C 644 -13.74 30.33 -31.99
CA PRO C 644 -14.48 29.06 -31.85
C PRO C 644 -14.07 27.96 -32.84
N LYS C 645 -14.02 26.71 -32.40
CA LYS C 645 -13.90 25.55 -33.32
C LYS C 645 -15.13 25.47 -34.24
N VAL C 646 -14.92 25.03 -35.48
CA VAL C 646 -16.05 25.05 -36.43
C VAL C 646 -16.39 23.68 -37.01
N SER C 647 -15.38 22.96 -37.50
CA SER C 647 -15.55 21.78 -38.33
C SER C 647 -15.53 20.55 -37.46
N HIS C 648 -16.20 19.49 -37.90
CA HIS C 648 -16.15 18.24 -37.19
C HIS C 648 -14.80 17.56 -37.52
N GLY C 649 -14.16 18.00 -38.60
CA GLY C 649 -12.80 17.61 -38.90
C GLY C 649 -11.84 17.90 -37.77
N GLY C 650 -12.16 18.93 -36.97
CA GLY C 650 -11.26 19.43 -35.92
C GLY C 650 -10.83 20.90 -36.11
N ALA C 651 -10.09 21.39 -35.13
CA ALA C 651 -9.56 22.71 -35.14
C ALA C 651 -8.15 22.53 -34.61
N LEU C 652 -7.36 23.60 -34.59
CA LEU C 652 -5.98 23.46 -34.17
C LEU C 652 -5.58 24.25 -32.90
N SER C 653 -6.54 24.55 -32.03
CA SER C 653 -6.22 25.20 -30.75
C SER C 653 -5.41 24.26 -29.84
N PRO C 654 -4.31 24.76 -29.24
CA PRO C 654 -3.51 23.86 -28.42
C PRO C 654 -4.17 23.59 -27.06
N ARG C 655 -5.24 24.34 -26.77
CA ARG C 655 -6.12 24.10 -25.66
C ARG C 655 -7.26 23.13 -26.01
N GLY C 656 -7.42 22.81 -27.29
CA GLY C 656 -8.55 22.02 -27.74
C GLY C 656 -8.10 20.77 -28.46
N ASP C 657 -8.32 20.74 -29.76
CA ASP C 657 -8.17 19.56 -30.56
C ASP C 657 -6.74 19.11 -30.80
N TRP C 658 -5.75 19.96 -30.58
CA TRP C 658 -4.40 19.52 -31.02
C TRP C 658 -3.26 19.90 -30.07
N ARG C 659 -2.86 18.90 -29.28
CA ARG C 659 -1.75 19.04 -28.32
C ARG C 659 -0.53 18.35 -28.96
N ALA C 660 0.47 19.14 -29.35
CA ALA C 660 1.68 18.56 -29.93
C ALA C 660 2.92 19.33 -29.51
N PRO C 661 4.11 18.69 -29.65
CA PRO C 661 5.38 19.37 -29.36
C PRO C 661 5.73 20.36 -30.47
N SER C 662 6.41 21.45 -30.07
CA SER C 662 6.83 22.52 -30.95
C SER C 662 8.25 22.28 -31.38
N ASP C 663 8.84 21.17 -30.94
CA ASP C 663 10.25 20.89 -31.13
C ASP C 663 10.55 19.49 -31.67
N MET C 664 9.77 19.09 -32.67
CA MET C 664 9.81 17.73 -33.20
C MET C 664 10.20 17.72 -34.67
N SER C 665 11.04 16.77 -35.07
CA SER C 665 11.22 16.57 -36.49
C SER C 665 10.07 15.73 -37.02
N ALA C 666 9.95 15.70 -38.35
CA ALA C 666 8.98 14.89 -39.05
C ALA C 666 9.71 13.81 -39.87
N ARG C 667 10.91 13.46 -39.47
CA ARG C 667 11.64 12.40 -40.14
C ARG C 667 10.79 11.17 -40.45
N ILE C 668 10.01 10.67 -39.49
CA ILE C 668 9.32 9.37 -39.70
C ILE C 668 8.21 9.46 -40.73
N TRP C 669 7.55 10.62 -40.83
CA TRP C 669 6.53 10.83 -41.86
C TRP C 669 7.12 10.93 -43.25
N LEU C 670 8.19 11.69 -43.38
CA LEU C 670 8.88 11.83 -44.65
C LEU C 670 9.49 10.52 -45.13
N ASP C 671 9.92 9.66 -44.21
CA ASP C 671 10.58 8.39 -44.57
C ASP C 671 9.50 7.38 -44.96
N GLN C 672 8.32 7.51 -44.33
CA GLN C 672 7.14 6.73 -44.72
C GLN C 672 6.76 7.01 -46.21
N ILE C 673 6.80 8.28 -46.61
CA ILE C 673 6.55 8.70 -48.00
C ILE C 673 7.61 8.11 -48.95
N ASP C 674 8.88 8.10 -48.55
CA ASP C 674 9.93 7.52 -49.38
C ASP C 674 9.76 6.04 -49.66
N ARG C 675 9.39 5.30 -48.63
CA ARG C 675 9.29 3.85 -48.72
C ARG C 675 8.00 3.38 -49.38
N GLU C 676 6.91 4.08 -49.12
CA GLU C 676 5.58 3.56 -49.44
C GLU C 676 4.87 4.18 -50.67
N VAL C 677 5.04 5.48 -50.87
CA VAL C 677 4.42 6.18 -52.01
C VAL C 677 5.29 6.20 -53.26
N PRO C 678 4.79 5.57 -54.36
CA PRO C 678 5.60 5.60 -55.60
C PRO C 678 5.86 7.04 -56.05
N LYS C 679 6.97 7.21 -56.75
CA LYS C 679 7.47 8.51 -57.13
C LYS C 679 6.61 9.22 -58.16
N GLY C 680 5.77 8.47 -58.89
CA GLY C 680 4.90 9.07 -59.90
C GLY C 680 3.74 8.16 -60.22
N SER D 1 34.21 -25.17 -3.90
CA SER D 1 33.74 -25.60 -5.25
C SER D 1 33.12 -24.45 -6.05
N MET D 2 32.33 -23.62 -5.38
CA MET D 2 31.86 -22.38 -5.98
C MET D 2 33.06 -21.51 -6.39
N ASN D 3 32.86 -20.67 -7.40
CA ASN D 3 33.78 -19.55 -7.60
C ASN D 3 33.43 -18.50 -6.54
N PHE D 4 34.28 -18.43 -5.52
CA PHE D 4 34.08 -17.60 -4.34
C PHE D 4 33.97 -16.12 -4.66
N TYR D 5 34.59 -15.72 -5.77
CA TYR D 5 34.68 -14.30 -6.16
C TYR D 5 33.54 -13.83 -7.05
N SER D 6 32.66 -14.75 -7.45
CA SER D 6 31.46 -14.46 -8.23
C SER D 6 30.31 -13.90 -7.39
N ALA D 7 29.89 -12.67 -7.68
CA ALA D 7 28.74 -12.07 -6.94
C ALA D 7 27.44 -12.81 -7.27
N TYR D 8 27.38 -13.42 -8.46
CA TYR D 8 26.16 -14.13 -8.79
C TYR D 8 26.05 -15.34 -7.90
N GLN D 9 27.21 -15.99 -7.68
CA GLN D 9 27.27 -17.17 -6.85
C GLN D 9 27.02 -16.91 -5.35
N HIS D 10 27.01 -15.66 -4.92
CA HIS D 10 26.62 -15.25 -3.53
C HIS D 10 25.24 -14.64 -3.37
N GLY D 11 24.41 -14.80 -4.39
CA GLY D 11 23.00 -14.40 -4.29
C GLY D 11 22.74 -12.95 -4.64
N PHE D 12 23.73 -12.34 -5.30
CA PHE D 12 23.57 -10.98 -5.84
C PHE D 12 22.88 -10.97 -7.21
N VAL D 13 22.20 -9.89 -7.56
CA VAL D 13 21.73 -9.71 -8.92
C VAL D 13 22.09 -8.29 -9.35
N ARG D 14 22.77 -8.17 -10.49
CA ARG D 14 23.18 -6.87 -11.01
C ARG D 14 22.05 -6.16 -11.77
N VAL D 15 21.59 -5.03 -11.23
CA VAL D 15 20.47 -4.31 -11.86
C VAL D 15 20.96 -2.97 -12.35
N ALA D 16 20.32 -2.47 -13.40
CA ALA D 16 20.72 -1.20 -14.02
C ALA D 16 19.46 -0.44 -14.30
N ALA D 17 19.48 0.84 -13.93
CA ALA D 17 18.45 1.85 -14.26
C ALA D 17 19.07 2.82 -15.30
N CYS D 18 18.42 3.01 -16.43
CA CYS D 18 19.01 3.74 -17.51
C CYS D 18 18.17 4.92 -17.95
N THR D 19 18.84 6.03 -18.23
CA THR D 19 18.18 7.14 -18.85
C THR D 19 18.85 7.36 -20.19
N HIS D 20 18.06 7.38 -21.26
CA HIS D 20 18.65 7.40 -22.64
C HIS D 20 18.42 8.78 -23.28
N HIS D 21 18.85 8.93 -24.53
CA HIS D 21 18.57 10.18 -25.25
C HIS D 21 17.24 10.08 -25.94
N THR D 22 16.28 10.91 -25.50
CA THR D 22 15.02 10.95 -26.23
C THR D 22 15.15 11.77 -27.51
N THR D 23 14.82 11.14 -28.63
CA THR D 23 14.46 11.84 -29.86
C THR D 23 12.96 11.67 -30.03
N ILE D 24 12.20 12.67 -29.61
CA ILE D 24 10.74 12.57 -29.66
C ILE D 24 10.17 12.35 -31.07
N GLY D 25 9.15 11.50 -31.19
CA GLY D 25 8.55 11.16 -32.51
C GLY D 25 9.47 10.26 -33.34
N ASP D 26 10.54 9.73 -32.76
CA ASP D 26 11.48 8.98 -33.59
C ASP D 26 11.91 7.67 -32.94
N PRO D 27 11.06 6.64 -33.04
CA PRO D 27 11.37 5.38 -32.36
C PRO D 27 12.68 4.72 -32.87
N ALA D 28 12.98 4.78 -34.14
CA ALA D 28 14.20 4.06 -34.62
C ALA D 28 15.41 4.63 -33.86
N ALA D 29 15.28 5.89 -33.43
CA ALA D 29 16.41 6.62 -32.85
C ALA D 29 16.49 6.35 -31.36
N ASN D 30 15.32 6.32 -30.71
CA ASN D 30 15.21 5.92 -29.31
C ASN D 30 15.66 4.48 -29.14
N ALA D 31 15.21 3.61 -30.05
CA ALA D 31 15.69 2.23 -30.06
C ALA D 31 17.19 2.14 -30.10
N ALA D 32 17.83 2.99 -30.92
CA ALA D 32 19.27 2.87 -31.20
C ALA D 32 20.10 3.25 -29.98
N SER D 33 19.55 4.20 -29.21
CA SER D 33 20.11 4.64 -27.95
C SER D 33 19.94 3.49 -26.92
N VAL D 34 18.69 3.09 -26.67
CA VAL D 34 18.38 1.91 -25.85
C VAL D 34 19.34 0.76 -26.11
N LEU D 35 19.47 0.33 -27.37
CA LEU D 35 20.35 -0.79 -27.73
C LEU D 35 21.79 -0.56 -27.30
N ASP D 36 22.29 0.64 -27.51
CA ASP D 36 23.64 0.97 -27.15
C ASP D 36 23.86 0.92 -25.63
N MET D 37 22.87 1.40 -24.86
CA MET D 37 22.89 1.32 -23.41
C MET D 37 22.68 -0.10 -22.88
N ALA D 38 21.80 -0.86 -23.53
CA ALA D 38 21.69 -2.31 -23.28
C ALA D 38 22.99 -3.08 -23.49
N ARG D 39 23.82 -2.69 -24.43
CA ARG D 39 25.03 -3.49 -24.71
C ARG D 39 26.07 -3.23 -23.62
N ALA D 40 26.00 -2.03 -23.03
CA ALA D 40 26.89 -1.62 -21.96
C ALA D 40 26.49 -2.36 -20.68
N CYS D 41 25.19 -2.54 -20.51
CA CYS D 41 24.64 -3.36 -19.44
C CYS D 41 25.06 -4.81 -19.56
N HIS D 42 24.98 -5.37 -20.76
CA HIS D 42 25.46 -6.70 -21.03
C HIS D 42 26.93 -6.78 -20.63
N ASP D 43 27.70 -5.80 -21.06
CA ASP D 43 29.12 -5.84 -20.81
C ASP D 43 29.42 -5.89 -19.31
N ASP D 44 28.65 -5.13 -18.54
CA ASP D 44 28.69 -5.09 -17.09
C ASP D 44 28.11 -6.32 -16.37
N GLY D 45 27.69 -7.35 -17.11
CA GLY D 45 26.98 -8.50 -16.53
C GLY D 45 25.70 -8.15 -15.75
N ALA D 46 24.96 -7.13 -16.17
CA ALA D 46 23.71 -6.77 -15.49
C ALA D 46 22.57 -7.68 -15.96
N ALA D 47 21.68 -8.09 -15.07
CA ALA D 47 20.52 -8.94 -15.40
C ALA D 47 19.23 -8.14 -15.68
N LEU D 48 19.28 -6.83 -15.55
CA LEU D 48 18.10 -6.05 -15.70
C LEU D 48 18.52 -4.66 -16.20
N ALA D 49 17.78 -4.11 -17.16
CA ALA D 49 17.96 -2.75 -17.61
C ALA D 49 16.57 -2.11 -17.70
N VAL D 50 16.25 -1.15 -16.85
CA VAL D 50 14.94 -0.47 -16.87
C VAL D 50 15.14 0.89 -17.58
N PHE D 51 14.33 1.21 -18.60
CA PHE D 51 14.43 2.50 -19.25
C PHE D 51 13.28 3.42 -18.84
N PRO D 52 13.33 4.69 -19.29
CA PRO D 52 12.21 5.62 -18.94
C PRO D 52 10.89 5.32 -19.64
N GLU D 53 9.83 5.86 -19.04
CA GLU D 53 8.47 5.67 -19.55
C GLU D 53 8.38 6.00 -21.02
N LEU D 54 7.62 5.20 -21.77
CA LEU D 54 7.40 5.45 -23.21
C LEU D 54 8.74 5.68 -23.96
N THR D 55 9.74 4.96 -23.52
CA THR D 55 11.06 4.96 -24.15
C THR D 55 11.02 5.12 -25.67
N LEU D 56 10.20 4.32 -26.34
CA LEU D 56 10.29 4.26 -27.80
C LEU D 56 9.62 5.43 -28.53
N SER D 57 8.68 6.12 -27.88
CA SER D 57 8.00 7.18 -28.56
C SER D 57 8.54 8.59 -28.18
N GLY D 58 8.96 8.70 -26.93
CA GLY D 58 8.97 9.97 -26.24
C GLY D 58 7.74 10.06 -25.36
N TYR D 59 7.93 10.39 -24.09
CA TYR D 59 6.76 10.51 -23.19
C TYR D 59 5.90 11.70 -23.53
N SER D 60 6.55 12.79 -23.89
CA SER D 60 5.87 14.08 -23.97
C SER D 60 5.25 14.45 -25.34
N ILE D 61 5.14 13.49 -26.26
CA ILE D 61 4.65 13.80 -27.61
C ILE D 61 3.13 14.05 -27.74
N GLU D 62 2.39 13.97 -26.64
CA GLU D 62 0.94 14.29 -26.63
C GLU D 62 0.12 13.58 -27.75
N ASP D 63 -0.60 14.29 -28.63
CA ASP D 63 -1.42 13.60 -29.63
C ASP D 63 -0.59 13.02 -30.76
N VAL D 64 0.71 13.28 -30.76
CA VAL D 64 1.53 12.57 -31.75
C VAL D 64 1.46 11.06 -31.43
N LEU D 65 1.10 10.76 -30.16
CA LEU D 65 0.89 9.37 -29.73
C LEU D 65 -0.28 8.71 -30.44
N LEU D 66 -1.13 9.48 -31.12
CA LEU D 66 -2.31 8.93 -31.77
C LEU D 66 -2.06 8.80 -33.28
N GLN D 67 -0.86 9.16 -33.73
CA GLN D 67 -0.58 9.13 -35.14
C GLN D 67 -0.20 7.74 -35.59
N ASP D 68 -1.01 7.22 -36.44
CA ASP D 68 -0.67 5.98 -37.14
C ASP D 68 0.79 5.69 -37.44
N SER D 69 1.52 6.69 -37.90
CA SER D 69 2.92 6.46 -38.32
C SER D 69 3.83 6.38 -37.11
N LEU D 70 3.51 7.17 -36.08
CA LEU D 70 4.18 7.07 -34.79
C LEU D 70 4.03 5.66 -34.24
N LEU D 71 2.76 5.30 -33.91
CA LEU D 71 2.40 3.92 -33.50
C LEU D 71 3.09 2.83 -34.39
N ASP D 72 3.03 2.91 -35.71
CA ASP D 72 3.69 1.88 -36.59
C ASP D 72 5.21 1.79 -36.45
N ALA D 73 5.83 2.96 -36.26
CA ALA D 73 7.27 3.14 -36.16
C ALA D 73 7.77 2.50 -34.87
N VAL D 74 7.06 2.81 -33.79
CA VAL D 74 7.23 2.16 -32.51
C VAL D 74 7.22 0.65 -32.60
N GLU D 75 6.14 0.08 -33.15
CA GLU D 75 6.03 -1.36 -33.26
C GLU D 75 7.25 -1.91 -33.98
N ASP D 76 7.66 -1.31 -35.09
CA ASP D 76 8.84 -1.86 -35.85
C ASP D 76 10.15 -1.69 -35.11
N ALA D 77 10.26 -0.61 -34.32
CA ALA D 77 11.48 -0.40 -33.54
C ALA D 77 11.64 -1.46 -32.42
N LEU D 78 10.55 -1.71 -31.69
CA LEU D 78 10.43 -2.87 -30.78
C LEU D 78 10.86 -4.19 -31.42
N LEU D 79 10.24 -4.61 -32.51
CA LEU D 79 10.61 -5.92 -33.09
C LEU D 79 12.10 -6.02 -33.37
N ASP D 80 12.71 -4.90 -33.74
CA ASP D 80 14.16 -4.82 -33.92
C ASP D 80 14.92 -4.91 -32.60
N LEU D 81 14.43 -4.24 -31.54
CA LEU D 81 15.04 -4.40 -30.22
C LEU D 81 15.02 -5.85 -29.77
N VAL D 82 13.86 -6.48 -29.90
CA VAL D 82 13.71 -7.88 -29.57
C VAL D 82 14.72 -8.78 -30.32
N THR D 83 14.94 -8.53 -31.61
CA THR D 83 15.82 -9.38 -32.41
C THR D 83 17.27 -9.22 -31.94
N GLU D 84 17.61 -8.02 -31.48
CA GLU D 84 18.96 -7.71 -31.00
C GLU D 84 19.23 -8.34 -29.65
N SER D 85 18.21 -8.34 -28.79
CA SER D 85 18.32 -8.91 -27.46
C SER D 85 18.63 -10.41 -27.46
N ALA D 86 18.47 -11.06 -28.62
CA ALA D 86 18.92 -12.44 -28.80
C ALA D 86 20.27 -12.64 -28.13
N ASP D 87 21.22 -11.75 -28.40
CA ASP D 87 22.54 -11.93 -27.81
C ASP D 87 22.82 -10.97 -26.65
N LEU D 88 21.79 -10.53 -25.98
CA LEU D 88 22.05 -9.74 -24.80
C LEU D 88 21.73 -10.57 -23.58
N LEU D 89 22.51 -10.38 -22.52
CA LEU D 89 22.28 -11.06 -21.25
C LEU D 89 21.12 -10.42 -20.38
N PRO D 90 21.00 -9.09 -20.34
CA PRO D 90 19.91 -8.54 -19.43
C PRO D 90 18.48 -8.60 -19.91
N VAL D 91 17.60 -9.01 -19.03
CA VAL D 91 16.20 -8.65 -19.18
C VAL D 91 16.15 -7.14 -19.44
N LEU D 92 15.54 -6.72 -20.58
CA LEU D 92 15.29 -5.30 -20.90
C LEU D 92 13.84 -4.93 -20.62
N VAL D 93 13.64 -3.80 -19.97
CA VAL D 93 12.28 -3.27 -19.70
C VAL D 93 12.19 -1.88 -20.32
N VAL D 94 11.26 -1.67 -21.25
CA VAL D 94 11.33 -0.61 -22.28
C VAL D 94 9.92 -0.11 -22.51
N GLY D 95 9.71 1.20 -22.38
CA GLY D 95 8.39 1.82 -22.52
C GLY D 95 8.01 1.97 -23.98
N ALA D 96 6.71 1.93 -24.27
CA ALA D 96 6.22 1.94 -25.67
C ALA D 96 4.73 2.13 -25.56
N PRO D 97 4.15 2.99 -26.44
CA PRO D 97 2.68 3.06 -26.59
C PRO D 97 2.26 1.91 -27.52
N LEU D 98 1.31 1.07 -27.09
CA LEU D 98 1.02 -0.09 -27.95
C LEU D 98 -0.48 -0.22 -28.12
N ARG D 99 -0.85 -0.69 -29.33
CA ARG D 99 -2.28 -0.92 -29.67
C ARG D 99 -2.67 -2.27 -29.09
N HIS D 100 -3.79 -2.24 -28.37
CA HIS D 100 -4.48 -3.41 -27.92
C HIS D 100 -5.97 -3.13 -27.79
N ARG D 101 -6.79 -4.08 -28.25
CA ARG D 101 -8.24 -3.87 -28.41
C ARG D 101 -8.68 -2.48 -28.94
N HIS D 102 -9.24 -1.59 -28.10
CA HIS D 102 -9.72 -0.35 -28.70
C HIS D 102 -8.77 0.83 -28.60
N ARG D 103 -7.68 0.66 -27.85
CA ARG D 103 -6.86 1.80 -27.55
C ARG D 103 -5.38 1.53 -27.59
N ILE D 104 -4.63 2.59 -27.28
CA ILE D 104 -3.22 2.50 -26.96
C ILE D 104 -3.08 2.53 -25.48
N TYR D 105 -2.14 1.67 -25.10
CA TYR D 105 -1.74 1.51 -23.71
C TYR D 105 -0.34 2.04 -23.49
N ASN D 106 -0.15 2.77 -22.36
CA ASN D 106 1.18 3.16 -21.88
C ASN D 106 1.85 1.91 -21.31
N THR D 107 2.67 1.23 -22.10
CA THR D 107 3.14 -0.07 -21.67
C THR D 107 4.63 -0.19 -21.40
N ALA D 108 5.01 -1.23 -20.63
CA ALA D 108 6.38 -1.62 -20.47
C ALA D 108 6.61 -3.01 -21.10
N VAL D 109 7.48 -3.07 -22.08
CA VAL D 109 7.71 -4.35 -22.70
C VAL D 109 8.90 -4.99 -21.99
N VAL D 110 8.66 -6.13 -21.35
CA VAL D 110 9.74 -6.85 -20.71
C VAL D 110 10.32 -7.80 -21.75
N ILE D 111 11.58 -7.59 -22.16
CA ILE D 111 12.23 -8.35 -23.28
C ILE D 111 13.39 -9.12 -22.74
N HIS D 112 13.68 -10.29 -23.32
CA HIS D 112 14.78 -11.09 -22.86
C HIS D 112 15.26 -12.14 -23.88
N ARG D 113 16.53 -12.11 -24.24
CA ARG D 113 17.06 -13.13 -25.17
C ARG D 113 16.13 -13.49 -26.33
N GLY D 114 15.67 -12.50 -27.09
CA GLY D 114 15.01 -12.76 -28.39
C GLY D 114 13.52 -13.06 -28.37
N ALA D 115 12.86 -12.70 -27.27
CA ALA D 115 11.47 -13.03 -27.04
C ALA D 115 10.92 -11.96 -26.06
N VAL D 116 9.67 -11.55 -26.21
CA VAL D 116 9.00 -10.66 -25.27
C VAL D 116 8.50 -11.65 -24.24
N LEU D 117 8.60 -11.30 -22.97
CA LEU D 117 8.12 -12.10 -21.87
C LEU D 117 6.76 -11.60 -21.51
N GLY D 118 6.51 -10.31 -21.71
CA GLY D 118 5.25 -9.74 -21.23
C GLY D 118 5.19 -8.27 -21.47
N VAL D 119 3.96 -7.76 -21.54
CA VAL D 119 3.74 -6.33 -21.76
C VAL D 119 2.93 -5.86 -20.59
N VAL D 120 3.34 -4.78 -19.90
CA VAL D 120 2.67 -4.29 -18.69
C VAL D 120 2.09 -2.88 -18.88
N PRO D 121 0.78 -2.78 -18.94
CA PRO D 121 0.20 -1.47 -19.12
C PRO D 121 0.29 -0.62 -17.81
N LYS D 122 0.54 0.67 -17.91
CA LYS D 122 0.39 1.65 -16.74
C LYS D 122 -0.98 1.41 -16.13
N SER D 123 -1.05 0.90 -14.94
CA SER D 123 -2.36 0.96 -14.20
C SER D 123 -3.00 2.30 -14.09
N TYR D 124 -2.25 3.37 -13.95
CA TYR D 124 -2.93 4.64 -13.38
C TYR D 124 -2.48 5.96 -14.07
N LEU D 125 -3.41 6.60 -14.80
CA LEU D 125 -3.10 7.69 -15.78
C LEU D 125 -3.44 9.09 -15.32
N PRO D 126 -2.39 9.84 -14.93
CA PRO D 126 -2.65 11.15 -14.30
C PRO D 126 -3.24 12.08 -15.38
N THR D 127 -4.32 12.78 -14.99
CA THR D 127 -5.03 13.69 -15.88
C THR D 127 -5.42 14.84 -14.99
N TYR D 128 -4.38 15.62 -14.71
CA TYR D 128 -4.42 16.70 -13.77
C TYR D 128 -3.10 17.45 -13.91
N ARG D 129 -3.12 18.69 -13.45
CA ARG D 129 -2.02 19.65 -13.63
C ARG D 129 -1.35 19.58 -15.00
N GLU D 130 -0.14 19.08 -15.09
CA GLU D 130 0.58 19.12 -16.33
C GLU D 130 0.45 17.84 -17.10
N PHE D 131 -0.35 16.93 -16.57
CA PHE D 131 -0.54 15.59 -17.14
C PHE D 131 -1.89 15.43 -17.81
N TYR D 132 -1.93 14.79 -18.99
CA TYR D 132 -3.13 14.68 -19.83
C TYR D 132 -3.26 13.26 -20.41
N GLU D 133 -2.83 12.25 -19.64
CA GLU D 133 -2.64 10.87 -20.18
C GLU D 133 -3.96 10.17 -20.53
N ARG D 134 -5.09 10.49 -19.82
CA ARG D 134 -6.36 9.83 -20.17
C ARG D 134 -6.85 10.23 -21.57
N ARG D 135 -6.49 11.45 -22.01
CA ARG D 135 -6.80 11.84 -23.38
C ARG D 135 -6.24 10.83 -24.43
N GLN D 136 -4.99 10.40 -24.32
CA GLN D 136 -4.43 9.54 -25.45
C GLN D 136 -4.36 8.08 -25.06
N MET D 137 -4.43 7.81 -23.76
CA MET D 137 -4.14 6.48 -23.29
C MET D 137 -5.19 5.83 -22.43
N ALA D 138 -5.33 4.52 -22.58
CA ALA D 138 -6.24 3.73 -21.73
C ALA D 138 -5.59 3.14 -20.45
N PRO D 139 -6.32 3.19 -19.31
CA PRO D 139 -5.81 2.55 -18.08
C PRO D 139 -5.53 1.07 -18.34
N GLY D 140 -4.48 0.56 -17.71
CA GLY D 140 -4.22 -0.85 -17.67
C GLY D 140 -4.77 -1.56 -16.46
N ASP D 141 -5.43 -0.86 -15.50
CA ASP D 141 -5.75 -1.53 -14.24
C ASP D 141 -6.76 -2.60 -14.46
N GLY D 142 -6.34 -3.85 -14.26
CA GLY D 142 -7.27 -4.95 -14.36
C GLY D 142 -7.53 -5.44 -15.76
N GLU D 143 -6.53 -5.34 -16.64
CA GLU D 143 -6.61 -5.94 -17.97
C GLU D 143 -5.76 -7.15 -17.88
N ARG D 144 -6.01 -8.14 -18.74
CA ARG D 144 -5.37 -9.44 -18.62
C ARG D 144 -5.20 -10.11 -19.97
N GLY D 145 -5.08 -11.41 -19.98
CA GLY D 145 -5.00 -12.10 -21.26
C GLY D 145 -3.69 -11.81 -21.97
N THR D 146 -3.74 -11.58 -23.27
CA THR D 146 -2.51 -11.50 -24.02
C THR D 146 -2.54 -10.36 -25.03
N ILE D 147 -1.40 -10.15 -25.68
CA ILE D 147 -1.24 -9.19 -26.73
C ILE D 147 -0.28 -9.83 -27.75
N ARG D 148 -0.57 -9.55 -29.01
CA ARG D 148 0.11 -10.07 -30.16
C ARG D 148 1.20 -9.06 -30.47
N ILE D 149 2.44 -9.54 -30.44
CA ILE D 149 3.62 -8.74 -30.74
C ILE D 149 4.47 -9.62 -31.64
N GLY D 150 4.70 -9.13 -32.86
CA GLY D 150 5.59 -9.86 -33.77
C GLY D 150 5.25 -11.34 -33.86
N GLY D 151 3.98 -11.62 -34.13
CA GLY D 151 3.56 -13.01 -34.28
C GLY D 151 3.54 -13.91 -33.03
N ALA D 152 3.36 -13.30 -31.87
CA ALA D 152 3.27 -14.08 -30.65
C ALA D 152 2.30 -13.42 -29.68
N ASP D 153 1.54 -14.28 -29.01
CA ASP D 153 0.66 -13.83 -27.99
C ASP D 153 1.48 -13.99 -26.72
N VAL D 154 1.57 -12.90 -25.97
CA VAL D 154 2.41 -12.82 -24.81
C VAL D 154 1.55 -12.19 -23.71
N ALA D 155 1.90 -12.57 -22.49
CA ALA D 155 1.18 -12.16 -21.37
C ALA D 155 1.06 -10.63 -21.41
N PHE D 156 -0.15 -10.18 -21.23
CA PHE D 156 -0.38 -8.80 -21.14
C PHE D 156 -1.25 -8.56 -19.90
N GLY D 157 -0.84 -7.67 -19.01
CA GLY D 157 -1.70 -7.16 -17.90
C GLY D 157 -0.74 -6.79 -16.76
N THR D 158 -1.34 -6.31 -15.64
CA THR D 158 -0.65 -5.74 -14.52
C THR D 158 -0.24 -6.71 -13.37
N ASP D 159 -0.81 -7.93 -13.41
CA ASP D 159 -0.47 -9.11 -12.58
C ASP D 159 0.58 -10.04 -13.23
N LEU D 160 1.70 -9.51 -13.71
CA LEU D 160 2.75 -10.39 -14.26
C LEU D 160 3.98 -10.46 -13.32
N LEU D 161 4.66 -11.62 -13.38
CA LEU D 161 5.87 -11.85 -12.61
C LEU D 161 6.87 -12.53 -13.46
N PHE D 162 8.06 -11.98 -13.44
CA PHE D 162 9.12 -12.61 -14.17
C PHE D 162 10.09 -13.20 -13.22
N ALA D 163 9.96 -14.50 -13.08
CA ALA D 163 10.76 -15.26 -12.15
C ALA D 163 11.88 -15.90 -12.92
N ALA D 164 13.12 -15.57 -12.55
CA ALA D 164 14.32 -16.21 -13.07
C ALA D 164 14.43 -17.65 -12.54
N SER D 165 14.56 -18.63 -13.42
CA SER D 165 14.50 -20.03 -12.97
C SER D 165 15.81 -20.57 -12.40
N ASP D 166 16.92 -20.10 -12.94
CA ASP D 166 18.21 -20.25 -12.27
C ASP D 166 18.54 -19.12 -11.26
N LEU D 167 17.62 -18.24 -10.93
CA LEU D 167 17.93 -17.28 -9.86
C LEU D 167 16.74 -17.00 -9.01
N PRO D 168 16.35 -18.00 -8.21
CA PRO D 168 15.10 -18.06 -7.46
C PRO D 168 14.82 -16.82 -6.64
N GLY D 169 15.85 -16.04 -6.31
CA GLY D 169 15.64 -14.82 -5.46
C GLY D 169 15.38 -13.57 -6.29
N PHE D 170 15.45 -13.74 -7.61
CA PHE D 170 15.10 -12.70 -8.64
C PHE D 170 13.78 -13.01 -9.38
N VAL D 171 12.78 -12.28 -8.92
CA VAL D 171 11.44 -12.33 -9.40
C VAL D 171 11.08 -10.86 -9.61
N LEU D 172 10.90 -10.46 -10.88
CA LEU D 172 10.67 -9.08 -11.31
C LEU D 172 9.19 -8.70 -11.42
N HIS D 173 8.83 -7.54 -10.87
CA HIS D 173 7.56 -6.89 -11.19
C HIS D 173 7.82 -5.49 -11.75
N VAL D 174 6.96 -5.06 -12.68
CA VAL D 174 7.09 -3.77 -13.39
C VAL D 174 5.89 -2.87 -13.14
N GLU D 175 6.15 -1.64 -12.82
CA GLU D 175 5.05 -0.70 -12.84
C GLU D 175 5.55 0.57 -13.54
N ILE D 176 4.74 1.62 -13.57
CA ILE D 176 5.02 2.80 -14.40
C ILE D 176 4.59 4.06 -13.70
N CYS D 177 5.60 4.90 -13.47
CA CYS D 177 5.47 6.18 -12.87
C CYS D 177 4.36 6.35 -11.80
N GLU D 178 3.17 6.82 -12.19
CA GLU D 178 2.11 7.20 -11.22
C GLU D 178 1.65 5.94 -10.47
N ASP D 179 1.97 4.76 -11.01
CA ASP D 179 1.58 3.55 -10.35
C ASP D 179 2.05 3.44 -8.90
N MET D 180 3.08 4.20 -8.52
CA MET D 180 3.68 3.94 -7.22
C MET D 180 3.29 5.06 -6.25
N PHE D 181 2.40 5.98 -6.69
CA PHE D 181 1.99 7.23 -5.97
C PHE D 181 0.62 7.20 -5.29
N VAL D 182 -0.12 6.13 -5.58
CA VAL D 182 -1.49 5.89 -5.13
C VAL D 182 -1.44 5.02 -3.90
N PRO D 183 -2.43 5.20 -2.95
CA PRO D 183 -2.44 4.42 -1.73
C PRO D 183 -2.16 2.93 -1.95
N MET D 184 -2.71 2.34 -2.98
CA MET D 184 -2.60 0.92 -3.09
C MET D 184 -1.82 0.52 -4.38
N PRO D 185 -0.51 0.73 -4.37
CA PRO D 185 0.27 0.56 -5.63
C PRO D 185 0.20 -0.85 -6.20
N PRO D 186 0.14 -1.00 -7.52
CA PRO D 186 0.36 -2.35 -8.11
C PRO D 186 1.44 -3.13 -7.43
N SER D 187 2.60 -2.52 -7.20
CA SER D 187 3.83 -3.27 -6.78
C SER D 187 3.76 -3.78 -5.33
N ALA D 188 2.96 -3.14 -4.45
CA ALA D 188 2.73 -3.64 -3.11
C ALA D 188 2.12 -5.06 -3.07
N GLU D 189 1.09 -5.28 -3.88
CA GLU D 189 0.48 -6.60 -4.01
C GLU D 189 1.46 -7.58 -4.66
N ALA D 190 2.29 -7.09 -5.56
CA ALA D 190 3.22 -8.01 -6.31
C ALA D 190 4.36 -8.40 -5.39
N ALA D 191 4.70 -7.53 -4.42
CA ALA D 191 5.72 -7.96 -3.44
C ALA D 191 5.10 -9.12 -2.58
N LEU D 192 3.92 -8.90 -2.00
CA LEU D 192 3.17 -10.01 -1.34
C LEU D 192 3.09 -11.26 -2.27
N ALA D 193 2.90 -11.05 -3.55
CA ALA D 193 2.75 -12.19 -4.44
C ALA D 193 4.07 -12.91 -4.66
N GLY D 194 5.21 -12.25 -4.43
CA GLY D 194 6.55 -12.85 -4.51
C GLY D 194 7.65 -12.11 -5.31
N ALA D 195 7.32 -10.93 -5.84
CA ALA D 195 8.31 -10.07 -6.51
C ALA D 195 9.34 -9.56 -5.53
N THR D 196 10.61 -9.67 -5.94
CA THR D 196 11.73 -9.24 -5.12
C THR D 196 12.38 -7.97 -5.67
N VAL D 197 12.22 -7.75 -6.97
CA VAL D 197 12.82 -6.60 -7.65
C VAL D 197 11.67 -5.83 -8.35
N LEU D 198 11.41 -4.60 -7.90
CA LEU D 198 10.34 -3.76 -8.43
C LEU D 198 10.87 -2.66 -9.37
N ALA D 199 10.48 -2.73 -10.65
CA ALA D 199 10.90 -1.76 -11.65
C ALA D 199 9.88 -0.67 -11.83
N ASN D 200 10.34 0.55 -12.02
CA ASN D 200 9.44 1.63 -12.32
C ASN D 200 10.00 2.43 -13.47
N LEU D 201 9.19 2.61 -14.50
CA LEU D 201 9.54 3.44 -15.67
C LEU D 201 8.84 4.78 -15.49
N SER D 202 9.61 5.88 -15.41
CA SER D 202 9.01 7.20 -15.33
C SER D 202 9.31 8.17 -16.46
N GLY D 203 8.36 9.07 -16.69
CA GLY D 203 8.60 10.22 -17.54
C GLY D 203 9.03 11.26 -16.54
N SER D 204 8.05 11.68 -15.72
CA SER D 204 8.24 12.51 -14.54
C SER D 204 8.88 13.83 -14.95
N PRO D 205 8.08 14.75 -15.55
CA PRO D 205 8.74 16.05 -15.82
C PRO D 205 9.25 16.61 -14.50
N ILE D 206 10.44 17.24 -14.51
CA ILE D 206 11.04 17.70 -13.25
C ILE D 206 10.48 19.03 -12.78
N THR D 207 10.36 19.19 -11.48
CA THR D 207 9.73 20.36 -10.86
C THR D 207 10.40 20.53 -9.52
N ILE D 208 10.42 21.77 -8.99
CA ILE D 208 10.92 21.99 -7.63
C ILE D 208 10.24 21.01 -6.67
N GLY D 209 11.06 20.27 -5.92
CA GLY D 209 10.58 19.32 -4.90
C GLY D 209 10.26 17.90 -5.37
N ARG D 210 10.00 17.72 -6.65
CA ARG D 210 9.59 16.43 -7.18
C ARG D 210 10.62 15.28 -7.05
N ALA D 211 11.91 15.62 -7.01
CA ALA D 211 12.92 14.55 -6.90
C ALA D 211 12.92 13.95 -5.49
N GLU D 212 12.60 14.79 -4.51
CA GLU D 212 12.39 14.38 -3.14
C GLU D 212 11.17 13.46 -3.07
N ASP D 213 10.11 13.82 -3.80
CA ASP D 213 8.90 13.02 -3.89
C ASP D 213 9.18 11.66 -4.52
N ARG D 214 9.87 11.64 -5.65
CA ARG D 214 10.28 10.34 -6.20
C ARG D 214 11.01 9.51 -5.15
N ARG D 215 11.95 10.14 -4.43
CA ARG D 215 12.75 9.42 -3.44
C ARG D 215 11.94 8.91 -2.27
N LEU D 216 11.08 9.77 -1.72
CA LEU D 216 10.27 9.42 -0.59
C LEU D 216 9.48 8.14 -0.88
N LEU D 217 8.93 8.03 -2.10
CA LEU D 217 8.02 6.95 -2.46
C LEU D 217 8.69 5.74 -3.05
N ALA D 218 9.87 5.90 -3.64
CA ALA D 218 10.57 4.70 -4.13
C ALA D 218 11.30 4.05 -2.97
N ARG D 219 11.75 4.88 -2.02
CA ARG D 219 12.51 4.36 -0.89
C ARG D 219 11.61 3.63 0.09
N SER D 220 10.50 4.26 0.48
CA SER D 220 9.56 3.64 1.39
C SER D 220 8.90 2.42 0.77
N ALA D 221 8.64 2.45 -0.53
CA ALA D 221 8.18 1.22 -1.19
C ALA D 221 9.19 0.09 -0.97
N SER D 222 10.46 0.36 -1.19
CA SER D 222 11.50 -0.68 -1.06
C SER D 222 11.59 -1.21 0.36
N ALA D 223 11.25 -0.34 1.32
CA ALA D 223 11.36 -0.62 2.75
C ALA D 223 10.17 -1.44 3.17
N ARG D 224 8.99 -0.91 2.89
CA ARG D 224 7.71 -1.59 3.19
C ARG D 224 7.54 -2.89 2.40
N CYS D 225 8.07 -2.94 1.19
CA CYS D 225 8.01 -4.21 0.45
C CYS D 225 9.16 -5.13 0.57
N LEU D 226 10.16 -4.79 1.37
CA LEU D 226 11.32 -5.69 1.49
C LEU D 226 11.89 -6.08 0.09
N ALA D 227 12.03 -5.06 -0.74
CA ALA D 227 12.39 -5.24 -2.15
C ALA D 227 13.48 -4.24 -2.57
N ALA D 228 14.13 -4.57 -3.68
CA ALA D 228 14.85 -3.61 -4.47
C ALA D 228 13.80 -2.83 -5.27
N TYR D 229 14.07 -1.54 -5.53
CA TYR D 229 13.22 -0.69 -6.37
C TYR D 229 14.08 -0.02 -7.44
N VAL D 230 13.81 -0.30 -8.71
CA VAL D 230 14.66 0.20 -9.81
C VAL D 230 13.87 1.21 -10.59
N TYR D 231 14.39 2.45 -10.61
CA TYR D 231 13.69 3.65 -11.03
C TYR D 231 14.49 4.47 -12.09
N ALA D 232 13.84 4.76 -13.22
CA ALA D 232 14.45 5.49 -14.35
C ALA D 232 13.50 6.56 -14.84
N ALA D 233 14.01 7.77 -15.06
CA ALA D 233 13.17 8.86 -15.55
C ALA D 233 13.77 9.41 -16.83
N ALA D 234 12.91 9.99 -17.66
CA ALA D 234 13.33 10.66 -18.87
C ALA D 234 14.18 11.94 -18.63
N GLY D 235 15.07 12.22 -19.57
CA GLY D 235 15.85 13.45 -19.52
C GLY D 235 15.89 14.18 -20.86
N GLU D 236 17.11 14.41 -21.31
CA GLU D 236 17.38 15.21 -22.49
C GLU D 236 16.65 14.63 -23.65
N GLY D 237 16.07 15.51 -24.47
CA GLY D 237 15.40 15.08 -25.68
C GLY D 237 13.91 15.16 -25.59
N GLU D 238 13.35 15.04 -24.40
CA GLU D 238 11.91 15.20 -24.24
C GLU D 238 11.54 16.63 -24.60
N SER D 239 10.29 16.87 -24.98
CA SER D 239 9.84 18.17 -25.39
C SER D 239 9.80 19.18 -24.23
N THR D 240 10.32 20.38 -24.48
CA THR D 240 10.26 21.46 -23.49
C THR D 240 9.28 22.59 -23.89
N THR D 241 8.22 22.19 -24.56
CA THR D 241 7.07 23.03 -24.78
C THR D 241 6.46 23.59 -23.47
N ASP D 242 6.31 22.74 -22.45
CA ASP D 242 5.76 23.22 -21.18
C ASP D 242 6.53 22.76 -19.98
N LEU D 243 7.52 21.91 -20.21
CA LEU D 243 8.14 21.15 -19.14
C LEU D 243 9.62 20.87 -19.37
N ALA D 244 10.29 20.50 -18.26
CA ALA D 244 11.69 20.05 -18.27
C ALA D 244 11.87 18.66 -17.61
N TRP D 245 13.01 18.03 -17.90
CA TRP D 245 13.36 16.64 -17.54
C TRP D 245 14.78 16.62 -16.90
N ASP D 246 14.96 15.81 -15.85
CA ASP D 246 16.28 15.67 -15.24
C ASP D 246 16.96 14.29 -15.40
N GLY D 247 16.25 13.32 -15.98
CA GLY D 247 16.89 12.06 -16.34
C GLY D 247 17.40 11.27 -15.14
N GLN D 248 16.84 11.59 -13.97
CA GLN D 248 17.18 10.90 -12.72
C GLN D 248 16.97 9.38 -12.75
N THR D 249 17.97 8.64 -12.30
CA THR D 249 17.82 7.21 -12.15
C THR D 249 18.29 6.86 -10.76
N MET D 250 17.77 5.75 -10.20
CA MET D 250 18.15 5.33 -8.86
C MET D 250 17.81 3.88 -8.55
N ILE D 251 18.56 3.27 -7.65
CA ILE D 251 18.28 1.91 -7.18
C ILE D 251 18.18 1.87 -5.67
N TRP D 252 17.05 1.41 -5.14
CA TRP D 252 16.85 1.24 -3.70
C TRP D 252 16.82 -0.21 -3.31
N GLU D 253 17.36 -0.53 -2.14
CA GLU D 253 17.19 -1.87 -1.59
C GLU D 253 16.78 -1.77 -0.14
N ASN D 254 15.59 -2.25 0.16
CA ASN D 254 15.08 -2.28 1.55
C ASN D 254 15.16 -0.96 2.35
N GLY D 255 15.15 0.17 1.64
CA GLY D 255 15.16 1.49 2.28
C GLY D 255 16.51 2.21 2.15
N ALA D 256 17.50 1.48 1.62
CA ALA D 256 18.84 2.01 1.40
C ALA D 256 19.08 2.31 -0.07
N LEU D 257 19.81 3.40 -0.34
CA LEU D 257 20.18 3.81 -1.68
C LEU D 257 21.36 3.02 -2.14
N LEU D 258 21.20 2.15 -3.14
CA LEU D 258 22.36 1.46 -3.70
C LEU D 258 23.12 2.38 -4.63
N ALA D 259 22.44 3.06 -5.54
CA ALA D 259 23.09 3.88 -6.58
C ALA D 259 22.16 4.99 -7.04
N GLU D 260 22.73 6.04 -7.63
CA GLU D 260 21.89 7.06 -8.29
C GLU D 260 22.73 7.79 -9.29
N SER D 261 22.10 8.37 -10.29
CA SER D 261 22.88 9.04 -11.30
C SER D 261 22.78 10.56 -11.17
N GLU D 262 23.64 11.26 -11.88
CA GLU D 262 23.67 12.71 -11.91
C GLU D 262 22.35 13.31 -12.47
N ARG D 263 21.79 14.29 -11.77
CA ARG D 263 20.59 15.01 -12.24
C ARG D 263 20.91 16.06 -13.33
N PHE D 264 20.10 16.11 -14.39
CA PHE D 264 20.31 17.02 -15.53
C PHE D 264 21.58 16.72 -16.34
N PRO D 265 21.87 15.44 -16.63
CA PRO D 265 23.12 15.10 -17.30
C PRO D 265 23.29 15.60 -18.74
N LYS D 266 24.51 15.87 -19.15
CA LYS D 266 24.82 15.91 -20.57
C LYS D 266 25.12 14.51 -20.99
N GLY D 267 24.21 13.93 -21.77
CA GLY D 267 24.41 12.59 -22.24
C GLY D 267 23.71 11.60 -21.35
N VAL D 268 23.78 10.34 -21.77
CA VAL D 268 23.05 9.24 -21.16
C VAL D 268 23.71 8.86 -19.85
N ARG D 269 22.96 8.23 -18.97
CA ARG D 269 23.46 7.89 -17.64
C ARG D 269 22.87 6.55 -17.20
N ARG D 270 23.55 5.88 -16.28
CA ARG D 270 23.07 4.63 -15.70
C ARG D 270 23.38 4.59 -14.22
N SER D 271 22.46 4.03 -13.45
CA SER D 271 22.80 3.48 -12.13
C SER D 271 22.89 1.98 -12.29
N VAL D 272 24.06 1.39 -12.02
CA VAL D 272 24.20 -0.05 -11.99
C VAL D 272 24.51 -0.42 -10.54
N ALA D 273 23.95 -1.52 -10.03
CA ALA D 273 24.23 -1.96 -8.66
C ALA D 273 23.99 -3.45 -8.48
N ASP D 274 24.75 -4.06 -7.58
CA ASP D 274 24.45 -5.38 -7.08
C ASP D 274 23.50 -5.38 -5.91
N VAL D 275 22.34 -6.01 -6.16
CA VAL D 275 21.27 -6.19 -5.18
C VAL D 275 21.55 -7.51 -4.51
N ASP D 276 21.48 -7.50 -3.19
CA ASP D 276 21.65 -8.72 -2.42
C ASP D 276 20.28 -9.37 -2.24
N THR D 277 20.05 -10.46 -2.99
CA THR D 277 18.75 -11.15 -2.93
C THR D 277 18.60 -11.99 -1.67
N GLU D 278 19.69 -12.15 -0.92
CA GLU D 278 19.59 -12.92 0.30
C GLU D 278 19.21 -12.04 1.48
N LEU D 279 19.65 -10.79 1.42
CA LEU D 279 19.27 -9.79 2.40
C LEU D 279 17.73 -9.71 2.37
N LEU D 280 17.18 -9.46 1.18
CA LEU D 280 15.71 -9.47 0.96
C LEU D 280 15.10 -10.79 1.41
N ARG D 281 15.66 -11.94 0.97
CA ARG D 281 15.15 -13.25 1.40
C ARG D 281 15.09 -13.38 2.94
N SER D 282 16.20 -13.04 3.61
CA SER D 282 16.33 -13.10 5.06
C SER D 282 15.36 -12.19 5.79
N GLU D 283 15.16 -10.99 5.28
CA GLU D 283 14.23 -10.05 5.88
C GLU D 283 12.80 -10.58 5.82
N ARG D 284 12.42 -11.15 4.67
CA ARG D 284 11.07 -11.70 4.47
C ARG D 284 10.84 -12.92 5.34
N LEU D 285 11.89 -13.71 5.43
CA LEU D 285 11.91 -14.93 6.18
C LEU D 285 11.63 -14.73 7.64
N ARG D 286 11.87 -13.53 8.16
CA ARG D 286 11.83 -13.21 9.58
C ARG D 286 10.64 -12.33 9.98
N MET D 287 10.17 -11.51 9.06
CA MET D 287 9.02 -10.67 9.34
C MET D 287 7.82 -11.46 8.85
N GLY D 288 7.24 -12.27 9.73
CA GLY D 288 6.08 -13.07 9.37
C GLY D 288 4.82 -12.24 9.10
N THR D 289 4.76 -11.02 9.66
CA THR D 289 3.58 -10.13 9.43
C THR D 289 3.47 -9.76 7.91
N PHE D 290 4.59 -9.86 7.21
CA PHE D 290 4.66 -9.71 5.74
C PHE D 290 3.80 -10.80 5.08
N ASP D 291 4.09 -12.06 5.40
CA ASP D 291 3.23 -13.21 5.04
C ASP D 291 1.79 -13.06 5.58
N ASP D 292 1.59 -12.55 6.80
CA ASP D 292 0.23 -12.37 7.31
C ASP D 292 -0.63 -11.44 6.44
N ASN D 293 0.00 -10.36 5.98
CA ASN D 293 -0.54 -9.45 4.99
C ASN D 293 -0.86 -10.16 3.63
N ARG D 294 0.05 -10.98 3.11
CA ARG D 294 -0.26 -11.79 1.90
C ARG D 294 -1.54 -12.66 2.10
N ARG D 295 -1.60 -13.38 3.23
CA ARG D 295 -2.75 -14.26 3.46
C ARG D 295 -4.02 -13.43 3.65
N HIS D 296 -3.88 -12.20 4.13
CA HIS D 296 -5.06 -11.40 4.21
C HIS D 296 -5.62 -11.02 2.84
N HIS D 297 -4.74 -10.88 1.84
CA HIS D 297 -5.09 -10.55 0.44
C HIS D 297 -4.70 -11.74 -0.42
N ARG D 298 -5.24 -12.90 -0.06
CA ARG D 298 -4.90 -14.14 -0.74
C ARG D 298 -5.38 -14.13 -2.19
N GLU D 299 -6.58 -13.62 -2.40
CA GLU D 299 -7.17 -13.56 -3.75
C GLU D 299 -6.35 -12.68 -4.67
N LEU D 300 -6.08 -11.45 -4.23
CA LEU D 300 -5.11 -10.60 -4.92
C LEU D 300 -3.80 -11.33 -5.27
N THR D 301 -3.20 -12.04 -4.33
CA THR D 301 -1.80 -12.34 -4.44
C THR D 301 -1.60 -13.63 -5.20
N GLU D 302 -2.59 -14.52 -5.08
CA GLU D 302 -2.50 -15.83 -5.68
C GLU D 302 -2.87 -15.76 -7.17
N SER D 303 -3.55 -14.69 -7.56
CA SER D 303 -3.94 -14.50 -8.97
C SER D 303 -2.76 -14.25 -9.94
N PHE D 304 -1.58 -13.88 -9.45
CA PHE D 304 -0.51 -13.41 -10.32
C PHE D 304 -0.04 -14.46 -11.32
N ARG D 305 0.32 -14.03 -12.52
CA ARG D 305 0.88 -14.99 -13.49
C ARG D 305 2.38 -14.89 -13.48
N ARG D 306 3.02 -16.05 -13.48
CA ARG D 306 4.43 -16.14 -13.26
C ARG D 306 5.06 -16.58 -14.56
N ILE D 307 5.88 -15.73 -15.18
CA ILE D 307 6.61 -16.08 -16.40
C ILE D 307 8.06 -16.39 -16.08
N ASP D 308 8.53 -17.54 -16.56
CA ASP D 308 9.89 -17.99 -16.36
C ASP D 308 10.82 -17.69 -17.51
N PHE D 309 12.07 -17.47 -17.13
CA PHE D 309 13.16 -17.33 -18.07
C PHE D 309 14.45 -17.83 -17.41
N ALA D 310 15.36 -18.37 -18.20
CA ALA D 310 16.65 -18.75 -17.67
C ALA D 310 17.54 -17.53 -17.85
N LEU D 311 18.01 -16.95 -16.75
CA LEU D 311 18.89 -15.79 -16.80
C LEU D 311 20.27 -16.12 -17.30
N ASP D 312 20.77 -17.30 -16.93
CA ASP D 312 22.15 -17.78 -17.23
C ASP D 312 23.26 -16.73 -17.06
N PRO D 313 23.46 -16.22 -15.82
CA PRO D 313 24.35 -15.10 -15.56
C PRO D 313 25.80 -15.52 -15.56
N PRO D 314 26.72 -14.56 -15.69
CA PRO D 314 28.11 -14.98 -15.80
C PRO D 314 28.62 -15.60 -14.48
N ALA D 315 29.52 -16.57 -14.62
CA ALA D 315 29.97 -17.40 -13.51
C ALA D 315 31.19 -16.80 -12.80
N GLY D 316 31.89 -15.90 -13.48
CA GLY D 316 33.18 -15.39 -12.99
C GLY D 316 33.20 -14.21 -12.03
N ASP D 317 34.40 -13.71 -11.80
CA ASP D 317 34.64 -12.50 -11.01
C ASP D 317 34.26 -11.30 -11.86
N ILE D 318 33.25 -10.56 -11.40
CA ILE D 318 32.80 -9.33 -12.06
C ILE D 318 32.71 -8.20 -11.01
N GLY D 319 33.44 -8.36 -9.90
CA GLY D 319 33.50 -7.33 -8.86
C GLY D 319 32.21 -7.29 -8.05
N LEU D 320 32.08 -6.29 -7.21
CA LEU D 320 30.87 -6.17 -6.41
C LEU D 320 30.52 -4.71 -6.49
N LEU D 321 29.48 -4.40 -7.24
CA LEU D 321 29.01 -3.03 -7.38
C LEU D 321 28.18 -2.63 -6.16
N ARG D 322 28.81 -2.78 -5.00
CA ARG D 322 28.14 -2.53 -3.74
C ARG D 322 29.10 -1.98 -2.70
N GLU D 323 28.56 -1.13 -1.85
CA GLU D 323 29.32 -0.52 -0.78
C GLU D 323 29.08 -1.41 0.41
N VAL D 324 30.10 -2.20 0.75
CA VAL D 324 30.07 -2.98 1.99
C VAL D 324 30.96 -2.28 3.00
N GLU D 325 30.36 -1.78 4.07
CA GLU D 325 31.10 -1.13 5.15
C GLU D 325 31.87 -2.11 6.02
N ARG D 326 32.99 -1.64 6.54
CA ARG D 326 33.80 -2.40 7.46
C ARG D 326 33.12 -2.61 8.80
N PHE D 327 32.32 -1.64 9.23
CA PHE D 327 31.71 -1.70 10.59
C PHE D 327 30.22 -1.58 10.50
N PRO D 328 29.52 -2.74 10.47
CA PRO D 328 28.07 -2.71 10.34
C PRO D 328 27.38 -2.05 11.55
N PHE D 329 28.09 -1.93 12.65
CA PHE D 329 27.53 -1.32 13.83
C PHE D 329 28.02 0.12 13.90
N VAL D 330 28.97 0.46 13.02
CA VAL D 330 29.60 1.78 13.07
C VAL D 330 29.59 2.46 11.71
N PRO D 331 28.54 3.25 11.46
CA PRO D 331 28.40 3.90 10.15
C PRO D 331 29.56 4.86 9.89
N ALA D 332 30.11 4.79 8.68
CA ALA D 332 31.23 5.64 8.24
C ALA D 332 30.82 7.11 8.07
N ASP D 333 29.58 7.36 7.62
CA ASP D 333 29.08 8.74 7.54
C ASP D 333 28.96 9.39 8.92
N PRO D 334 29.71 10.47 9.14
CA PRO D 334 29.85 11.05 10.47
C PRO D 334 28.56 11.65 11.12
N GLN D 335 27.58 12.11 10.35
CA GLN D 335 26.35 12.61 10.99
C GLN D 335 25.43 11.48 11.33
N ARG D 336 25.53 10.39 10.54
CA ARG D 336 24.82 9.12 10.82
C ARG D 336 25.34 8.51 12.13
N LEU D 337 26.67 8.50 12.29
CA LEU D 337 27.33 7.99 13.47
C LEU D 337 27.00 8.86 14.68
N GLN D 338 27.01 10.18 14.54
CA GLN D 338 26.57 11.08 15.62
C GLN D 338 25.17 10.72 16.09
N GLN D 339 24.31 10.29 15.16
CA GLN D 339 22.91 9.96 15.42
C GLN D 339 22.81 8.63 16.16
N ASP D 340 23.51 7.62 15.65
CA ASP D 340 23.57 6.32 16.32
C ASP D 340 24.00 6.47 17.78
N CYS D 341 24.94 7.37 18.02
CA CYS D 341 25.58 7.47 19.30
C CYS D 341 24.63 8.13 20.31
N TYR D 342 24.04 9.24 19.88
CA TYR D 342 22.97 9.92 20.60
C TYR D 342 21.94 8.88 21.05
N GLU D 343 21.61 7.97 20.15
CA GLU D 343 20.56 7.00 20.39
C GLU D 343 21.02 5.86 21.27
N ALA D 344 22.18 5.25 20.95
CA ALA D 344 22.77 4.24 21.84
C ALA D 344 22.77 4.73 23.28
N TYR D 345 23.42 5.86 23.50
CA TYR D 345 23.57 6.46 24.84
C TYR D 345 22.24 6.63 25.59
N ASN D 346 21.25 7.24 24.93
CA ASN D 346 19.95 7.50 25.52
C ASN D 346 19.14 6.25 25.80
N ILE D 347 19.35 5.22 24.98
CA ILE D 347 18.78 3.89 25.20
C ILE D 347 19.33 3.29 26.50
N GLN D 348 20.65 3.35 26.68
CA GLN D 348 21.32 2.74 27.84
C GLN D 348 20.90 3.44 29.10
N VAL D 349 20.95 4.77 29.07
CA VAL D 349 20.53 5.60 30.17
C VAL D 349 19.08 5.39 30.58
N SER D 350 18.15 5.42 29.63
CA SER D 350 16.73 5.34 29.98
C SER D 350 16.34 3.96 30.50
N GLY D 351 16.91 2.91 29.89
CA GLY D 351 16.78 1.55 30.39
C GLY D 351 17.16 1.38 31.86
N LEU D 352 18.32 1.90 32.23
CA LEU D 352 18.81 1.86 33.58
C LEU D 352 17.96 2.77 34.49
N GLU D 353 17.54 3.93 34.00
CA GLU D 353 16.72 4.84 34.80
C GLU D 353 15.48 4.12 35.29
N GLN D 354 14.84 3.36 34.40
CA GLN D 354 13.60 2.67 34.71
C GLN D 354 13.85 1.56 35.75
N ARG D 355 14.92 0.80 35.57
CA ARG D 355 15.36 -0.11 36.61
C ARG D 355 15.48 0.57 37.99
N LEU D 356 16.13 1.75 38.02
CA LEU D 356 16.33 2.48 39.27
C LEU D 356 15.02 3.03 39.87
N ARG D 357 14.15 3.60 39.04
CA ARG D 357 12.84 4.07 39.51
C ARG D 357 12.10 2.89 40.16
N ALA D 358 12.06 1.77 39.44
CA ALA D 358 11.33 0.57 39.85
C ALA D 358 11.77 -0.01 41.20
N LEU D 359 13.04 0.23 41.57
CA LEU D 359 13.58 -0.30 42.81
C LEU D 359 13.72 0.77 43.88
N ASP D 360 12.95 1.84 43.73
CA ASP D 360 13.01 3.01 44.59
C ASP D 360 14.42 3.56 44.80
N TYR D 361 15.17 3.62 43.70
CA TYR D 361 16.47 4.26 43.66
C TYR D 361 17.50 3.58 44.55
N PRO D 362 17.92 2.36 44.17
CA PRO D 362 18.94 1.67 44.96
C PRO D 362 20.27 2.40 44.79
N LYS D 363 21.28 2.03 45.58
CA LYS D 363 22.64 2.46 45.27
C LYS D 363 23.15 1.69 44.02
N VAL D 364 24.17 2.23 43.38
CA VAL D 364 24.68 1.66 42.13
C VAL D 364 26.14 1.17 42.32
N VAL D 365 26.30 -0.14 42.37
CA VAL D 365 27.61 -0.73 42.62
C VAL D 365 28.25 -1.09 41.28
N ILE D 366 29.46 -0.60 41.05
CA ILE D 366 30.14 -0.86 39.78
C ILE D 366 31.65 -1.09 39.90
N GLY D 367 32.11 -2.20 39.32
CA GLY D 367 33.54 -2.51 39.21
C GLY D 367 34.19 -1.73 38.06
N VAL D 368 35.15 -0.87 38.42
CA VAL D 368 35.82 -0.02 37.43
C VAL D 368 37.28 -0.43 37.25
N SER D 369 37.62 -0.82 36.02
CA SER D 369 38.96 -1.33 35.76
C SER D 369 39.83 -0.31 35.04
N GLY D 370 39.22 0.79 34.60
CA GLY D 370 39.90 1.72 33.68
C GLY D 370 39.78 1.31 32.21
N GLY D 371 39.14 0.17 31.93
CA GLY D 371 38.87 -0.27 30.54
C GLY D 371 37.80 0.55 29.85
N LEU D 372 37.61 0.33 28.55
CA LEU D 372 36.57 1.07 27.81
C LEU D 372 35.14 0.83 28.31
N ASP D 373 34.80 -0.45 28.52
CA ASP D 373 33.44 -0.84 28.87
C ASP D 373 32.95 -0.30 30.19
N SER D 374 33.78 -0.44 31.23
CA SER D 374 33.40 -0.04 32.59
C SER D 374 33.44 1.47 32.71
N THR D 375 34.39 2.06 31.99
CA THR D 375 34.46 3.51 31.84
C THR D 375 33.13 4.02 31.34
N HIS D 376 32.70 3.47 30.21
CA HIS D 376 31.45 3.88 29.60
C HIS D 376 30.21 3.64 30.48
N ALA D 377 30.15 2.48 31.10
CA ALA D 377 29.04 2.18 31.99
C ALA D 377 28.95 3.16 33.19
N LEU D 378 30.09 3.66 33.65
CA LEU D 378 30.12 4.60 34.75
C LEU D 378 29.49 5.92 34.33
N ILE D 379 29.80 6.32 33.11
CA ILE D 379 29.30 7.55 32.52
C ILE D 379 27.80 7.45 32.37
N VAL D 380 27.35 6.31 31.85
CA VAL D 380 25.93 6.03 31.64
C VAL D 380 25.17 6.09 32.97
N ALA D 381 25.80 5.56 34.00
CA ALA D 381 25.21 5.44 35.31
C ALA D 381 25.15 6.80 35.99
N THR D 382 26.18 7.61 35.75
CA THR D 382 26.19 8.99 36.21
C THR D 382 25.02 9.79 35.60
N HIS D 383 24.84 9.69 34.29
CA HIS D 383 23.76 10.43 33.62
C HIS D 383 22.36 9.98 34.10
N ALA D 384 22.17 8.65 34.22
CA ALA D 384 20.94 8.11 34.75
C ALA D 384 20.58 8.77 36.09
N MET D 385 21.59 8.91 36.97
CA MET D 385 21.39 9.41 38.34
C MET D 385 21.05 10.89 38.37
N ASP D 386 21.81 11.66 37.61
CA ASP D 386 21.52 13.07 37.34
C ASP D 386 20.07 13.28 36.92
N ARG D 387 19.69 12.66 35.81
CA ARG D 387 18.33 12.76 35.27
C ARG D 387 17.25 12.40 36.29
N GLU D 388 17.57 11.50 37.21
CA GLU D 388 16.62 11.07 38.21
C GLU D 388 16.75 11.88 39.49
N GLY D 389 17.69 12.82 39.50
CA GLY D 389 17.88 13.67 40.66
C GLY D 389 18.50 12.94 41.83
N ARG D 390 19.32 11.93 41.55
CA ARG D 390 19.99 11.16 42.61
C ARG D 390 21.43 11.64 42.79
N PRO D 391 21.92 11.68 44.05
CA PRO D 391 23.31 12.07 44.31
C PRO D 391 24.31 11.14 43.62
N ARG D 392 25.37 11.71 43.05
CA ARG D 392 26.42 10.93 42.40
C ARG D 392 27.17 10.02 43.36
N SER D 393 27.10 10.34 44.65
CA SER D 393 27.79 9.58 45.69
C SER D 393 27.06 8.28 46.01
N ASP D 394 25.93 8.08 45.34
CA ASP D 394 25.15 6.86 45.48
C ASP D 394 25.60 5.84 44.46
N ILE D 395 26.46 6.27 43.53
CA ILE D 395 27.24 5.35 42.75
C ILE D 395 28.44 4.93 43.59
N LEU D 396 28.50 3.65 43.88
CA LEU D 396 29.61 3.10 44.63
C LEU D 396 30.51 2.36 43.67
N ALA D 397 31.62 2.99 43.27
CA ALA D 397 32.56 2.39 42.31
C ALA D 397 33.70 1.72 43.06
N PHE D 398 34.14 0.58 42.51
CA PHE D 398 35.17 -0.23 43.11
C PHE D 398 36.27 -0.63 42.13
N ALA D 399 37.49 -0.21 42.43
CA ALA D 399 38.67 -0.82 41.82
C ALA D 399 38.95 -2.09 42.61
N LEU D 400 39.20 -3.18 41.88
CA LEU D 400 39.38 -4.48 42.52
C LEU D 400 40.68 -5.14 42.03
N PRO D 401 41.85 -4.64 42.51
CA PRO D 401 43.13 -5.15 42.01
C PRO D 401 43.31 -6.64 42.33
N GLY D 402 43.85 -7.40 41.38
CA GLY D 402 44.17 -8.84 41.57
C GLY D 402 45.66 -9.10 41.57
N PHE D 403 46.08 -10.23 40.97
CA PHE D 403 47.51 -10.47 40.77
C PHE D 403 47.87 -9.98 39.38
N ASN D 411 45.24 4.07 36.96
CA ASN D 411 45.02 5.48 37.30
C ASN D 411 43.70 5.98 36.75
N ASN D 412 43.38 5.50 35.56
CA ASN D 412 42.23 5.95 34.80
C ASN D 412 40.94 5.89 35.59
N ALA D 413 40.69 4.74 36.21
CA ALA D 413 39.45 4.50 36.96
C ALA D 413 39.26 5.50 38.12
N ILE D 414 40.30 5.63 38.93
CA ILE D 414 40.30 6.46 40.13
C ILE D 414 40.13 7.94 39.76
N LYS D 415 40.82 8.37 38.70
CA LYS D 415 40.75 9.74 38.20
C LYS D 415 39.34 10.09 37.71
N LEU D 416 38.75 9.19 36.93
CA LEU D 416 37.38 9.38 36.44
C LEU D 416 36.35 9.41 37.56
N ALA D 417 36.49 8.45 38.48
CA ALA D 417 35.61 8.36 39.64
C ALA D 417 35.62 9.69 40.40
N ARG D 418 36.81 10.22 40.65
CA ARG D 418 36.90 11.41 41.46
C ARG D 418 36.45 12.65 40.68
N ALA D 419 36.75 12.67 39.38
CA ALA D 419 36.34 13.76 38.50
C ALA D 419 34.81 13.83 38.43
N LEU D 420 34.16 12.66 38.46
CA LEU D 420 32.72 12.55 38.40
C LEU D 420 32.05 12.89 39.74
N GLY D 421 32.77 12.63 40.83
CA GLY D 421 32.26 12.89 42.16
C GLY D 421 31.46 11.74 42.75
N VAL D 422 31.69 10.53 42.24
CA VAL D 422 31.05 9.33 42.77
C VAL D 422 31.86 8.79 43.95
N THR D 423 31.26 7.89 44.73
CA THR D 423 31.95 7.25 45.85
C THR D 423 32.91 6.19 45.35
N PHE D 424 34.21 6.42 45.52
CA PHE D 424 35.22 5.48 45.05
C PHE D 424 35.86 4.67 46.18
N SER D 425 36.16 3.41 45.89
CA SER D 425 36.84 2.57 46.86
C SER D 425 37.67 1.49 46.15
N GLU D 426 38.75 1.08 46.80
CA GLU D 426 39.61 0.00 46.33
C GLU D 426 39.40 -1.17 47.27
N ILE D 427 39.23 -2.35 46.69
CA ILE D 427 39.21 -3.57 47.49
C ILE D 427 40.16 -4.56 46.83
N ASP D 428 41.19 -4.94 47.57
CA ASP D 428 42.21 -5.85 47.05
C ASP D 428 41.75 -7.30 47.20
N ILE D 429 41.39 -7.91 46.07
CA ILE D 429 40.89 -9.30 46.08
C ILE D 429 42.01 -10.34 46.28
N GLY D 430 43.25 -9.87 46.33
CA GLY D 430 44.42 -10.75 46.36
C GLY D 430 44.40 -11.77 47.48
N ASP D 431 44.19 -11.31 48.71
CA ASP D 431 44.21 -12.21 49.88
C ASP D 431 43.11 -13.27 49.83
N THR D 432 41.92 -12.87 49.33
CA THR D 432 40.79 -13.78 49.19
C THR D 432 41.03 -14.77 48.06
N ALA D 433 41.70 -14.31 47.01
CA ALA D 433 42.01 -15.17 45.87
C ALA D 433 42.97 -16.27 46.29
N ARG D 434 43.99 -15.86 47.04
CA ARG D 434 44.99 -16.73 47.64
C ARG D 434 44.35 -17.81 48.51
N LEU D 435 43.46 -17.38 49.41
CA LEU D 435 42.78 -18.28 50.32
C LEU D 435 41.91 -19.31 49.56
N MET D 436 41.20 -18.83 48.53
CA MET D 436 40.37 -19.71 47.73
C MET D 436 41.21 -20.71 46.93
N LEU D 437 42.25 -20.23 46.26
CA LEU D 437 43.14 -21.11 45.50
C LEU D 437 43.76 -22.20 46.37
N HIS D 438 44.12 -21.85 47.61
CA HIS D 438 44.59 -22.85 48.57
C HIS D 438 43.52 -23.87 48.97
N THR D 439 42.36 -23.38 49.38
CA THR D 439 41.25 -24.22 49.82
C THR D 439 40.89 -25.23 48.72
N ILE D 440 40.97 -24.79 47.48
CA ILE D 440 40.69 -25.63 46.30
C ILE D 440 41.87 -26.53 45.89
N GLY D 441 43.05 -26.27 46.47
CA GLY D 441 44.24 -27.06 46.20
C GLY D 441 44.90 -26.77 44.87
N HIS D 442 44.72 -25.54 44.38
CA HIS D 442 45.36 -25.05 43.15
C HIS D 442 46.89 -24.97 43.27
N PRO D 443 47.63 -25.48 42.27
CA PRO D 443 49.11 -25.47 42.30
C PRO D 443 49.77 -24.12 42.61
N TYR D 444 49.08 -23.03 42.32
CA TYR D 444 49.61 -21.69 42.56
C TYR D 444 49.77 -21.39 44.06
N SER D 445 48.93 -22.00 44.88
CA SER D 445 48.97 -21.80 46.32
C SER D 445 50.22 -22.42 46.95
N VAL D 446 50.91 -23.27 46.19
CA VAL D 446 52.21 -23.85 46.57
C VAL D 446 53.37 -23.39 45.64
N GLY D 447 53.15 -22.25 44.96
CA GLY D 447 54.24 -21.61 44.22
C GLY D 447 54.21 -21.74 42.71
N GLU D 448 53.44 -22.71 42.20
CA GLU D 448 53.44 -23.02 40.77
C GLU D 448 52.80 -21.92 39.93
N LYS D 449 53.52 -21.45 38.92
CA LYS D 449 52.98 -20.41 38.04
C LYS D 449 52.08 -21.02 36.95
N VAL D 450 50.97 -21.60 37.41
CA VAL D 450 49.93 -22.16 36.56
C VAL D 450 48.84 -21.10 36.46
N TYR D 451 48.86 -20.34 35.36
CA TYR D 451 47.88 -19.29 35.15
C TYR D 451 46.83 -19.78 34.16
N ASP D 452 46.03 -20.74 34.61
CA ASP D 452 44.97 -21.33 33.79
C ASP D 452 43.64 -20.63 34.03
N VAL D 453 42.59 -21.18 33.39
CA VAL D 453 41.25 -20.62 33.47
C VAL D 453 40.78 -20.47 34.92
N THR D 454 40.97 -21.50 35.74
CA THR D 454 40.60 -21.45 37.15
C THR D 454 41.28 -20.28 37.84
N PHE D 455 42.61 -20.19 37.66
CA PHE D 455 43.40 -19.09 38.22
C PHE D 455 42.76 -17.74 37.86
N GLU D 456 42.45 -17.57 36.58
CA GLU D 456 41.80 -16.36 36.06
C GLU D 456 40.40 -16.18 36.62
N ASN D 457 39.65 -17.27 36.66
CA ASN D 457 38.24 -17.25 37.01
C ASN D 457 37.99 -17.01 38.50
N VAL D 458 38.87 -17.60 39.33
CA VAL D 458 38.86 -17.38 40.78
C VAL D 458 38.90 -15.88 41.08
N GLN D 459 39.67 -15.15 40.29
CA GLN D 459 39.77 -13.71 40.47
C GLN D 459 38.53 -13.02 39.92
N ALA D 460 38.24 -13.33 38.66
CA ALA D 460 37.05 -12.83 38.00
C ALA D 460 35.82 -13.04 38.89
N GLY D 461 35.64 -14.28 39.34
CA GLY D 461 34.51 -14.65 40.20
C GLY D 461 34.42 -13.90 41.51
N LEU D 462 35.58 -13.69 42.14
CA LEU D 462 35.66 -13.00 43.43
C LEU D 462 35.30 -11.51 43.31
N ARG D 463 35.78 -10.87 42.25
CA ARG D 463 35.34 -9.52 41.92
C ARG D 463 33.81 -9.42 41.96
N THR D 464 33.16 -10.36 41.28
CA THR D 464 31.72 -10.38 41.21
C THR D 464 31.05 -10.72 42.54
N ASP D 465 31.61 -11.71 43.22
CA ASP D 465 31.17 -12.15 44.53
C ASP D 465 31.19 -10.93 45.48
N TYR D 466 32.31 -10.21 45.50
CA TYR D 466 32.44 -9.01 46.32
C TYR D 466 31.37 -7.95 46.02
N LEU D 467 31.23 -7.60 44.74
CA LEU D 467 30.30 -6.57 44.30
C LEU D 467 28.87 -6.89 44.71
N PHE D 468 28.49 -8.15 44.51
CA PHE D 468 27.18 -8.66 44.90
C PHE D 468 26.92 -8.60 46.41
N ARG D 469 27.95 -8.86 47.19
CA ARG D 469 27.80 -8.78 48.63
C ARG D 469 27.76 -7.34 49.12
N ILE D 470 28.55 -6.47 48.49
CA ILE D 470 28.45 -5.02 48.70
C ILE D 470 27.02 -4.60 48.41
N ALA D 471 26.48 -5.08 47.28
CA ALA D 471 25.15 -4.71 46.83
C ALA D 471 24.09 -5.08 47.88
N ASN D 472 24.19 -6.29 48.42
CA ASN D 472 23.30 -6.74 49.50
C ASN D 472 23.46 -5.93 50.77
N GLN D 473 24.72 -5.70 51.17
CA GLN D 473 25.04 -4.98 52.39
C GLN D 473 24.62 -3.50 52.34
N ARG D 474 24.74 -2.91 51.16
CA ARG D 474 24.60 -1.47 51.04
C ARG D 474 23.32 -0.99 50.35
N GLY D 475 22.40 -1.93 50.08
CA GLY D 475 21.15 -1.62 49.39
C GLY D 475 21.35 -1.13 47.96
N GLY D 476 22.25 -1.80 47.22
CA GLY D 476 22.52 -1.42 45.84
C GLY D 476 22.21 -2.52 44.85
N ILE D 477 22.55 -2.27 43.59
CA ILE D 477 22.50 -3.27 42.53
C ILE D 477 23.83 -3.19 41.76
N VAL D 478 24.37 -4.35 41.37
CA VAL D 478 25.60 -4.40 40.57
C VAL D 478 25.27 -4.17 39.11
N LEU D 479 25.97 -3.22 38.51
CA LEU D 479 25.88 -2.93 37.09
C LEU D 479 26.73 -3.91 36.26
N GLY D 480 26.11 -4.50 35.24
CA GLY D 480 26.83 -5.28 34.25
C GLY D 480 27.64 -4.36 33.36
N THR D 481 28.75 -4.90 32.87
CA THR D 481 29.69 -4.11 32.11
C THR D 481 30.01 -4.75 30.75
N GLY D 482 29.77 -6.07 30.63
CA GLY D 482 30.10 -6.79 29.41
C GLY D 482 29.31 -6.28 28.21
N ASP D 483 29.96 -6.26 27.05
CA ASP D 483 29.35 -5.71 25.85
C ASP D 483 28.87 -6.82 24.91
N LEU D 484 28.14 -6.45 23.85
CA LEU D 484 27.54 -7.42 22.94
C LEU D 484 28.54 -8.41 22.31
N SER D 485 29.74 -7.93 22.00
CA SER D 485 30.74 -8.75 21.32
C SER D 485 31.22 -9.87 22.23
N GLU D 486 31.33 -9.56 23.52
CA GLU D 486 31.64 -10.54 24.54
C GLU D 486 30.54 -11.57 24.75
N LEU D 487 29.28 -11.13 24.74
CA LEU D 487 28.15 -12.05 24.83
C LEU D 487 28.18 -12.99 23.64
N ALA D 488 28.48 -12.45 22.46
CA ALA D 488 28.52 -13.22 21.22
C ALA D 488 29.53 -14.34 21.28
N LEU D 489 30.71 -14.04 21.80
CA LEU D 489 31.83 -14.99 21.78
C LEU D 489 31.93 -15.84 23.03
N GLY D 490 31.21 -15.47 24.08
CA GLY D 490 31.38 -16.11 25.38
C GLY D 490 32.75 -15.78 25.97
N TRP D 491 33.22 -14.58 25.66
CA TRP D 491 34.43 -14.03 26.23
C TRP D 491 34.08 -13.28 27.51
N SER D 492 33.88 -14.08 28.57
CA SER D 492 33.41 -13.67 29.89
C SER D 492 33.44 -14.89 30.82
N THR D 493 33.25 -14.68 32.12
CA THR D 493 33.26 -15.76 33.09
C THR D 493 31.82 -16.07 33.51
N TYR D 494 31.39 -17.30 33.29
CA TYR D 494 29.98 -17.63 33.52
C TYR D 494 29.56 -17.81 34.98
N GLY D 495 28.46 -17.14 35.31
CA GLY D 495 27.67 -17.44 36.50
C GLY D 495 28.12 -16.67 37.71
N VAL D 496 29.25 -17.08 38.26
CA VAL D 496 29.91 -16.23 39.24
C VAL D 496 31.13 -15.61 38.55
N GLY D 497 30.97 -14.32 38.25
CA GLY D 497 31.92 -13.54 37.47
C GLY D 497 31.23 -12.77 36.36
N ASP D 498 31.76 -11.58 36.04
CA ASP D 498 31.74 -11.03 34.68
C ASP D 498 30.38 -10.96 33.99
N GLN D 499 29.91 -12.16 33.68
CA GLN D 499 28.71 -12.42 32.93
C GLN D 499 27.45 -12.09 33.75
N MET D 500 27.62 -11.85 35.05
CA MET D 500 26.49 -11.80 35.96
C MET D 500 26.33 -10.43 36.67
N SER D 501 25.11 -9.89 36.71
CA SER D 501 24.87 -8.60 37.36
C SER D 501 23.39 -8.49 37.61
N HIS D 502 22.98 -7.39 38.25
CA HIS D 502 21.56 -7.05 38.40
C HIS D 502 20.97 -6.35 37.19
N TYR D 503 21.76 -5.53 36.50
CA TYR D 503 21.36 -4.88 35.25
C TYR D 503 22.55 -4.55 34.36
N ASN D 504 22.51 -4.99 33.10
CA ASN D 504 23.64 -4.76 32.19
C ASN D 504 23.40 -3.69 31.11
N VAL D 505 24.05 -2.54 31.27
CA VAL D 505 23.87 -1.44 30.31
C VAL D 505 24.58 -1.61 28.97
N ASN D 506 25.68 -2.38 28.94
CA ASN D 506 26.46 -2.55 27.73
C ASN D 506 26.12 -3.79 26.95
N ALA D 507 25.24 -4.60 27.52
CA ALA D 507 24.79 -5.85 26.94
C ALA D 507 24.46 -5.75 25.44
N GLY D 508 23.79 -4.67 25.04
CA GLY D 508 23.36 -4.53 23.67
C GLY D 508 24.33 -3.77 22.79
N VAL D 509 25.43 -3.29 23.35
CA VAL D 509 26.42 -2.49 22.62
C VAL D 509 27.64 -3.32 22.24
N PRO D 510 27.92 -3.44 20.94
CA PRO D 510 29.10 -4.21 20.53
C PRO D 510 30.38 -3.43 20.78
N LYS D 511 31.49 -4.13 20.83
CA LYS D 511 32.76 -3.55 21.19
C LYS D 511 33.17 -2.41 20.27
N THR D 512 32.95 -2.57 18.97
CA THR D 512 33.45 -1.60 17.99
C THR D 512 32.74 -0.28 18.17
N LEU D 513 31.50 -0.34 18.66
CA LEU D 513 30.73 0.87 18.89
C LEU D 513 31.09 1.59 20.18
N ILE D 514 31.68 0.88 21.15
CA ILE D 514 31.94 1.46 22.49
C ILE D 514 32.84 2.73 22.48
N GLN D 515 33.99 2.63 21.82
CA GLN D 515 34.91 3.75 21.77
C GLN D 515 34.26 5.01 21.18
N HIS D 516 33.35 4.80 20.22
CA HIS D 516 32.73 5.91 19.50
C HIS D 516 31.71 6.59 20.38
N LEU D 517 31.09 5.80 21.25
CA LEU D 517 30.22 6.34 22.29
C LEU D 517 30.98 7.22 23.26
N ILE D 518 32.19 6.82 23.62
CA ILE D 518 32.99 7.62 24.53
C ILE D 518 33.36 8.93 23.82
N ARG D 519 33.86 8.81 22.58
CA ARG D 519 34.15 9.98 21.75
C ARG D 519 32.99 10.96 21.77
N TRP D 520 31.79 10.42 21.62
CA TRP D 520 30.56 11.20 21.59
C TRP D 520 30.33 11.91 22.92
N VAL D 521 30.59 11.19 24.01
CA VAL D 521 30.47 11.75 25.35
C VAL D 521 31.40 12.92 25.53
N ILE D 522 32.65 12.76 25.10
CA ILE D 522 33.65 13.85 25.17
C ILE D 522 33.17 15.07 24.36
N SER D 523 32.76 14.83 23.12
CA SER D 523 32.27 15.86 22.22
C SER D 523 31.08 16.62 22.75
N ALA D 524 30.10 15.93 23.33
CA ALA D 524 28.94 16.61 23.89
C ALA D 524 29.41 17.61 24.97
N GLY D 525 30.44 17.21 25.73
CA GLY D 525 31.08 18.10 26.71
C GLY D 525 30.30 18.29 28.00
N GLU D 526 29.21 17.52 28.15
CA GLU D 526 28.23 17.73 29.21
C GLU D 526 28.79 17.49 30.61
N PHE D 527 29.85 16.70 30.69
CA PHE D 527 30.44 16.33 31.97
C PHE D 527 31.57 17.27 32.37
N GLY D 528 32.22 17.84 31.36
CA GLY D 528 33.21 18.89 31.57
C GLY D 528 34.65 18.58 31.21
N GLU D 529 35.46 19.62 31.31
CA GLU D 529 36.88 19.62 31.07
C GLU D 529 37.65 18.41 31.61
N LYS D 530 37.58 18.16 32.92
CA LYS D 530 38.40 17.11 33.59
C LYS D 530 37.90 15.75 33.17
N VAL D 531 36.57 15.56 33.21
CA VAL D 531 35.95 14.31 32.80
C VAL D 531 36.31 14.02 31.35
N GLY D 532 36.13 15.03 30.50
CA GLY D 532 36.57 14.95 29.11
C GLY D 532 37.99 14.41 29.05
N GLU D 533 38.91 15.09 29.74
CA GLU D 533 40.32 14.75 29.77
C GLU D 533 40.58 13.30 30.20
N VAL D 534 39.94 12.86 31.26
CA VAL D 534 40.17 11.50 31.75
C VAL D 534 39.65 10.51 30.70
N LEU D 535 38.49 10.81 30.13
CA LEU D 535 37.90 9.96 29.09
C LEU D 535 38.79 9.90 27.86
N GLN D 536 39.26 11.07 27.43
CA GLN D 536 40.23 11.15 26.38
C GLN D 536 41.41 10.24 26.71
N SER D 537 41.95 10.42 27.92
CA SER D 537 43.01 9.57 28.42
C SER D 537 42.69 8.08 28.32
N VAL D 538 41.45 7.69 28.66
CA VAL D 538 41.07 6.28 28.59
C VAL D 538 41.11 5.73 27.15
N LEU D 539 40.68 6.56 26.21
CA LEU D 539 40.72 6.20 24.80
C LEU D 539 42.15 5.97 24.33
N ASP D 540 43.05 6.83 24.79
CA ASP D 540 44.45 6.82 24.34
C ASP D 540 45.31 5.68 24.92
N THR D 541 45.13 5.35 26.20
CA THR D 541 45.78 4.18 26.79
C THR D 541 45.25 2.85 26.20
N GLU D 542 43.96 2.84 25.86
CA GLU D 542 43.27 1.66 25.34
C GLU D 542 42.93 1.85 23.86
N GLU D 559 43.07 -11.00 24.45
CA GLU D 559 41.85 -11.27 23.68
C GLU D 559 42.16 -11.49 22.20
N ALA D 560 43.44 -11.32 21.84
CA ALA D 560 43.93 -11.57 20.48
C ALA D 560 43.97 -13.06 20.11
N LYS D 561 43.24 -13.88 20.87
CA LYS D 561 42.96 -15.28 20.48
C LYS D 561 41.44 -15.56 20.31
N VAL D 562 40.63 -14.50 20.34
CA VAL D 562 39.30 -14.57 19.73
C VAL D 562 39.28 -13.81 18.40
N GLY D 563 40.39 -13.14 18.07
CA GLY D 563 40.50 -12.35 16.84
C GLY D 563 40.16 -10.88 17.02
N PRO D 564 40.37 -10.07 15.96
CA PRO D 564 39.96 -8.65 15.99
C PRO D 564 38.46 -8.51 16.16
N PHE D 565 38.04 -7.73 17.15
CA PHE D 565 36.61 -7.47 17.34
C PHE D 565 35.91 -6.86 16.11
N ALA D 566 36.69 -6.15 15.29
CA ALA D 566 36.23 -5.57 14.04
C ALA D 566 35.78 -6.63 13.06
N LEU D 567 36.44 -7.80 13.10
CA LEU D 567 36.02 -8.91 12.27
C LEU D 567 34.86 -9.69 12.86
N GLN D 568 34.86 -9.83 14.18
CA GLN D 568 33.84 -10.64 14.82
C GLN D 568 32.54 -9.88 14.96
N ASP D 569 32.59 -8.54 15.03
CA ASP D 569 31.37 -7.75 14.91
C ASP D 569 30.76 -7.75 13.50
N PHE D 570 31.63 -7.80 12.49
CA PHE D 570 31.19 -7.92 11.10
C PHE D 570 30.40 -9.20 10.91
N SER D 571 30.94 -10.31 11.41
CA SER D 571 30.28 -11.61 11.42
C SER D 571 29.03 -11.61 12.29
N LEU D 572 29.12 -11.04 13.48
CA LEU D 572 27.92 -10.95 14.33
C LEU D 572 26.70 -10.35 13.61
N PHE D 573 26.88 -9.22 12.93
CA PHE D 573 25.79 -8.56 12.20
C PHE D 573 25.16 -9.43 11.10
N GLN D 574 25.97 -10.14 10.32
CA GLN D 574 25.43 -10.94 9.25
C GLN D 574 24.61 -12.10 9.78
N VAL D 575 25.07 -12.71 10.87
CA VAL D 575 24.40 -13.84 11.47
C VAL D 575 23.16 -13.36 12.21
N LEU D 576 23.35 -12.39 13.11
CA LEU D 576 22.26 -11.87 13.94
C LEU D 576 21.11 -11.25 13.12
N ARG D 577 21.44 -10.38 12.16
CA ARG D 577 20.40 -9.82 11.29
C ARG D 577 19.91 -10.77 10.16
N TYR D 578 20.82 -11.41 9.43
CA TYR D 578 20.42 -12.11 8.23
C TYR D 578 20.57 -13.62 8.27
N GLY D 579 21.33 -14.15 9.21
CA GLY D 579 21.58 -15.56 9.17
C GLY D 579 22.33 -16.05 7.93
N PHE D 580 23.09 -15.17 7.28
CA PHE D 580 23.91 -15.54 6.09
C PHE D 580 24.84 -16.74 6.30
N ARG D 581 24.99 -17.61 5.31
CA ARG D 581 25.92 -18.72 5.42
C ARG D 581 27.39 -18.19 5.51
N PRO D 582 28.30 -18.97 6.11
CA PRO D 582 29.68 -18.49 6.28
C PRO D 582 30.42 -17.95 5.02
N SER D 583 30.23 -18.58 3.85
CA SER D 583 30.96 -18.18 2.64
C SER D 583 30.43 -16.86 2.12
N LYS D 584 29.16 -16.56 2.46
CA LYS D 584 28.58 -15.26 2.16
C LYS D 584 29.27 -14.21 3.02
N ILE D 585 29.52 -14.54 4.29
CA ILE D 585 30.10 -13.55 5.23
C ILE D 585 31.55 -13.28 4.89
N ALA D 586 32.28 -14.33 4.55
CA ALA D 586 33.65 -14.20 4.08
C ALA D 586 33.71 -13.28 2.87
N PHE D 587 32.80 -13.50 1.93
CA PHE D 587 32.75 -12.68 0.73
C PHE D 587 32.58 -11.24 1.13
N LEU D 588 31.60 -10.96 1.98
CA LEU D 588 31.32 -9.60 2.41
C LEU D 588 32.46 -8.96 3.17
N ALA D 589 33.02 -9.69 4.13
CA ALA D 589 34.14 -9.17 4.92
C ALA D 589 35.34 -8.90 4.05
N TRP D 590 35.68 -9.86 3.18
CA TRP D 590 36.80 -9.69 2.27
C TRP D 590 36.63 -8.42 1.44
N HIS D 591 35.51 -8.30 0.76
CA HIS D 591 35.17 -7.04 0.06
C HIS D 591 35.25 -5.77 0.91
N ALA D 592 34.80 -5.82 2.17
CA ALA D 592 34.91 -4.65 3.04
C ALA D 592 36.36 -4.41 3.53
N TRP D 593 37.05 -5.46 3.94
CA TRP D 593 38.29 -5.34 4.75
C TRP D 593 39.60 -5.63 4.02
N ASN D 594 39.51 -6.09 2.78
CA ASN D 594 40.68 -6.55 2.04
C ASN D 594 41.71 -5.47 1.75
N ASP D 595 41.25 -4.26 1.41
CA ASP D 595 42.15 -3.16 1.07
C ASP D 595 41.86 -1.92 1.93
N ALA D 596 42.83 -1.54 2.75
CA ALA D 596 42.64 -0.46 3.70
C ALA D 596 42.41 0.86 2.99
N GLU D 597 42.91 0.95 1.76
CA GLU D 597 42.89 2.19 0.96
C GLU D 597 41.61 2.41 0.16
N ARG D 598 40.70 1.46 0.28
CA ARG D 598 39.48 1.41 -0.51
C ARG D 598 38.30 1.49 0.43
N GLY D 599 37.24 2.17 0.02
CA GLY D 599 36.05 2.37 0.86
C GLY D 599 36.28 3.38 1.96
N ASN D 600 35.32 3.51 2.86
CA ASN D 600 35.37 4.52 3.94
C ASN D 600 35.64 3.95 5.33
N TRP D 601 36.20 4.80 6.18
CA TRP D 601 36.38 4.48 7.58
C TRP D 601 35.58 5.47 8.39
N PRO D 602 35.04 5.06 9.54
CA PRO D 602 34.37 6.02 10.43
C PRO D 602 35.37 7.07 10.92
N PRO D 603 34.88 8.17 11.53
CA PRO D 603 35.74 9.11 12.28
C PRO D 603 36.54 8.39 13.36
N GLY D 604 37.76 8.86 13.61
CA GLY D 604 38.56 8.36 14.74
C GLY D 604 39.47 7.17 14.47
N PHE D 605 39.79 6.95 13.19
CA PHE D 605 40.81 5.96 12.79
C PHE D 605 42.03 6.65 12.19
N PRO D 606 43.03 7.01 13.02
CA PRO D 606 44.24 7.62 12.42
C PRO D 606 44.82 6.69 11.34
N LYS D 607 45.40 7.25 10.27
CA LYS D 607 45.94 6.45 9.14
C LYS D 607 46.66 5.16 9.55
N SER D 608 47.50 5.26 10.58
CA SER D 608 48.20 4.12 11.21
C SER D 608 47.21 3.02 11.62
N GLU D 609 46.24 3.41 12.45
CA GLU D 609 45.12 2.57 12.94
C GLU D 609 44.15 2.05 11.84
N ARG D 610 44.68 1.62 10.70
CA ARG D 610 43.83 1.21 9.57
C ARG D 610 44.27 -0.10 8.89
N PRO D 611 43.93 -1.24 9.52
CA PRO D 611 44.35 -2.56 9.06
C PRO D 611 43.59 -3.08 7.85
N SER D 612 44.25 -3.94 7.09
CA SER D 612 43.61 -4.72 6.05
C SER D 612 43.67 -6.19 6.50
N TYR D 613 42.76 -7.03 5.98
CA TYR D 613 42.79 -8.45 6.31
C TYR D 613 42.74 -9.30 5.06
N SER D 614 43.56 -10.36 5.02
CA SER D 614 43.54 -11.28 3.88
C SER D 614 42.38 -12.26 3.99
N LEU D 615 42.13 -13.01 2.90
CA LEU D 615 41.10 -14.05 2.95
C LEU D 615 41.41 -15.09 4.02
N ALA D 616 42.67 -15.50 4.08
CA ALA D 616 43.11 -16.41 5.12
C ALA D 616 42.78 -15.86 6.53
N GLU D 617 43.04 -14.59 6.79
CA GLU D 617 42.73 -14.03 8.11
C GLU D 617 41.24 -14.08 8.37
N ILE D 618 40.46 -13.58 7.41
CA ILE D 618 39.01 -13.54 7.52
C ILE D 618 38.40 -14.92 7.73
N ARG D 619 38.93 -15.91 7.00
CA ARG D 619 38.49 -17.31 7.07
C ARG D 619 38.81 -17.95 8.44
N HIS D 620 40.06 -17.81 8.87
CA HIS D 620 40.49 -18.24 10.17
C HIS D 620 39.55 -17.74 11.29
N TRP D 621 39.33 -16.43 11.41
CA TRP D 621 38.52 -15.90 12.51
C TRP D 621 37.03 -16.23 12.42
N LEU D 622 36.53 -16.41 11.21
CA LEU D 622 35.17 -16.86 10.97
C LEU D 622 34.94 -18.31 11.48
N GLN D 623 35.94 -19.16 11.27
CA GLN D 623 35.90 -20.51 11.83
C GLN D 623 35.79 -20.44 13.33
N ILE D 624 36.50 -19.50 13.93
CA ILE D 624 36.46 -19.31 15.36
C ILE D 624 35.12 -18.72 15.78
N PHE D 625 34.57 -17.81 14.98
CA PHE D 625 33.27 -17.22 15.28
C PHE D 625 32.14 -18.28 15.30
N VAL D 626 32.02 -19.06 14.23
CA VAL D 626 30.92 -20.01 14.13
C VAL D 626 30.97 -21.00 15.30
N GLN D 627 32.14 -21.56 15.55
CA GLN D 627 32.31 -22.48 16.66
C GLN D 627 31.88 -21.85 17.99
N ARG D 628 32.40 -20.67 18.28
CA ARG D 628 32.15 -20.03 19.56
C ARG D 628 30.71 -19.59 19.66
N PHE D 629 30.21 -18.97 18.58
CA PHE D 629 28.86 -18.41 18.58
C PHE D 629 27.70 -19.40 18.55
N TYR D 630 27.76 -20.36 17.64
CA TYR D 630 26.68 -21.32 17.48
C TYR D 630 26.73 -22.46 18.50
N SER D 631 27.95 -22.82 18.95
CA SER D 631 28.15 -24.01 19.76
C SER D 631 28.47 -23.66 21.21
N PHE D 632 29.58 -22.96 21.44
CA PHE D 632 30.12 -22.85 22.80
C PHE D 632 29.34 -21.90 23.73
N SER D 633 28.92 -20.76 23.22
CA SER D 633 28.67 -19.62 24.06
C SER D 633 27.23 -19.41 24.46
N GLN D 634 26.32 -20.16 23.83
CA GLN D 634 24.92 -19.94 24.04
C GLN D 634 24.54 -20.06 25.52
N PHE D 635 25.11 -21.06 26.20
CA PHE D 635 24.79 -21.30 27.59
C PHE D 635 24.97 -20.06 28.54
N LYS D 636 25.98 -19.23 28.27
CA LYS D 636 26.22 -18.02 29.06
C LYS D 636 25.23 -16.91 28.70
N ARG D 637 24.82 -16.89 27.43
CA ARG D 637 23.77 -16.03 26.92
C ARG D 637 22.41 -16.41 27.51
N SER D 638 22.24 -17.72 27.75
CA SER D 638 20.96 -18.31 28.15
C SER D 638 20.42 -17.83 29.52
N ALA D 639 21.35 -17.58 30.44
CA ALA D 639 21.04 -17.06 31.78
C ALA D 639 21.56 -15.61 31.91
N LEU D 640 21.02 -14.72 31.08
CA LEU D 640 21.48 -13.33 30.94
C LEU D 640 20.71 -12.31 31.81
N PRO D 641 21.42 -11.45 32.56
CA PRO D 641 20.69 -10.38 33.25
C PRO D 641 19.95 -9.44 32.27
N ASN D 642 19.09 -8.60 32.84
CA ASN D 642 18.32 -7.63 32.10
C ASN D 642 19.15 -6.47 31.57
N GLY D 643 18.73 -5.91 30.45
CA GLY D 643 19.42 -4.77 29.83
C GLY D 643 18.76 -4.39 28.52
N PRO D 644 18.90 -3.11 28.09
CA PRO D 644 18.19 -2.75 26.85
C PRO D 644 18.89 -3.23 25.56
N LYS D 645 18.10 -3.62 24.57
CA LYS D 645 18.59 -3.79 23.19
C LYS D 645 18.93 -2.42 22.61
N VAL D 646 19.96 -2.37 21.79
CA VAL D 646 20.45 -1.06 21.36
C VAL D 646 20.40 -0.89 19.84
N SER D 647 20.89 -1.90 19.11
CA SER D 647 21.18 -1.80 17.68
C SER D 647 20.10 -2.42 16.79
N HIS D 648 19.79 -1.79 15.66
CA HIS D 648 18.89 -2.39 14.67
C HIS D 648 19.44 -3.72 14.18
N GLY D 649 20.76 -3.90 14.29
CA GLY D 649 21.39 -5.18 14.00
C GLY D 649 20.95 -6.33 14.89
N GLY D 650 20.36 -6.01 16.05
CA GLY D 650 19.93 -7.02 17.01
C GLY D 650 20.68 -7.01 18.32
N ALA D 651 20.13 -7.72 19.30
CA ALA D 651 20.77 -7.91 20.58
C ALA D 651 20.76 -9.42 20.81
N LEU D 652 21.30 -9.89 21.94
CA LEU D 652 21.54 -11.31 22.08
C LEU D 652 20.77 -11.96 23.25
N SER D 653 19.83 -11.20 23.82
CA SER D 653 19.00 -11.66 24.93
C SER D 653 18.23 -12.90 24.53
N PRO D 654 18.15 -13.90 25.42
CA PRO D 654 17.43 -15.10 25.08
C PRO D 654 15.89 -14.96 25.26
N ARG D 655 15.46 -13.86 25.91
CA ARG D 655 14.07 -13.46 26.03
C ARG D 655 13.69 -12.56 24.85
N GLY D 656 14.60 -12.35 23.90
CA GLY D 656 14.39 -11.35 22.85
C GLY D 656 14.85 -11.86 21.51
N ASP D 657 15.99 -11.33 21.03
CA ASP D 657 16.42 -11.48 19.63
C ASP D 657 17.02 -12.83 19.31
N TRP D 658 17.62 -13.49 20.28
CA TRP D 658 18.33 -14.71 19.94
C TRP D 658 17.96 -15.97 20.77
N ARG D 659 17.10 -16.82 20.20
CA ARG D 659 16.63 -18.06 20.85
C ARG D 659 17.36 -19.25 20.23
N ALA D 660 18.23 -19.90 20.99
CA ALA D 660 19.01 -21.01 20.43
C ALA D 660 19.30 -22.10 21.45
N PRO D 661 19.66 -23.31 20.98
CA PRO D 661 20.05 -24.34 21.96
C PRO D 661 21.42 -24.10 22.64
N SER D 662 21.55 -24.48 23.91
CA SER D 662 22.83 -24.42 24.62
C SER D 662 23.69 -25.66 24.39
N ASP D 663 23.19 -26.60 23.60
CA ASP D 663 23.79 -27.91 23.50
C ASP D 663 23.99 -28.43 22.05
N MET D 664 24.45 -27.54 21.17
CA MET D 664 24.50 -27.79 19.73
C MET D 664 25.92 -27.73 19.22
N SER D 665 26.24 -28.56 18.24
CA SER D 665 27.53 -28.41 17.59
C SER D 665 27.40 -27.47 16.38
N ALA D 666 28.51 -26.84 16.01
CA ALA D 666 28.58 -25.96 14.83
C ALA D 666 29.19 -26.69 13.63
N ARG D 667 29.09 -28.02 13.61
CA ARG D 667 29.69 -28.79 12.53
C ARG D 667 29.35 -28.27 11.12
N ILE D 668 28.07 -27.99 10.83
CA ILE D 668 27.67 -27.66 9.47
C ILE D 668 28.27 -26.32 8.97
N TRP D 669 28.38 -25.33 9.85
CA TRP D 669 29.06 -24.08 9.52
C TRP D 669 30.53 -24.35 9.22
N LEU D 670 31.21 -25.09 10.06
CA LEU D 670 32.64 -25.32 9.81
C LEU D 670 32.86 -26.11 8.50
N ASP D 671 31.92 -26.99 8.18
CA ASP D 671 31.98 -27.78 6.97
C ASP D 671 31.74 -26.93 5.71
N GLN D 672 30.87 -25.92 5.83
CA GLN D 672 30.55 -24.98 4.73
C GLN D 672 31.80 -24.12 4.38
N ILE D 673 32.58 -23.80 5.41
CA ILE D 673 33.79 -23.07 5.24
C ILE D 673 34.82 -23.94 4.51
N ASP D 674 34.92 -25.21 4.88
CA ASP D 674 35.88 -26.09 4.25
C ASP D 674 35.61 -26.24 2.77
N ARG D 675 34.34 -26.42 2.44
CA ARG D 675 33.92 -26.64 1.07
C ARG D 675 33.91 -25.35 0.26
N GLU D 676 33.40 -24.26 0.83
CA GLU D 676 33.09 -23.06 0.03
C GLU D 676 34.08 -21.88 0.02
N VAL D 677 34.92 -21.76 1.06
CA VAL D 677 35.82 -20.61 1.23
C VAL D 677 37.27 -21.02 0.97
N PRO D 678 37.94 -20.36 0.00
CA PRO D 678 39.29 -20.77 -0.36
C PRO D 678 40.23 -20.51 0.81
N LYS D 679 41.30 -21.28 0.92
CA LYS D 679 42.13 -21.20 2.13
C LYS D 679 43.02 -19.95 2.21
N GLY D 680 43.09 -19.22 1.10
CA GLY D 680 43.90 -18.02 1.01
C GLY D 680 43.52 -17.28 -0.26
#